data_5U5S
#
_entry.id   5U5S
#
loop_
_entity.id
_entity.type
_entity.pdbx_description
1 polymer 'Bromodomain-containing protein 2'
2 polymer 'Stat3 peptide'
#
loop_
_entity_poly.entity_id
_entity_poly.type
_entity_poly.pdbx_seq_one_letter_code
_entity_poly.pdbx_strand_id
1 'polypeptide(L)'
;GKLSEQLKHCNGILKELLSKKHAAYAWPFYKPVDASALGLHDYHDIIKHPMDLSTVKRKMENRDYRDAQEFAADVRLMFS
NCYKYNPPDHDVVAMARKLQDVFEFRYAKMPD
;
A
2 'polypeptide(L)' HNLLRI(ALY)QFLQS B
#
# COMPACT_ATOMS: atom_id res chain seq x y z
N GLY A 1 -18.99 -17.98 3.10
CA GLY A 1 -18.80 -17.66 4.54
C GLY A 1 -18.29 -16.24 4.73
N LYS A 2 -18.36 -15.75 5.95
CA LYS A 2 -17.92 -14.40 6.25
C LYS A 2 -16.41 -14.37 6.50
N LEU A 3 -15.64 -14.23 5.42
CA LEU A 3 -14.18 -14.17 5.49
C LEU A 3 -13.60 -15.51 5.93
N SER A 4 -12.99 -16.22 5.00
CA SER A 4 -12.31 -17.46 5.30
C SER A 4 -11.10 -17.17 6.20
N GLU A 5 -10.51 -18.21 6.79
CA GLU A 5 -9.44 -18.03 7.77
C GLU A 5 -8.31 -17.16 7.21
N GLN A 6 -7.90 -17.45 5.98
CA GLN A 6 -6.84 -16.70 5.32
C GLN A 6 -7.23 -15.23 5.18
N LEU A 7 -8.51 -14.98 4.85
CA LEU A 7 -8.99 -13.64 4.61
C LEU A 7 -9.17 -12.87 5.91
N LYS A 8 -9.51 -13.58 6.97
CA LYS A 8 -9.62 -12.98 8.30
C LYS A 8 -8.26 -12.51 8.78
N HIS A 9 -7.23 -13.29 8.48
CA HIS A 9 -5.88 -12.93 8.84
C HIS A 9 -5.46 -11.69 8.07
N CYS A 10 -5.97 -11.55 6.85
CA CYS A 10 -5.72 -10.37 6.03
C CYS A 10 -6.31 -9.14 6.70
N ASN A 11 -7.52 -9.29 7.22
CA ASN A 11 -8.22 -8.23 7.91
C ASN A 11 -7.38 -7.72 9.08
N GLY A 12 -6.74 -8.64 9.77
CA GLY A 12 -5.91 -8.29 10.91
C GLY A 12 -4.63 -7.60 10.52
N ILE A 13 -3.98 -8.10 9.48
CA ILE A 13 -2.71 -7.52 9.00
C ILE A 13 -2.94 -6.10 8.48
N LEU A 14 -3.96 -5.96 7.63
CA LEU A 14 -4.31 -4.67 7.06
C LEU A 14 -4.61 -3.66 8.17
N LYS A 15 -5.34 -4.13 9.17
CA LYS A 15 -5.72 -3.32 10.31
C LYS A 15 -4.49 -2.78 11.03
N GLU A 16 -3.46 -3.60 11.08
CA GLU A 16 -2.24 -3.23 11.79
C GLU A 16 -1.49 -2.12 11.06
N LEU A 17 -1.29 -2.31 9.76
CA LEU A 17 -0.64 -1.29 8.93
C LEU A 17 -1.43 0.01 8.95
N LEU A 18 -2.73 -0.11 9.26
CA LEU A 18 -3.62 1.05 9.36
C LEU A 18 -3.65 1.64 10.77
N SER A 19 -3.17 0.87 11.73
CA SER A 19 -3.14 1.31 13.12
C SER A 19 -2.13 2.45 13.30
N LYS A 20 -2.46 3.38 14.21
CA LYS A 20 -1.64 4.57 14.47
C LYS A 20 -0.21 4.18 14.86
N LYS A 21 -0.04 2.94 15.27
CA LYS A 21 1.28 2.38 15.54
C LYS A 21 2.22 2.53 14.35
N HIS A 22 1.68 2.35 13.14
CA HIS A 22 2.50 2.41 11.94
C HIS A 22 2.22 3.69 11.16
N ALA A 23 1.11 4.35 11.50
CA ALA A 23 0.64 5.55 10.79
C ALA A 23 1.75 6.57 10.54
N ALA A 24 2.67 6.68 11.49
CA ALA A 24 3.78 7.63 11.40
C ALA A 24 4.60 7.43 10.12
N TYR A 25 4.52 6.23 9.55
CA TYR A 25 5.23 5.92 8.32
C TYR A 25 4.37 5.03 7.42
N ALA A 26 3.06 5.00 7.69
CA ALA A 26 2.11 4.21 6.91
C ALA A 26 1.11 5.10 6.19
N TRP A 27 1.03 6.37 6.59
CA TRP A 27 0.05 7.29 6.02
C TRP A 27 0.12 7.41 4.48
N PRO A 28 1.33 7.32 3.83
CA PRO A 28 1.42 7.36 2.36
C PRO A 28 0.55 6.31 1.68
N PHE A 29 0.20 5.27 2.41
CA PHE A 29 -0.50 4.12 1.82
C PHE A 29 -1.93 4.01 2.32
N TYR A 30 -2.28 4.81 3.31
CA TYR A 30 -3.66 4.83 3.81
C TYR A 30 -4.63 5.12 2.68
N LYS A 31 -4.41 6.22 1.97
CA LYS A 31 -5.26 6.61 0.85
C LYS A 31 -4.41 7.01 -0.35
N PRO A 32 -4.98 6.98 -1.56
CA PRO A 32 -4.26 7.39 -2.77
C PRO A 32 -3.78 8.83 -2.67
N VAL A 33 -2.60 9.08 -3.25
CA VAL A 33 -1.96 10.37 -3.16
C VAL A 33 -2.81 11.45 -3.84
N ASP A 34 -2.72 12.67 -3.35
CA ASP A 34 -3.48 13.78 -3.91
C ASP A 34 -2.69 14.36 -5.06
N ALA A 35 -2.53 13.57 -6.11
CA ALA A 35 -1.60 13.86 -7.19
C ALA A 35 -1.77 15.24 -7.78
N SER A 36 -3.02 15.64 -8.03
CA SER A 36 -3.28 16.94 -8.63
C SER A 36 -2.76 18.07 -7.73
N ALA A 37 -3.03 17.95 -6.43
CA ALA A 37 -2.57 18.94 -5.46
C ALA A 37 -1.07 18.84 -5.25
N LEU A 38 -0.54 17.63 -5.41
CA LEU A 38 0.88 17.36 -5.23
C LEU A 38 1.70 17.88 -6.41
N GLY A 39 1.01 18.33 -7.46
CA GLY A 39 1.69 18.81 -8.65
C GLY A 39 1.99 17.68 -9.61
N LEU A 40 1.54 16.50 -9.25
CA LEU A 40 1.85 15.29 -9.98
C LEU A 40 0.76 14.98 -11.00
N HIS A 41 0.73 15.77 -12.07
CA HIS A 41 -0.25 15.58 -13.13
C HIS A 41 0.16 14.46 -14.09
N ASP A 42 1.21 13.73 -13.74
CA ASP A 42 1.65 12.57 -14.53
C ASP A 42 1.56 11.30 -13.71
N TYR A 43 0.71 11.32 -12.69
CA TYR A 43 0.61 10.22 -11.74
C TYR A 43 -0.11 9.02 -12.35
N HIS A 44 -1.15 9.29 -13.13
CA HIS A 44 -1.96 8.22 -13.70
C HIS A 44 -1.26 7.57 -14.88
N ASP A 45 -0.21 8.21 -15.37
CA ASP A 45 0.59 7.64 -16.45
C ASP A 45 1.55 6.60 -15.92
N ILE A 46 2.22 6.92 -14.82
CA ILE A 46 3.20 6.02 -14.24
C ILE A 46 2.51 4.91 -13.45
N ILE A 47 1.51 5.26 -12.66
CA ILE A 47 0.82 4.29 -11.83
C ILE A 47 -0.31 3.62 -12.60
N LYS A 48 -0.11 2.35 -12.96
CA LYS A 48 -1.13 1.59 -13.68
C LYS A 48 -2.04 0.84 -12.71
N HIS A 49 -1.54 0.56 -11.52
CA HIS A 49 -2.33 -0.05 -10.47
C HIS A 49 -2.32 0.82 -9.20
N PRO A 50 -3.02 1.97 -9.22
CA PRO A 50 -3.16 2.81 -8.04
C PRO A 50 -3.98 2.12 -6.95
N MET A 51 -3.29 1.57 -5.98
CA MET A 51 -3.94 0.84 -4.90
C MET A 51 -3.43 1.33 -3.55
N ASP A 52 -4.33 1.32 -2.58
CA ASP A 52 -4.02 1.78 -1.23
C ASP A 52 -4.66 0.83 -0.22
N LEU A 53 -4.26 0.90 1.03
CA LEU A 53 -4.74 -0.03 2.05
C LEU A 53 -6.25 0.11 2.28
N SER A 54 -6.76 1.33 2.15
CA SER A 54 -8.18 1.56 2.32
C SER A 54 -8.99 0.86 1.23
N THR A 55 -8.49 0.89 -0.01
CA THR A 55 -9.15 0.21 -1.12
C THR A 55 -8.96 -1.30 -1.02
N VAL A 56 -7.80 -1.73 -0.53
CA VAL A 56 -7.55 -3.15 -0.29
C VAL A 56 -8.58 -3.68 0.69
N LYS A 57 -8.79 -2.92 1.76
CA LYS A 57 -9.77 -3.27 2.76
C LYS A 57 -11.17 -3.17 2.18
N ARG A 58 -11.40 -2.11 1.42
CA ARG A 58 -12.68 -1.90 0.73
C ARG A 58 -13.08 -3.13 -0.07
N LYS A 59 -12.17 -3.56 -0.95
CA LYS A 59 -12.38 -4.73 -1.78
C LYS A 59 -12.52 -5.99 -0.92
N MET A 60 -11.72 -6.07 0.14
CA MET A 60 -11.84 -7.16 1.11
C MET A 60 -13.21 -7.16 1.78
N GLU A 61 -13.72 -5.97 2.11
CA GLU A 61 -15.02 -5.82 2.73
C GLU A 61 -16.12 -6.28 1.80
N ASN A 62 -15.90 -6.10 0.51
CA ASN A 62 -16.84 -6.57 -0.51
C ASN A 62 -16.60 -8.06 -0.76
N ARG A 63 -15.60 -8.59 -0.06
CA ARG A 63 -15.25 -10.00 -0.10
C ARG A 63 -14.91 -10.46 -1.51
N ASP A 64 -14.32 -9.55 -2.27
CA ASP A 64 -13.88 -9.84 -3.63
C ASP A 64 -12.60 -10.68 -3.62
N TYR A 65 -11.95 -10.73 -2.47
CA TYR A 65 -10.76 -11.55 -2.30
C TYR A 65 -11.19 -12.97 -1.97
N ARG A 66 -10.49 -13.94 -2.53
CA ARG A 66 -10.79 -15.33 -2.26
C ARG A 66 -9.82 -15.88 -1.22
N ASP A 67 -8.60 -15.37 -1.22
CA ASP A 67 -7.58 -15.86 -0.32
C ASP A 67 -6.64 -14.74 0.08
N ALA A 68 -5.75 -15.07 1.01
CA ALA A 68 -4.82 -14.09 1.54
C ALA A 68 -3.72 -13.81 0.53
N GLN A 69 -3.60 -14.68 -0.46
CA GLN A 69 -2.62 -14.47 -1.51
C GLN A 69 -3.07 -13.32 -2.39
N GLU A 70 -4.38 -13.26 -2.66
CA GLU A 70 -4.96 -12.15 -3.40
C GLU A 70 -4.82 -10.86 -2.63
N PHE A 71 -4.95 -10.97 -1.30
CA PHE A 71 -4.70 -9.83 -0.44
C PHE A 71 -3.26 -9.40 -0.56
N ALA A 72 -2.34 -10.35 -0.35
CA ALA A 72 -0.91 -10.10 -0.46
C ALA A 72 -0.60 -9.46 -1.80
N ALA A 73 -1.24 -9.96 -2.84
CA ALA A 73 -1.08 -9.45 -4.19
C ALA A 73 -1.44 -7.97 -4.26
N ASP A 74 -2.59 -7.61 -3.70
CA ASP A 74 -3.09 -6.24 -3.77
C ASP A 74 -2.28 -5.30 -2.87
N VAL A 75 -1.97 -5.74 -1.65
CA VAL A 75 -1.22 -4.90 -0.72
C VAL A 75 0.21 -4.68 -1.22
N ARG A 76 0.83 -5.73 -1.75
CA ARG A 76 2.19 -5.59 -2.25
C ARG A 76 2.20 -4.77 -3.55
N LEU A 77 1.09 -4.81 -4.29
CA LEU A 77 0.95 -3.99 -5.49
C LEU A 77 0.95 -2.52 -5.11
N MET A 78 0.43 -2.22 -3.93
CA MET A 78 0.46 -0.86 -3.41
C MET A 78 1.90 -0.41 -3.18
N PHE A 79 2.68 -1.21 -2.45
CA PHE A 79 4.10 -0.91 -2.27
C PHE A 79 4.84 -0.88 -3.61
N SER A 80 4.41 -1.72 -4.53
CA SER A 80 5.03 -1.81 -5.85
C SER A 80 4.84 -0.52 -6.66
N ASN A 81 3.62 0.02 -6.67
CA ASN A 81 3.38 1.24 -7.43
C ASN A 81 4.15 2.42 -6.84
N CYS A 82 4.37 2.38 -5.52
CA CYS A 82 5.20 3.39 -4.85
C CYS A 82 6.62 3.40 -5.42
N TYR A 83 7.20 2.21 -5.60
CA TYR A 83 8.55 2.10 -6.13
C TYR A 83 8.61 2.46 -7.61
N LYS A 84 7.48 2.34 -8.30
CA LYS A 84 7.42 2.73 -9.70
C LYS A 84 7.62 4.23 -9.84
N TYR A 85 6.92 4.95 -8.97
CA TYR A 85 6.85 6.38 -9.08
C TYR A 85 8.09 7.05 -8.49
N ASN A 86 8.29 6.82 -7.20
CA ASN A 86 9.31 7.54 -6.45
C ASN A 86 10.66 6.86 -6.60
N PRO A 87 11.69 7.63 -6.98
CA PRO A 87 13.06 7.13 -7.04
C PRO A 87 13.58 6.76 -5.66
N PRO A 88 14.60 5.88 -5.61
CA PRO A 88 15.15 5.32 -4.36
C PRO A 88 15.53 6.36 -3.33
N ASP A 89 15.73 7.59 -3.77
CA ASP A 89 16.08 8.69 -2.86
C ASP A 89 14.83 9.52 -2.58
N HIS A 90 13.88 8.95 -1.88
CA HIS A 90 12.65 9.66 -1.53
C HIS A 90 12.04 9.07 -0.26
N ASP A 91 11.23 9.86 0.43
CA ASP A 91 10.59 9.42 1.67
C ASP A 91 9.67 8.23 1.47
N VAL A 92 8.87 8.26 0.39
CA VAL A 92 7.81 7.28 0.21
C VAL A 92 8.36 5.88 -0.08
N VAL A 93 9.60 5.80 -0.56
CA VAL A 93 10.20 4.50 -0.81
C VAL A 93 10.79 3.95 0.49
N ALA A 94 11.34 4.83 1.31
CA ALA A 94 11.89 4.43 2.60
C ALA A 94 10.77 3.99 3.54
N MET A 95 9.66 4.70 3.50
CA MET A 95 8.47 4.33 4.27
C MET A 95 7.89 3.02 3.73
N ALA A 96 7.94 2.85 2.41
CA ALA A 96 7.44 1.63 1.78
C ALA A 96 8.29 0.43 2.18
N ARG A 97 9.61 0.62 2.21
CA ARG A 97 10.52 -0.45 2.60
C ARG A 97 10.26 -0.92 4.02
N LYS A 98 10.09 0.03 4.93
CA LYS A 98 9.87 -0.28 6.34
C LYS A 98 8.52 -0.96 6.54
N LEU A 99 7.47 -0.36 6.01
CA LEU A 99 6.14 -0.96 6.04
C LEU A 99 6.11 -2.31 5.32
N GLN A 100 6.98 -2.49 4.32
CA GLN A 100 7.07 -3.78 3.64
C GLN A 100 7.62 -4.82 4.60
N ASP A 101 8.54 -4.39 5.47
CA ASP A 101 9.15 -5.28 6.44
C ASP A 101 8.08 -5.85 7.39
N VAL A 102 7.33 -4.96 8.03
CA VAL A 102 6.28 -5.38 8.96
C VAL A 102 5.25 -6.29 8.26
N PHE A 103 4.70 -5.82 7.15
CA PHE A 103 3.72 -6.60 6.39
C PHE A 103 4.30 -7.96 5.96
N GLU A 104 5.58 -7.99 5.62
CA GLU A 104 6.22 -9.19 5.15
C GLU A 104 6.21 -10.26 6.25
N PHE A 105 6.59 -9.87 7.46
CA PHE A 105 6.64 -10.79 8.57
C PHE A 105 5.24 -11.08 9.11
N ARG A 106 4.30 -10.18 8.87
CA ARG A 106 2.91 -10.43 9.23
C ARG A 106 2.36 -11.58 8.39
N TYR A 107 2.61 -11.50 7.08
CA TYR A 107 2.19 -12.56 6.17
C TYR A 107 3.04 -13.81 6.38
N ALA A 108 4.29 -13.62 6.80
CA ALA A 108 5.19 -14.73 7.06
C ALA A 108 4.75 -15.53 8.28
N LYS A 109 4.15 -14.85 9.25
CA LYS A 109 3.62 -15.54 10.42
C LYS A 109 2.27 -16.15 10.11
N MET A 110 1.58 -15.54 9.15
CA MET A 110 0.29 -16.05 8.69
C MET A 110 0.47 -17.41 8.02
N PRO A 111 -0.19 -18.46 8.55
CA PRO A 111 -0.14 -19.78 7.96
C PRO A 111 -1.17 -19.94 6.85
N ASP A 112 -0.80 -20.71 5.84
CA ASP A 112 -1.66 -20.92 4.69
C ASP A 112 -1.81 -22.41 4.44
N HIS B 1 11.49 5.67 -11.46
CA HIS B 1 12.19 5.90 -12.75
C HIS B 1 13.34 6.88 -12.57
N ASN B 2 13.96 7.25 -13.68
CA ASN B 2 15.10 8.17 -13.66
C ASN B 2 14.76 9.47 -12.94
N LEU B 3 13.57 10.01 -13.22
CA LEU B 3 13.11 11.22 -12.54
C LEU B 3 11.61 11.41 -12.77
N LEU B 4 11.24 11.81 -13.98
CA LEU B 4 9.86 12.18 -14.31
C LEU B 4 9.38 13.29 -13.37
N ARG B 5 8.59 12.92 -12.37
CA ARG B 5 8.15 13.87 -11.37
C ARG B 5 8.19 13.19 -10.01
N ILE B 6 8.63 13.92 -9.00
CA ILE B 6 8.73 13.34 -7.66
C ILE B 6 7.56 13.82 -6.80
OH ALY B 7 3.75 7.08 -5.42
CH ALY B 7 3.16 7.21 -4.34
CH3 ALY B 7 2.45 5.99 -3.74
NZ ALY B 7 3.11 8.36 -3.70
CE ALY B 7 3.73 9.58 -4.19
CD ALY B 7 3.72 10.68 -3.12
CG ALY B 7 4.16 12.01 -3.69
CB ALY B 7 5.50 11.92 -4.39
CA ALY B 7 5.88 13.18 -5.14
N ALY B 7 7.00 12.89 -6.04
C ALY B 7 6.29 14.27 -4.15
O ALY B 7 7.39 14.25 -3.61
HH31 ALY B 7 1.62 6.33 -3.13
HH32 ALY B 7 2.08 5.36 -4.53
HH33 ALY B 7 3.15 5.43 -3.13
HZ ALY B 7 2.61 8.40 -2.85
HE3 ALY B 7 3.19 9.93 -5.04
HE2 ALY B 7 4.76 9.37 -4.46
HD3 ALY B 7 4.40 10.39 -2.33
HD2 ALY B 7 2.71 10.78 -2.73
HG3 ALY B 7 4.24 12.73 -2.88
HG2 ALY B 7 3.41 12.35 -4.39
HB3 ALY B 7 5.46 11.10 -5.09
HB2 ALY B 7 6.26 11.71 -3.65
HA ALY B 7 5.05 13.52 -5.72
H ALY B 7 7.35 11.97 -6.08
N GLN B 8 5.39 15.22 -3.91
CA GLN B 8 5.69 16.33 -3.01
C GLN B 8 5.52 15.91 -1.55
N PHE B 9 6.32 14.93 -1.15
CA PHE B 9 6.34 14.44 0.22
C PHE B 9 7.62 14.85 0.92
N LEU B 10 8.21 15.95 0.45
CA LEU B 10 9.42 16.48 1.05
C LEU B 10 9.09 17.18 2.36
N GLN B 11 9.41 16.51 3.47
CA GLN B 11 9.07 17.00 4.81
C GLN B 11 7.56 17.18 4.94
N SER B 12 6.86 16.08 5.16
CA SER B 12 5.42 16.11 5.30
C SER B 12 5.00 15.64 6.70
N GLY A 1 -18.13 -18.87 4.66
CA GLY A 1 -18.41 -17.42 4.44
C GLY A 1 -17.94 -16.58 5.60
N LYS A 2 -18.27 -15.29 5.56
CA LYS A 2 -17.87 -14.34 6.60
C LYS A 2 -16.37 -14.34 6.81
N LEU A 3 -15.62 -14.23 5.71
CA LEU A 3 -14.15 -14.21 5.73
C LEU A 3 -13.60 -15.57 6.15
N SER A 4 -12.92 -16.24 5.22
CA SER A 4 -12.22 -17.47 5.53
C SER A 4 -10.98 -17.13 6.37
N GLU A 5 -10.31 -18.15 6.89
CA GLU A 5 -9.16 -17.93 7.79
C GLU A 5 -8.12 -17.02 7.14
N GLN A 6 -7.82 -17.31 5.88
CA GLN A 6 -6.87 -16.51 5.10
C GLN A 6 -7.32 -15.05 5.06
N LEU A 7 -8.61 -14.84 4.79
CA LEU A 7 -9.13 -13.49 4.64
C LEU A 7 -9.32 -12.82 6.00
N LYS A 8 -9.51 -13.60 7.05
CA LYS A 8 -9.55 -13.05 8.39
C LYS A 8 -8.16 -12.61 8.79
N HIS A 9 -7.17 -13.39 8.39
CA HIS A 9 -5.79 -13.05 8.67
C HIS A 9 -5.37 -11.83 7.87
N CYS A 10 -5.89 -11.70 6.64
CA CYS A 10 -5.58 -10.54 5.81
C CYS A 10 -6.23 -9.29 6.40
N ASN A 11 -7.36 -9.49 7.07
CA ASN A 11 -8.07 -8.39 7.72
C ASN A 11 -7.24 -7.81 8.86
N GLY A 12 -6.60 -8.71 9.62
CA GLY A 12 -5.83 -8.29 10.77
C GLY A 12 -4.53 -7.61 10.38
N ILE A 13 -3.90 -8.14 9.35
CA ILE A 13 -2.65 -7.57 8.85
C ILE A 13 -2.87 -6.14 8.35
N LEU A 14 -3.89 -5.97 7.51
CA LEU A 14 -4.26 -4.66 7.00
C LEU A 14 -4.54 -3.69 8.14
N LYS A 15 -5.30 -4.18 9.12
CA LYS A 15 -5.65 -3.41 10.29
C LYS A 15 -4.41 -2.86 10.99
N GLU A 16 -3.35 -3.63 11.02
CA GLU A 16 -2.16 -3.24 11.77
C GLU A 16 -1.40 -2.14 11.05
N LEU A 17 -1.29 -2.26 9.74
CA LEU A 17 -0.63 -1.24 8.92
C LEU A 17 -1.44 0.06 8.99
N LEU A 18 -2.72 -0.06 9.32
CA LEU A 18 -3.62 1.09 9.43
C LEU A 18 -3.65 1.65 10.85
N SER A 19 -3.17 0.86 11.80
CA SER A 19 -3.15 1.27 13.19
C SER A 19 -2.11 2.37 13.42
N LYS A 20 -2.42 3.27 14.36
CA LYS A 20 -1.62 4.46 14.61
C LYS A 20 -0.18 4.13 15.00
N LYS A 21 0.06 2.87 15.36
CA LYS A 21 1.40 2.39 15.65
C LYS A 21 2.31 2.58 14.44
N HIS A 22 1.77 2.35 13.24
CA HIS A 22 2.57 2.42 12.03
C HIS A 22 2.24 3.68 11.24
N ALA A 23 1.12 4.30 11.59
CA ALA A 23 0.61 5.48 10.88
C ALA A 23 1.68 6.55 10.63
N ALA A 24 2.62 6.66 11.56
CA ALA A 24 3.71 7.63 11.45
C ALA A 24 4.50 7.45 10.15
N TYR A 25 4.52 6.24 9.63
CA TYR A 25 5.21 5.94 8.38
C TYR A 25 4.35 5.06 7.48
N ALA A 26 3.05 5.03 7.77
CA ALA A 26 2.10 4.25 6.98
C ALA A 26 1.12 5.14 6.23
N TRP A 27 1.05 6.42 6.64
CA TRP A 27 0.10 7.36 6.04
C TRP A 27 0.20 7.46 4.51
N PRO A 28 1.41 7.35 3.87
CA PRO A 28 1.51 7.38 2.40
C PRO A 28 0.61 6.35 1.72
N PHE A 29 0.27 5.28 2.43
CA PHE A 29 -0.43 4.16 1.82
C PHE A 29 -1.87 4.05 2.30
N TYR A 30 -2.22 4.85 3.31
CA TYR A 30 -3.59 4.89 3.81
C TYR A 30 -4.57 5.16 2.67
N LYS A 31 -4.38 6.27 1.99
CA LYS A 31 -5.27 6.69 0.91
C LYS A 31 -4.48 7.09 -0.32
N PRO A 32 -5.13 7.15 -1.49
CA PRO A 32 -4.48 7.59 -2.74
C PRO A 32 -3.82 8.95 -2.60
N VAL A 33 -2.70 9.13 -3.29
CA VAL A 33 -1.95 10.37 -3.23
C VAL A 33 -2.75 11.49 -3.89
N ASP A 34 -2.59 12.70 -3.39
CA ASP A 34 -3.32 13.84 -3.93
C ASP A 34 -2.55 14.41 -5.11
N ALA A 35 -2.46 13.63 -6.17
CA ALA A 35 -1.58 13.94 -7.30
C ALA A 35 -1.86 15.32 -7.90
N SER A 36 -3.11 15.75 -7.86
CA SER A 36 -3.49 17.06 -8.39
C SER A 36 -2.88 18.17 -7.53
N ALA A 37 -2.90 17.97 -6.22
CA ALA A 37 -2.34 18.95 -5.29
C ALA A 37 -0.83 18.79 -5.16
N LEU A 38 -0.35 17.58 -5.45
CA LEU A 38 1.06 17.25 -5.37
C LEU A 38 1.82 17.71 -6.61
N GLY A 39 1.08 18.25 -7.59
CA GLY A 39 1.71 18.72 -8.81
C GLY A 39 2.02 17.60 -9.78
N LEU A 40 1.64 16.40 -9.38
CA LEU A 40 1.91 15.21 -10.18
C LEU A 40 0.85 15.03 -11.25
N HIS A 41 1.04 15.71 -12.37
CA HIS A 41 0.07 15.66 -13.46
C HIS A 41 0.14 14.33 -14.20
N ASP A 42 1.20 13.58 -13.93
CA ASP A 42 1.47 12.37 -14.69
C ASP A 42 1.36 11.12 -13.82
N TYR A 43 0.61 11.22 -12.73
CA TYR A 43 0.51 10.12 -11.77
C TYR A 43 -0.20 8.91 -12.37
N HIS A 44 -1.30 9.16 -13.07
CA HIS A 44 -2.09 8.07 -13.64
C HIS A 44 -1.40 7.48 -14.86
N ASP A 45 -0.45 8.22 -15.40
CA ASP A 45 0.32 7.76 -16.54
C ASP A 45 1.33 6.70 -16.11
N ILE A 46 2.01 6.98 -15.00
CA ILE A 46 3.04 6.07 -14.51
C ILE A 46 2.42 4.90 -13.75
N ILE A 47 1.47 5.18 -12.88
CA ILE A 47 0.89 4.16 -12.03
C ILE A 47 -0.25 3.43 -12.75
N LYS A 48 0.05 2.26 -13.29
CA LYS A 48 -0.97 1.42 -13.89
C LYS A 48 -1.92 0.85 -12.84
N HIS A 49 -1.38 0.50 -11.68
CA HIS A 49 -2.18 -0.13 -10.63
C HIS A 49 -2.19 0.70 -9.34
N PRO A 50 -2.91 1.83 -9.32
CA PRO A 50 -3.04 2.66 -8.11
C PRO A 50 -3.89 1.96 -7.04
N MET A 51 -3.23 1.49 -5.99
CA MET A 51 -3.92 0.83 -4.90
C MET A 51 -3.45 1.36 -3.56
N ASP A 52 -4.36 1.36 -2.59
CA ASP A 52 -4.06 1.81 -1.24
C ASP A 52 -4.71 0.87 -0.23
N LEU A 53 -4.30 0.94 1.02
CA LEU A 53 -4.79 0.01 2.03
C LEU A 53 -6.30 0.16 2.26
N SER A 54 -6.81 1.37 2.16
CA SER A 54 -8.23 1.62 2.35
C SER A 54 -9.05 0.93 1.26
N THR A 55 -8.53 0.91 0.04
CA THR A 55 -9.20 0.23 -1.07
C THR A 55 -9.05 -1.28 -0.96
N VAL A 56 -7.90 -1.73 -0.48
CA VAL A 56 -7.69 -3.16 -0.25
C VAL A 56 -8.71 -3.67 0.75
N LYS A 57 -8.86 -2.91 1.83
CA LYS A 57 -9.82 -3.24 2.87
C LYS A 57 -11.24 -3.15 2.31
N ARG A 58 -11.46 -2.12 1.51
CA ARG A 58 -12.74 -1.90 0.84
C ARG A 58 -13.17 -3.14 0.05
N LYS A 59 -12.29 -3.61 -0.80
CA LYS A 59 -12.56 -4.76 -1.65
C LYS A 59 -12.59 -6.05 -0.82
N MET A 60 -11.84 -6.06 0.27
CA MET A 60 -11.92 -7.16 1.23
C MET A 60 -13.28 -7.18 1.91
N GLU A 61 -13.82 -5.99 2.19
CA GLU A 61 -15.12 -5.86 2.82
C GLU A 61 -16.23 -6.33 1.89
N ASN A 62 -16.00 -6.15 0.58
CA ASN A 62 -16.94 -6.64 -0.43
C ASN A 62 -16.69 -8.12 -0.69
N ARG A 63 -15.65 -8.62 -0.02
CA ARG A 63 -15.29 -10.04 -0.06
C ARG A 63 -14.95 -10.49 -1.48
N ASP A 64 -14.39 -9.58 -2.26
CA ASP A 64 -13.94 -9.91 -3.63
C ASP A 64 -12.80 -10.93 -3.57
N TYR A 65 -12.04 -10.86 -2.49
CA TYR A 65 -10.86 -11.69 -2.33
C TYR A 65 -11.27 -13.11 -2.00
N ARG A 66 -10.53 -14.07 -2.52
CA ARG A 66 -10.76 -15.46 -2.19
C ARG A 66 -9.76 -15.95 -1.15
N ASP A 67 -8.56 -15.38 -1.18
CA ASP A 67 -7.50 -15.84 -0.30
C ASP A 67 -6.65 -14.66 0.15
N ALA A 68 -5.84 -14.89 1.18
CA ALA A 68 -4.97 -13.85 1.70
C ALA A 68 -3.85 -13.57 0.71
N GLN A 69 -3.66 -14.51 -0.19
CA GLN A 69 -2.66 -14.37 -1.23
C GLN A 69 -3.10 -13.28 -2.20
N GLU A 70 -4.40 -13.24 -2.47
CA GLU A 70 -4.95 -12.20 -3.32
C GLU A 70 -4.88 -10.85 -2.62
N PHE A 71 -4.98 -10.89 -1.31
CA PHE A 71 -4.75 -9.71 -0.49
C PHE A 71 -3.30 -9.27 -0.64
N ALA A 72 -2.38 -10.21 -0.40
CA ALA A 72 -0.95 -9.95 -0.52
C ALA A 72 -0.62 -9.40 -1.89
N ALA A 73 -1.26 -9.97 -2.91
CA ALA A 73 -1.12 -9.51 -4.28
C ALA A 73 -1.47 -8.03 -4.42
N ASP A 74 -2.55 -7.62 -3.75
CA ASP A 74 -3.07 -6.25 -3.89
C ASP A 74 -2.27 -5.27 -3.03
N VAL A 75 -2.01 -5.64 -1.78
CA VAL A 75 -1.26 -4.78 -0.87
C VAL A 75 0.19 -4.63 -1.33
N ARG A 76 0.76 -5.71 -1.83
CA ARG A 76 2.14 -5.67 -2.34
C ARG A 76 2.19 -4.82 -3.60
N LEU A 77 1.12 -4.88 -4.38
CA LEU A 77 0.98 -4.05 -5.58
C LEU A 77 1.03 -2.57 -5.21
N MET A 78 0.51 -2.24 -4.02
CA MET A 78 0.55 -0.88 -3.53
C MET A 78 2.00 -0.45 -3.28
N PHE A 79 2.74 -1.23 -2.50
CA PHE A 79 4.15 -0.93 -2.27
C PHE A 79 4.93 -0.92 -3.59
N SER A 80 4.51 -1.77 -4.53
CA SER A 80 5.15 -1.87 -5.83
C SER A 80 5.01 -0.57 -6.63
N ASN A 81 3.79 -0.06 -6.76
CA ASN A 81 3.57 1.15 -7.55
C ASN A 81 4.29 2.35 -6.91
N CYS A 82 4.52 2.29 -5.60
CA CYS A 82 5.29 3.31 -4.91
C CYS A 82 6.72 3.37 -5.43
N TYR A 83 7.36 2.20 -5.56
CA TYR A 83 8.72 2.14 -6.11
C TYR A 83 8.70 2.41 -7.61
N LYS A 84 7.55 2.15 -8.22
CA LYS A 84 7.39 2.32 -9.65
C LYS A 84 7.37 3.80 -10.01
N TYR A 85 6.92 4.62 -9.07
CA TYR A 85 6.86 6.06 -9.26
C TYR A 85 8.08 6.76 -8.67
N ASN A 86 8.27 6.60 -7.37
CA ASN A 86 9.26 7.39 -6.63
C ASN A 86 10.65 6.78 -6.77
N PRO A 87 11.65 7.63 -7.03
CA PRO A 87 13.06 7.21 -7.05
C PRO A 87 13.54 6.80 -5.65
N PRO A 88 14.55 5.91 -5.59
CA PRO A 88 15.03 5.30 -4.34
C PRO A 88 15.47 6.30 -3.29
N ASP A 89 15.76 7.52 -3.71
CA ASP A 89 16.15 8.58 -2.79
C ASP A 89 14.93 9.48 -2.49
N HIS A 90 13.92 8.88 -1.89
CA HIS A 90 12.70 9.60 -1.54
C HIS A 90 12.11 9.02 -0.25
N ASP A 91 11.20 9.74 0.38
CA ASP A 91 10.61 9.29 1.64
C ASP A 91 9.63 8.14 1.44
N VAL A 92 8.83 8.19 0.38
CA VAL A 92 7.77 7.21 0.18
C VAL A 92 8.34 5.82 -0.09
N VAL A 93 9.57 5.76 -0.57
CA VAL A 93 10.22 4.48 -0.79
C VAL A 93 10.80 3.95 0.53
N ALA A 94 11.27 4.87 1.36
CA ALA A 94 11.80 4.53 2.68
C ALA A 94 10.67 4.03 3.58
N MET A 95 9.54 4.74 3.53
CA MET A 95 8.38 4.35 4.30
C MET A 95 7.82 3.04 3.76
N ALA A 96 7.96 2.83 2.45
CA ALA A 96 7.48 1.60 1.81
C ALA A 96 8.33 0.42 2.25
N ARG A 97 9.65 0.61 2.32
CA ARG A 97 10.56 -0.46 2.72
C ARG A 97 10.27 -0.93 4.14
N LYS A 98 10.12 0.03 5.04
CA LYS A 98 9.91 -0.25 6.45
C LYS A 98 8.54 -0.92 6.67
N LEU A 99 7.50 -0.35 6.07
CA LEU A 99 6.17 -0.97 6.09
C LEU A 99 6.15 -2.32 5.37
N GLN A 100 7.01 -2.48 4.37
CA GLN A 100 7.10 -3.76 3.68
C GLN A 100 7.65 -4.81 4.64
N ASP A 101 8.55 -4.39 5.53
CA ASP A 101 9.11 -5.27 6.54
C ASP A 101 8.01 -5.82 7.46
N VAL A 102 7.20 -4.93 8.03
CA VAL A 102 6.12 -5.34 8.93
C VAL A 102 5.09 -6.20 8.20
N PHE A 103 4.58 -5.70 7.08
CA PHE A 103 3.60 -6.43 6.29
C PHE A 103 4.13 -7.82 5.91
N GLU A 104 5.42 -7.92 5.60
CA GLU A 104 6.01 -9.18 5.21
C GLU A 104 6.06 -10.13 6.40
N PHE A 105 6.45 -9.58 7.55
CA PHE A 105 6.54 -10.36 8.77
C PHE A 105 5.17 -10.87 9.19
N ARG A 106 4.15 -10.06 8.90
CA ARG A 106 2.77 -10.41 9.18
C ARG A 106 2.35 -11.61 8.35
N TYR A 107 2.63 -11.57 7.05
CA TYR A 107 2.27 -12.68 6.16
C TYR A 107 3.20 -13.86 6.41
N ALA A 108 4.41 -13.61 6.90
CA ALA A 108 5.36 -14.66 7.22
C ALA A 108 4.83 -15.52 8.37
N LYS A 109 4.13 -14.89 9.30
CA LYS A 109 3.53 -15.61 10.42
C LYS A 109 2.21 -16.25 9.99
N MET A 110 1.63 -15.69 8.94
CA MET A 110 0.41 -16.24 8.35
C MET A 110 0.72 -17.51 7.56
N PRO A 111 0.13 -18.65 7.94
CA PRO A 111 0.33 -19.90 7.22
C PRO A 111 -0.67 -20.11 6.08
N ASP A 112 -0.19 -20.75 5.03
CA ASP A 112 -1.01 -21.08 3.88
C ASP A 112 -1.33 -22.56 3.86
N HIS B 1 19.35 12.89 -12.91
CA HIS B 1 18.36 13.72 -13.61
C HIS B 1 16.95 13.24 -13.28
N ASN B 2 16.07 14.16 -12.98
CA ASN B 2 14.69 13.82 -12.64
C ASN B 2 13.83 13.87 -13.88
N LEU B 3 13.67 12.72 -14.54
CA LEU B 3 12.85 12.63 -15.74
C LEU B 3 11.38 12.71 -15.38
N LEU B 4 11.03 12.14 -14.24
CA LEU B 4 9.67 12.15 -13.76
C LEU B 4 9.50 13.21 -12.68
N ARG B 5 8.25 13.59 -12.45
CA ARG B 5 7.91 14.50 -11.37
C ARG B 5 8.00 13.78 -10.04
N ILE B 6 8.67 14.37 -9.07
CA ILE B 6 8.79 13.74 -7.76
C ILE B 6 7.63 14.14 -6.86
OH ALY B 7 3.71 7.21 -5.73
CH ALY B 7 3.16 7.30 -4.63
CH3 ALY B 7 2.52 6.05 -4.01
NZ ALY B 7 3.11 8.44 -3.96
CE ALY B 7 3.68 9.69 -4.45
CD ALY B 7 3.87 10.70 -3.33
CG ALY B 7 4.27 12.07 -3.85
CB ALY B 7 5.54 12.00 -4.68
CA ALY B 7 5.93 13.34 -5.30
N ALY B 7 7.04 13.13 -6.23
C ALY B 7 6.34 14.32 -4.22
O ALY B 7 7.37 14.14 -3.56
HH31 ALY B 7 1.83 6.36 -3.23
HH32 ALY B 7 1.98 5.51 -4.77
HH33 ALY B 7 3.28 5.43 -3.58
HZ ALY B 7 2.66 8.45 -3.09
HE3 ALY B 7 3.02 10.11 -5.20
HE2 ALY B 7 4.64 9.49 -4.90
HD3 ALY B 7 4.63 10.34 -2.66
HD2 ALY B 7 2.93 10.80 -2.79
HG3 ALY B 7 4.44 12.72 -3.01
HG2 ALY B 7 3.47 12.46 -4.46
HB3 ALY B 7 5.39 11.28 -5.48
HB2 ALY B 7 6.35 11.67 -4.05
HA ALY B 7 5.10 13.73 -5.84
H ALY B 7 7.35 12.22 -6.40
N GLN B 8 5.55 15.36 -4.01
CA GLN B 8 5.87 16.39 -3.04
C GLN B 8 5.56 15.94 -1.61
N PHE B 9 6.19 14.84 -1.21
CA PHE B 9 6.08 14.33 0.15
C PHE B 9 7.28 14.76 0.96
N LEU B 10 7.53 16.07 0.97
CA LEU B 10 8.63 16.63 1.74
C LEU B 10 8.20 16.82 3.18
N GLN B 11 8.16 15.72 3.92
CA GLN B 11 7.73 15.74 5.31
C GLN B 11 8.78 16.41 6.20
N SER B 12 9.98 16.53 5.66
CA SER B 12 11.07 17.17 6.37
C SER B 12 11.18 18.63 5.96
N GLY A 1 -20.41 -12.15 1.26
CA GLY A 1 -19.29 -13.12 1.23
C GLY A 1 -18.71 -13.37 2.60
N LYS A 2 -17.95 -14.44 2.75
CA LYS A 2 -17.36 -14.81 4.03
C LYS A 2 -15.87 -14.49 4.07
N LEU A 3 -15.38 -14.21 5.26
CA LEU A 3 -13.95 -14.05 5.47
C LEU A 3 -13.35 -15.34 6.00
N SER A 4 -12.72 -16.07 5.10
CA SER A 4 -12.05 -17.32 5.45
C SER A 4 -10.89 -17.03 6.41
N GLU A 5 -10.28 -18.06 6.97
CA GLU A 5 -9.19 -17.86 7.94
C GLU A 5 -8.08 -16.99 7.34
N GLN A 6 -7.78 -17.24 6.07
CA GLN A 6 -6.79 -16.45 5.35
C GLN A 6 -7.23 -14.98 5.28
N LEU A 7 -8.51 -14.76 5.01
CA LEU A 7 -9.03 -13.43 4.80
C LEU A 7 -9.26 -12.69 6.11
N LYS A 8 -9.51 -13.43 7.18
CA LYS A 8 -9.61 -12.83 8.50
C LYS A 8 -8.21 -12.42 8.96
N HIS A 9 -7.23 -13.20 8.54
CA HIS A 9 -5.84 -12.89 8.82
C HIS A 9 -5.42 -11.66 8.02
N CYS A 10 -5.89 -11.56 6.77
CA CYS A 10 -5.56 -10.41 5.94
C CYS A 10 -6.22 -9.15 6.48
N ASN A 11 -7.38 -9.32 7.13
CA ASN A 11 -8.05 -8.22 7.80
C ASN A 11 -7.17 -7.67 8.90
N GLY A 12 -6.60 -8.58 9.69
CA GLY A 12 -5.76 -8.18 10.81
C GLY A 12 -4.48 -7.50 10.38
N ILE A 13 -3.86 -8.04 9.34
CA ILE A 13 -2.63 -7.48 8.80
C ILE A 13 -2.88 -6.07 8.28
N LEU A 14 -3.93 -5.91 7.48
CA LEU A 14 -4.30 -4.62 6.91
C LEU A 14 -4.61 -3.63 8.01
N LYS A 15 -5.40 -4.07 8.99
CA LYS A 15 -5.80 -3.25 10.10
C LYS A 15 -4.60 -2.70 10.85
N GLU A 16 -3.58 -3.53 11.00
CA GLU A 16 -2.39 -3.15 11.73
C GLU A 16 -1.61 -2.08 10.97
N LEU A 17 -1.44 -2.29 9.67
CA LEU A 17 -0.77 -1.31 8.82
C LEU A 17 -1.56 0.01 8.83
N LEU A 18 -2.86 -0.10 9.14
CA LEU A 18 -3.74 1.07 9.20
C LEU A 18 -3.80 1.67 10.60
N SER A 19 -3.28 0.95 11.57
CA SER A 19 -3.31 1.39 12.97
C SER A 19 -2.28 2.49 13.23
N LYS A 20 -2.60 3.34 14.20
CA LYS A 20 -1.81 4.53 14.54
C LYS A 20 -0.37 4.19 14.88
N LYS A 21 -0.13 2.94 15.29
CA LYS A 21 1.21 2.46 15.56
C LYS A 21 2.11 2.61 14.33
N HIS A 22 1.54 2.40 13.15
CA HIS A 22 2.32 2.46 11.93
C HIS A 22 1.99 3.72 11.14
N ALA A 23 0.90 4.39 11.53
CA ALA A 23 0.41 5.57 10.83
C ALA A 23 1.50 6.60 10.56
N ALA A 24 2.45 6.70 11.48
CA ALA A 24 3.56 7.65 11.37
C ALA A 24 4.35 7.45 10.07
N TYR A 25 4.33 6.23 9.54
CA TYR A 25 5.03 5.92 8.30
C TYR A 25 4.18 5.03 7.39
N ALA A 26 2.87 4.98 7.67
CA ALA A 26 1.94 4.20 6.88
C ALA A 26 0.96 5.11 6.13
N TRP A 27 0.92 6.38 6.52
CA TRP A 27 0.00 7.34 5.91
C TRP A 27 0.12 7.43 4.37
N PRO A 28 1.33 7.27 3.75
CA PRO A 28 1.45 7.27 2.28
C PRO A 28 0.52 6.26 1.61
N PHE A 29 0.16 5.21 2.32
CA PHE A 29 -0.56 4.08 1.72
C PHE A 29 -2.00 3.99 2.20
N TYR A 30 -2.35 4.79 3.20
CA TYR A 30 -3.73 4.82 3.71
C TYR A 30 -4.71 5.09 2.58
N LYS A 31 -4.48 6.17 1.85
CA LYS A 31 -5.34 6.55 0.74
C LYS A 31 -4.49 6.94 -0.46
N PRO A 32 -5.05 6.87 -1.68
CA PRO A 32 -4.33 7.23 -2.91
C PRO A 32 -3.82 8.67 -2.86
N VAL A 33 -2.60 8.86 -3.33
CA VAL A 33 -1.93 10.15 -3.22
C VAL A 33 -2.71 11.23 -3.96
N ASP A 34 -2.64 12.44 -3.45
CA ASP A 34 -3.38 13.56 -4.01
C ASP A 34 -2.54 14.27 -5.04
N ALA A 35 -2.35 13.63 -6.18
CA ALA A 35 -1.47 14.14 -7.23
C ALA A 35 -1.85 15.56 -7.64
N SER A 36 -3.13 15.88 -7.55
CA SER A 36 -3.62 17.22 -7.82
C SER A 36 -2.95 18.23 -6.88
N ALA A 37 -2.97 17.92 -5.59
CA ALA A 37 -2.42 18.78 -4.57
C ALA A 37 -0.89 18.65 -4.51
N LEU A 38 -0.40 17.50 -4.93
CA LEU A 38 1.01 17.18 -4.85
C LEU A 38 1.78 17.72 -6.05
N GLY A 39 1.05 18.22 -7.04
CA GLY A 39 1.68 18.79 -8.22
C GLY A 39 2.06 17.73 -9.23
N LEU A 40 1.59 16.53 -9.01
CA LEU A 40 1.90 15.40 -9.86
C LEU A 40 0.86 15.26 -10.97
N HIS A 41 1.17 15.77 -12.14
CA HIS A 41 0.20 15.79 -13.24
C HIS A 41 0.20 14.48 -14.02
N ASP A 42 1.15 13.61 -13.69
CA ASP A 42 1.35 12.40 -14.47
C ASP A 42 1.31 11.15 -13.61
N TYR A 43 0.61 11.23 -12.49
CA TYR A 43 0.56 10.13 -11.53
C TYR A 43 -0.18 8.93 -12.11
N HIS A 44 -1.31 9.19 -12.76
CA HIS A 44 -2.15 8.11 -13.27
C HIS A 44 -1.62 7.55 -14.58
N ASP A 45 -0.53 8.12 -15.06
CA ASP A 45 0.13 7.62 -16.27
C ASP A 45 1.24 6.65 -15.90
N ILE A 46 2.02 7.01 -14.87
CA ILE A 46 3.09 6.13 -14.40
C ILE A 46 2.51 4.97 -13.60
N ILE A 47 1.56 5.28 -12.74
CA ILE A 47 0.93 4.26 -11.91
C ILE A 47 -0.32 3.71 -12.60
N LYS A 48 -0.20 2.51 -13.17
CA LYS A 48 -1.33 1.88 -13.83
C LYS A 48 -2.16 1.07 -12.85
N HIS A 49 -1.53 0.61 -11.77
CA HIS A 49 -2.24 -0.10 -10.70
C HIS A 49 -2.16 0.68 -9.37
N PRO A 50 -2.83 1.85 -9.27
CA PRO A 50 -2.86 2.62 -8.02
C PRO A 50 -3.76 1.98 -6.97
N MET A 51 -3.15 1.26 -6.06
CA MET A 51 -3.89 0.63 -4.99
C MET A 51 -3.42 1.14 -3.64
N ASP A 52 -4.33 1.18 -2.68
CA ASP A 52 -4.05 1.70 -1.35
C ASP A 52 -4.70 0.79 -0.31
N LEU A 53 -4.23 0.86 0.92
CA LEU A 53 -4.68 -0.07 1.95
C LEU A 53 -6.18 0.06 2.24
N SER A 54 -6.70 1.28 2.22
CA SER A 54 -8.11 1.50 2.50
C SER A 54 -8.98 0.81 1.44
N THR A 55 -8.54 0.87 0.18
CA THR A 55 -9.26 0.22 -0.91
C THR A 55 -9.08 -1.29 -0.87
N VAL A 56 -7.89 -1.73 -0.46
CA VAL A 56 -7.65 -3.16 -0.28
C VAL A 56 -8.66 -3.72 0.70
N LYS A 57 -8.83 -2.99 1.80
CA LYS A 57 -9.77 -3.37 2.82
C LYS A 57 -11.19 -3.24 2.31
N ARG A 58 -11.45 -2.19 1.55
CA ARG A 58 -12.75 -1.98 0.93
C ARG A 58 -13.16 -3.21 0.10
N LYS A 59 -12.27 -3.64 -0.76
CA LYS A 59 -12.53 -4.79 -1.62
C LYS A 59 -12.56 -6.08 -0.81
N MET A 60 -11.82 -6.10 0.31
CA MET A 60 -11.88 -7.21 1.25
C MET A 60 -13.25 -7.22 1.93
N GLU A 61 -13.77 -6.04 2.25
CA GLU A 61 -15.09 -5.90 2.87
C GLU A 61 -16.18 -6.32 1.91
N ASN A 62 -15.92 -6.15 0.63
CA ASN A 62 -16.86 -6.59 -0.40
C ASN A 62 -16.73 -8.09 -0.61
N ARG A 63 -15.74 -8.65 0.09
CA ARG A 63 -15.44 -10.06 0.04
C ARG A 63 -15.19 -10.51 -1.38
N ASP A 64 -14.45 -9.67 -2.10
CA ASP A 64 -14.04 -10.01 -3.48
C ASP A 64 -12.85 -10.94 -3.43
N TYR A 65 -12.12 -10.81 -2.34
CA TYR A 65 -10.95 -11.65 -2.08
C TYR A 65 -11.39 -13.04 -1.67
N ARG A 66 -10.65 -14.04 -2.11
CA ARG A 66 -10.94 -15.42 -1.72
C ARG A 66 -9.83 -15.99 -0.84
N ASP A 67 -8.64 -15.42 -0.95
CA ASP A 67 -7.50 -15.90 -0.17
C ASP A 67 -6.63 -14.72 0.21
N ALA A 68 -5.77 -14.91 1.19
CA ALA A 68 -4.91 -13.86 1.68
C ALA A 68 -3.80 -13.58 0.68
N GLN A 69 -3.61 -14.52 -0.24
CA GLN A 69 -2.63 -14.35 -1.29
C GLN A 69 -3.15 -13.32 -2.29
N GLU A 70 -4.47 -13.28 -2.44
CA GLU A 70 -5.11 -12.28 -3.27
C GLU A 70 -5.01 -10.92 -2.59
N PHE A 71 -5.06 -10.94 -1.26
CA PHE A 71 -4.81 -9.74 -0.49
C PHE A 71 -3.37 -9.32 -0.67
N ALA A 72 -2.45 -10.26 -0.46
CA ALA A 72 -1.04 -10.01 -0.62
C ALA A 72 -0.76 -9.42 -2.00
N ALA A 73 -1.47 -9.93 -3.00
CA ALA A 73 -1.37 -9.44 -4.37
C ALA A 73 -1.68 -7.94 -4.43
N ASP A 74 -2.78 -7.54 -3.81
CA ASP A 74 -3.23 -6.16 -3.84
C ASP A 74 -2.31 -5.25 -3.03
N VAL A 75 -2.00 -5.66 -1.80
CA VAL A 75 -1.17 -4.85 -0.91
C VAL A 75 0.26 -4.71 -1.44
N ARG A 76 0.82 -5.80 -1.97
CA ARG A 76 2.19 -5.76 -2.48
C ARG A 76 2.24 -4.89 -3.74
N LEU A 77 1.13 -4.86 -4.47
CA LEU A 77 1.02 -4.01 -5.66
C LEU A 77 1.10 -2.55 -5.27
N MET A 78 0.55 -2.24 -4.11
CA MET A 78 0.60 -0.87 -3.58
C MET A 78 2.05 -0.45 -3.33
N PHE A 79 2.79 -1.26 -2.58
CA PHE A 79 4.20 -0.97 -2.33
C PHE A 79 4.99 -0.91 -3.65
N SER A 80 4.61 -1.78 -4.59
CA SER A 80 5.28 -1.86 -5.89
C SER A 80 5.17 -0.55 -6.67
N ASN A 81 3.95 -0.04 -6.82
CA ASN A 81 3.74 1.16 -7.62
C ASN A 81 4.43 2.36 -6.99
N CYS A 82 4.57 2.34 -5.66
CA CYS A 82 5.32 3.38 -4.96
C CYS A 82 6.76 3.44 -5.45
N TYR A 83 7.41 2.27 -5.56
CA TYR A 83 8.80 2.22 -6.00
C TYR A 83 8.94 2.61 -7.47
N LYS A 84 7.87 2.43 -8.23
CA LYS A 84 7.92 2.75 -9.65
C LYS A 84 7.90 4.24 -9.88
N TYR A 85 7.15 4.96 -9.06
CA TYR A 85 7.02 6.40 -9.23
C TYR A 85 8.20 7.13 -8.60
N ASN A 86 8.45 6.83 -7.34
CA ASN A 86 9.44 7.59 -6.56
C ASN A 86 10.82 6.96 -6.68
N PRO A 87 11.84 7.79 -6.96
CA PRO A 87 13.24 7.34 -6.98
C PRO A 87 13.66 6.79 -5.62
N PRO A 88 14.66 5.89 -5.62
CA PRO A 88 15.12 5.16 -4.42
C PRO A 88 15.47 6.06 -3.25
N ASP A 89 15.73 7.33 -3.54
CA ASP A 89 16.00 8.31 -2.50
C ASP A 89 14.79 9.21 -2.33
N HIS A 90 13.78 8.72 -1.62
CA HIS A 90 12.59 9.50 -1.37
C HIS A 90 11.86 8.96 -0.13
N ASP A 91 11.08 9.82 0.51
CA ASP A 91 10.36 9.43 1.73
C ASP A 91 9.45 8.22 1.51
N VAL A 92 8.66 8.25 0.45
CA VAL A 92 7.63 7.22 0.22
C VAL A 92 8.25 5.84 0.04
N VAL A 93 9.44 5.78 -0.55
CA VAL A 93 10.08 4.49 -0.79
C VAL A 93 10.66 3.96 0.52
N ALA A 94 11.16 4.86 1.36
CA ALA A 94 11.70 4.49 2.66
C ALA A 94 10.57 4.01 3.57
N MET A 95 9.44 4.71 3.51
CA MET A 95 8.27 4.33 4.29
C MET A 95 7.70 3.02 3.76
N ALA A 96 7.80 2.82 2.44
CA ALA A 96 7.33 1.58 1.82
C ALA A 96 8.20 0.42 2.27
N ARG A 97 9.50 0.66 2.36
CA ARG A 97 10.45 -0.37 2.78
C ARG A 97 10.17 -0.82 4.21
N LYS A 98 9.99 0.12 5.11
CA LYS A 98 9.80 -0.19 6.52
C LYS A 98 8.44 -0.91 6.73
N LEU A 99 7.40 -0.40 6.09
CA LEU A 99 6.11 -1.06 6.11
C LEU A 99 6.17 -2.41 5.40
N GLN A 100 7.09 -2.55 4.45
CA GLN A 100 7.32 -3.84 3.80
C GLN A 100 7.80 -4.85 4.82
N ASP A 101 8.67 -4.41 5.72
CA ASP A 101 9.18 -5.26 6.80
C ASP A 101 8.03 -5.85 7.61
N VAL A 102 7.21 -4.98 8.20
CA VAL A 102 6.10 -5.42 9.04
C VAL A 102 5.15 -6.34 8.27
N PHE A 103 4.63 -5.86 7.15
CA PHE A 103 3.68 -6.64 6.34
C PHE A 103 4.26 -7.99 5.94
N GLU A 104 5.56 -8.05 5.68
CA GLU A 104 6.18 -9.27 5.23
C GLU A 104 6.23 -10.27 6.38
N PHE A 105 6.64 -9.82 7.55
CA PHE A 105 6.68 -10.69 8.73
C PHE A 105 5.29 -11.19 9.09
N ARG A 106 4.28 -10.36 8.84
CA ARG A 106 2.92 -10.72 9.16
C ARG A 106 2.44 -11.86 8.26
N TYR A 107 2.65 -11.71 6.96
CA TYR A 107 2.24 -12.75 6.02
C TYR A 107 3.12 -13.99 6.18
N ALA A 108 4.37 -13.77 6.57
CA ALA A 108 5.29 -14.88 6.82
C ALA A 108 4.85 -15.72 8.01
N LYS A 109 4.28 -15.05 9.01
CA LYS A 109 3.75 -15.74 10.18
C LYS A 109 2.39 -16.34 9.86
N MET A 110 1.79 -15.82 8.80
CA MET A 110 0.48 -16.26 8.35
C MET A 110 0.58 -17.53 7.52
N PRO A 111 -0.15 -18.59 7.89
CA PRO A 111 -0.23 -19.80 7.10
C PRO A 111 -1.38 -19.76 6.10
N ASP A 112 -1.16 -20.39 4.95
CA ASP A 112 -2.17 -20.44 3.90
C ASP A 112 -2.93 -21.76 3.99
N HIS B 1 10.88 15.68 -21.80
CA HIS B 1 10.91 15.64 -20.31
C HIS B 1 11.24 14.23 -19.83
N ASN B 2 12.48 13.82 -20.02
CA ASN B 2 12.91 12.47 -19.62
C ASN B 2 13.22 12.42 -18.13
N LEU B 3 12.21 12.68 -17.33
CA LEU B 3 12.34 12.64 -15.87
C LEU B 3 10.96 12.55 -15.24
N LEU B 4 10.90 12.02 -14.03
CA LEU B 4 9.65 11.95 -13.30
C LEU B 4 9.67 12.95 -12.15
N ARG B 5 8.55 13.65 -11.99
CA ARG B 5 8.39 14.60 -10.90
C ARG B 5 8.33 13.84 -9.58
N ILE B 6 8.94 14.37 -8.54
CA ILE B 6 8.94 13.68 -7.27
C ILE B 6 7.73 14.08 -6.44
OH ALY B 7 3.83 7.12 -5.60
CH ALY B 7 3.24 7.20 -4.52
CH3 ALY B 7 2.56 5.95 -3.94
NZ ALY B 7 3.16 8.32 -3.84
CE ALY B 7 3.76 9.58 -4.28
CD ALY B 7 3.79 10.60 -3.16
CG ALY B 7 4.20 11.97 -3.65
CB ALY B 7 5.54 11.94 -4.36
CA ALY B 7 5.96 13.28 -4.95
N ALY B 7 7.12 13.09 -5.80
C ALY B 7 6.27 14.28 -3.84
O ALY B 7 7.32 14.21 -3.21
HH31 ALY B 7 1.95 6.23 -3.10
HH32 ALY B 7 1.95 5.48 -4.70
HH33 ALY B 7 3.32 5.25 -3.62
HZ ALY B 7 2.68 8.33 -2.99
HE3 ALY B 7 3.16 9.97 -5.10
HE2 ALY B 7 4.76 9.39 -4.63
HD3 ALY B 7 4.51 10.27 -2.42
HD2 ALY B 7 2.81 10.67 -2.71
HG3 ALY B 7 4.26 12.65 -2.81
HG2 ALY B 7 3.45 12.34 -4.35
HB3 ALY B 7 5.49 11.22 -5.16
HB2 ALY B 7 6.29 11.64 -3.66
HA ALY B 7 5.15 13.66 -5.56
H ALY B 7 7.48 12.18 -5.92
N GLN B 8 5.34 15.19 -3.61
CA GLN B 8 5.54 16.26 -2.64
C GLN B 8 5.23 15.76 -1.22
N PHE B 9 6.00 14.78 -0.77
CA PHE B 9 5.81 14.19 0.55
C PHE B 9 6.90 14.66 1.51
N LEU B 10 7.09 15.97 1.57
CA LEU B 10 8.06 16.56 2.46
C LEU B 10 7.40 17.69 3.27
N GLN B 11 8.03 18.10 4.35
CA GLN B 11 7.45 19.09 5.25
C GLN B 11 7.15 20.39 4.52
N SER B 12 8.17 20.95 3.88
CA SER B 12 8.02 22.19 3.14
C SER B 12 8.53 22.03 1.72
N GLY A 1 -20.37 -14.93 1.07
CA GLY A 1 -19.61 -13.85 1.75
C GLY A 1 -18.69 -14.40 2.81
N LYS A 2 -18.68 -13.73 3.98
CA LYS A 2 -17.83 -14.11 5.10
C LYS A 2 -16.35 -13.91 4.80
N LEU A 3 -15.55 -13.95 5.86
CA LEU A 3 -14.10 -13.87 5.74
C LEU A 3 -13.47 -15.15 6.28
N SER A 4 -12.91 -15.94 5.39
CA SER A 4 -12.27 -17.19 5.78
C SER A 4 -11.02 -16.93 6.62
N GLU A 5 -10.36 -17.99 7.08
CA GLU A 5 -9.18 -17.85 7.95
C GLU A 5 -8.13 -16.96 7.30
N GLN A 6 -7.83 -17.24 6.04
CA GLN A 6 -6.83 -16.47 5.30
C GLN A 6 -7.28 -15.02 5.14
N LEU A 7 -8.56 -14.80 4.88
CA LEU A 7 -9.10 -13.46 4.68
C LEU A 7 -9.29 -12.74 6.03
N LYS A 8 -9.35 -13.51 7.10
CA LYS A 8 -9.34 -12.95 8.44
C LYS A 8 -7.96 -12.41 8.75
N HIS A 9 -6.98 -13.25 8.47
CA HIS A 9 -5.60 -12.86 8.67
C HIS A 9 -5.24 -11.65 7.82
N CYS A 10 -5.81 -11.57 6.62
CA CYS A 10 -5.56 -10.41 5.76
C CYS A 10 -6.24 -9.18 6.34
N ASN A 11 -7.35 -9.39 7.05
CA ASN A 11 -8.03 -8.30 7.73
C ASN A 11 -7.16 -7.78 8.87
N GLY A 12 -6.53 -8.71 9.59
CA GLY A 12 -5.71 -8.36 10.73
C GLY A 12 -4.44 -7.62 10.32
N ILE A 13 -3.81 -8.09 9.26
CA ILE A 13 -2.60 -7.46 8.74
C ILE A 13 -2.88 -6.04 8.29
N LEU A 14 -3.90 -5.89 7.46
CA LEU A 14 -4.32 -4.59 6.95
C LEU A 14 -4.62 -3.62 8.08
N LYS A 15 -5.38 -4.11 9.07
CA LYS A 15 -5.77 -3.31 10.21
C LYS A 15 -4.54 -2.75 10.93
N GLU A 16 -3.51 -3.56 11.00
CA GLU A 16 -2.31 -3.17 11.73
C GLU A 16 -1.55 -2.09 10.97
N LEU A 17 -1.40 -2.30 9.66
CA LEU A 17 -0.75 -1.30 8.80
C LEU A 17 -1.56 0.00 8.82
N LEU A 18 -2.83 -0.10 9.18
CA LEU A 18 -3.71 1.06 9.29
C LEU A 18 -3.71 1.64 10.71
N SER A 19 -3.21 0.86 11.66
CA SER A 19 -3.19 1.30 13.05
C SER A 19 -2.20 2.45 13.25
N LYS A 20 -2.52 3.31 14.21
CA LYS A 20 -1.74 4.52 14.49
C LYS A 20 -0.31 4.20 14.87
N LYS A 21 -0.06 2.94 15.24
CA LYS A 21 1.29 2.46 15.49
C LYS A 21 2.18 2.66 14.26
N HIS A 22 1.61 2.40 13.09
CA HIS A 22 2.39 2.47 11.85
C HIS A 22 2.05 3.72 11.08
N ALA A 23 0.91 4.33 11.42
CA ALA A 23 0.40 5.51 10.72
C ALA A 23 1.45 6.57 10.48
N ALA A 24 2.38 6.70 11.43
CA ALA A 24 3.47 7.67 11.34
C ALA A 24 4.30 7.50 10.07
N TYR A 25 4.27 6.30 9.50
CA TYR A 25 5.00 6.01 8.26
C TYR A 25 4.16 5.12 7.35
N ALA A 26 2.85 5.05 7.61
CA ALA A 26 1.94 4.26 6.81
C ALA A 26 0.94 5.13 6.07
N TRP A 27 0.83 6.39 6.48
CA TRP A 27 -0.16 7.30 5.91
C TRP A 27 -0.08 7.43 4.37
N PRO A 28 1.12 7.37 3.72
CA PRO A 28 1.20 7.41 2.25
C PRO A 28 0.36 6.34 1.56
N PHE A 29 0.05 5.27 2.29
CA PHE A 29 -0.62 4.12 1.70
C PHE A 29 -2.08 4.03 2.15
N TYR A 30 -2.43 4.82 3.16
CA TYR A 30 -3.81 4.86 3.64
C TYR A 30 -4.77 5.21 2.51
N LYS A 31 -4.51 6.33 1.86
CA LYS A 31 -5.40 6.87 0.86
C LYS A 31 -4.59 7.25 -0.38
N PRO A 32 -5.23 7.32 -1.57
CA PRO A 32 -4.55 7.72 -2.81
C PRO A 32 -3.84 9.06 -2.68
N VAL A 33 -2.60 9.12 -3.17
CA VAL A 33 -1.83 10.35 -3.15
C VAL A 33 -2.58 11.42 -3.92
N ASP A 34 -2.54 12.64 -3.44
CA ASP A 34 -3.31 13.72 -4.05
C ASP A 34 -2.53 14.33 -5.20
N ALA A 35 -2.37 13.55 -6.26
CA ALA A 35 -1.55 13.93 -7.41
C ALA A 35 -1.91 15.32 -7.93
N SER A 36 -3.19 15.63 -7.98
CA SER A 36 -3.65 16.93 -8.45
C SER A 36 -3.09 18.06 -7.57
N ALA A 37 -3.06 17.84 -6.27
CA ALA A 37 -2.55 18.83 -5.34
C ALA A 37 -1.02 18.72 -5.19
N LEU A 38 -0.49 17.57 -5.57
CA LEU A 38 0.94 17.29 -5.49
C LEU A 38 1.67 17.76 -6.75
N GLY A 39 0.92 18.29 -7.71
CA GLY A 39 1.50 18.75 -8.96
C GLY A 39 1.77 17.62 -9.91
N LEU A 40 1.43 16.41 -9.49
CA LEU A 40 1.66 15.21 -10.26
C LEU A 40 0.55 15.01 -11.27
N HIS A 41 0.71 15.55 -12.46
CA HIS A 41 -0.30 15.41 -13.51
C HIS A 41 -0.08 14.10 -14.26
N ASP A 42 0.93 13.34 -13.82
CA ASP A 42 1.33 12.14 -14.53
C ASP A 42 1.22 10.89 -13.66
N TYR A 43 0.49 10.96 -12.55
CA TYR A 43 0.45 9.85 -11.62
C TYR A 43 -0.29 8.65 -12.22
N HIS A 44 -1.38 8.91 -12.91
CA HIS A 44 -2.20 7.83 -13.47
C HIS A 44 -1.59 7.29 -14.76
N ASP A 45 -0.51 7.92 -15.22
CA ASP A 45 0.19 7.45 -16.40
C ASP A 45 1.26 6.43 -16.01
N ILE A 46 1.94 6.70 -14.91
CA ILE A 46 2.98 5.81 -14.42
C ILE A 46 2.37 4.64 -13.66
N ILE A 47 1.50 4.95 -12.71
CA ILE A 47 0.90 3.93 -11.88
C ILE A 47 -0.21 3.20 -12.62
N LYS A 48 0.00 1.93 -12.90
CA LYS A 48 -0.99 1.14 -13.62
C LYS A 48 -1.90 0.38 -12.65
N HIS A 49 -1.40 0.13 -11.45
CA HIS A 49 -2.18 -0.50 -10.39
C HIS A 49 -2.26 0.39 -9.15
N PRO A 50 -2.97 1.54 -9.23
CA PRO A 50 -3.15 2.41 -8.07
C PRO A 50 -4.05 1.78 -7.01
N MET A 51 -3.45 1.43 -5.89
CA MET A 51 -4.15 0.76 -4.82
C MET A 51 -3.79 1.38 -3.49
N ASP A 52 -4.72 1.32 -2.55
CA ASP A 52 -4.54 1.92 -1.24
C ASP A 52 -5.04 0.94 -0.19
N LEU A 53 -4.46 0.93 1.00
CA LEU A 53 -4.87 0.00 2.04
C LEU A 53 -6.37 0.13 2.36
N SER A 54 -6.87 1.36 2.35
CA SER A 54 -8.29 1.60 2.57
C SER A 54 -9.13 0.97 1.46
N THR A 55 -8.58 0.91 0.26
CA THR A 55 -9.27 0.33 -0.89
C THR A 55 -9.15 -1.19 -0.85
N VAL A 56 -8.00 -1.68 -0.39
CA VAL A 56 -7.78 -3.12 -0.22
C VAL A 56 -8.81 -3.65 0.77
N LYS A 57 -8.94 -2.93 1.87
CA LYS A 57 -9.88 -3.31 2.91
C LYS A 57 -11.30 -3.21 2.37
N ARG A 58 -11.55 -2.15 1.62
CA ARG A 58 -12.84 -1.93 1.00
C ARG A 58 -13.26 -3.11 0.14
N LYS A 59 -12.37 -3.53 -0.74
CA LYS A 59 -12.63 -4.64 -1.64
C LYS A 59 -12.64 -5.97 -0.87
N MET A 60 -11.84 -6.05 0.18
CA MET A 60 -11.90 -7.18 1.11
C MET A 60 -13.28 -7.26 1.76
N GLU A 61 -13.83 -6.10 2.10
CA GLU A 61 -15.13 -6.03 2.74
C GLU A 61 -16.23 -6.54 1.82
N ASN A 62 -16.05 -6.29 0.52
CA ASN A 62 -16.99 -6.79 -0.48
C ASN A 62 -16.68 -8.25 -0.80
N ARG A 63 -15.71 -8.78 -0.07
CA ARG A 63 -15.27 -10.16 -0.15
C ARG A 63 -14.85 -10.53 -1.57
N ASP A 64 -14.34 -9.54 -2.29
CA ASP A 64 -13.84 -9.76 -3.65
C ASP A 64 -12.60 -10.64 -3.63
N TYR A 65 -12.01 -10.75 -2.46
CA TYR A 65 -10.82 -11.55 -2.27
C TYR A 65 -11.23 -12.96 -1.87
N ARG A 66 -10.59 -13.95 -2.46
CA ARG A 66 -10.88 -15.34 -2.12
C ARG A 66 -9.86 -15.86 -1.12
N ASP A 67 -8.65 -15.32 -1.17
CA ASP A 67 -7.58 -15.81 -0.33
C ASP A 67 -6.69 -14.66 0.09
N ALA A 68 -5.89 -14.88 1.11
CA ALA A 68 -4.99 -13.85 1.62
C ALA A 68 -3.89 -13.57 0.62
N GLN A 69 -3.70 -14.50 -0.31
CA GLN A 69 -2.74 -14.32 -1.37
C GLN A 69 -3.18 -13.19 -2.29
N GLU A 70 -4.49 -13.13 -2.54
CA GLU A 70 -5.05 -12.07 -3.35
C GLU A 70 -4.96 -10.75 -2.63
N PHE A 71 -5.07 -10.80 -1.31
CA PHE A 71 -4.83 -9.62 -0.50
C PHE A 71 -3.37 -9.21 -0.63
N ALA A 72 -2.48 -10.17 -0.41
CA ALA A 72 -1.05 -9.93 -0.49
C ALA A 72 -0.68 -9.38 -1.86
N ALA A 73 -1.39 -9.83 -2.88
CA ALA A 73 -1.23 -9.33 -4.23
C ALA A 73 -1.56 -7.84 -4.30
N ASP A 74 -2.71 -7.46 -3.74
CA ASP A 74 -3.17 -6.08 -3.77
C ASP A 74 -2.27 -5.16 -2.95
N VAL A 75 -1.97 -5.55 -1.71
CA VAL A 75 -1.17 -4.72 -0.81
C VAL A 75 0.26 -4.56 -1.35
N ARG A 76 0.83 -5.62 -1.87
CA ARG A 76 2.20 -5.56 -2.38
C ARG A 76 2.25 -4.74 -3.65
N LEU A 77 1.17 -4.78 -4.43
CA LEU A 77 1.05 -3.97 -5.63
C LEU A 77 1.14 -2.49 -5.30
N MET A 78 0.54 -2.14 -4.17
CA MET A 78 0.62 -0.78 -3.64
C MET A 78 2.06 -0.39 -3.39
N PHE A 79 2.81 -1.25 -2.68
CA PHE A 79 4.22 -0.96 -2.41
C PHE A 79 5.04 -0.95 -3.70
N SER A 80 4.69 -1.85 -4.62
CA SER A 80 5.37 -1.94 -5.91
C SER A 80 5.22 -0.64 -6.69
N ASN A 81 4.01 -0.08 -6.73
CA ASN A 81 3.75 1.15 -7.48
C ASN A 81 4.48 2.34 -6.86
N CYS A 82 4.71 2.27 -5.54
CA CYS A 82 5.45 3.32 -4.85
C CYS A 82 6.88 3.41 -5.38
N TYR A 83 7.54 2.27 -5.53
CA TYR A 83 8.89 2.25 -6.07
C TYR A 83 8.86 2.53 -7.56
N LYS A 84 7.74 2.21 -8.18
CA LYS A 84 7.57 2.39 -9.61
C LYS A 84 7.54 3.87 -9.95
N TYR A 85 6.97 4.66 -9.06
CA TYR A 85 6.88 6.09 -9.25
C TYR A 85 8.13 6.79 -8.71
N ASN A 86 8.36 6.62 -7.42
CA ASN A 86 9.38 7.37 -6.71
C ASN A 86 10.76 6.76 -6.93
N PRO A 87 11.76 7.61 -7.18
CA PRO A 87 13.15 7.18 -7.37
C PRO A 87 13.75 6.61 -6.08
N PRO A 88 14.89 5.89 -6.19
CA PRO A 88 15.51 5.13 -5.09
C PRO A 88 15.52 5.85 -3.74
N ASP A 89 15.81 7.15 -3.75
CA ASP A 89 15.89 7.91 -2.52
C ASP A 89 14.76 8.91 -2.41
N HIS A 90 13.66 8.48 -1.81
CA HIS A 90 12.54 9.37 -1.53
C HIS A 90 11.79 8.89 -0.30
N ASP A 91 11.07 9.76 0.37
CA ASP A 91 10.39 9.39 1.62
C ASP A 91 9.42 8.22 1.43
N VAL A 92 8.68 8.23 0.33
CA VAL A 92 7.63 7.23 0.14
C VAL A 92 8.22 5.84 -0.11
N VAL A 93 9.46 5.77 -0.56
CA VAL A 93 10.10 4.46 -0.73
C VAL A 93 10.68 3.99 0.60
N ALA A 94 11.16 4.94 1.39
CA ALA A 94 11.65 4.65 2.73
C ALA A 94 10.53 4.15 3.62
N MET A 95 9.37 4.80 3.51
CA MET A 95 8.20 4.40 4.27
C MET A 95 7.65 3.08 3.74
N ALA A 96 7.77 2.86 2.44
CA ALA A 96 7.30 1.62 1.81
C ALA A 96 8.14 0.42 2.26
N ARG A 97 9.46 0.60 2.28
CA ARG A 97 10.37 -0.49 2.65
C ARG A 97 10.19 -0.92 4.10
N LYS A 98 10.02 0.06 4.98
CA LYS A 98 9.83 -0.21 6.39
C LYS A 98 8.48 -0.93 6.64
N LEU A 99 7.42 -0.42 6.02
CA LEU A 99 6.12 -1.07 6.07
C LEU A 99 6.17 -2.44 5.39
N GLN A 100 7.07 -2.62 4.44
CA GLN A 100 7.29 -3.91 3.81
C GLN A 100 7.81 -4.89 4.86
N ASP A 101 8.65 -4.40 5.77
CA ASP A 101 9.23 -5.24 6.82
C ASP A 101 8.14 -5.82 7.71
N VAL A 102 7.24 -4.96 8.18
CA VAL A 102 6.13 -5.43 9.01
C VAL A 102 5.20 -6.36 8.24
N PHE A 103 4.68 -5.90 7.11
CA PHE A 103 3.78 -6.69 6.28
C PHE A 103 4.39 -8.05 5.89
N GLU A 104 5.69 -8.08 5.61
CA GLU A 104 6.38 -9.31 5.29
C GLU A 104 6.28 -10.31 6.44
N PHE A 105 6.66 -9.86 7.63
CA PHE A 105 6.70 -10.73 8.81
C PHE A 105 5.30 -11.20 9.19
N ARG A 106 4.31 -10.35 8.97
CA ARG A 106 2.93 -10.69 9.27
C ARG A 106 2.45 -11.81 8.37
N TYR A 107 2.70 -11.67 7.07
CA TYR A 107 2.28 -12.68 6.11
C TYR A 107 3.14 -13.94 6.25
N ALA A 108 4.35 -13.77 6.78
CA ALA A 108 5.24 -14.90 7.01
C ALA A 108 4.73 -15.77 8.16
N LYS A 109 4.31 -15.13 9.24
CA LYS A 109 3.73 -15.84 10.38
C LYS A 109 2.37 -16.41 10.03
N MET A 110 1.75 -15.82 9.02
CA MET A 110 0.45 -16.28 8.54
C MET A 110 0.55 -17.69 7.96
N PRO A 111 -0.13 -18.67 8.60
CA PRO A 111 -0.18 -20.03 8.10
C PRO A 111 -1.37 -20.26 7.16
N ASP A 112 -1.22 -21.24 6.29
CA ASP A 112 -2.28 -21.59 5.35
C ASP A 112 -3.05 -22.79 5.85
N HIS B 1 9.54 8.73 -18.68
CA HIS B 1 9.93 9.27 -20.01
C HIS B 1 9.74 10.77 -20.04
N ASN B 2 10.62 11.45 -20.77
CA ASN B 2 10.64 12.91 -20.87
C ASN B 2 10.99 13.55 -19.53
N LEU B 3 10.01 13.63 -18.64
CA LEU B 3 10.22 14.22 -17.33
C LEU B 3 9.26 13.59 -16.33
N LEU B 4 9.80 12.78 -15.44
CA LEU B 4 8.98 12.16 -14.41
C LEU B 4 9.11 12.90 -13.09
N ARG B 5 7.99 13.02 -12.40
CA ARG B 5 7.92 13.73 -11.14
C ARG B 5 8.28 12.80 -9.99
N ILE B 6 8.52 13.37 -8.81
CA ILE B 6 9.02 12.60 -7.68
C ILE B 6 8.08 12.65 -6.49
OH ALY B 7 3.80 7.30 -5.51
CH ALY B 7 3.38 7.44 -4.36
CH3 ALY B 7 2.81 6.21 -3.62
NZ ALY B 7 3.39 8.60 -3.75
CE ALY B 7 3.89 9.84 -4.34
CD ALY B 7 4.09 10.93 -3.30
CG ALY B 7 4.44 12.27 -3.94
CB ALY B 7 5.65 12.18 -4.84
CA ALY B 7 5.95 13.49 -5.57
N ALY B 7 6.93 13.31 -6.66
C ALY B 7 6.46 14.53 -4.58
O ALY B 7 7.60 14.49 -4.13
HH31 ALY B 7 2.12 6.55 -2.85
HH32 ALY B 7 2.30 5.57 -4.33
HH33 ALY B 7 3.62 5.67 -3.15
HZ ALY B 7 3.03 8.66 -2.83
HE3 ALY B 7 3.19 10.18 -5.08
HE2 ALY B 7 4.84 9.63 -4.82
HD3 ALY B 7 4.91 10.64 -2.65
HD2 ALY B 7 3.19 11.04 -2.73
HG3 ALY B 7 4.64 12.97 -3.15
HG2 ALY B 7 3.59 12.60 -4.51
HB3 ALY B 7 5.48 11.41 -5.58
HB2 ALY B 7 6.51 11.92 -4.26
HA ALY B 7 5.03 13.86 -6.01
H ALY B 7 6.73 13.68 -7.54
N GLN B 8 5.60 15.48 -4.21
CA GLN B 8 5.99 16.55 -3.30
C GLN B 8 5.85 16.11 -1.84
N PHE B 9 6.52 15.03 -1.50
CA PHE B 9 6.61 14.59 -0.11
C PHE B 9 7.94 15.05 0.47
N LEU B 10 7.87 15.71 1.63
CA LEU B 10 9.04 16.32 2.26
C LEU B 10 9.60 17.46 1.40
N GLN B 11 8.98 18.62 1.50
CA GLN B 11 9.42 19.78 0.72
C GLN B 11 10.05 20.81 1.65
N SER B 12 11.01 21.54 1.13
CA SER B 12 11.66 22.60 1.89
C SER B 12 10.91 23.92 1.71
N GLY A 1 -18.79 -19.22 6.18
CA GLY A 1 -19.05 -18.01 7.01
C GLY A 1 -18.47 -16.77 6.40
N LYS A 2 -18.29 -15.73 7.21
CA LYS A 2 -17.76 -14.47 6.75
C LYS A 2 -16.24 -14.45 6.91
N LEU A 3 -15.52 -14.30 5.80
CA LEU A 3 -14.06 -14.25 5.79
C LEU A 3 -13.44 -15.59 6.21
N SER A 4 -12.83 -16.27 5.26
CA SER A 4 -12.10 -17.49 5.55
C SER A 4 -10.88 -17.17 6.42
N GLU A 5 -10.25 -18.19 6.99
CA GLU A 5 -9.11 -17.99 7.91
C GLU A 5 -8.05 -17.08 7.30
N GLN A 6 -7.72 -17.34 6.03
CA GLN A 6 -6.72 -16.55 5.32
C GLN A 6 -7.17 -15.10 5.21
N LEU A 7 -8.45 -14.89 4.92
CA LEU A 7 -9.00 -13.56 4.74
C LEU A 7 -9.20 -12.87 6.09
N LYS A 8 -9.32 -13.65 7.14
CA LYS A 8 -9.38 -13.11 8.48
C LYS A 8 -8.00 -12.61 8.88
N HIS A 9 -6.98 -13.35 8.46
CA HIS A 9 -5.61 -12.95 8.74
C HIS A 9 -5.27 -11.71 7.92
N CYS A 10 -5.80 -11.61 6.71
CA CYS A 10 -5.55 -10.44 5.86
C CYS A 10 -6.24 -9.23 6.45
N ASN A 11 -7.36 -9.45 7.14
CA ASN A 11 -8.09 -8.37 7.78
C ASN A 11 -7.27 -7.78 8.92
N GLY A 12 -6.61 -8.66 9.66
CA GLY A 12 -5.81 -8.22 10.79
C GLY A 12 -4.53 -7.52 10.37
N ILE A 13 -3.88 -8.04 9.34
CA ILE A 13 -2.65 -7.44 8.81
C ILE A 13 -2.92 -6.03 8.31
N LEU A 14 -3.94 -5.89 7.47
CA LEU A 14 -4.35 -4.61 6.94
C LEU A 14 -4.60 -3.63 8.07
N LYS A 15 -5.35 -4.09 9.07
CA LYS A 15 -5.71 -3.29 10.21
C LYS A 15 -4.47 -2.77 10.92
N GLU A 16 -3.47 -3.61 11.05
CA GLU A 16 -2.25 -3.25 11.77
C GLU A 16 -1.48 -2.17 11.02
N LEU A 17 -1.37 -2.33 9.72
CA LEU A 17 -0.72 -1.34 8.87
C LEU A 17 -1.51 -0.02 8.92
N LEU A 18 -2.79 -0.13 9.24
CA LEU A 18 -3.68 1.04 9.36
C LEU A 18 -3.71 1.58 10.79
N SER A 19 -3.15 0.85 11.71
CA SER A 19 -3.10 1.28 13.11
C SER A 19 -2.12 2.43 13.28
N LYS A 20 -2.46 3.33 14.22
CA LYS A 20 -1.67 4.54 14.47
C LYS A 20 -0.24 4.21 14.86
N LYS A 21 -0.02 2.97 15.27
CA LYS A 21 1.31 2.47 15.55
C LYS A 21 2.22 2.64 14.34
N HIS A 22 1.68 2.37 13.15
CA HIS A 22 2.48 2.42 11.93
C HIS A 22 2.16 3.68 11.14
N ALA A 23 1.04 4.33 11.50
CA ALA A 23 0.54 5.51 10.77
C ALA A 23 1.61 6.56 10.52
N ALA A 24 2.53 6.69 11.47
CA ALA A 24 3.64 7.64 11.37
C ALA A 24 4.42 7.45 10.07
N TYR A 25 4.45 6.23 9.56
CA TYR A 25 5.16 5.92 8.32
C TYR A 25 4.31 5.02 7.41
N ALA A 26 3.01 4.96 7.70
CA ALA A 26 2.09 4.16 6.90
C ALA A 26 1.08 5.04 6.17
N TRP A 27 1.04 6.32 6.54
CA TRP A 27 0.06 7.24 5.97
C TRP A 27 0.13 7.35 4.43
N PRO A 28 1.33 7.23 3.76
CA PRO A 28 1.41 7.27 2.30
C PRO A 28 0.52 6.21 1.64
N PHE A 29 0.20 5.15 2.37
CA PHE A 29 -0.52 4.02 1.78
C PHE A 29 -1.94 3.93 2.29
N TYR A 30 -2.28 4.75 3.28
CA TYR A 30 -3.65 4.82 3.78
C TYR A 30 -4.63 5.11 2.65
N LYS A 31 -4.38 6.20 1.94
CA LYS A 31 -5.22 6.60 0.84
C LYS A 31 -4.39 7.14 -0.32
N PRO A 32 -4.93 7.08 -1.55
CA PRO A 32 -4.21 7.47 -2.78
C PRO A 32 -3.62 8.87 -2.71
N VAL A 33 -2.45 9.03 -3.30
CA VAL A 33 -1.75 10.31 -3.30
C VAL A 33 -2.57 11.35 -4.05
N ASP A 34 -2.54 12.57 -3.56
CA ASP A 34 -3.33 13.64 -4.16
C ASP A 34 -2.52 14.30 -5.26
N ALA A 35 -2.38 13.58 -6.38
CA ALA A 35 -1.55 14.02 -7.50
C ALA A 35 -1.93 15.42 -7.97
N SER A 36 -3.19 15.79 -7.83
CA SER A 36 -3.65 17.12 -8.18
C SER A 36 -3.03 18.17 -7.26
N ALA A 37 -3.02 17.89 -5.96
CA ALA A 37 -2.49 18.83 -4.97
C ALA A 37 -0.97 18.72 -4.89
N LEU A 38 -0.46 17.56 -5.27
CA LEU A 38 0.97 17.28 -5.24
C LEU A 38 1.67 17.85 -6.47
N GLY A 39 0.88 18.26 -7.47
CA GLY A 39 1.44 18.82 -8.68
C GLY A 39 1.89 17.75 -9.66
N LEU A 40 1.55 16.51 -9.36
CA LEU A 40 1.96 15.37 -10.16
C LEU A 40 1.01 15.19 -11.34
N HIS A 41 1.37 15.76 -12.48
CA HIS A 41 0.53 15.70 -13.66
C HIS A 41 0.75 14.42 -14.45
N ASP A 42 1.65 13.57 -13.97
CA ASP A 42 1.97 12.34 -14.67
C ASP A 42 1.81 11.10 -13.80
N TYR A 43 1.01 11.21 -12.75
CA TYR A 43 0.83 10.10 -11.82
C TYR A 43 0.12 8.92 -12.48
N HIS A 44 -0.87 9.21 -13.31
CA HIS A 44 -1.63 8.14 -13.95
C HIS A 44 -0.93 7.65 -15.21
N ASP A 45 0.20 8.26 -15.53
CA ASP A 45 1.02 7.81 -16.64
C ASP A 45 1.99 6.73 -16.20
N ILE A 46 2.42 6.83 -14.95
CA ILE A 46 3.41 5.90 -14.39
C ILE A 46 2.71 4.77 -13.64
N ILE A 47 1.73 5.11 -12.82
CA ILE A 47 1.06 4.11 -11.99
C ILE A 47 -0.10 3.45 -12.74
N LYS A 48 0.08 2.20 -13.12
CA LYS A 48 -0.97 1.43 -13.75
C LYS A 48 -1.86 0.73 -12.73
N HIS A 49 -1.31 0.48 -11.55
CA HIS A 49 -2.06 -0.17 -10.47
C HIS A 49 -2.13 0.71 -9.22
N PRO A 50 -2.87 1.84 -9.28
CA PRO A 50 -3.06 2.73 -8.12
C PRO A 50 -3.94 2.09 -7.05
N MET A 51 -3.32 1.61 -5.99
CA MET A 51 -4.05 0.96 -4.90
C MET A 51 -3.58 1.49 -3.54
N ASP A 52 -4.48 1.44 -2.57
CA ASP A 52 -4.18 1.86 -1.21
C ASP A 52 -4.81 0.88 -0.22
N LEU A 53 -4.36 0.90 1.02
CA LEU A 53 -4.84 -0.05 2.03
C LEU A 53 -6.34 0.11 2.30
N SER A 54 -6.82 1.34 2.23
CA SER A 54 -8.23 1.60 2.50
C SER A 54 -9.11 1.01 1.39
N THR A 55 -8.57 0.93 0.17
CA THR A 55 -9.29 0.29 -0.93
C THR A 55 -9.16 -1.23 -0.88
N VAL A 56 -8.00 -1.71 -0.44
CA VAL A 56 -7.80 -3.14 -0.25
C VAL A 56 -8.82 -3.65 0.75
N LYS A 57 -8.97 -2.90 1.82
CA LYS A 57 -9.92 -3.22 2.86
C LYS A 57 -11.33 -3.14 2.33
N ARG A 58 -11.56 -2.10 1.52
CA ARG A 58 -12.86 -1.90 0.87
C ARG A 58 -13.25 -3.12 0.03
N LYS A 59 -12.34 -3.57 -0.80
CA LYS A 59 -12.58 -4.73 -1.66
C LYS A 59 -12.62 -6.02 -0.84
N MET A 60 -11.88 -6.03 0.26
CA MET A 60 -11.96 -7.13 1.22
C MET A 60 -13.34 -7.15 1.88
N GLU A 61 -13.89 -5.96 2.14
CA GLU A 61 -15.21 -5.84 2.73
C GLU A 61 -16.27 -6.38 1.77
N ASN A 62 -16.02 -6.23 0.48
CA ASN A 62 -16.94 -6.71 -0.53
C ASN A 62 -16.70 -8.19 -0.78
N ARG A 63 -15.69 -8.70 -0.08
CA ARG A 63 -15.32 -10.10 -0.08
C ARG A 63 -15.05 -10.61 -1.48
N ASP A 64 -14.46 -9.74 -2.29
CA ASP A 64 -14.02 -10.14 -3.63
C ASP A 64 -12.77 -11.01 -3.55
N TYR A 65 -12.13 -10.98 -2.41
CA TYR A 65 -10.93 -11.77 -2.17
C TYR A 65 -11.30 -13.19 -1.80
N ARG A 66 -10.59 -14.16 -2.34
CA ARG A 66 -10.81 -15.54 -1.99
C ARG A 66 -9.78 -16.00 -0.96
N ASP A 67 -8.57 -15.45 -1.04
CA ASP A 67 -7.49 -15.90 -0.18
C ASP A 67 -6.61 -14.71 0.19
N ALA A 68 -5.76 -14.92 1.19
CA ALA A 68 -4.88 -13.87 1.66
C ALA A 68 -3.79 -13.59 0.65
N GLN A 69 -3.60 -14.53 -0.27
CA GLN A 69 -2.64 -14.35 -1.34
C GLN A 69 -3.12 -13.25 -2.27
N GLU A 70 -4.44 -13.21 -2.47
CA GLU A 70 -5.06 -12.20 -3.29
C GLU A 70 -4.99 -10.85 -2.58
N PHE A 71 -5.02 -10.89 -1.26
CA PHE A 71 -4.78 -9.71 -0.46
C PHE A 71 -3.33 -9.26 -0.64
N ALA A 72 -2.39 -10.19 -0.44
CA ALA A 72 -0.97 -9.92 -0.60
C ALA A 72 -0.69 -9.37 -1.99
N ALA A 73 -1.39 -9.92 -2.97
CA ALA A 73 -1.31 -9.46 -4.35
C ALA A 73 -1.61 -7.96 -4.42
N ASP A 74 -2.69 -7.55 -3.78
CA ASP A 74 -3.17 -6.18 -3.86
C ASP A 74 -2.33 -5.22 -3.02
N VAL A 75 -2.02 -5.63 -1.79
CA VAL A 75 -1.26 -4.78 -0.87
C VAL A 75 0.20 -4.62 -1.31
N ARG A 76 0.83 -5.68 -1.77
CA ARG A 76 2.23 -5.57 -2.18
C ARG A 76 2.32 -4.80 -3.50
N LEU A 77 1.25 -4.87 -4.29
CA LEU A 77 1.15 -4.05 -5.50
C LEU A 77 1.14 -2.57 -5.13
N MET A 78 0.53 -2.26 -3.99
CA MET A 78 0.54 -0.90 -3.47
C MET A 78 1.98 -0.44 -3.21
N PHE A 79 2.75 -1.28 -2.52
CA PHE A 79 4.15 -0.97 -2.27
C PHE A 79 4.95 -0.96 -3.58
N SER A 80 4.56 -1.81 -4.53
CA SER A 80 5.25 -1.91 -5.80
C SER A 80 5.08 -0.66 -6.65
N ASN A 81 3.86 -0.11 -6.71
CA ASN A 81 3.62 1.10 -7.50
C ASN A 81 4.38 2.27 -6.89
N CYS A 82 4.54 2.27 -5.56
CA CYS A 82 5.33 3.30 -4.89
C CYS A 82 6.77 3.27 -5.38
N TYR A 83 7.35 2.08 -5.54
CA TYR A 83 8.73 1.96 -6.02
C TYR A 83 8.85 2.35 -7.49
N LYS A 84 7.76 2.25 -8.22
CA LYS A 84 7.76 2.64 -9.62
C LYS A 84 7.90 4.13 -9.75
N TYR A 85 7.07 4.85 -9.01
CA TYR A 85 6.99 6.29 -9.16
C TYR A 85 8.19 6.97 -8.54
N ASN A 86 8.36 6.78 -7.25
CA ASN A 86 9.37 7.49 -6.49
C ASN A 86 10.73 6.84 -6.67
N PRO A 87 11.75 7.64 -6.99
CA PRO A 87 13.12 7.15 -7.09
C PRO A 87 13.58 6.56 -5.76
N PRO A 88 14.56 5.63 -5.83
CA PRO A 88 15.03 4.83 -4.67
C PRO A 88 15.44 5.66 -3.46
N ASP A 89 15.68 6.94 -3.68
CA ASP A 89 15.96 7.87 -2.59
C ASP A 89 14.82 8.88 -2.45
N HIS A 90 13.79 8.51 -1.71
CA HIS A 90 12.65 9.39 -1.46
C HIS A 90 11.88 8.89 -0.24
N ASP A 91 11.23 9.78 0.49
CA ASP A 91 10.56 9.39 1.74
C ASP A 91 9.59 8.22 1.54
N VAL A 92 8.83 8.24 0.46
CA VAL A 92 7.76 7.26 0.25
C VAL A 92 8.32 5.87 0.03
N VAL A 93 9.52 5.76 -0.53
CA VAL A 93 10.11 4.45 -0.75
C VAL A 93 10.70 3.91 0.54
N ALA A 94 11.25 4.82 1.36
CA ALA A 94 11.78 4.46 2.66
C ALA A 94 10.66 4.00 3.57
N MET A 95 9.53 4.70 3.52
CA MET A 95 8.35 4.32 4.29
C MET A 95 7.78 3.01 3.75
N ALA A 96 7.84 2.82 2.43
CA ALA A 96 7.34 1.60 1.80
C ALA A 96 8.21 0.41 2.18
N ARG A 97 9.50 0.64 2.31
CA ARG A 97 10.45 -0.42 2.66
C ARG A 97 10.24 -0.89 4.08
N LYS A 98 10.07 0.04 4.99
CA LYS A 98 9.86 -0.29 6.40
C LYS A 98 8.51 -0.98 6.62
N LEU A 99 7.47 -0.41 6.03
CA LEU A 99 6.15 -1.05 6.05
C LEU A 99 6.17 -2.39 5.33
N GLN A 100 7.08 -2.54 4.37
CA GLN A 100 7.26 -3.81 3.69
C GLN A 100 7.70 -4.86 4.70
N ASP A 101 8.58 -4.45 5.62
CA ASP A 101 9.11 -5.36 6.63
C ASP A 101 8.00 -5.87 7.55
N VAL A 102 7.15 -4.96 8.05
CA VAL A 102 6.05 -5.38 8.91
C VAL A 102 5.06 -6.26 8.16
N PHE A 103 4.56 -5.77 7.03
CA PHE A 103 3.62 -6.53 6.21
C PHE A 103 4.21 -7.89 5.81
N GLU A 104 5.49 -7.93 5.46
CA GLU A 104 6.11 -9.18 5.02
C GLU A 104 6.21 -10.17 6.17
N PHE A 105 6.53 -9.66 7.36
CA PHE A 105 6.62 -10.51 8.55
C PHE A 105 5.25 -11.04 8.90
N ARG A 106 4.25 -10.17 8.84
CA ARG A 106 2.88 -10.53 9.16
C ARG A 106 2.40 -11.63 8.22
N TYR A 107 2.73 -11.49 6.94
CA TYR A 107 2.34 -12.47 5.94
C TYR A 107 3.17 -13.75 6.05
N ALA A 108 4.45 -13.59 6.36
CA ALA A 108 5.34 -14.74 6.53
C ALA A 108 4.92 -15.56 7.75
N LYS A 109 4.49 -14.85 8.79
CA LYS A 109 3.99 -15.47 10.00
C LYS A 109 2.63 -16.11 9.74
N MET A 110 1.92 -15.56 8.76
CA MET A 110 0.63 -16.08 8.34
C MET A 110 0.77 -17.41 7.60
N PRO A 111 0.14 -18.48 8.11
CA PRO A 111 0.11 -19.77 7.44
C PRO A 111 -1.09 -19.92 6.51
N ASP A 112 -0.94 -20.76 5.49
CA ASP A 112 -2.02 -21.03 4.54
C ASP A 112 -2.78 -22.27 4.96
N HIS B 1 13.51 14.33 -21.87
CA HIS B 1 14.19 13.16 -21.27
C HIS B 1 13.55 12.80 -19.95
N ASN B 2 12.50 11.97 -20.02
CA ASN B 2 11.72 11.58 -18.85
C ASN B 2 10.91 12.77 -18.32
N LEU B 3 11.60 13.68 -17.63
CA LEU B 3 10.99 14.89 -17.08
C LEU B 3 9.75 14.52 -16.25
N LEU B 4 9.92 13.54 -15.38
CA LEU B 4 8.85 13.07 -14.54
C LEU B 4 8.97 13.65 -13.14
N ARG B 5 7.87 13.67 -12.41
CA ARG B 5 7.87 14.19 -11.05
C ARG B 5 8.27 13.08 -10.08
N ILE B 6 8.55 13.45 -8.83
CA ILE B 6 9.01 12.49 -7.83
C ILE B 6 8.14 12.54 -6.58
OH ALY B 7 3.63 7.30 -5.87
CH ALY B 7 3.30 7.35 -4.68
CH3 ALY B 7 2.70 6.11 -4.01
NZ ALY B 7 3.44 8.46 -3.97
CE ALY B 7 3.98 9.70 -4.49
CD ALY B 7 4.16 10.75 -3.41
CG ALY B 7 4.53 12.11 -3.97
CB ALY B 7 5.76 12.04 -4.87
CA ALY B 7 6.03 13.36 -5.60
N ALY B 7 6.98 13.19 -6.70
C ALY B 7 6.51 14.41 -4.60
O ALY B 7 7.63 14.35 -4.10
HH31 ALY B 7 2.04 6.42 -3.22
HH32 ALY B 7 2.17 5.53 -4.74
HH33 ALY B 7 3.50 5.51 -3.60
HZ ALY B 7 3.16 8.45 -3.03
HE3 ALY B 7 3.32 10.09 -5.24
HE2 ALY B 7 4.95 9.50 -4.94
HD3 ALY B 7 4.94 10.42 -2.73
HD2 ALY B 7 3.23 10.84 -2.86
HG3 ALY B 7 4.75 12.77 -3.15
HG2 ALY B 7 3.71 12.48 -4.54
HB3 ALY B 7 5.61 11.26 -5.60
HB2 ALY B 7 6.62 11.81 -4.26
HA ALY B 7 5.10 13.70 -6.02
H ALY B 7 6.75 13.58 -7.58
N GLN B 8 5.64 15.36 -4.30
CA GLN B 8 5.98 16.44 -3.37
C GLN B 8 5.66 16.03 -1.94
N PHE B 9 6.30 14.98 -1.47
CA PHE B 9 6.14 14.51 -0.10
C PHE B 9 7.26 15.07 0.77
N LEU B 10 7.25 16.37 0.98
CA LEU B 10 8.27 17.03 1.77
C LEU B 10 7.70 17.48 3.11
N GLN B 11 7.63 16.55 4.05
CA GLN B 11 7.04 16.83 5.35
C GLN B 11 8.07 17.43 6.30
N SER B 12 8.49 18.65 5.98
CA SER B 12 9.45 19.39 6.80
C SER B 12 10.76 18.60 6.95
N GLY A 1 -17.78 -15.10 -0.51
CA GLY A 1 -18.17 -14.26 0.66
C GLY A 1 -17.59 -14.79 1.95
N LYS A 2 -17.87 -14.09 3.06
CA LYS A 2 -17.34 -14.46 4.37
C LYS A 2 -15.83 -14.29 4.45
N LEU A 3 -15.34 -14.10 5.65
CA LEU A 3 -13.90 -14.01 5.87
C LEU A 3 -13.39 -15.32 6.48
N SER A 4 -12.77 -16.15 5.66
CA SER A 4 -12.22 -17.40 6.14
C SER A 4 -10.89 -17.12 6.83
N GLU A 5 -10.16 -18.17 7.20
CA GLU A 5 -8.91 -18.04 7.94
C GLU A 5 -7.97 -17.05 7.26
N GLN A 6 -7.81 -17.22 5.94
CA GLN A 6 -6.93 -16.36 5.15
C GLN A 6 -7.42 -14.92 5.15
N LEU A 7 -8.70 -14.71 4.83
CA LEU A 7 -9.24 -13.37 4.70
C LEU A 7 -9.42 -12.69 6.07
N LYS A 8 -9.55 -13.49 7.12
CA LYS A 8 -9.56 -12.94 8.47
C LYS A 8 -8.16 -12.52 8.85
N HIS A 9 -7.18 -13.29 8.40
CA HIS A 9 -5.79 -12.98 8.66
C HIS A 9 -5.39 -11.75 7.86
N CYS A 10 -5.89 -11.65 6.64
CA CYS A 10 -5.59 -10.50 5.80
C CYS A 10 -6.23 -9.25 6.36
N ASN A 11 -7.38 -9.42 7.02
CA ASN A 11 -8.08 -8.30 7.64
C ASN A 11 -7.28 -7.77 8.81
N GLY A 12 -6.66 -8.68 9.55
CA GLY A 12 -5.87 -8.31 10.72
C GLY A 12 -4.57 -7.66 10.35
N ILE A 13 -3.91 -8.20 9.33
CA ILE A 13 -2.64 -7.63 8.85
C ILE A 13 -2.86 -6.21 8.35
N LEU A 14 -3.88 -6.03 7.49
CA LEU A 14 -4.24 -4.73 6.97
C LEU A 14 -4.51 -3.75 8.10
N LYS A 15 -5.26 -4.22 9.10
CA LYS A 15 -5.64 -3.42 10.24
C LYS A 15 -4.41 -2.89 10.96
N GLU A 16 -3.38 -3.70 11.04
CA GLU A 16 -2.19 -3.31 11.77
C GLU A 16 -1.41 -2.24 11.01
N LEU A 17 -1.31 -2.40 9.70
CA LEU A 17 -0.67 -1.39 8.84
C LEU A 17 -1.46 -0.09 8.90
N LEU A 18 -2.73 -0.19 9.27
CA LEU A 18 -3.61 0.96 9.40
C LEU A 18 -3.61 1.52 10.81
N SER A 19 -3.11 0.74 11.75
CA SER A 19 -3.06 1.14 13.16
C SER A 19 -2.09 2.30 13.36
N LYS A 20 -2.42 3.15 14.34
CA LYS A 20 -1.70 4.39 14.58
C LYS A 20 -0.24 4.14 14.95
N LYS A 21 0.07 2.92 15.34
CA LYS A 21 1.45 2.52 15.59
C LYS A 21 2.29 2.68 14.33
N HIS A 22 1.71 2.37 13.19
CA HIS A 22 2.45 2.39 11.95
C HIS A 22 2.09 3.62 11.14
N ALA A 23 0.98 4.26 11.50
CA ALA A 23 0.45 5.43 10.79
C ALA A 23 1.52 6.49 10.53
N ALA A 24 2.45 6.61 11.48
CA ALA A 24 3.54 7.58 11.39
C ALA A 24 4.38 7.38 10.12
N TYR A 25 4.31 6.18 9.54
CA TYR A 25 5.03 5.88 8.31
C TYR A 25 4.18 4.98 7.40
N ALA A 26 2.87 4.96 7.67
CA ALA A 26 1.95 4.15 6.86
C ALA A 26 0.93 5.05 6.13
N TRP A 27 0.84 6.32 6.53
CA TRP A 27 -0.13 7.23 5.96
C TRP A 27 -0.05 7.35 4.42
N PRO A 28 1.15 7.26 3.77
CA PRO A 28 1.25 7.31 2.31
C PRO A 28 0.36 6.29 1.60
N PHE A 29 0.02 5.22 2.32
CA PHE A 29 -0.67 4.09 1.70
C PHE A 29 -2.11 3.97 2.19
N TYR A 30 -2.46 4.76 3.21
CA TYR A 30 -3.83 4.79 3.72
C TYR A 30 -4.81 5.10 2.59
N LYS A 31 -4.61 6.25 1.95
CA LYS A 31 -5.53 6.73 0.93
C LYS A 31 -4.77 7.05 -0.35
N PRO A 32 -5.44 7.02 -1.53
CA PRO A 32 -4.82 7.36 -2.82
C PRO A 32 -4.14 8.72 -2.80
N VAL A 33 -3.00 8.81 -3.46
CA VAL A 33 -2.28 10.07 -3.54
C VAL A 33 -3.09 11.07 -4.35
N ASP A 34 -3.06 12.31 -3.93
CA ASP A 34 -3.82 13.36 -4.59
C ASP A 34 -2.96 13.93 -5.71
N ALA A 35 -2.74 13.11 -6.73
CA ALA A 35 -1.78 13.40 -7.79
C ALA A 35 -2.00 14.78 -8.40
N SER A 36 -3.26 15.12 -8.65
CA SER A 36 -3.59 16.43 -9.21
C SER A 36 -3.15 17.55 -8.24
N ALA A 37 -3.33 17.30 -6.95
CA ALA A 37 -2.97 18.27 -5.93
C ALA A 37 -1.46 18.34 -5.72
N LEU A 38 -0.76 17.23 -5.92
CA LEU A 38 0.71 17.25 -5.73
C LEU A 38 1.41 17.63 -7.04
N GLY A 39 0.62 17.96 -8.06
CA GLY A 39 1.17 18.41 -9.33
C GLY A 39 1.68 17.27 -10.19
N LEU A 40 1.24 16.07 -9.85
CA LEU A 40 1.66 14.88 -10.57
C LEU A 40 0.67 14.56 -11.68
N HIS A 41 0.96 15.06 -12.88
CA HIS A 41 0.03 14.93 -14.00
C HIS A 41 0.22 13.60 -14.72
N ASP A 42 1.25 12.87 -14.34
CA ASP A 42 1.63 11.63 -15.02
C ASP A 42 1.42 10.41 -14.11
N TYR A 43 0.72 10.59 -13.01
CA TYR A 43 0.58 9.55 -12.01
C TYR A 43 -0.14 8.31 -12.56
N HIS A 44 -1.18 8.54 -13.36
CA HIS A 44 -1.98 7.44 -13.87
C HIS A 44 -1.34 6.82 -15.11
N ASP A 45 -0.23 7.42 -15.54
CA ASP A 45 0.51 6.89 -16.69
C ASP A 45 1.59 5.93 -16.22
N ILE A 46 2.25 6.28 -15.11
CA ILE A 46 3.29 5.45 -14.54
C ILE A 46 2.69 4.34 -13.71
N ILE A 47 1.75 4.71 -12.86
CA ILE A 47 1.10 3.75 -11.99
C ILE A 47 -0.06 3.07 -12.71
N LYS A 48 0.12 1.81 -13.05
CA LYS A 48 -0.91 1.04 -13.72
C LYS A 48 -1.75 0.24 -12.72
N HIS A 49 -1.21 0.02 -11.54
CA HIS A 49 -1.95 -0.65 -10.46
C HIS A 49 -2.00 0.23 -9.20
N PRO A 50 -2.72 1.38 -9.26
CA PRO A 50 -2.87 2.27 -8.11
C PRO A 50 -3.76 1.66 -7.02
N MET A 51 -3.13 1.21 -5.94
CA MET A 51 -3.87 0.57 -4.86
C MET A 51 -3.48 1.17 -3.52
N ASP A 52 -4.42 1.16 -2.59
CA ASP A 52 -4.27 1.78 -1.28
C ASP A 52 -4.80 0.81 -0.22
N LEU A 53 -4.24 0.83 0.99
CA LEU A 53 -4.69 -0.11 2.03
C LEU A 53 -6.19 0.03 2.31
N SER A 54 -6.68 1.26 2.36
CA SER A 54 -8.11 1.49 2.58
C SER A 54 -8.94 0.89 1.44
N THR A 55 -8.36 0.83 0.25
CA THR A 55 -9.05 0.27 -0.90
C THR A 55 -8.98 -1.25 -0.88
N VAL A 56 -7.86 -1.78 -0.41
CA VAL A 56 -7.70 -3.22 -0.23
C VAL A 56 -8.74 -3.71 0.77
N LYS A 57 -8.83 -2.99 1.88
CA LYS A 57 -9.79 -3.30 2.92
C LYS A 57 -11.20 -3.17 2.39
N ARG A 58 -11.41 -2.12 1.60
CA ARG A 58 -12.70 -1.86 0.97
C ARG A 58 -13.15 -3.05 0.13
N LYS A 59 -12.27 -3.50 -0.74
CA LYS A 59 -12.58 -4.61 -1.63
C LYS A 59 -12.64 -5.93 -0.84
N MET A 60 -11.89 -5.99 0.25
CA MET A 60 -11.98 -7.11 1.18
C MET A 60 -13.35 -7.10 1.89
N GLU A 61 -13.83 -5.90 2.21
CA GLU A 61 -15.13 -5.74 2.85
C GLU A 61 -16.24 -6.16 1.90
N ASN A 62 -16.01 -5.96 0.61
CA ASN A 62 -16.96 -6.38 -0.41
C ASN A 62 -16.81 -7.86 -0.67
N ARG A 63 -15.82 -8.45 0.03
CA ARG A 63 -15.53 -9.86 -0.01
C ARG A 63 -15.26 -10.34 -1.44
N ASP A 64 -14.64 -9.46 -2.22
CA ASP A 64 -14.25 -9.79 -3.58
C ASP A 64 -12.99 -10.64 -3.59
N TYR A 65 -12.36 -10.73 -2.43
CA TYR A 65 -11.16 -11.54 -2.25
C TYR A 65 -11.55 -12.97 -1.93
N ARG A 66 -10.76 -13.91 -2.42
CA ARG A 66 -10.97 -15.31 -2.11
C ARG A 66 -10.03 -15.76 -1.00
N ASP A 67 -8.82 -15.23 -0.99
CA ASP A 67 -7.83 -15.63 -0.02
C ASP A 67 -6.88 -14.50 0.34
N ALA A 68 -5.96 -14.80 1.24
CA ALA A 68 -5.00 -13.83 1.73
C ALA A 68 -3.92 -13.57 0.69
N GLN A 69 -3.83 -14.46 -0.29
CA GLN A 69 -2.86 -14.28 -1.35
C GLN A 69 -3.34 -13.21 -2.32
N GLU A 70 -4.65 -13.17 -2.56
CA GLU A 70 -5.25 -12.11 -3.35
C GLU A 70 -5.12 -10.78 -2.62
N PHE A 71 -5.17 -10.85 -1.30
CA PHE A 71 -4.89 -9.68 -0.47
C PHE A 71 -3.45 -9.26 -0.66
N ALA A 72 -2.53 -10.22 -0.45
CA ALA A 72 -1.12 -9.97 -0.64
C ALA A 72 -0.86 -9.39 -2.02
N ALA A 73 -1.47 -10.00 -3.02
CA ALA A 73 -1.35 -9.55 -4.39
C ALA A 73 -1.62 -8.04 -4.50
N ASP A 74 -2.68 -7.60 -3.83
CA ASP A 74 -3.11 -6.21 -3.92
C ASP A 74 -2.22 -5.29 -3.07
N VAL A 75 -1.96 -5.70 -1.83
CA VAL A 75 -1.15 -4.87 -0.92
C VAL A 75 0.29 -4.75 -1.40
N ARG A 76 0.86 -5.84 -1.91
CA ARG A 76 2.23 -5.80 -2.39
C ARG A 76 2.32 -4.96 -3.66
N LEU A 77 1.26 -5.00 -4.45
CA LEU A 77 1.16 -4.17 -5.64
C LEU A 77 1.23 -2.69 -5.28
N MET A 78 0.67 -2.35 -4.13
CA MET A 78 0.71 -0.99 -3.63
C MET A 78 2.15 -0.57 -3.31
N PHE A 79 2.86 -1.38 -2.55
CA PHE A 79 4.27 -1.10 -2.26
C PHE A 79 5.08 -1.04 -3.55
N SER A 80 4.74 -1.92 -4.49
CA SER A 80 5.44 -2.00 -5.77
C SER A 80 5.26 -0.72 -6.59
N ASN A 81 4.04 -0.20 -6.68
CA ASN A 81 3.79 0.97 -7.51
C ASN A 81 4.50 2.20 -6.93
N CYS A 82 4.66 2.23 -5.60
CA CYS A 82 5.39 3.34 -4.96
C CYS A 82 6.85 3.34 -5.43
N TYR A 83 7.48 2.16 -5.46
CA TYR A 83 8.87 2.06 -5.90
C TYR A 83 9.01 2.43 -7.38
N LYS A 84 7.93 2.27 -8.14
CA LYS A 84 7.94 2.61 -9.56
C LYS A 84 8.02 4.10 -9.75
N TYR A 85 7.16 4.82 -9.04
CA TYR A 85 7.02 6.23 -9.23
C TYR A 85 8.15 7.00 -8.55
N ASN A 86 8.26 6.81 -7.25
CA ASN A 86 9.19 7.58 -6.44
C ASN A 86 10.58 6.98 -6.52
N PRO A 87 11.59 7.80 -6.84
CA PRO A 87 12.98 7.35 -6.87
C PRO A 87 13.45 6.87 -5.50
N PRO A 88 14.44 5.96 -5.47
CA PRO A 88 14.93 5.26 -4.27
C PRO A 88 15.27 6.17 -3.09
N ASP A 89 15.48 7.44 -3.37
CA ASP A 89 15.74 8.41 -2.30
C ASP A 89 14.57 9.36 -2.15
N HIS A 90 13.44 8.82 -1.72
CA HIS A 90 12.25 9.63 -1.46
C HIS A 90 11.49 9.06 -0.27
N ASP A 91 10.83 9.90 0.50
CA ASP A 91 10.17 9.46 1.74
C ASP A 91 9.26 8.26 1.52
N VAL A 92 8.47 8.29 0.44
CA VAL A 92 7.44 7.28 0.22
C VAL A 92 8.05 5.89 -0.03
N VAL A 93 9.28 5.83 -0.53
CA VAL A 93 9.91 4.54 -0.78
C VAL A 93 10.51 4.00 0.50
N ALA A 94 11.01 4.90 1.35
CA ALA A 94 11.54 4.52 2.65
C ALA A 94 10.41 4.04 3.54
N MET A 95 9.27 4.70 3.44
CA MET A 95 8.09 4.29 4.20
C MET A 95 7.52 2.99 3.64
N ALA A 96 7.60 2.82 2.31
CA ALA A 96 7.12 1.59 1.67
C ALA A 96 8.02 0.42 2.03
N ARG A 97 9.28 0.74 2.30
CA ARG A 97 10.29 -0.26 2.61
C ARG A 97 10.13 -0.74 4.06
N LYS A 98 9.90 0.19 4.97
CA LYS A 98 9.76 -0.16 6.38
C LYS A 98 8.43 -0.85 6.63
N LEU A 99 7.38 -0.36 5.99
CA LEU A 99 6.07 -1.03 6.02
C LEU A 99 6.14 -2.40 5.35
N GLN A 100 7.06 -2.56 4.39
CA GLN A 100 7.31 -3.87 3.81
C GLN A 100 7.80 -4.82 4.89
N ASP A 101 8.70 -4.32 5.73
CA ASP A 101 9.26 -5.12 6.81
C ASP A 101 8.18 -5.68 7.72
N VAL A 102 7.25 -4.84 8.15
CA VAL A 102 6.17 -5.28 9.01
C VAL A 102 5.20 -6.19 8.27
N PHE A 103 4.68 -5.73 7.14
CA PHE A 103 3.73 -6.52 6.34
C PHE A 103 4.30 -7.89 5.98
N GLU A 104 5.59 -7.95 5.66
CA GLU A 104 6.19 -9.21 5.22
C GLU A 104 6.35 -10.14 6.43
N PHE A 105 6.56 -9.54 7.59
CA PHE A 105 6.66 -10.27 8.84
C PHE A 105 5.29 -10.83 9.21
N ARG A 106 4.26 -10.05 8.93
CA ARG A 106 2.89 -10.46 9.18
C ARG A 106 2.52 -11.66 8.30
N TYR A 107 2.77 -11.53 7.01
CA TYR A 107 2.40 -12.58 6.07
C TYR A 107 3.29 -13.83 6.27
N ALA A 108 4.54 -13.60 6.67
CA ALA A 108 5.46 -14.70 6.93
C ALA A 108 4.95 -15.59 8.05
N LYS A 109 4.34 -14.96 9.06
CA LYS A 109 3.81 -15.71 10.20
C LYS A 109 2.40 -16.19 9.92
N MET A 110 1.82 -15.72 8.83
CA MET A 110 0.51 -16.20 8.39
C MET A 110 0.67 -17.57 7.72
N PRO A 111 0.00 -18.60 8.26
CA PRO A 111 0.06 -19.94 7.70
C PRO A 111 -0.90 -20.14 6.55
N ASP A 112 -0.50 -20.97 5.60
CA ASP A 112 -1.31 -21.26 4.43
C ASP A 112 -2.33 -22.34 4.78
N HIS B 1 9.27 13.62 -22.34
CA HIS B 1 9.21 13.16 -20.94
C HIS B 1 10.37 12.22 -20.63
N ASN B 2 11.50 12.81 -20.25
CA ASN B 2 12.66 12.04 -19.85
C ASN B 2 12.68 11.90 -18.32
N LEU B 3 12.40 13.01 -17.66
CA LEU B 3 12.37 13.02 -16.20
C LEU B 3 10.97 12.70 -15.70
N LEU B 4 10.90 12.21 -14.48
CA LEU B 4 9.63 11.94 -13.84
C LEU B 4 9.46 12.86 -12.65
N ARG B 5 8.23 13.30 -12.42
CA ARG B 5 7.96 14.19 -11.30
C ARG B 5 8.02 13.42 -9.99
N ILE B 6 8.52 14.07 -8.96
CA ILE B 6 8.55 13.45 -7.65
C ILE B 6 7.33 13.87 -6.84
OH ALY B 7 3.50 6.91 -5.67
CH ALY B 7 2.93 7.04 -4.59
CH3 ALY B 7 2.33 5.79 -3.91
NZ ALY B 7 2.83 8.20 -3.98
CE ALY B 7 3.35 9.45 -4.52
CD ALY B 7 3.31 10.57 -3.48
CG ALY B 7 3.72 11.91 -4.07
CB ALY B 7 5.07 11.83 -4.78
CA ALY B 7 5.51 13.14 -5.40
N ALY B 7 6.68 12.91 -6.24
C ALY B 7 5.84 14.15 -4.31
O ALY B 7 6.90 14.07 -3.69
HH31 ALY B 7 1.53 6.10 -3.24
HH32 ALY B 7 1.94 5.13 -4.66
HH33 ALY B 7 3.09 5.28 -3.34
HZ ALY B 7 2.36 8.25 -3.12
HE3 ALY B 7 2.75 9.74 -5.37
HE2 ALY B 7 4.37 9.30 -4.83
HD3 ALY B 7 3.99 10.32 -2.68
HD2 ALY B 7 2.31 10.66 -3.10
HG3 ALY B 7 3.79 12.63 -3.27
HG2 ALY B 7 2.97 12.23 -4.78
HB3 ALY B 7 5.01 11.08 -5.54
HB2 ALY B 7 5.82 11.53 -4.05
HA ALY B 7 4.71 13.52 -6.02
H ALY B 7 6.98 11.98 -6.37
N GLN B 8 4.93 15.10 -4.07
CA GLN B 8 5.15 16.11 -3.05
C GLN B 8 4.89 15.52 -1.66
N PHE B 9 5.73 14.58 -1.28
CA PHE B 9 5.68 13.94 0.03
C PHE B 9 6.95 14.25 0.80
N LEU B 10 7.36 15.51 0.76
CA LEU B 10 8.57 15.93 1.44
C LEU B 10 8.33 15.99 2.95
N GLN B 11 8.50 14.85 3.61
CA GLN B 11 8.22 14.74 5.03
C GLN B 11 9.39 15.28 5.84
N SER B 12 9.17 16.42 6.48
CA SER B 12 10.18 17.03 7.31
C SER B 12 9.61 17.33 8.68
N GLY A 1 -17.49 -19.64 7.36
CA GLY A 1 -18.08 -18.65 6.44
C GLY A 1 -17.80 -17.23 6.88
N LYS A 2 -17.99 -16.27 5.98
CA LYS A 2 -17.74 -14.86 6.26
C LYS A 2 -16.26 -14.63 6.57
N LEU A 3 -15.47 -14.45 5.52
CA LEU A 3 -14.02 -14.31 5.62
C LEU A 3 -13.38 -15.63 6.04
N SER A 4 -12.60 -16.20 5.13
CA SER A 4 -11.85 -17.42 5.42
C SER A 4 -10.72 -17.10 6.39
N GLU A 5 -10.07 -18.13 6.94
CA GLU A 5 -8.98 -17.94 7.89
C GLU A 5 -7.93 -17.00 7.29
N GLN A 6 -7.60 -17.25 6.03
CA GLN A 6 -6.65 -16.43 5.30
C GLN A 6 -7.12 -14.97 5.23
N LEU A 7 -8.41 -14.80 4.98
CA LEU A 7 -8.99 -13.47 4.79
C LEU A 7 -9.21 -12.77 6.13
N LYS A 8 -9.39 -13.53 7.18
CA LYS A 8 -9.49 -12.94 8.50
C LYS A 8 -8.13 -12.46 8.95
N HIS A 9 -7.09 -13.20 8.58
CA HIS A 9 -5.74 -12.79 8.89
C HIS A 9 -5.35 -11.59 8.04
N CYS A 10 -5.84 -11.54 6.80
CA CYS A 10 -5.54 -10.40 5.93
C CYS A 10 -6.25 -9.15 6.46
N ASN A 11 -7.38 -9.36 7.13
CA ASN A 11 -8.10 -8.27 7.75
C ASN A 11 -7.29 -7.71 8.91
N GLY A 12 -6.65 -8.61 9.65
CA GLY A 12 -5.84 -8.22 10.80
C GLY A 12 -4.56 -7.52 10.38
N ILE A 13 -3.90 -8.05 9.35
CA ILE A 13 -2.67 -7.45 8.85
C ILE A 13 -2.92 -6.02 8.36
N LEU A 14 -3.96 -5.88 7.54
CA LEU A 14 -4.35 -4.58 7.01
C LEU A 14 -4.65 -3.60 8.14
N LYS A 15 -5.43 -4.08 9.11
CA LYS A 15 -5.80 -3.29 10.27
C LYS A 15 -4.57 -2.76 11.00
N GLU A 16 -3.53 -3.58 11.04
CA GLU A 16 -2.32 -3.24 11.76
C GLU A 16 -1.50 -2.22 10.98
N LEU A 17 -1.38 -2.41 9.68
CA LEU A 17 -0.70 -1.43 8.84
C LEU A 17 -1.49 -0.11 8.87
N LEU A 18 -2.77 -0.22 9.22
CA LEU A 18 -3.64 0.95 9.35
C LEU A 18 -3.67 1.50 10.77
N SER A 19 -3.14 0.75 11.73
CA SER A 19 -3.13 1.19 13.12
C SER A 19 -2.18 2.38 13.31
N LYS A 20 -2.51 3.22 14.27
CA LYS A 20 -1.77 4.45 14.54
C LYS A 20 -0.33 4.17 14.96
N LYS A 21 -0.07 2.92 15.30
CA LYS A 21 1.27 2.47 15.63
C LYS A 21 2.19 2.61 14.42
N HIS A 22 1.66 2.35 13.23
CA HIS A 22 2.47 2.37 12.02
C HIS A 22 2.17 3.63 11.23
N ALA A 23 1.08 4.31 11.59
CA ALA A 23 0.61 5.51 10.88
C ALA A 23 1.72 6.52 10.62
N ALA A 24 2.64 6.63 11.57
CA ALA A 24 3.77 7.55 11.46
C ALA A 24 4.55 7.35 10.17
N TYR A 25 4.54 6.12 9.65
CA TYR A 25 5.22 5.80 8.40
C TYR A 25 4.34 4.93 7.51
N ALA A 26 3.02 4.95 7.78
CA ALA A 26 2.07 4.17 6.99
C ALA A 26 1.07 5.09 6.28
N TRP A 27 1.06 6.37 6.65
CA TRP A 27 0.11 7.32 6.08
C TRP A 27 0.15 7.41 4.54
N PRO A 28 1.34 7.29 3.87
CA PRO A 28 1.39 7.31 2.40
C PRO A 28 0.51 6.26 1.74
N PHE A 29 0.14 5.22 2.48
CA PHE A 29 -0.57 4.09 1.91
C PHE A 29 -2.01 4.00 2.43
N TYR A 30 -2.34 4.81 3.43
CA TYR A 30 -3.70 4.86 3.95
C TYR A 30 -4.70 5.18 2.85
N LYS A 31 -4.47 6.30 2.19
CA LYS A 31 -5.38 6.81 1.20
C LYS A 31 -4.64 7.14 -0.09
N PRO A 32 -5.32 7.11 -1.25
CA PRO A 32 -4.71 7.47 -2.55
C PRO A 32 -4.05 8.84 -2.51
N VAL A 33 -2.87 8.94 -3.12
CA VAL A 33 -2.12 10.19 -3.15
C VAL A 33 -2.93 11.26 -3.88
N ASP A 34 -2.84 12.49 -3.40
CA ASP A 34 -3.61 13.57 -3.98
C ASP A 34 -2.83 14.22 -5.09
N ALA A 35 -2.69 13.50 -6.20
CA ALA A 35 -1.90 13.95 -7.34
C ALA A 35 -2.31 15.36 -7.79
N SER A 36 -3.59 15.64 -7.72
CA SER A 36 -4.11 16.96 -8.07
C SER A 36 -3.49 18.05 -7.19
N ALA A 37 -3.38 17.77 -5.90
CA ALA A 37 -2.83 18.73 -4.94
C ALA A 37 -1.31 18.62 -4.89
N LEU A 38 -0.80 17.45 -5.24
CA LEU A 38 0.62 17.18 -5.22
C LEU A 38 1.30 17.72 -6.47
N GLY A 39 0.51 18.19 -7.43
CA GLY A 39 1.05 18.74 -8.66
C GLY A 39 1.39 17.65 -9.66
N LEU A 40 1.03 16.42 -9.33
CA LEU A 40 1.35 15.27 -10.15
C LEU A 40 0.30 15.09 -11.23
N HIS A 41 0.54 15.68 -12.39
CA HIS A 41 -0.41 15.63 -13.48
C HIS A 41 -0.24 14.36 -14.31
N ASP A 42 0.67 13.50 -13.87
CA ASP A 42 0.98 12.28 -14.61
C ASP A 42 0.89 11.03 -13.74
N TYR A 43 0.20 11.12 -12.60
CA TYR A 43 0.15 10.01 -11.66
C TYR A 43 -0.55 8.79 -12.27
N HIS A 44 -1.64 9.03 -12.99
CA HIS A 44 -2.43 7.95 -13.57
C HIS A 44 -1.77 7.39 -14.83
N ASP A 45 -0.76 8.08 -15.33
CA ASP A 45 -0.02 7.61 -16.50
C ASP A 45 1.06 6.63 -16.07
N ILE A 46 1.74 6.95 -14.99
CA ILE A 46 2.83 6.12 -14.49
C ILE A 46 2.29 4.95 -13.68
N ILE A 47 1.31 5.22 -12.83
CA ILE A 47 0.74 4.19 -11.98
C ILE A 47 -0.43 3.50 -12.67
N LYS A 48 -0.23 2.24 -13.05
CA LYS A 48 -1.26 1.48 -13.70
C LYS A 48 -2.10 0.68 -12.70
N HIS A 49 -1.53 0.38 -11.55
CA HIS A 49 -2.27 -0.27 -10.48
C HIS A 49 -2.27 0.58 -9.21
N PRO A 50 -3.01 1.72 -9.22
CA PRO A 50 -3.15 2.57 -8.03
C PRO A 50 -3.96 1.90 -6.93
N MET A 51 -3.27 1.35 -5.95
CA MET A 51 -3.93 0.66 -4.86
C MET A 51 -3.46 1.22 -3.54
N ASP A 52 -4.37 1.26 -2.58
CA ASP A 52 -4.10 1.80 -1.25
C ASP A 52 -4.71 0.87 -0.21
N LEU A 53 -4.19 0.89 1.01
CA LEU A 53 -4.66 -0.05 2.03
C LEU A 53 -6.16 0.10 2.29
N SER A 54 -6.65 1.34 2.27
CA SER A 54 -8.08 1.59 2.44
C SER A 54 -8.90 0.91 1.33
N THR A 55 -8.34 0.87 0.13
CA THR A 55 -9.01 0.28 -1.01
C THR A 55 -8.91 -1.24 -0.98
N VAL A 56 -7.79 -1.74 -0.48
CA VAL A 56 -7.62 -3.18 -0.28
C VAL A 56 -8.68 -3.67 0.69
N LYS A 57 -8.85 -2.94 1.77
CA LYS A 57 -9.82 -3.27 2.78
C LYS A 57 -11.23 -3.15 2.21
N ARG A 58 -11.43 -2.12 1.40
CA ARG A 58 -12.68 -1.89 0.69
C ARG A 58 -13.10 -3.13 -0.09
N LYS A 59 -12.19 -3.63 -0.91
CA LYS A 59 -12.47 -4.78 -1.76
C LYS A 59 -12.50 -6.08 -0.94
N MET A 60 -11.75 -6.10 0.16
CA MET A 60 -11.84 -7.19 1.12
C MET A 60 -13.21 -7.21 1.77
N GLU A 61 -13.74 -6.03 2.08
CA GLU A 61 -15.07 -5.92 2.70
C GLU A 61 -16.14 -6.40 1.74
N ASN A 62 -15.89 -6.24 0.44
CA ASN A 62 -16.81 -6.73 -0.59
C ASN A 62 -16.59 -8.21 -0.81
N ARG A 63 -15.61 -8.74 -0.08
CA ARG A 63 -15.28 -10.16 -0.09
C ARG A 63 -14.93 -10.65 -1.48
N ASP A 64 -14.31 -9.77 -2.28
CA ASP A 64 -13.86 -10.14 -3.61
C ASP A 64 -12.64 -11.04 -3.54
N TYR A 65 -11.97 -10.99 -2.40
CA TYR A 65 -10.76 -11.77 -2.18
C TYR A 65 -11.12 -13.18 -1.76
N ARG A 66 -10.49 -14.16 -2.38
CA ARG A 66 -10.71 -15.55 -1.99
C ARG A 66 -9.71 -15.95 -0.91
N ASP A 67 -8.51 -15.41 -0.98
CA ASP A 67 -7.43 -15.81 -0.09
C ASP A 67 -6.58 -14.61 0.27
N ALA A 68 -5.72 -14.79 1.25
CA ALA A 68 -4.85 -13.72 1.71
C ALA A 68 -3.77 -13.44 0.69
N GLN A 69 -3.60 -14.38 -0.23
CA GLN A 69 -2.65 -14.21 -1.31
C GLN A 69 -3.15 -13.15 -2.28
N GLU A 70 -4.47 -13.12 -2.47
CA GLU A 70 -5.09 -12.07 -3.27
C GLU A 70 -4.97 -10.73 -2.57
N PHE A 71 -5.06 -10.77 -1.25
CA PHE A 71 -4.79 -9.59 -0.44
C PHE A 71 -3.34 -9.17 -0.62
N ALA A 72 -2.42 -10.12 -0.41
CA ALA A 72 -1.01 -9.88 -0.56
C ALA A 72 -0.71 -9.31 -1.94
N ALA A 73 -1.41 -9.83 -2.94
CA ALA A 73 -1.28 -9.38 -4.31
C ALA A 73 -1.55 -7.88 -4.41
N ASP A 74 -2.63 -7.44 -3.78
CA ASP A 74 -3.05 -6.05 -3.86
C ASP A 74 -2.21 -5.13 -2.98
N VAL A 75 -1.95 -5.56 -1.74
CA VAL A 75 -1.16 -4.75 -0.81
C VAL A 75 0.29 -4.61 -1.30
N ARG A 76 0.84 -5.69 -1.84
CA ARG A 76 2.21 -5.66 -2.33
C ARG A 76 2.29 -4.79 -3.59
N LEU A 77 1.19 -4.78 -4.36
CA LEU A 77 1.10 -3.96 -5.56
C LEU A 77 1.13 -2.48 -5.18
N MET A 78 0.56 -2.16 -4.02
CA MET A 78 0.60 -0.81 -3.51
C MET A 78 2.04 -0.38 -3.22
N PHE A 79 2.77 -1.20 -2.48
CA PHE A 79 4.18 -0.93 -2.21
C PHE A 79 4.96 -0.86 -3.53
N SER A 80 4.55 -1.68 -4.50
CA SER A 80 5.23 -1.75 -5.79
C SER A 80 5.05 -0.46 -6.60
N ASN A 81 3.82 0.06 -6.68
CA ASN A 81 3.57 1.26 -7.47
C ASN A 81 4.27 2.47 -6.85
N CYS A 82 4.51 2.42 -5.54
CA CYS A 82 5.28 3.49 -4.87
C CYS A 82 6.72 3.49 -5.36
N TYR A 83 7.34 2.31 -5.40
CA TYR A 83 8.71 2.21 -5.92
C TYR A 83 8.75 2.55 -7.40
N LYS A 84 7.61 2.38 -8.05
CA LYS A 84 7.52 2.59 -9.49
C LYS A 84 7.51 4.08 -9.81
N TYR A 85 6.77 4.85 -9.04
CA TYR A 85 6.66 6.28 -9.27
C TYR A 85 7.85 7.03 -8.66
N ASN A 86 8.09 6.77 -7.38
CA ASN A 86 9.12 7.48 -6.64
C ASN A 86 10.47 6.80 -6.84
N PRO A 87 11.50 7.59 -7.16
CA PRO A 87 12.87 7.07 -7.31
C PRO A 87 13.41 6.50 -5.99
N PRO A 88 14.40 5.60 -6.09
CA PRO A 88 14.91 4.78 -4.96
C PRO A 88 15.24 5.56 -3.69
N ASP A 89 15.55 6.84 -3.84
CA ASP A 89 15.85 7.66 -2.67
C ASP A 89 14.78 8.74 -2.51
N HIS A 90 13.63 8.33 -1.99
CA HIS A 90 12.55 9.26 -1.69
C HIS A 90 11.84 8.79 -0.42
N ASP A 91 11.21 9.69 0.31
CA ASP A 91 10.60 9.33 1.60
C ASP A 91 9.60 8.19 1.47
N VAL A 92 8.78 8.21 0.42
CA VAL A 92 7.70 7.25 0.27
C VAL A 92 8.23 5.84 0.03
N VAL A 93 9.39 5.73 -0.61
CA VAL A 93 9.95 4.41 -0.88
C VAL A 93 10.57 3.84 0.39
N ALA A 94 11.14 4.73 1.21
CA ALA A 94 11.69 4.34 2.50
C ALA A 94 10.58 3.91 3.45
N MET A 95 9.47 4.63 3.42
CA MET A 95 8.30 4.28 4.23
C MET A 95 7.65 3.02 3.69
N ALA A 96 7.63 2.86 2.36
CA ALA A 96 7.08 1.65 1.74
C ALA A 96 7.95 0.46 2.10
N ARG A 97 9.24 0.72 2.24
CA ARG A 97 10.22 -0.31 2.52
C ARG A 97 10.07 -0.84 3.94
N LYS A 98 9.91 0.06 4.90
CA LYS A 98 9.78 -0.34 6.30
C LYS A 98 8.44 -1.02 6.55
N LEU A 99 7.38 -0.49 5.96
CA LEU A 99 6.08 -1.14 6.01
C LEU A 99 6.10 -2.48 5.27
N GLN A 100 6.99 -2.62 4.31
CA GLN A 100 7.19 -3.90 3.66
C GLN A 100 7.74 -4.91 4.66
N ASP A 101 8.62 -4.44 5.54
CA ASP A 101 9.24 -5.29 6.55
C ASP A 101 8.20 -5.87 7.51
N VAL A 102 7.30 -5.01 8.00
CA VAL A 102 6.23 -5.47 8.90
C VAL A 102 5.28 -6.41 8.17
N PHE A 103 4.70 -5.94 7.07
CA PHE A 103 3.76 -6.74 6.28
C PHE A 103 4.35 -8.10 5.89
N GLU A 104 5.64 -8.15 5.58
CA GLU A 104 6.31 -9.39 5.24
C GLU A 104 6.23 -10.38 6.39
N PHE A 105 6.69 -9.96 7.56
CA PHE A 105 6.72 -10.82 8.73
C PHE A 105 5.31 -11.21 9.16
N ARG A 106 4.35 -10.32 8.94
CA ARG A 106 2.97 -10.59 9.28
C ARG A 106 2.42 -11.71 8.41
N TYR A 107 2.72 -11.66 7.12
CA TYR A 107 2.28 -12.71 6.20
C TYR A 107 3.09 -13.97 6.44
N ALA A 108 4.33 -13.81 6.90
CA ALA A 108 5.18 -14.96 7.24
C ALA A 108 4.57 -15.75 8.40
N LYS A 109 4.19 -15.04 9.45
CA LYS A 109 3.56 -15.66 10.62
C LYS A 109 2.19 -16.20 10.24
N MET A 110 1.57 -15.56 9.26
CA MET A 110 0.28 -16.00 8.73
C MET A 110 0.45 -17.33 7.99
N PRO A 111 -0.31 -18.36 8.38
CA PRO A 111 -0.31 -19.63 7.68
C PRO A 111 -1.31 -19.66 6.54
N ASP A 112 -0.94 -20.35 5.47
CA ASP A 112 -1.80 -20.46 4.31
C ASP A 112 -2.50 -21.82 4.33
N HIS B 1 15.23 8.84 -16.61
CA HIS B 1 14.19 8.70 -17.68
C HIS B 1 12.87 9.26 -17.20
N ASN B 2 12.23 10.05 -18.05
CA ASN B 2 10.94 10.65 -17.73
C ASN B 2 11.02 11.44 -16.43
N LEU B 3 11.80 12.50 -16.43
CA LEU B 3 11.93 13.35 -15.26
C LEU B 3 10.69 14.25 -15.13
N LEU B 4 9.58 13.61 -14.83
CA LEU B 4 8.31 14.29 -14.69
C LEU B 4 8.18 14.89 -13.29
N ARG B 5 7.69 14.09 -12.37
CA ARG B 5 7.52 14.51 -10.99
C ARG B 5 8.03 13.41 -10.05
N ILE B 6 8.21 13.76 -8.79
CA ILE B 6 8.71 12.81 -7.80
C ILE B 6 7.80 12.76 -6.56
OH ALY B 7 3.50 7.11 -5.79
CH ALY B 7 3.06 7.23 -4.66
CH3 ALY B 7 2.45 6.00 -3.96
NZ ALY B 7 3.06 8.39 -4.02
CE ALY B 7 3.60 9.62 -4.58
CD ALY B 7 3.82 10.68 -3.51
CG ALY B 7 4.13 12.05 -4.08
CB ALY B 7 5.36 12.05 -4.96
CA ALY B 7 5.62 13.40 -5.62
N ALY B 7 6.60 13.30 -6.71
C ALY B 7 6.07 14.42 -4.57
O ALY B 7 7.21 14.38 -4.09
HH31 ALY B 7 1.82 6.33 -3.14
HH32 ALY B 7 1.87 5.44 -4.66
HH33 ALY B 7 3.25 5.39 -3.57
HZ ALY B 7 2.68 8.43 -3.11
HE3 ALY B 7 2.90 10.02 -5.30
HE2 ALY B 7 4.55 9.41 -5.06
HD3 ALY B 7 4.65 10.37 -2.88
HD2 ALY B 7 2.93 10.75 -2.90
HG3 ALY B 7 4.28 12.73 -3.27
HG2 ALY B 7 3.28 12.38 -4.67
HB3 ALY B 7 5.24 11.30 -5.73
HB2 ALY B 7 6.22 11.79 -4.35
HA ALY B 7 4.70 13.74 -6.04
H ALY B 7 6.34 13.64 -7.59
N GLN B 8 5.16 15.31 -4.19
CA GLN B 8 5.45 16.32 -3.18
C GLN B 8 5.33 15.72 -1.79
N PHE B 9 6.02 14.62 -1.58
CA PHE B 9 6.03 13.92 -0.29
C PHE B 9 7.37 14.08 0.39
N LEU B 10 7.68 15.30 0.78
CA LEU B 10 8.91 15.57 1.51
C LEU B 10 8.59 15.75 2.98
N GLN B 11 9.21 14.93 3.82
CA GLN B 11 9.00 15.04 5.26
C GLN B 11 9.90 16.14 5.84
N SER B 12 9.63 17.36 5.41
CA SER B 12 10.38 18.52 5.86
C SER B 12 9.94 18.90 7.28
N GLY A 1 -17.80 -18.89 6.27
CA GLY A 1 -18.67 -17.71 6.05
C GLY A 1 -18.16 -16.52 6.82
N LYS A 2 -18.34 -15.33 6.24
CA LYS A 2 -17.88 -14.08 6.85
C LYS A 2 -16.36 -14.08 6.98
N LEU A 3 -15.69 -14.05 5.83
CA LEU A 3 -14.23 -14.05 5.76
C LEU A 3 -13.64 -15.41 6.09
N SER A 4 -12.97 -16.00 5.10
CA SER A 4 -12.24 -17.24 5.32
C SER A 4 -11.09 -16.99 6.28
N GLU A 5 -10.51 -18.04 6.84
CA GLU A 5 -9.45 -17.90 7.83
C GLU A 5 -8.31 -17.02 7.29
N GLN A 6 -7.91 -17.28 6.05
CA GLN A 6 -6.86 -16.52 5.39
C GLN A 6 -7.28 -15.05 5.26
N LEU A 7 -8.55 -14.83 4.94
CA LEU A 7 -9.08 -13.49 4.75
C LEU A 7 -9.29 -12.79 6.09
N LYS A 8 -9.47 -13.57 7.14
CA LYS A 8 -9.53 -13.02 8.48
C LYS A 8 -8.14 -12.59 8.92
N HIS A 9 -7.15 -13.34 8.47
CA HIS A 9 -5.77 -13.01 8.76
C HIS A 9 -5.35 -11.78 7.96
N CYS A 10 -5.88 -11.65 6.74
CA CYS A 10 -5.57 -10.48 5.92
C CYS A 10 -6.22 -9.23 6.50
N ASN A 11 -7.38 -9.43 7.14
CA ASN A 11 -8.08 -8.34 7.79
C ASN A 11 -7.25 -7.79 8.95
N GLY A 12 -6.62 -8.71 9.68
CA GLY A 12 -5.82 -8.32 10.83
C GLY A 12 -4.53 -7.64 10.43
N ILE A 13 -3.90 -8.15 9.37
CA ILE A 13 -2.66 -7.56 8.86
C ILE A 13 -2.91 -6.14 8.37
N LEU A 14 -3.95 -5.96 7.57
CA LEU A 14 -4.34 -4.65 7.06
C LEU A 14 -4.60 -3.69 8.20
N LYS A 15 -5.34 -4.16 9.19
CA LYS A 15 -5.71 -3.37 10.34
C LYS A 15 -4.47 -2.85 11.07
N GLU A 16 -3.46 -3.68 11.12
CA GLU A 16 -2.23 -3.35 11.84
C GLU A 16 -1.43 -2.28 11.11
N LEU A 17 -1.35 -2.40 9.79
CA LEU A 17 -0.68 -1.38 8.98
C LEU A 17 -1.47 -0.07 9.05
N LEU A 18 -2.75 -0.19 9.40
CA LEU A 18 -3.64 0.96 9.56
C LEU A 18 -3.65 1.48 11.00
N SER A 19 -3.07 0.72 11.91
CA SER A 19 -3.00 1.12 13.31
C SER A 19 -2.04 2.29 13.49
N LYS A 20 -2.32 3.12 14.50
CA LYS A 20 -1.57 4.35 14.76
C LYS A 20 -0.11 4.06 15.05
N LYS A 21 0.17 2.82 15.46
CA LYS A 21 1.53 2.35 15.68
C LYS A 21 2.38 2.49 14.42
N HIS A 22 1.76 2.28 13.26
CA HIS A 22 2.49 2.33 12.01
C HIS A 22 2.14 3.58 11.24
N ALA A 23 1.05 4.24 11.64
CA ALA A 23 0.55 5.43 10.95
C ALA A 23 1.64 6.46 10.69
N ALA A 24 2.59 6.55 11.62
CA ALA A 24 3.70 7.49 11.52
C ALA A 24 4.51 7.29 10.24
N TYR A 25 4.41 6.10 9.65
CA TYR A 25 5.09 5.79 8.39
C TYR A 25 4.21 4.92 7.50
N ALA A 26 2.90 4.93 7.76
CA ALA A 26 1.95 4.16 6.96
C ALA A 26 0.91 5.06 6.30
N TRP A 27 0.82 6.31 6.75
CA TRP A 27 -0.20 7.23 6.26
C TRP A 27 -0.21 7.41 4.73
N PRO A 28 0.95 7.40 4.01
CA PRO A 28 0.95 7.54 2.55
C PRO A 28 0.10 6.49 1.84
N PHE A 29 -0.11 5.36 2.50
CA PHE A 29 -0.79 4.23 1.88
C PHE A 29 -2.21 4.09 2.40
N TYR A 30 -2.53 4.86 3.44
CA TYR A 30 -3.90 4.89 3.96
C TYR A 30 -4.89 5.21 2.85
N LYS A 31 -4.62 6.28 2.12
CA LYS A 31 -5.51 6.74 1.06
C LYS A 31 -4.71 7.21 -0.15
N PRO A 32 -5.32 7.17 -1.35
CA PRO A 32 -4.65 7.54 -2.61
C PRO A 32 -3.99 8.91 -2.56
N VAL A 33 -2.80 9.00 -3.15
CA VAL A 33 -2.10 10.28 -3.23
C VAL A 33 -2.95 11.29 -3.99
N ASP A 34 -2.90 12.54 -3.56
CA ASP A 34 -3.70 13.59 -4.19
C ASP A 34 -2.94 14.11 -5.39
N ALA A 35 -2.71 13.24 -6.35
CA ALA A 35 -1.84 13.50 -7.48
C ALA A 35 -2.14 14.83 -8.16
N SER A 36 -3.42 15.12 -8.36
CA SER A 36 -3.85 16.34 -9.01
C SER A 36 -3.41 17.58 -8.22
N ALA A 37 -3.50 17.50 -6.90
CA ALA A 37 -3.09 18.59 -6.03
C ALA A 37 -1.58 18.58 -5.83
N LEU A 38 -0.99 17.40 -5.95
CA LEU A 38 0.44 17.20 -5.77
C LEU A 38 1.21 17.69 -6.99
N GLY A 39 0.48 18.03 -8.06
CA GLY A 39 1.11 18.49 -9.28
C GLY A 39 1.52 17.34 -10.17
N LEU A 40 1.07 16.16 -9.80
CA LEU A 40 1.43 14.94 -10.49
C LEU A 40 0.34 14.57 -11.50
N HIS A 41 0.42 15.17 -12.68
CA HIS A 41 -0.56 14.92 -13.73
C HIS A 41 -0.19 13.67 -14.52
N ASP A 42 0.91 13.04 -14.10
CA ASP A 42 1.41 11.86 -14.79
C ASP A 42 1.18 10.60 -13.96
N TYR A 43 0.42 10.72 -12.87
CA TYR A 43 0.32 9.66 -11.89
C TYR A 43 -0.43 8.44 -12.44
N HIS A 44 -1.54 8.68 -13.12
CA HIS A 44 -2.36 7.60 -13.64
C HIS A 44 -1.83 7.08 -14.97
N ASP A 45 -0.68 7.60 -15.39
CA ASP A 45 0.00 7.11 -16.59
C ASP A 45 1.11 6.15 -16.21
N ILE A 46 1.89 6.51 -15.20
CA ILE A 46 2.96 5.66 -14.71
C ILE A 46 2.39 4.50 -13.93
N ILE A 47 1.49 4.82 -13.00
CA ILE A 47 0.92 3.82 -12.12
C ILE A 47 -0.32 3.17 -12.75
N LYS A 48 -0.15 1.94 -13.21
CA LYS A 48 -1.23 1.19 -13.83
C LYS A 48 -2.07 0.47 -12.77
N HIS A 49 -1.44 0.21 -11.63
CA HIS A 49 -2.13 -0.43 -10.50
C HIS A 49 -2.08 0.45 -9.26
N PRO A 50 -2.80 1.60 -9.27
CA PRO A 50 -2.95 2.44 -8.08
C PRO A 50 -3.83 1.77 -7.03
N MET A 51 -3.22 1.35 -5.94
CA MET A 51 -3.95 0.68 -4.87
C MET A 51 -3.55 1.27 -3.53
N ASP A 52 -4.48 1.24 -2.58
CA ASP A 52 -4.28 1.82 -1.26
C ASP A 52 -4.85 0.88 -0.21
N LEU A 53 -4.32 0.90 1.01
CA LEU A 53 -4.82 0.01 2.06
C LEU A 53 -6.32 0.16 2.27
N SER A 54 -6.81 1.39 2.21
CA SER A 54 -8.24 1.66 2.31
C SER A 54 -9.02 0.89 1.24
N THR A 55 -8.48 0.89 0.01
CA THR A 55 -9.13 0.24 -1.11
C THR A 55 -8.97 -1.28 -1.00
N VAL A 56 -7.84 -1.73 -0.48
CA VAL A 56 -7.62 -3.15 -0.25
C VAL A 56 -8.67 -3.65 0.72
N LYS A 57 -8.86 -2.90 1.79
CA LYS A 57 -9.85 -3.24 2.81
C LYS A 57 -11.24 -3.13 2.22
N ARG A 58 -11.45 -2.08 1.44
CA ARG A 58 -12.72 -1.85 0.76
C ARG A 58 -13.12 -3.06 -0.09
N LYS A 59 -12.19 -3.52 -0.92
CA LYS A 59 -12.43 -4.67 -1.78
C LYS A 59 -12.49 -5.95 -0.97
N MET A 60 -11.80 -5.97 0.17
CA MET A 60 -11.89 -7.09 1.11
C MET A 60 -13.28 -7.11 1.76
N GLU A 61 -13.82 -5.91 2.00
CA GLU A 61 -15.14 -5.77 2.59
C GLU A 61 -16.22 -6.24 1.64
N ASN A 62 -15.98 -6.08 0.35
CA ASN A 62 -16.90 -6.57 -0.67
C ASN A 62 -16.64 -8.04 -0.91
N ARG A 63 -15.64 -8.55 -0.19
CA ARG A 63 -15.28 -9.96 -0.18
C ARG A 63 -14.96 -10.45 -1.59
N ASP A 64 -14.35 -9.55 -2.36
CA ASP A 64 -13.86 -9.90 -3.71
C ASP A 64 -12.65 -10.82 -3.61
N TYR A 65 -12.10 -10.90 -2.41
CA TYR A 65 -10.89 -11.67 -2.16
C TYR A 65 -11.25 -13.12 -1.86
N ARG A 66 -10.49 -14.03 -2.44
CA ARG A 66 -10.66 -15.45 -2.21
C ARG A 66 -9.72 -15.95 -1.12
N ASP A 67 -8.54 -15.32 -1.03
CA ASP A 67 -7.55 -15.75 -0.06
C ASP A 67 -6.66 -14.59 0.35
N ALA A 68 -5.73 -14.87 1.23
CA ALA A 68 -4.84 -13.86 1.75
C ALA A 68 -3.74 -13.56 0.76
N GLN A 69 -3.57 -14.49 -0.17
CA GLN A 69 -2.59 -14.32 -1.23
C GLN A 69 -3.07 -13.24 -2.19
N GLU A 70 -4.38 -13.20 -2.41
CA GLU A 70 -4.99 -12.18 -3.23
C GLU A 70 -4.93 -10.83 -2.52
N PHE A 71 -4.99 -10.89 -1.19
CA PHE A 71 -4.75 -9.70 -0.40
C PHE A 71 -3.31 -9.25 -0.55
N ALA A 72 -2.39 -10.19 -0.33
CA ALA A 72 -0.97 -9.91 -0.48
C ALA A 72 -0.69 -9.31 -1.84
N ALA A 73 -1.35 -9.87 -2.85
CA ALA A 73 -1.24 -9.38 -4.21
C ALA A 73 -1.60 -7.91 -4.31
N ASP A 74 -2.71 -7.54 -3.67
CA ASP A 74 -3.20 -6.16 -3.70
C ASP A 74 -2.28 -5.22 -2.90
N VAL A 75 -1.99 -5.61 -1.67
CA VAL A 75 -1.19 -4.77 -0.78
C VAL A 75 0.26 -4.63 -1.28
N ARG A 76 0.83 -5.72 -1.77
CA ARG A 76 2.20 -5.68 -2.25
C ARG A 76 2.28 -4.85 -3.52
N LEU A 77 1.18 -4.83 -4.29
CA LEU A 77 1.10 -4.00 -5.48
C LEU A 77 1.15 -2.52 -5.12
N MET A 78 0.55 -2.18 -3.98
CA MET A 78 0.60 -0.83 -3.45
C MET A 78 2.04 -0.43 -3.16
N PHE A 79 2.76 -1.31 -2.49
CA PHE A 79 4.17 -1.06 -2.20
C PHE A 79 5.00 -1.03 -3.49
N SER A 80 4.64 -1.90 -4.43
CA SER A 80 5.33 -1.99 -5.71
C SER A 80 5.17 -0.70 -6.52
N ASN A 81 3.94 -0.19 -6.63
CA ASN A 81 3.70 0.99 -7.45
C ASN A 81 4.41 2.21 -6.86
N CYS A 82 4.57 2.24 -5.54
CA CYS A 82 5.32 3.33 -4.89
C CYS A 82 6.77 3.34 -5.36
N TYR A 83 7.41 2.16 -5.39
CA TYR A 83 8.79 2.07 -5.86
C TYR A 83 8.89 2.42 -7.34
N LYS A 84 7.78 2.26 -8.05
CA LYS A 84 7.75 2.53 -9.48
C LYS A 84 7.74 4.02 -9.75
N TYR A 85 6.87 4.76 -9.05
CA TYR A 85 6.75 6.19 -9.28
C TYR A 85 7.93 6.93 -8.68
N ASN A 86 8.20 6.64 -7.42
CA ASN A 86 9.13 7.43 -6.63
C ASN A 86 10.50 6.78 -6.60
N PRO A 87 11.55 7.57 -6.86
CA PRO A 87 12.94 7.10 -6.80
C PRO A 87 13.35 6.77 -5.36
N PRO A 88 14.36 5.88 -5.22
CA PRO A 88 14.81 5.34 -3.93
C PRO A 88 15.13 6.41 -2.88
N ASP A 89 15.37 7.62 -3.33
CA ASP A 89 15.60 8.74 -2.42
C ASP A 89 14.32 9.56 -2.24
N HIS A 90 13.39 9.04 -1.45
CA HIS A 90 12.17 9.76 -1.13
C HIS A 90 11.54 9.18 0.13
N ASP A 91 10.54 9.86 0.66
CA ASP A 91 9.86 9.42 1.88
C ASP A 91 9.07 8.13 1.64
N VAL A 92 8.24 8.14 0.60
CA VAL A 92 7.31 7.05 0.34
C VAL A 92 8.00 5.73 0.05
N VAL A 93 9.20 5.79 -0.50
CA VAL A 93 9.94 4.59 -0.81
C VAL A 93 10.58 4.03 0.46
N ALA A 94 10.97 4.92 1.36
CA ALA A 94 11.52 4.52 2.64
C ALA A 94 10.41 3.95 3.52
N MET A 95 9.26 4.60 3.49
CA MET A 95 8.10 4.14 4.25
C MET A 95 7.53 2.85 3.66
N ALA A 96 7.57 2.73 2.33
CA ALA A 96 7.10 1.51 1.67
C ALA A 96 8.05 0.37 1.96
N ARG A 97 9.30 0.72 2.27
CA ARG A 97 10.34 -0.27 2.58
C ARG A 97 10.20 -0.77 4.02
N LYS A 98 9.97 0.15 4.95
CA LYS A 98 9.84 -0.19 6.34
C LYS A 98 8.50 -0.91 6.60
N LEU A 99 7.44 -0.40 5.98
CA LEU A 99 6.14 -1.07 6.01
C LEU A 99 6.22 -2.41 5.29
N GLN A 100 7.11 -2.52 4.31
CA GLN A 100 7.35 -3.79 3.64
C GLN A 100 7.84 -4.83 4.65
N ASP A 101 8.71 -4.39 5.55
CA ASP A 101 9.26 -5.26 6.57
C ASP A 101 8.17 -5.83 7.47
N VAL A 102 7.31 -4.96 8.00
CA VAL A 102 6.23 -5.40 8.89
C VAL A 102 5.25 -6.30 8.15
N PHE A 103 4.72 -5.80 7.04
CA PHE A 103 3.75 -6.57 6.26
C PHE A 103 4.31 -7.92 5.82
N GLU A 104 5.57 -7.97 5.40
CA GLU A 104 6.15 -9.21 4.90
C GLU A 104 6.38 -10.20 6.04
N PHE A 105 6.58 -9.66 7.25
CA PHE A 105 6.72 -10.52 8.42
C PHE A 105 5.35 -11.06 8.81
N ARG A 106 4.34 -10.21 8.71
CA ARG A 106 2.99 -10.57 9.08
C ARG A 106 2.46 -11.67 8.16
N TYR A 107 2.79 -11.57 6.88
CA TYR A 107 2.37 -12.58 5.91
C TYR A 107 3.23 -13.84 6.02
N ALA A 108 4.51 -13.67 6.33
CA ALA A 108 5.40 -14.81 6.52
C ALA A 108 5.01 -15.61 7.76
N LYS A 109 4.53 -14.89 8.77
CA LYS A 109 4.05 -15.51 9.99
C LYS A 109 2.65 -16.07 9.79
N MET A 110 1.96 -15.56 8.77
CA MET A 110 0.66 -16.09 8.38
C MET A 110 0.84 -17.44 7.69
N PRO A 111 0.20 -18.49 8.22
CA PRO A 111 0.27 -19.83 7.65
C PRO A 111 -0.77 -20.05 6.54
N ASP A 112 -0.42 -20.89 5.58
CA ASP A 112 -1.32 -21.22 4.48
C ASP A 112 -1.41 -22.73 4.33
N HIS B 1 11.45 19.08 -12.70
CA HIS B 1 10.94 17.70 -12.90
C HIS B 1 10.64 17.48 -14.37
N ASN B 2 11.69 17.42 -15.19
CA ASN B 2 11.53 17.34 -16.64
C ASN B 2 11.00 15.98 -17.06
N LEU B 3 11.78 14.93 -16.79
CA LEU B 3 11.39 13.58 -17.16
C LEU B 3 10.16 13.14 -16.39
N LEU B 4 10.27 13.08 -15.07
CA LEU B 4 9.17 12.66 -14.23
C LEU B 4 9.09 13.52 -12.99
N ARG B 5 8.02 13.31 -12.23
CA ARG B 5 7.83 14.00 -10.96
C ARG B 5 8.08 13.01 -9.83
N ILE B 6 8.41 13.52 -8.66
CA ILE B 6 8.80 12.65 -7.55
C ILE B 6 7.82 12.74 -6.39
OH ALY B 7 3.28 7.24 -5.34
CH ALY B 7 3.14 7.39 -4.13
CH3 ALY B 7 2.73 6.18 -3.28
NZ ALY B 7 3.33 8.56 -3.54
CE ALY B 7 3.70 9.77 -4.24
CD ALY B 7 3.76 10.97 -3.31
CG ALY B 7 4.03 12.27 -4.06
CB ALY B 7 5.29 12.19 -4.90
CA ALY B 7 5.60 13.49 -5.66
N ALY B 7 6.64 13.29 -6.66
C ALY B 7 5.96 14.60 -4.68
O ALY B 7 7.09 14.68 -4.19
HH31 ALY B 7 1.82 6.40 -2.75
HH32 ALY B 7 2.57 5.32 -3.92
HH33 ALY B 7 3.51 5.96 -2.56
HZ ALY B 7 3.20 8.61 -2.56
HE3 ALY B 7 2.99 9.96 -5.02
HE2 ALY B 7 4.69 9.63 -4.67
HD3 ALY B 7 4.55 10.82 -2.59
HD2 ALY B 7 2.81 11.06 -2.81
HG3 ALY B 7 4.13 13.07 -3.34
HG2 ALY B 7 3.19 12.47 -4.71
HB3 ALY B 7 5.20 11.38 -5.60
HB2 ALY B 7 6.12 12.00 -4.23
HA ALY B 7 4.70 13.78 -6.18
H ALY B 7 6.47 13.59 -7.58
N GLN B 8 4.99 15.47 -4.40
CA GLN B 8 5.22 16.58 -3.50
C GLN B 8 5.06 16.14 -2.03
N PHE B 9 5.88 15.19 -1.64
CA PHE B 9 5.88 14.68 -0.27
C PHE B 9 7.19 15.03 0.41
N LEU B 10 7.09 15.76 1.53
CA LEU B 10 8.26 16.19 2.27
C LEU B 10 9.24 16.91 1.34
N GLN B 11 8.73 17.90 0.63
CA GLN B 11 9.51 18.62 -0.36
C GLN B 11 10.36 19.70 0.31
N SER B 12 11.36 19.25 1.05
CA SER B 12 12.30 20.15 1.70
C SER B 12 13.59 19.38 1.98
N GLY A 1 -16.33 -19.02 11.01
CA GLY A 1 -16.90 -17.66 11.10
C GLY A 1 -17.10 -17.03 9.75
N LYS A 2 -16.68 -15.79 9.60
CA LYS A 2 -16.77 -15.09 8.32
C LYS A 2 -15.38 -14.65 7.89
N LEU A 3 -15.26 -14.21 6.64
CA LEU A 3 -14.00 -13.74 6.08
C LEU A 3 -12.92 -14.82 6.07
N SER A 4 -13.36 -16.04 6.12
CA SER A 4 -12.47 -17.21 6.08
C SER A 4 -11.30 -17.10 7.08
N GLU A 5 -10.35 -18.02 6.98
CA GLU A 5 -9.20 -18.00 7.84
C GLU A 5 -8.11 -17.10 7.26
N GLN A 6 -7.81 -17.30 5.98
CA GLN A 6 -6.80 -16.51 5.29
C GLN A 6 -7.20 -15.03 5.27
N LEU A 7 -8.46 -14.79 4.95
CA LEU A 7 -8.95 -13.42 4.81
C LEU A 7 -9.15 -12.74 6.16
N LYS A 8 -9.51 -13.49 7.19
CA LYS A 8 -9.57 -12.92 8.53
C LYS A 8 -8.19 -12.48 8.97
N HIS A 9 -7.18 -13.23 8.56
CA HIS A 9 -5.81 -12.88 8.89
C HIS A 9 -5.39 -11.66 8.08
N CYS A 10 -5.87 -11.56 6.83
CA CYS A 10 -5.54 -10.40 6.01
C CYS A 10 -6.24 -9.16 6.52
N ASN A 11 -7.42 -9.37 7.14
CA ASN A 11 -8.16 -8.28 7.76
C ASN A 11 -7.35 -7.69 8.91
N GLY A 12 -6.72 -8.56 9.69
CA GLY A 12 -5.95 -8.13 10.84
C GLY A 12 -4.66 -7.45 10.43
N ILE A 13 -3.99 -8.00 9.42
CA ILE A 13 -2.75 -7.42 8.91
C ILE A 13 -3.00 -6.01 8.39
N LEU A 14 -4.02 -5.86 7.54
CA LEU A 14 -4.40 -4.57 7.00
C LEU A 14 -4.68 -3.57 8.11
N LYS A 15 -5.49 -4.00 9.08
CA LYS A 15 -5.83 -3.20 10.23
C LYS A 15 -4.57 -2.68 10.93
N GLU A 16 -3.57 -3.53 11.01
CA GLU A 16 -2.35 -3.19 11.74
C GLU A 16 -1.56 -2.13 11.00
N LEU A 17 -1.42 -2.32 9.69
CA LEU A 17 -0.73 -1.35 8.84
C LEU A 17 -1.51 -0.03 8.82
N LEU A 18 -2.81 -0.12 9.15
CA LEU A 18 -3.68 1.05 9.21
C LEU A 18 -3.73 1.65 10.62
N SER A 19 -3.18 0.93 11.58
CA SER A 19 -3.17 1.39 12.96
C SER A 19 -2.13 2.49 13.17
N LYS A 20 -2.45 3.40 14.10
CA LYS A 20 -1.64 4.59 14.37
C LYS A 20 -0.21 4.23 14.77
N LYS A 21 -0.04 3.01 15.24
CA LYS A 21 1.28 2.46 15.54
C LYS A 21 2.21 2.57 14.34
N HIS A 22 1.67 2.33 13.15
CA HIS A 22 2.48 2.36 11.94
C HIS A 22 2.19 3.62 11.13
N ALA A 23 1.09 4.28 11.47
CA ALA A 23 0.61 5.47 10.72
C ALA A 23 1.71 6.50 10.50
N ALA A 24 2.62 6.61 11.46
CA ALA A 24 3.74 7.54 11.38
C ALA A 24 4.57 7.33 10.11
N TYR A 25 4.48 6.14 9.54
CA TYR A 25 5.17 5.82 8.30
C TYR A 25 4.31 4.93 7.40
N ALA A 26 3.00 4.94 7.65
CA ALA A 26 2.06 4.14 6.86
C ALA A 26 1.06 5.03 6.11
N TRP A 27 0.99 6.30 6.48
CA TRP A 27 0.02 7.21 5.88
C TRP A 27 0.12 7.29 4.33
N PRO A 28 1.34 7.20 3.70
CA PRO A 28 1.45 7.21 2.23
C PRO A 28 0.60 6.14 1.55
N PHE A 29 0.16 5.14 2.32
CA PHE A 29 -0.54 4.00 1.75
C PHE A 29 -1.99 3.92 2.21
N TYR A 30 -2.35 4.75 3.20
CA TYR A 30 -3.72 4.80 3.68
C TYR A 30 -4.69 5.12 2.55
N LYS A 31 -4.44 6.20 1.84
CA LYS A 31 -5.30 6.65 0.76
C LYS A 31 -4.44 7.01 -0.46
N PRO A 32 -5.03 7.05 -1.67
CA PRO A 32 -4.31 7.39 -2.90
C PRO A 32 -3.62 8.75 -2.80
N VAL A 33 -2.47 8.87 -3.44
CA VAL A 33 -1.72 10.11 -3.43
C VAL A 33 -2.48 11.20 -4.18
N ASP A 34 -2.36 12.43 -3.71
CA ASP A 34 -3.09 13.54 -4.32
C ASP A 34 -2.27 14.14 -5.45
N ALA A 35 -2.12 13.40 -6.53
CA ALA A 35 -1.25 13.79 -7.64
C ALA A 35 -1.62 15.17 -8.18
N SER A 36 -2.89 15.54 -8.10
CA SER A 36 -3.34 16.84 -8.57
C SER A 36 -2.79 17.96 -7.67
N ALA A 37 -2.77 17.71 -6.37
CA ALA A 37 -2.24 18.67 -5.42
C ALA A 37 -0.72 18.54 -5.28
N LEU A 38 -0.22 17.37 -5.66
CA LEU A 38 1.20 17.08 -5.59
C LEU A 38 1.93 17.55 -6.84
N GLY A 39 1.17 17.94 -7.86
CA GLY A 39 1.76 18.42 -9.09
C GLY A 39 2.18 17.28 -10.00
N LEU A 40 1.88 16.07 -9.59
CA LEU A 40 2.24 14.88 -10.32
C LEU A 40 1.25 14.62 -11.45
N HIS A 41 1.48 15.27 -12.59
CA HIS A 41 0.56 15.20 -13.72
C HIS A 41 0.63 13.86 -14.44
N ASP A 42 1.59 13.02 -14.07
CA ASP A 42 1.80 11.77 -14.77
C ASP A 42 1.64 10.56 -13.87
N TYR A 43 0.96 10.71 -12.73
CA TYR A 43 0.82 9.63 -11.77
C TYR A 43 0.08 8.43 -12.37
N HIS A 44 -0.89 8.70 -13.24
CA HIS A 44 -1.73 7.64 -13.78
C HIS A 44 -1.11 6.94 -14.99
N ASP A 45 0.05 7.41 -15.45
CA ASP A 45 0.77 6.70 -16.51
C ASP A 45 1.72 5.68 -15.89
N ILE A 46 2.44 6.15 -14.89
CA ILE A 46 3.48 5.37 -14.28
C ILE A 46 2.90 4.29 -13.37
N ILE A 47 1.90 4.64 -12.60
CA ILE A 47 1.28 3.69 -11.71
C ILE A 47 0.17 2.93 -12.45
N LYS A 48 0.50 1.75 -12.92
CA LYS A 48 -0.43 0.94 -13.70
C LYS A 48 -1.36 0.13 -12.81
N HIS A 49 -0.94 -0.11 -11.58
CA HIS A 49 -1.75 -0.86 -10.63
C HIS A 49 -1.97 -0.08 -9.33
N PRO A 50 -2.57 1.14 -9.40
CA PRO A 50 -2.75 1.99 -8.23
C PRO A 50 -3.68 1.36 -7.20
N MET A 51 -3.12 0.99 -6.05
CA MET A 51 -3.88 0.39 -4.98
C MET A 51 -3.51 1.02 -3.65
N ASP A 52 -4.45 1.05 -2.73
CA ASP A 52 -4.24 1.66 -1.41
C ASP A 52 -4.81 0.74 -0.35
N LEU A 53 -4.25 0.77 0.85
CA LEU A 53 -4.72 -0.12 1.92
C LEU A 53 -6.21 0.07 2.19
N SER A 54 -6.68 1.31 2.08
CA SER A 54 -8.11 1.60 2.21
C SER A 54 -8.93 0.83 1.17
N THR A 55 -8.44 0.84 -0.07
CA THR A 55 -9.11 0.18 -1.17
C THR A 55 -9.02 -1.34 -1.04
N VAL A 56 -7.88 -1.82 -0.53
CA VAL A 56 -7.71 -3.24 -0.27
C VAL A 56 -8.75 -3.71 0.71
N LYS A 57 -8.90 -2.93 1.78
CA LYS A 57 -9.85 -3.23 2.82
C LYS A 57 -11.26 -3.13 2.26
N ARG A 58 -11.48 -2.12 1.43
CA ARG A 58 -12.76 -1.93 0.77
C ARG A 58 -13.16 -3.17 -0.03
N LYS A 59 -12.26 -3.61 -0.90
CA LYS A 59 -12.52 -4.76 -1.75
C LYS A 59 -12.55 -6.05 -0.92
N MET A 60 -11.79 -6.07 0.17
CA MET A 60 -11.85 -7.18 1.12
C MET A 60 -13.23 -7.22 1.78
N GLU A 61 -13.77 -6.05 2.12
CA GLU A 61 -15.08 -5.98 2.76
C GLU A 61 -16.19 -6.45 1.82
N ASN A 62 -15.96 -6.26 0.52
CA ASN A 62 -16.90 -6.74 -0.49
C ASN A 62 -16.64 -8.21 -0.76
N ARG A 63 -15.62 -8.73 -0.09
CA ARG A 63 -15.25 -10.13 -0.15
C ARG A 63 -14.93 -10.59 -1.56
N ASP A 64 -14.34 -9.68 -2.34
CA ASP A 64 -13.86 -10.02 -3.68
C ASP A 64 -12.62 -10.90 -3.57
N TYR A 65 -12.04 -10.91 -2.39
CA TYR A 65 -10.84 -11.70 -2.12
C TYR A 65 -11.27 -13.09 -1.68
N ARG A 66 -10.50 -14.09 -2.09
CA ARG A 66 -10.77 -15.46 -1.69
C ARG A 66 -9.69 -15.95 -0.74
N ASP A 67 -8.49 -15.39 -0.86
CA ASP A 67 -7.37 -15.83 -0.05
C ASP A 67 -6.52 -14.62 0.34
N ALA A 68 -5.69 -14.82 1.35
CA ALA A 68 -4.82 -13.76 1.84
C ALA A 68 -3.72 -13.47 0.83
N GLN A 69 -3.54 -14.39 -0.10
CA GLN A 69 -2.59 -14.20 -1.17
C GLN A 69 -3.09 -13.14 -2.13
N GLU A 70 -4.40 -13.14 -2.35
CA GLU A 70 -5.03 -12.11 -3.16
C GLU A 70 -4.93 -10.77 -2.46
N PHE A 71 -4.97 -10.79 -1.14
CA PHE A 71 -4.69 -9.61 -0.35
C PHE A 71 -3.24 -9.20 -0.52
N ALA A 72 -2.33 -10.14 -0.29
CA ALA A 72 -0.90 -9.90 -0.44
C ALA A 72 -0.60 -9.37 -1.82
N ALA A 73 -1.30 -9.92 -2.81
CA ALA A 73 -1.19 -9.47 -4.19
C ALA A 73 -1.45 -7.98 -4.30
N ASP A 74 -2.54 -7.54 -3.70
CA ASP A 74 -2.98 -6.15 -3.81
C ASP A 74 -2.12 -5.21 -2.97
N VAL A 75 -1.87 -5.57 -1.71
CA VAL A 75 -1.13 -4.70 -0.80
C VAL A 75 0.33 -4.52 -1.24
N ARG A 76 0.96 -5.61 -1.66
CA ARG A 76 2.37 -5.53 -2.02
C ARG A 76 2.53 -4.88 -3.40
N LEU A 77 1.47 -4.94 -4.21
CA LEU A 77 1.44 -4.21 -5.47
C LEU A 77 1.56 -2.72 -5.19
N MET A 78 0.85 -2.26 -4.17
CA MET A 78 0.89 -0.87 -3.75
C MET A 78 2.31 -0.46 -3.36
N PHE A 79 2.97 -1.27 -2.54
CA PHE A 79 4.37 -1.01 -2.18
C PHE A 79 5.25 -1.01 -3.42
N SER A 80 4.95 -1.91 -4.35
CA SER A 80 5.69 -1.99 -5.61
C SER A 80 5.55 -0.69 -6.40
N ASN A 81 4.34 -0.14 -6.43
CA ASN A 81 4.07 1.12 -7.14
C ASN A 81 4.90 2.24 -6.55
N CYS A 82 5.12 2.19 -5.24
CA CYS A 82 5.91 3.19 -4.56
C CYS A 82 7.34 3.20 -5.06
N TYR A 83 7.94 2.01 -5.23
CA TYR A 83 9.29 1.91 -5.77
C TYR A 83 9.25 2.18 -7.28
N LYS A 84 8.10 1.94 -7.87
CA LYS A 84 7.91 2.08 -9.31
C LYS A 84 7.89 3.55 -9.72
N TYR A 85 7.35 4.38 -8.84
CA TYR A 85 7.25 5.80 -9.10
C TYR A 85 8.45 6.55 -8.54
N ASN A 86 8.62 6.44 -7.23
CA ASN A 86 9.61 7.22 -6.51
C ASN A 86 10.98 6.56 -6.61
N PRO A 87 12.02 7.36 -6.85
CA PRO A 87 13.39 6.87 -6.89
C PRO A 87 13.85 6.37 -5.53
N PRO A 88 14.81 5.44 -5.50
CA PRO A 88 15.26 4.73 -4.29
C PRO A 88 15.63 5.65 -3.13
N ASP A 89 15.90 6.90 -3.44
CA ASP A 89 16.21 7.88 -2.40
C ASP A 89 15.05 8.86 -2.24
N HIS A 90 14.00 8.43 -1.54
CA HIS A 90 12.88 9.30 -1.23
C HIS A 90 12.14 8.79 0.01
N ASP A 91 11.35 9.65 0.62
CA ASP A 91 10.60 9.28 1.82
C ASP A 91 9.67 8.11 1.58
N VAL A 92 8.90 8.16 0.50
CA VAL A 92 7.85 7.18 0.25
C VAL A 92 8.42 5.78 0.03
N VAL A 93 9.64 5.70 -0.49
CA VAL A 93 10.25 4.39 -0.72
C VAL A 93 10.80 3.82 0.58
N ALA A 94 11.31 4.70 1.43
CA ALA A 94 11.80 4.29 2.74
C ALA A 94 10.65 3.84 3.62
N MET A 95 9.54 4.56 3.53
CA MET A 95 8.33 4.21 4.27
C MET A 95 7.72 2.92 3.72
N ALA A 96 7.78 2.76 2.40
CA ALA A 96 7.27 1.54 1.77
C ALA A 96 8.15 0.35 2.11
N ARG A 97 9.42 0.64 2.36
CA ARG A 97 10.40 -0.39 2.67
C ARG A 97 10.23 -0.90 4.11
N LYS A 98 10.03 0.04 5.03
CA LYS A 98 9.85 -0.30 6.43
C LYS A 98 8.50 -0.98 6.65
N LEU A 99 7.45 -0.44 6.04
CA LEU A 99 6.14 -1.08 6.05
C LEU A 99 6.17 -2.42 5.30
N GLN A 100 7.06 -2.54 4.33
CA GLN A 100 7.28 -3.82 3.66
C GLN A 100 7.70 -4.86 4.69
N ASP A 101 8.67 -4.48 5.52
CA ASP A 101 9.20 -5.36 6.56
C ASP A 101 8.10 -5.90 7.47
N VAL A 102 7.23 -5.02 7.97
CA VAL A 102 6.16 -5.45 8.85
C VAL A 102 5.16 -6.35 8.12
N PHE A 103 4.60 -5.85 7.03
CA PHE A 103 3.63 -6.62 6.25
C PHE A 103 4.20 -7.98 5.83
N GLU A 104 5.48 -8.01 5.48
CA GLU A 104 6.11 -9.21 5.00
C GLU A 104 6.23 -10.22 6.13
N PHE A 105 6.60 -9.73 7.31
CA PHE A 105 6.74 -10.58 8.49
C PHE A 105 5.37 -11.08 8.95
N ARG A 106 4.36 -10.22 8.81
CA ARG A 106 3.01 -10.58 9.21
C ARG A 106 2.47 -11.70 8.35
N TYR A 107 2.69 -11.58 7.04
CA TYR A 107 2.26 -12.63 6.12
C TYR A 107 3.12 -13.88 6.30
N ALA A 108 4.38 -13.68 6.66
CA ALA A 108 5.29 -14.79 6.91
C ALA A 108 4.85 -15.59 8.12
N LYS A 109 4.28 -14.90 9.10
CA LYS A 109 3.75 -15.55 10.29
C LYS A 109 2.40 -16.19 9.97
N MET A 110 1.73 -15.62 8.98
CA MET A 110 0.43 -16.12 8.53
C MET A 110 0.60 -17.44 7.79
N PRO A 111 -0.04 -18.51 8.27
CA PRO A 111 -0.05 -19.79 7.58
C PRO A 111 -1.21 -19.91 6.60
N ASP A 112 -1.01 -20.68 5.55
CA ASP A 112 -2.04 -20.91 4.55
C ASP A 112 -2.78 -22.19 4.85
N HIS B 1 12.45 15.38 -21.22
CA HIS B 1 13.77 14.75 -21.02
C HIS B 1 13.75 13.86 -19.78
N ASN B 2 13.71 14.47 -18.60
CA ASN B 2 13.65 13.71 -17.36
C ASN B 2 12.88 14.48 -16.29
N LEU B 3 11.56 14.45 -16.40
CA LEU B 3 10.69 15.08 -15.41
C LEU B 3 9.55 14.14 -15.07
N LEU B 4 9.86 13.10 -14.31
CA LEU B 4 8.87 12.11 -13.91
C LEU B 4 8.32 12.47 -12.54
N ARG B 5 8.98 13.43 -11.89
CA ARG B 5 8.63 13.89 -10.55
C ARG B 5 9.01 12.85 -9.50
N ILE B 6 9.18 13.30 -8.27
CA ILE B 6 9.56 12.41 -7.18
C ILE B 6 8.54 12.44 -6.05
OH ALY B 7 4.04 6.97 -5.62
CH ALY B 7 3.52 7.10 -4.52
CH3 ALY B 7 2.86 5.88 -3.86
NZ ALY B 7 3.50 8.27 -3.88
CE ALY B 7 4.09 9.49 -4.41
CD ALY B 7 4.25 10.55 -3.33
CG ALY B 7 4.65 11.89 -3.89
CB ALY B 7 5.94 11.84 -4.70
CA ALY B 7 6.28 13.16 -5.38
N ALY B 7 7.37 13.01 -6.35
C ALY B 7 6.61 14.22 -4.34
O ALY B 7 7.66 14.17 -3.68
HH31 ALY B 7 2.20 6.22 -3.06
HH32 ALY B 7 2.29 5.34 -4.60
HH33 ALY B 7 3.62 5.24 -3.44
HZ ALY B 7 3.07 8.31 -3.01
HE3 ALY B 7 3.46 9.88 -5.19
HE2 ALY B 7 5.06 9.26 -4.82
HD3 ALY B 7 5.01 10.22 -2.63
HD2 ALY B 7 3.31 10.66 -2.81
HG3 ALY B 7 4.79 12.59 -3.07
HG2 ALY B 7 3.86 12.26 -4.53
HB3 ALY B 7 5.85 11.06 -5.44
HB2 ALY B 7 6.75 11.58 -4.03
HA ALY B 7 5.41 13.49 -5.92
H ALY B 7 7.23 13.34 -7.26
N GLN B 8 5.71 15.18 -4.17
CA GLN B 8 5.94 16.29 -3.25
C GLN B 8 5.61 15.91 -1.80
N PHE B 9 6.22 14.82 -1.35
CA PHE B 9 6.14 14.44 0.06
C PHE B 9 7.34 15.00 0.78
N LEU B 10 7.51 16.32 0.68
CA LEU B 10 8.71 16.99 1.16
C LEU B 10 8.62 17.29 2.65
N GLN B 11 8.58 16.24 3.46
CA GLN B 11 8.56 16.41 4.90
C GLN B 11 9.93 16.07 5.49
N SER B 12 10.75 17.07 5.65
CA SER B 12 12.07 16.90 6.21
C SER B 12 12.03 17.20 7.71
N GLY A 1 -18.76 -15.22 -0.67
CA GLY A 1 -18.34 -14.16 0.27
C GLY A 1 -17.72 -14.73 1.54
N LYS A 2 -17.96 -14.04 2.66
CA LYS A 2 -17.41 -14.43 3.97
C LYS A 2 -15.89 -14.29 4.02
N LEU A 3 -15.35 -14.36 5.23
CA LEU A 3 -13.92 -14.29 5.43
C LEU A 3 -13.39 -15.61 5.96
N SER A 4 -12.65 -16.32 5.13
CA SER A 4 -11.99 -17.55 5.56
C SER A 4 -10.84 -17.19 6.49
N GLU A 5 -10.22 -18.18 7.12
CA GLU A 5 -9.14 -17.94 8.08
C GLU A 5 -8.04 -17.07 7.46
N GLN A 6 -7.68 -17.40 6.23
CA GLN A 6 -6.64 -16.67 5.49
C GLN A 6 -7.06 -15.22 5.30
N LEU A 7 -8.32 -15.00 4.94
CA LEU A 7 -8.84 -13.66 4.68
C LEU A 7 -9.03 -12.89 5.98
N LYS A 8 -9.35 -13.60 7.04
CA LYS A 8 -9.47 -12.99 8.36
C LYS A 8 -8.10 -12.54 8.85
N HIS A 9 -7.08 -13.32 8.53
CA HIS A 9 -5.72 -12.95 8.86
C HIS A 9 -5.34 -11.68 8.10
N CYS A 10 -5.87 -11.54 6.88
CA CYS A 10 -5.63 -10.35 6.07
C CYS A 10 -6.23 -9.12 6.74
N ASN A 11 -7.44 -9.28 7.25
CA ASN A 11 -8.13 -8.21 7.95
C ASN A 11 -7.27 -7.70 9.10
N GLY A 12 -6.64 -8.63 9.81
CA GLY A 12 -5.81 -8.28 10.94
C GLY A 12 -4.52 -7.59 10.55
N ILE A 13 -3.95 -7.99 9.41
CA ILE A 13 -2.71 -7.40 8.93
C ILE A 13 -2.96 -5.99 8.38
N LEU A 14 -3.95 -5.88 7.52
CA LEU A 14 -4.33 -4.59 6.94
C LEU A 14 -4.64 -3.59 8.03
N LYS A 15 -5.46 -4.03 8.98
CA LYS A 15 -5.81 -3.28 10.16
C LYS A 15 -4.59 -2.63 10.77
N GLU A 16 -3.67 -3.49 11.08
CA GLU A 16 -2.43 -3.12 11.74
C GLU A 16 -1.65 -2.07 10.96
N LEU A 17 -1.48 -2.30 9.66
CA LEU A 17 -0.78 -1.34 8.80
C LEU A 17 -1.55 -0.01 8.75
N LEU A 18 -2.85 -0.08 9.07
CA LEU A 18 -3.71 1.11 9.11
C LEU A 18 -3.75 1.73 10.51
N SER A 19 -3.23 1.02 11.49
CA SER A 19 -3.27 1.48 12.87
C SER A 19 -2.16 2.49 13.16
N LYS A 20 -2.42 3.33 14.18
CA LYS A 20 -1.56 4.47 14.53
C LYS A 20 -0.14 4.06 14.85
N LYS A 21 0.07 2.79 15.18
CA LYS A 21 1.40 2.25 15.42
C LYS A 21 2.28 2.46 14.20
N HIS A 22 1.70 2.28 13.02
CA HIS A 22 2.47 2.37 11.79
C HIS A 22 2.12 3.63 11.04
N ALA A 23 1.02 4.27 11.43
CA ALA A 23 0.49 5.46 10.74
C ALA A 23 1.56 6.51 10.48
N ALA A 24 2.49 6.66 11.41
CA ALA A 24 3.58 7.62 11.29
C ALA A 24 4.39 7.43 10.01
N TYR A 25 4.35 6.21 9.47
CA TYR A 25 5.06 5.90 8.23
C TYR A 25 4.21 5.03 7.32
N ALA A 26 2.90 5.01 7.59
CA ALA A 26 1.96 4.24 6.79
C ALA A 26 0.97 5.17 6.07
N TRP A 27 0.96 6.44 6.44
CA TRP A 27 0.03 7.41 5.86
C TRP A 27 0.12 7.50 4.32
N PRO A 28 1.32 7.37 3.67
CA PRO A 28 1.42 7.37 2.20
C PRO A 28 0.55 6.31 1.53
N PHE A 29 0.17 5.28 2.30
CA PHE A 29 -0.51 4.13 1.71
C PHE A 29 -1.95 4.01 2.17
N TYR A 30 -2.36 4.83 3.14
CA TYR A 30 -3.76 4.85 3.56
C TYR A 30 -4.65 5.22 2.38
N LYS A 31 -4.34 6.34 1.75
CA LYS A 31 -5.08 6.81 0.60
C LYS A 31 -4.11 7.21 -0.51
N PRO A 32 -4.56 7.16 -1.78
CA PRO A 32 -3.72 7.50 -2.93
C PRO A 32 -3.17 8.91 -2.86
N VAL A 33 -2.06 9.14 -3.56
CA VAL A 33 -1.41 10.43 -3.55
C VAL A 33 -2.28 11.48 -4.25
N ASP A 34 -2.17 12.72 -3.82
CA ASP A 34 -2.94 13.80 -4.46
C ASP A 34 -2.13 14.37 -5.59
N ALA A 35 -2.00 13.59 -6.65
CA ALA A 35 -1.08 13.90 -7.73
C ALA A 35 -1.27 15.31 -8.29
N SER A 36 -2.51 15.77 -8.39
CA SER A 36 -2.79 17.10 -8.90
C SER A 36 -2.24 18.18 -7.95
N ALA A 37 -2.47 18.00 -6.66
CA ALA A 37 -1.97 18.94 -5.65
C ALA A 37 -0.46 18.79 -5.48
N LEU A 38 0.04 17.59 -5.79
CA LEU A 38 1.46 17.29 -5.71
C LEU A 38 2.21 17.79 -6.93
N GLY A 39 1.46 18.28 -7.91
CA GLY A 39 2.06 18.82 -9.12
C GLY A 39 2.44 17.73 -10.11
N LEU A 40 2.03 16.51 -9.81
CA LEU A 40 2.36 15.35 -10.63
C LEU A 40 1.37 15.23 -11.79
N HIS A 41 1.85 15.55 -12.99
CA HIS A 41 1.01 15.55 -14.18
C HIS A 41 0.95 14.16 -14.81
N ASP A 42 1.87 13.30 -14.40
CA ASP A 42 2.06 12.02 -15.05
C ASP A 42 1.96 10.86 -14.07
N TYR A 43 1.08 10.97 -13.09
CA TYR A 43 0.99 9.97 -12.05
C TYR A 43 0.31 8.69 -12.56
N HIS A 44 -0.79 8.86 -13.27
CA HIS A 44 -1.57 7.70 -13.72
C HIS A 44 -0.88 7.01 -14.89
N ASP A 45 0.01 7.73 -15.57
CA ASP A 45 0.76 7.15 -16.69
C ASP A 45 1.85 6.22 -16.20
N ILE A 46 2.47 6.58 -15.07
CA ILE A 46 3.52 5.76 -14.48
C ILE A 46 2.91 4.66 -13.61
N ILE A 47 1.88 5.02 -12.86
CA ILE A 47 1.21 4.06 -11.99
C ILE A 47 -0.01 3.46 -12.67
N LYS A 48 0.13 2.24 -13.17
CA LYS A 48 -0.98 1.54 -13.80
C LYS A 48 -1.86 0.88 -12.76
N HIS A 49 -1.27 0.50 -11.64
CA HIS A 49 -1.98 -0.14 -10.55
C HIS A 49 -1.89 0.69 -9.26
N PRO A 50 -2.58 1.86 -9.21
CA PRO A 50 -2.64 2.70 -8.00
C PRO A 50 -3.55 2.11 -6.92
N MET A 51 -2.97 1.45 -5.95
CA MET A 51 -3.75 0.83 -4.88
C MET A 51 -3.32 1.37 -3.52
N ASP A 52 -4.27 1.37 -2.60
CA ASP A 52 -4.06 1.85 -1.24
C ASP A 52 -4.74 0.91 -0.25
N LEU A 53 -4.25 0.89 0.98
CA LEU A 53 -4.72 -0.05 2.00
C LEU A 53 -6.19 0.15 2.33
N SER A 54 -6.68 1.37 2.17
CA SER A 54 -8.08 1.66 2.43
C SER A 54 -8.97 0.96 1.38
N THR A 55 -8.54 1.00 0.12
CA THR A 55 -9.28 0.35 -0.95
C THR A 55 -9.12 -1.16 -0.90
N VAL A 56 -7.96 -1.62 -0.46
CA VAL A 56 -7.73 -3.05 -0.28
C VAL A 56 -8.75 -3.60 0.71
N LYS A 57 -8.92 -2.86 1.81
CA LYS A 57 -9.88 -3.23 2.82
C LYS A 57 -11.29 -3.12 2.28
N ARG A 58 -11.53 -2.06 1.52
CA ARG A 58 -12.82 -1.84 0.87
C ARG A 58 -13.22 -3.04 0.02
N LYS A 59 -12.31 -3.46 -0.84
CA LYS A 59 -12.56 -4.61 -1.72
C LYS A 59 -12.57 -5.91 -0.92
N MET A 60 -11.87 -5.93 0.20
CA MET A 60 -11.92 -7.07 1.12
C MET A 60 -13.29 -7.14 1.78
N GLU A 61 -13.86 -5.98 2.08
CA GLU A 61 -15.18 -5.90 2.69
C GLU A 61 -16.24 -6.41 1.74
N ASN A 62 -16.03 -6.20 0.45
CA ASN A 62 -16.93 -6.75 -0.56
C ASN A 62 -16.62 -8.21 -0.79
N ARG A 63 -15.60 -8.66 -0.06
CA ARG A 63 -15.16 -10.05 -0.05
C ARG A 63 -14.79 -10.53 -1.45
N ASP A 64 -14.25 -9.61 -2.25
CA ASP A 64 -13.79 -9.93 -3.61
C ASP A 64 -12.63 -10.93 -3.53
N TYR A 65 -11.95 -10.91 -2.41
CA TYR A 65 -10.75 -11.71 -2.21
C TYR A 65 -11.15 -13.13 -1.85
N ARG A 66 -10.47 -14.09 -2.46
CA ARG A 66 -10.72 -15.49 -2.18
C ARG A 66 -9.68 -16.05 -1.24
N ASP A 67 -8.48 -15.48 -1.29
CA ASP A 67 -7.35 -16.02 -0.55
C ASP A 67 -6.48 -14.87 -0.08
N ALA A 68 -5.67 -15.13 0.95
CA ALA A 68 -4.80 -14.12 1.51
C ALA A 68 -3.70 -13.75 0.53
N GLN A 69 -3.52 -14.61 -0.46
CA GLN A 69 -2.54 -14.34 -1.50
C GLN A 69 -3.05 -13.23 -2.39
N GLU A 70 -4.36 -13.21 -2.59
CA GLU A 70 -5.00 -12.16 -3.38
C GLU A 70 -4.92 -10.84 -2.63
N PHE A 71 -5.00 -10.93 -1.31
CA PHE A 71 -4.77 -9.77 -0.46
C PHE A 71 -3.33 -9.31 -0.61
N ALA A 72 -2.39 -10.24 -0.38
CA ALA A 72 -0.97 -9.95 -0.50
C ALA A 72 -0.67 -9.36 -1.86
N ALA A 73 -1.29 -9.91 -2.88
CA ALA A 73 -1.14 -9.43 -4.24
C ALA A 73 -1.49 -7.94 -4.35
N ASP A 74 -2.59 -7.56 -3.72
CA ASP A 74 -3.08 -6.18 -3.81
C ASP A 74 -2.23 -5.24 -2.95
N VAL A 75 -1.98 -5.64 -1.71
CA VAL A 75 -1.19 -4.81 -0.79
C VAL A 75 0.24 -4.63 -1.29
N ARG A 76 0.84 -5.69 -1.80
CA ARG A 76 2.20 -5.62 -2.29
C ARG A 76 2.26 -4.78 -3.57
N LEU A 77 1.16 -4.79 -4.33
CA LEU A 77 1.05 -3.98 -5.53
C LEU A 77 1.16 -2.49 -5.20
N MET A 78 0.60 -2.14 -4.06
CA MET A 78 0.70 -0.78 -3.55
C MET A 78 2.16 -0.42 -3.27
N PHE A 79 2.85 -1.26 -2.50
CA PHE A 79 4.27 -1.02 -2.23
C PHE A 79 5.07 -0.99 -3.55
N SER A 80 4.68 -1.85 -4.48
CA SER A 80 5.35 -1.96 -5.77
C SER A 80 5.28 -0.64 -6.56
N ASN A 81 4.09 -0.07 -6.67
CA ASN A 81 3.91 1.14 -7.49
C ASN A 81 4.66 2.32 -6.87
N CYS A 82 4.83 2.31 -5.55
CA CYS A 82 5.60 3.37 -4.90
C CYS A 82 7.06 3.34 -5.33
N TYR A 83 7.66 2.15 -5.35
CA TYR A 83 9.05 2.02 -5.80
C TYR A 83 9.15 2.35 -7.28
N LYS A 84 8.04 2.20 -7.98
CA LYS A 84 8.00 2.38 -9.41
C LYS A 84 8.04 3.87 -9.77
N TYR A 85 7.31 4.67 -9.02
CA TYR A 85 7.27 6.11 -9.27
C TYR A 85 8.46 6.80 -8.63
N ASN A 86 8.63 6.57 -7.33
CA ASN A 86 9.62 7.28 -6.55
C ASN A 86 10.97 6.58 -6.64
N PRO A 87 12.04 7.34 -6.91
CA PRO A 87 13.40 6.80 -6.93
C PRO A 87 13.86 6.40 -5.52
N PRO A 88 14.86 5.50 -5.46
CA PRO A 88 15.35 4.89 -4.22
C PRO A 88 15.66 5.88 -3.09
N ASP A 89 15.88 7.13 -3.45
CA ASP A 89 16.14 8.17 -2.46
C ASP A 89 14.94 9.11 -2.35
N HIS A 90 13.87 8.63 -1.73
CA HIS A 90 12.71 9.45 -1.49
C HIS A 90 11.93 8.91 -0.29
N ASP A 91 11.26 9.78 0.44
CA ASP A 91 10.58 9.38 1.68
C ASP A 91 9.65 8.18 1.48
N VAL A 92 8.87 8.19 0.40
CA VAL A 92 7.82 7.19 0.21
C VAL A 92 8.40 5.79 0.00
N VAL A 93 9.61 5.70 -0.54
CA VAL A 93 10.21 4.40 -0.76
C VAL A 93 10.77 3.85 0.55
N ALA A 94 11.29 4.75 1.38
CA ALA A 94 11.79 4.37 2.69
C ALA A 94 10.66 3.92 3.60
N MET A 95 9.54 4.64 3.51
CA MET A 95 8.34 4.27 4.26
C MET A 95 7.75 2.98 3.71
N ALA A 96 7.78 2.81 2.38
CA ALA A 96 7.26 1.61 1.74
C ALA A 96 8.11 0.40 2.13
N ARG A 97 9.41 0.63 2.27
CA ARG A 97 10.35 -0.45 2.58
C ARG A 97 10.16 -0.93 4.02
N LYS A 98 10.00 0.02 4.93
CA LYS A 98 9.85 -0.29 6.35
C LYS A 98 8.50 -0.97 6.61
N LEU A 99 7.45 -0.44 6.00
CA LEU A 99 6.13 -1.08 6.03
C LEU A 99 6.15 -2.43 5.31
N GLN A 100 7.02 -2.58 4.32
CA GLN A 100 7.20 -3.86 3.65
C GLN A 100 7.71 -4.89 4.66
N ASP A 101 8.59 -4.44 5.55
CA ASP A 101 9.16 -5.33 6.56
C ASP A 101 8.09 -5.87 7.51
N VAL A 102 7.23 -4.99 8.02
CA VAL A 102 6.16 -5.43 8.92
C VAL A 102 5.20 -6.36 8.20
N PHE A 103 4.65 -5.91 7.08
CA PHE A 103 3.73 -6.71 6.28
C PHE A 103 4.37 -8.05 5.88
N GLU A 104 5.67 -8.04 5.57
CA GLU A 104 6.40 -9.25 5.24
C GLU A 104 6.32 -10.27 6.37
N PHE A 105 6.67 -9.82 7.57
CA PHE A 105 6.74 -10.71 8.72
C PHE A 105 5.35 -11.15 9.14
N ARG A 106 4.37 -10.26 8.99
CA ARG A 106 3.00 -10.58 9.34
C ARG A 106 2.47 -11.69 8.46
N TYR A 107 2.70 -11.56 7.16
CA TYR A 107 2.28 -12.58 6.20
C TYR A 107 3.12 -13.85 6.37
N ALA A 108 4.35 -13.68 6.85
CA ALA A 108 5.24 -14.80 7.08
C ALA A 108 4.74 -15.70 8.22
N LYS A 109 4.29 -15.08 9.30
CA LYS A 109 3.74 -15.83 10.42
C LYS A 109 2.41 -16.47 10.03
N MET A 110 1.74 -15.81 9.11
CA MET A 110 0.45 -16.28 8.59
C MET A 110 0.61 -17.60 7.84
N PRO A 111 -0.04 -18.67 8.33
CA PRO A 111 -0.08 -19.95 7.65
C PRO A 111 -1.29 -20.08 6.71
N ASP A 112 -1.19 -20.96 5.73
CA ASP A 112 -2.29 -21.22 4.82
C ASP A 112 -3.03 -22.47 5.26
N HIS B 1 19.43 14.74 -12.21
CA HIS B 1 18.71 15.73 -11.37
C HIS B 1 17.26 15.29 -11.19
N ASN B 2 16.52 15.24 -12.29
CA ASN B 2 15.14 14.78 -12.28
C ASN B 2 14.74 14.33 -13.67
N LEU B 3 14.44 13.06 -13.82
CA LEU B 3 14.13 12.48 -15.12
C LEU B 3 12.70 12.81 -15.56
N LEU B 4 11.81 12.95 -14.59
CA LEU B 4 10.41 13.24 -14.89
C LEU B 4 9.73 13.91 -13.70
N ARG B 5 9.20 13.11 -12.78
CA ARG B 5 8.60 13.62 -11.55
C ARG B 5 8.79 12.60 -10.43
N ILE B 6 9.06 13.08 -9.23
CA ILE B 6 9.44 12.20 -8.13
C ILE B 6 8.57 12.41 -6.90
OH ALY B 7 3.71 7.27 -6.07
CH ALY B 7 3.55 7.33 -4.85
CH3 ALY B 7 3.01 6.10 -4.10
NZ ALY B 7 3.84 8.43 -4.17
CE ALY B 7 4.36 9.65 -4.77
CD ALY B 7 4.51 10.77 -3.76
CG ALY B 7 4.85 12.10 -4.42
CB ALY B 7 6.15 12.02 -5.21
CA ALY B 7 6.44 13.28 -6.03
N ALY B 7 7.39 13.01 -7.11
C ALY B 7 6.93 14.40 -5.13
O ALY B 7 8.13 14.63 -4.98
HH31 ALY B 7 2.22 6.42 -3.43
HH32 ALY B 7 2.62 5.40 -4.80
HH33 ALY B 7 3.80 5.65 -3.53
HZ ALY B 7 3.69 8.43 -3.20
HE3 ALY B 7 3.67 9.98 -5.55
HE2 ALY B 7 5.32 9.44 -5.21
HD3 ALY B 7 5.29 10.51 -3.06
HD2 ALY B 7 3.57 10.89 -3.22
HG3 ALY B 7 4.96 12.85 -3.65
HG2 ALY B 7 4.05 12.37 -5.09
HB3 ALY B 7 6.10 11.17 -5.86
HB2 ALY B 7 6.96 11.89 -4.51
HA ALY B 7 5.51 13.59 -6.49
H ALY B 7 7.16 13.28 -8.02
N GLN B 8 5.99 15.13 -4.54
CA GLN B 8 6.32 16.28 -3.70
C GLN B 8 6.39 15.85 -2.23
N PHE B 9 6.57 14.56 -1.99
CA PHE B 9 6.71 14.02 -0.63
C PHE B 9 8.11 14.30 -0.09
N LEU B 10 8.41 15.57 0.05
CA LEU B 10 9.68 16.02 0.59
C LEU B 10 9.44 17.26 1.44
N GLN B 11 8.78 18.23 0.84
CA GLN B 11 8.35 19.43 1.53
C GLN B 11 6.97 19.83 1.01
N SER B 12 5.97 19.06 1.39
CA SER B 12 4.61 19.34 0.97
C SER B 12 3.75 19.63 2.19
N GLY A 1 -20.91 -11.95 0.96
CA GLY A 1 -19.59 -12.63 0.96
C GLY A 1 -19.10 -12.93 2.36
N LYS A 2 -18.13 -13.82 2.48
CA LYS A 2 -17.63 -14.24 3.78
C LYS A 2 -16.12 -14.08 3.84
N LEU A 3 -15.57 -14.09 5.06
CA LEU A 3 -14.14 -14.08 5.26
C LEU A 3 -13.66 -15.44 5.72
N SER A 4 -12.79 -16.06 4.94
CA SER A 4 -12.19 -17.31 5.32
C SER A 4 -11.05 -17.06 6.31
N GLU A 5 -10.42 -18.10 6.80
CA GLU A 5 -9.36 -17.96 7.80
C GLU A 5 -8.24 -17.09 7.28
N GLN A 6 -7.85 -17.32 6.03
CA GLN A 6 -6.81 -16.54 5.37
C GLN A 6 -7.24 -15.07 5.25
N LEU A 7 -8.50 -14.86 4.89
CA LEU A 7 -9.02 -13.51 4.69
C LEU A 7 -9.26 -12.80 6.03
N LYS A 8 -9.49 -13.56 7.07
CA LYS A 8 -9.60 -12.99 8.39
C LYS A 8 -8.22 -12.53 8.86
N HIS A 9 -7.20 -13.28 8.47
CA HIS A 9 -5.83 -12.92 8.78
C HIS A 9 -5.43 -11.70 7.98
N CYS A 10 -5.91 -11.59 6.74
CA CYS A 10 -5.59 -10.45 5.91
C CYS A 10 -6.27 -9.20 6.45
N ASN A 11 -7.43 -9.39 7.09
CA ASN A 11 -8.14 -8.30 7.73
C ASN A 11 -7.29 -7.74 8.88
N GLY A 12 -6.68 -8.65 9.64
CA GLY A 12 -5.89 -8.25 10.79
C GLY A 12 -4.60 -7.56 10.40
N ILE A 13 -3.94 -8.10 9.38
CA ILE A 13 -2.69 -7.52 8.88
C ILE A 13 -2.91 -6.10 8.39
N LEU A 14 -3.92 -5.93 7.54
CA LEU A 14 -4.31 -4.63 7.02
C LEU A 14 -4.59 -3.67 8.15
N LYS A 15 -5.38 -4.15 9.12
CA LYS A 15 -5.77 -3.39 10.28
C LYS A 15 -4.56 -2.83 11.02
N GLU A 16 -3.49 -3.60 11.06
CA GLU A 16 -2.32 -3.21 11.82
C GLU A 16 -1.52 -2.15 11.08
N LEU A 17 -1.39 -2.34 9.77
CA LEU A 17 -0.73 -1.34 8.92
C LEU A 17 -1.53 -0.03 8.95
N LEU A 18 -2.82 -0.15 9.26
CA LEU A 18 -3.71 1.00 9.40
C LEU A 18 -3.72 1.54 10.83
N SER A 19 -3.18 0.77 11.76
CA SER A 19 -3.12 1.19 13.15
C SER A 19 -2.12 2.34 13.35
N LYS A 20 -2.41 3.17 14.35
CA LYS A 20 -1.63 4.37 14.62
C LYS A 20 -0.20 4.06 15.04
N LYS A 21 0.07 2.78 15.30
CA LYS A 21 1.41 2.32 15.58
C LYS A 21 2.32 2.52 14.37
N HIS A 22 1.77 2.29 13.18
CA HIS A 22 2.56 2.36 11.96
C HIS A 22 2.25 3.64 11.20
N ALA A 23 1.16 4.30 11.59
CA ALA A 23 0.67 5.51 10.92
C ALA A 23 1.76 6.52 10.63
N ALA A 24 2.71 6.65 11.57
CA ALA A 24 3.82 7.57 11.43
C ALA A 24 4.57 7.37 10.10
N TYR A 25 4.55 6.15 9.59
CA TYR A 25 5.21 5.84 8.32
C TYR A 25 4.30 4.97 7.45
N ALA A 26 3.00 5.00 7.73
CA ALA A 26 2.02 4.22 6.96
C ALA A 26 1.02 5.13 6.26
N TRP A 27 0.99 6.40 6.64
CA TRP A 27 0.03 7.34 6.07
C TRP A 27 0.09 7.43 4.52
N PRO A 28 1.30 7.30 3.86
CA PRO A 28 1.38 7.31 2.40
C PRO A 28 0.46 6.26 1.74
N PHE A 29 0.07 5.25 2.50
CA PHE A 29 -0.66 4.12 1.93
C PHE A 29 -2.10 4.04 2.45
N TYR A 30 -2.42 4.87 3.45
CA TYR A 30 -3.78 4.93 3.97
C TYR A 30 -4.79 5.23 2.87
N LYS A 31 -4.57 6.33 2.17
CA LYS A 31 -5.49 6.76 1.13
C LYS A 31 -4.73 7.19 -0.12
N PRO A 32 -5.41 7.22 -1.28
CA PRO A 32 -4.80 7.63 -2.56
C PRO A 32 -4.04 8.95 -2.46
N VAL A 33 -2.93 9.03 -3.19
CA VAL A 33 -2.13 10.24 -3.20
C VAL A 33 -2.92 11.37 -3.84
N ASP A 34 -2.69 12.59 -3.38
CA ASP A 34 -3.41 13.73 -3.90
C ASP A 34 -2.65 14.29 -5.09
N ALA A 35 -2.55 13.48 -6.13
CA ALA A 35 -1.71 13.79 -7.29
C ALA A 35 -1.97 15.19 -7.84
N SER A 36 -3.22 15.62 -7.79
CA SER A 36 -3.59 16.96 -8.23
C SER A 36 -2.92 18.02 -7.35
N ALA A 37 -3.07 17.90 -6.04
CA ALA A 37 -2.49 18.84 -5.10
C ALA A 37 -0.98 18.66 -5.00
N LEU A 38 -0.52 17.50 -5.42
CA LEU A 38 0.90 17.17 -5.43
C LEU A 38 1.58 17.69 -6.69
N GLY A 39 0.77 18.12 -7.66
CA GLY A 39 1.29 18.65 -8.90
C GLY A 39 1.61 17.55 -9.90
N LEU A 40 1.27 16.33 -9.54
CA LEU A 40 1.56 15.17 -10.34
C LEU A 40 0.45 14.94 -11.36
N HIS A 41 0.62 15.49 -12.56
CA HIS A 41 -0.43 15.42 -13.59
C HIS A 41 -0.33 14.11 -14.37
N ASP A 42 0.68 13.33 -14.07
CA ASP A 42 0.95 12.12 -14.85
C ASP A 42 0.97 10.89 -13.95
N TYR A 43 0.28 10.97 -12.82
CA TYR A 43 0.31 9.90 -11.84
C TYR A 43 -0.34 8.61 -12.37
N HIS A 44 -1.46 8.75 -13.07
CA HIS A 44 -2.16 7.58 -13.59
C HIS A 44 -1.53 7.10 -14.90
N ASP A 45 -0.49 7.77 -15.33
CA ASP A 45 0.26 7.34 -16.51
C ASP A 45 1.40 6.43 -16.11
N ILE A 46 2.02 6.73 -14.98
CA ILE A 46 3.11 5.92 -14.46
C ILE A 46 2.56 4.77 -13.63
N ILE A 47 1.66 5.10 -12.72
CA ILE A 47 1.08 4.10 -11.83
C ILE A 47 -0.02 3.33 -12.57
N LYS A 48 0.25 2.06 -12.86
CA LYS A 48 -0.69 1.23 -13.58
C LYS A 48 -1.65 0.53 -12.63
N HIS A 49 -1.17 0.25 -11.42
CA HIS A 49 -1.97 -0.40 -10.40
C HIS A 49 -2.07 0.48 -9.14
N PRO A 50 -2.77 1.62 -9.20
CA PRO A 50 -2.95 2.49 -8.03
C PRO A 50 -3.84 1.84 -6.97
N MET A 51 -3.21 1.38 -5.91
CA MET A 51 -3.92 0.72 -4.82
C MET A 51 -3.52 1.30 -3.48
N ASP A 52 -4.46 1.31 -2.55
CA ASP A 52 -4.25 1.88 -1.23
C ASP A 52 -4.79 0.92 -0.19
N LEU A 53 -4.25 0.94 1.03
CA LEU A 53 -4.71 0.01 2.07
C LEU A 53 -6.20 0.17 2.34
N SER A 54 -6.69 1.40 2.28
CA SER A 54 -8.11 1.65 2.45
C SER A 54 -8.93 0.93 1.37
N THR A 55 -8.40 0.93 0.15
CA THR A 55 -9.07 0.30 -0.98
C THR A 55 -8.98 -1.22 -0.87
N VAL A 56 -7.84 -1.72 -0.39
CA VAL A 56 -7.66 -3.14 -0.17
C VAL A 56 -8.70 -3.64 0.81
N LYS A 57 -8.87 -2.89 1.89
CA LYS A 57 -9.84 -3.22 2.91
C LYS A 57 -11.24 -3.09 2.35
N ARG A 58 -11.45 -2.05 1.56
CA ARG A 58 -12.74 -1.82 0.90
C ARG A 58 -13.13 -3.04 0.06
N LYS A 59 -12.20 -3.49 -0.78
CA LYS A 59 -12.42 -4.61 -1.65
C LYS A 59 -12.49 -5.92 -0.86
N MET A 60 -11.78 -5.95 0.27
CA MET A 60 -11.88 -7.08 1.19
C MET A 60 -13.25 -7.12 1.83
N GLU A 61 -13.79 -5.95 2.15
CA GLU A 61 -15.13 -5.85 2.73
C GLU A 61 -16.19 -6.31 1.74
N ASN A 62 -15.91 -6.10 0.45
CA ASN A 62 -16.80 -6.53 -0.62
C ASN A 62 -16.58 -8.01 -0.89
N ARG A 63 -15.57 -8.55 -0.22
CA ARG A 63 -15.22 -9.96 -0.27
C ARG A 63 -14.89 -10.40 -1.69
N ASP A 64 -14.21 -9.52 -2.41
CA ASP A 64 -13.68 -9.85 -3.75
C ASP A 64 -12.55 -10.85 -3.64
N TYR A 65 -11.93 -10.90 -2.46
CA TYR A 65 -10.75 -11.71 -2.22
C TYR A 65 -11.18 -13.13 -1.88
N ARG A 66 -10.42 -14.09 -2.36
CA ARG A 66 -10.69 -15.48 -2.05
C ARG A 66 -9.65 -16.04 -1.09
N ASP A 67 -8.45 -15.47 -1.09
CA ASP A 67 -7.39 -15.93 -0.22
C ASP A 67 -6.51 -14.76 0.18
N ALA A 68 -5.69 -14.96 1.21
CA ALA A 68 -4.84 -13.90 1.72
C ALA A 68 -3.71 -13.61 0.75
N GLN A 69 -3.48 -14.54 -0.15
CA GLN A 69 -2.44 -14.35 -1.17
C GLN A 69 -2.92 -13.32 -2.18
N GLU A 70 -4.23 -13.28 -2.39
CA GLU A 70 -4.85 -12.28 -3.25
C GLU A 70 -4.79 -10.92 -2.57
N PHE A 71 -4.91 -10.94 -1.25
CA PHE A 71 -4.71 -9.74 -0.47
C PHE A 71 -3.27 -9.28 -0.59
N ALA A 72 -2.35 -10.20 -0.31
CA ALA A 72 -0.93 -9.92 -0.38
C ALA A 72 -0.58 -9.36 -1.75
N ALA A 73 -1.16 -9.95 -2.77
CA ALA A 73 -0.98 -9.50 -4.15
C ALA A 73 -1.36 -8.03 -4.31
N ASP A 74 -2.48 -7.66 -3.72
CA ASP A 74 -3.02 -6.31 -3.87
C ASP A 74 -2.23 -5.30 -3.04
N VAL A 75 -1.98 -5.65 -1.78
CA VAL A 75 -1.24 -4.76 -0.87
C VAL A 75 0.21 -4.61 -1.32
N ARG A 76 0.82 -5.70 -1.79
CA ARG A 76 2.20 -5.65 -2.22
C ARG A 76 2.32 -4.81 -3.48
N LEU A 77 1.26 -4.82 -4.30
CA LEU A 77 1.22 -4.01 -5.51
C LEU A 77 1.20 -2.53 -5.16
N MET A 78 0.60 -2.21 -4.02
CA MET A 78 0.62 -0.85 -3.52
C MET A 78 2.06 -0.41 -3.21
N PHE A 79 2.78 -1.22 -2.45
CA PHE A 79 4.19 -0.94 -2.17
C PHE A 79 4.99 -0.86 -3.48
N SER A 80 4.63 -1.72 -4.43
CA SER A 80 5.32 -1.80 -5.71
C SER A 80 5.15 -0.52 -6.53
N ASN A 81 3.92 0.00 -6.63
CA ASN A 81 3.69 1.19 -7.45
C ASN A 81 4.39 2.40 -6.86
N CYS A 82 4.58 2.40 -5.54
CA CYS A 82 5.33 3.49 -4.89
C CYS A 82 6.77 3.51 -5.40
N TYR A 83 7.42 2.34 -5.42
CA TYR A 83 8.78 2.26 -5.95
C TYR A 83 8.79 2.55 -7.45
N LYS A 84 7.65 2.33 -8.08
CA LYS A 84 7.52 2.48 -9.51
C LYS A 84 7.48 3.95 -9.90
N TYR A 85 6.97 4.78 -9.01
CA TYR A 85 6.87 6.22 -9.26
C TYR A 85 8.05 6.97 -8.65
N ASN A 86 8.21 6.83 -7.34
CA ASN A 86 9.22 7.60 -6.61
C ASN A 86 10.59 6.98 -6.76
N PRO A 87 11.61 7.80 -7.05
CA PRO A 87 13.00 7.34 -7.10
C PRO A 87 13.46 6.91 -5.70
N PRO A 88 14.45 5.99 -5.65
CA PRO A 88 14.93 5.35 -4.40
C PRO A 88 15.36 6.36 -3.34
N ASP A 89 15.66 7.57 -3.78
CA ASP A 89 15.98 8.67 -2.86
C ASP A 89 14.75 9.51 -2.60
N HIS A 90 13.79 8.96 -1.88
CA HIS A 90 12.56 9.67 -1.56
C HIS A 90 11.92 9.06 -0.30
N ASP A 91 11.11 9.85 0.39
CA ASP A 91 10.48 9.40 1.63
C ASP A 91 9.55 8.19 1.42
N VAL A 92 8.74 8.24 0.38
CA VAL A 92 7.69 7.25 0.19
C VAL A 92 8.26 5.86 -0.07
N VAL A 93 9.46 5.79 -0.64
CA VAL A 93 10.08 4.50 -0.91
C VAL A 93 10.65 3.92 0.38
N ALA A 94 11.17 4.79 1.23
CA ALA A 94 11.69 4.38 2.53
C ALA A 94 10.56 3.92 3.44
N MET A 95 9.45 4.66 3.40
CA MET A 95 8.29 4.31 4.20
C MET A 95 7.65 3.03 3.67
N ALA A 96 7.65 2.86 2.35
CA ALA A 96 7.11 1.64 1.74
C ALA A 96 7.97 0.45 2.10
N ARG A 97 9.26 0.69 2.21
CA ARG A 97 10.23 -0.35 2.50
C ARG A 97 10.08 -0.88 3.92
N LYS A 98 9.92 0.04 4.87
CA LYS A 98 9.80 -0.32 6.27
C LYS A 98 8.46 -1.00 6.55
N LEU A 99 7.40 -0.44 5.97
CA LEU A 99 6.08 -1.07 6.03
C LEU A 99 6.08 -2.41 5.29
N GLN A 100 6.93 -2.54 4.28
CA GLN A 100 7.05 -3.80 3.57
C GLN A 100 7.58 -4.87 4.52
N ASP A 101 8.47 -4.46 5.43
CA ASP A 101 9.00 -5.38 6.43
C ASP A 101 7.89 -5.93 7.30
N VAL A 102 7.15 -5.05 7.97
CA VAL A 102 6.08 -5.47 8.88
C VAL A 102 5.06 -6.35 8.16
N PHE A 103 4.51 -5.85 7.07
CA PHE A 103 3.52 -6.60 6.28
C PHE A 103 4.06 -7.97 5.88
N GLU A 104 5.33 -8.05 5.52
CA GLU A 104 5.92 -9.27 5.03
C GLU A 104 6.13 -10.26 6.17
N PHE A 105 6.58 -9.75 7.32
CA PHE A 105 6.72 -10.59 8.50
C PHE A 105 5.36 -11.09 8.98
N ARG A 106 4.33 -10.26 8.81
CA ARG A 106 2.99 -10.64 9.20
C ARG A 106 2.48 -11.79 8.34
N TYR A 107 2.69 -11.69 7.04
CA TYR A 107 2.28 -12.75 6.14
C TYR A 107 3.16 -13.99 6.37
N ALA A 108 4.41 -13.76 6.73
CA ALA A 108 5.33 -14.85 7.02
C ALA A 108 4.88 -15.63 8.26
N LYS A 109 4.30 -14.93 9.22
CA LYS A 109 3.77 -15.57 10.42
C LYS A 109 2.40 -16.18 10.14
N MET A 110 1.73 -15.63 9.14
CA MET A 110 0.43 -16.11 8.69
C MET A 110 0.58 -17.44 7.95
N PRO A 111 -0.12 -18.49 8.39
CA PRO A 111 -0.12 -19.76 7.68
C PRO A 111 -1.17 -19.82 6.58
N ASP A 112 -0.81 -20.50 5.50
CA ASP A 112 -1.70 -20.63 4.34
C ASP A 112 -2.60 -21.85 4.51
N HIS B 1 19.00 9.68 -11.74
CA HIS B 1 19.21 10.00 -13.17
C HIS B 1 18.08 10.87 -13.71
N ASN B 2 16.89 10.70 -13.17
CA ASN B 2 15.74 11.48 -13.60
C ASN B 2 14.77 11.70 -12.44
N LEU B 3 14.30 12.93 -12.32
CA LEU B 3 13.28 13.25 -11.34
C LEU B 3 11.93 13.31 -12.04
N LEU B 4 11.25 12.16 -12.05
CA LEU B 4 9.99 12.03 -12.76
C LEU B 4 8.85 12.66 -11.97
N ARG B 5 8.95 13.96 -11.72
CA ARG B 5 7.96 14.71 -10.95
C ARG B 5 7.83 14.10 -9.55
N ILE B 6 8.86 14.27 -8.74
CA ILE B 6 8.89 13.68 -7.42
C ILE B 6 7.66 14.09 -6.60
OH ALY B 7 3.59 7.06 -5.76
CH ALY B 7 3.04 7.16 -4.67
CH3 ALY B 7 2.43 5.91 -4.01
NZ ALY B 7 2.95 8.32 -4.03
CE ALY B 7 3.48 9.57 -4.54
CD ALY B 7 3.61 10.62 -3.45
CG ALY B 7 3.98 11.98 -4.00
CB ALY B 7 5.30 11.93 -4.77
CA ALY B 7 5.75 13.29 -5.31
N ALY B 7 6.93 13.08 -6.14
C ALY B 7 6.09 14.23 -4.15
O ALY B 7 7.09 14.03 -3.46
HH31 ALY B 7 1.72 6.21 -3.27
HH32 ALY B 7 1.94 5.32 -4.78
HH33 ALY B 7 3.22 5.32 -3.56
HZ ALY B 7 2.49 8.34 -3.15
HE3 ALY B 7 2.83 9.94 -5.32
HE2 ALY B 7 4.46 9.40 -4.96
HD3 ALY B 7 4.35 10.31 -2.74
HD2 ALY B 7 2.65 10.70 -2.94
HG3 ALY B 7 4.09 12.68 -3.19
HG2 ALY B 7 3.21 12.32 -4.68
HB3 ALY B 7 5.18 11.25 -5.59
HB2 ALY B 7 6.06 11.57 -4.10
HA ALY B 7 4.96 13.71 -5.91
H ALY B 7 7.19 12.17 -6.38
N GLN B 8 5.26 15.24 -3.93
CA GLN B 8 5.54 16.23 -2.90
C GLN B 8 5.19 15.72 -1.50
N PHE B 9 5.87 14.65 -1.11
CA PHE B 9 5.76 14.12 0.25
C PHE B 9 6.96 14.58 1.07
N LEU B 10 7.58 15.65 0.62
CA LEU B 10 8.73 16.23 1.30
C LEU B 10 8.47 17.70 1.57
N GLN B 11 7.48 17.96 2.40
CA GLN B 11 7.08 19.32 2.71
C GLN B 11 7.56 19.71 4.10
N SER B 12 8.19 18.76 4.77
CA SER B 12 8.73 18.97 6.09
C SER B 12 10.06 18.24 6.24
N GLY A 1 -17.34 -15.08 -0.01
CA GLY A 1 -18.30 -14.52 0.95
C GLY A 1 -17.76 -14.51 2.37
N LYS A 2 -17.83 -15.64 3.03
CA LYS A 2 -17.33 -15.77 4.39
C LYS A 2 -15.82 -15.57 4.44
N LEU A 3 -15.36 -14.68 5.32
CA LEU A 3 -13.93 -14.46 5.52
C LEU A 3 -13.30 -15.70 6.11
N SER A 4 -12.58 -16.44 5.28
CA SER A 4 -11.87 -17.63 5.72
C SER A 4 -10.68 -17.25 6.60
N GLU A 5 -10.01 -18.24 7.19
CA GLU A 5 -8.87 -17.98 8.08
C GLU A 5 -7.84 -17.05 7.41
N GLN A 6 -7.59 -17.28 6.13
CA GLN A 6 -6.63 -16.46 5.38
C GLN A 6 -7.13 -15.02 5.28
N LEU A 7 -8.41 -14.85 4.98
CA LEU A 7 -8.99 -13.53 4.77
C LEU A 7 -9.23 -12.82 6.11
N LYS A 8 -9.44 -13.58 7.16
CA LYS A 8 -9.54 -13.02 8.49
C LYS A 8 -8.16 -12.56 8.95
N HIS A 9 -7.15 -13.30 8.52
CA HIS A 9 -5.78 -12.94 8.82
C HIS A 9 -5.38 -11.69 8.01
N CYS A 10 -5.85 -11.61 6.77
CA CYS A 10 -5.57 -10.44 5.94
C CYS A 10 -6.29 -9.23 6.49
N ASN A 11 -7.44 -9.46 7.11
CA ASN A 11 -8.19 -8.40 7.76
C ASN A 11 -7.35 -7.81 8.90
N GLY A 12 -6.72 -8.69 9.67
CA GLY A 12 -5.93 -8.26 10.82
C GLY A 12 -4.64 -7.57 10.41
N ILE A 13 -3.99 -8.09 9.39
CA ILE A 13 -2.75 -7.50 8.89
C ILE A 13 -3.00 -6.09 8.38
N LEU A 14 -4.03 -5.93 7.54
CA LEU A 14 -4.43 -4.64 7.03
C LEU A 14 -4.71 -3.67 8.17
N LYS A 15 -5.50 -4.13 9.14
CA LYS A 15 -5.85 -3.35 10.30
C LYS A 15 -4.60 -2.86 11.03
N GLU A 16 -3.58 -3.69 11.04
CA GLU A 16 -2.35 -3.36 11.75
C GLU A 16 -1.56 -2.30 11.00
N LEU A 17 -1.45 -2.46 9.69
CA LEU A 17 -0.78 -1.47 8.85
C LEU A 17 -1.55 -0.15 8.89
N LEU A 18 -2.84 -0.24 9.24
CA LEU A 18 -3.69 0.93 9.39
C LEU A 18 -3.69 1.48 10.82
N SER A 19 -3.15 0.70 11.74
CA SER A 19 -3.08 1.12 13.14
C SER A 19 -2.06 2.23 13.34
N LYS A 20 -2.34 3.07 14.33
CA LYS A 20 -1.51 4.23 14.67
C LYS A 20 -0.06 3.83 14.93
N LYS A 21 0.14 2.60 15.36
CA LYS A 21 1.46 2.04 15.59
C LYS A 21 2.35 2.20 14.37
N HIS A 22 1.75 2.04 13.19
CA HIS A 22 2.52 2.13 11.95
C HIS A 22 2.18 3.40 11.20
N ALA A 23 1.10 4.07 11.62
CA ALA A 23 0.58 5.25 10.94
C ALA A 23 1.66 6.29 10.67
N ALA A 24 2.62 6.39 11.59
CA ALA A 24 3.72 7.34 11.46
C ALA A 24 4.47 7.19 10.14
N TYR A 25 4.45 5.98 9.59
CA TYR A 25 5.13 5.71 8.33
C TYR A 25 4.26 4.84 7.42
N ALA A 26 2.97 4.77 7.72
CA ALA A 26 2.01 4.02 6.92
C ALA A 26 1.01 4.94 6.23
N TRP A 27 0.98 6.20 6.66
CA TRP A 27 0.02 7.17 6.13
C TRP A 27 0.08 7.33 4.60
N PRO A 28 1.27 7.23 3.93
CA PRO A 28 1.34 7.32 2.46
C PRO A 28 0.39 6.34 1.75
N PHE A 29 0.05 5.26 2.43
CA PHE A 29 -0.69 4.17 1.79
C PHE A 29 -2.12 4.06 2.31
N TYR A 30 -2.43 4.81 3.36
CA TYR A 30 -3.79 4.81 3.91
C TYR A 30 -4.83 5.10 2.84
N LYS A 31 -4.64 6.19 2.11
CA LYS A 31 -5.57 6.63 1.09
C LYS A 31 -4.81 7.05 -0.16
N PRO A 32 -5.50 7.11 -1.32
CA PRO A 32 -4.87 7.52 -2.58
C PRO A 32 -4.19 8.88 -2.46
N VAL A 33 -2.97 8.98 -2.97
CA VAL A 33 -2.21 10.22 -2.88
C VAL A 33 -2.96 11.32 -3.61
N ASP A 34 -2.86 12.53 -3.09
CA ASP A 34 -3.59 13.67 -3.66
C ASP A 34 -2.76 14.28 -4.78
N ALA A 35 -2.62 13.53 -5.87
CA ALA A 35 -1.73 13.91 -6.97
C ALA A 35 -1.97 15.35 -7.42
N SER A 36 -3.23 15.76 -7.49
CA SER A 36 -3.56 17.11 -7.92
C SER A 36 -3.01 18.16 -6.94
N ALA A 37 -3.13 17.88 -5.64
CA ALA A 37 -2.62 18.79 -4.62
C ALA A 37 -1.12 18.61 -4.43
N LEU A 38 -0.59 17.56 -5.04
CA LEU A 38 0.83 17.25 -4.96
C LEU A 38 1.57 17.74 -6.20
N GLY A 39 0.80 18.21 -7.19
CA GLY A 39 1.40 18.71 -8.43
C GLY A 39 1.66 17.59 -9.42
N LEU A 40 1.25 16.40 -9.06
CA LEU A 40 1.50 15.21 -9.86
C LEU A 40 0.40 15.02 -10.90
N HIS A 41 0.62 15.53 -12.10
CA HIS A 41 -0.37 15.42 -13.17
C HIS A 41 -0.23 14.09 -13.91
N ASP A 42 0.77 13.31 -13.51
CA ASP A 42 1.10 12.09 -14.22
C ASP A 42 1.10 10.86 -13.32
N TYR A 43 0.42 10.93 -12.19
CA TYR A 43 0.44 9.84 -11.23
C TYR A 43 -0.18 8.57 -11.81
N HIS A 44 -1.29 8.71 -12.53
CA HIS A 44 -2.00 7.55 -13.06
C HIS A 44 -1.37 7.04 -14.35
N ASP A 45 -0.41 7.80 -14.87
CA ASP A 45 0.32 7.38 -16.06
C ASP A 45 1.44 6.42 -15.67
N ILE A 46 2.02 6.65 -14.50
CA ILE A 46 3.09 5.81 -14.00
C ILE A 46 2.51 4.66 -13.19
N ILE A 47 1.60 4.98 -12.29
CA ILE A 47 0.97 3.98 -11.46
C ILE A 47 -0.19 3.33 -12.21
N LYS A 48 0.08 2.17 -12.79
CA LYS A 48 -0.92 1.47 -13.59
C LYS A 48 -1.85 0.64 -12.72
N HIS A 49 -1.36 0.24 -11.56
CA HIS A 49 -2.15 -0.54 -10.60
C HIS A 49 -2.29 0.18 -9.27
N PRO A 50 -2.86 1.41 -9.23
CA PRO A 50 -2.97 2.20 -8.01
C PRO A 50 -3.87 1.55 -6.97
N MET A 51 -3.30 1.19 -5.85
CA MET A 51 -4.06 0.56 -4.78
C MET A 51 -3.71 1.19 -3.44
N ASP A 52 -4.68 1.21 -2.54
CA ASP A 52 -4.53 1.83 -1.24
C ASP A 52 -5.03 0.85 -0.18
N LEU A 53 -4.44 0.85 1.01
CA LEU A 53 -4.87 -0.08 2.07
C LEU A 53 -6.35 0.08 2.37
N SER A 54 -6.85 1.30 2.28
CA SER A 54 -8.27 1.57 2.47
C SER A 54 -9.10 0.84 1.41
N THR A 55 -8.63 0.87 0.17
CA THR A 55 -9.32 0.22 -0.94
C THR A 55 -9.20 -1.29 -0.84
N VAL A 56 -8.06 -1.76 -0.35
CA VAL A 56 -7.86 -3.19 -0.14
C VAL A 56 -8.90 -3.69 0.85
N LYS A 57 -9.05 -2.95 1.94
CA LYS A 57 -10.02 -3.29 2.96
C LYS A 57 -11.42 -3.22 2.39
N ARG A 58 -11.65 -2.20 1.58
CA ARG A 58 -12.93 -2.00 0.92
C ARG A 58 -13.30 -3.23 0.09
N LYS A 59 -12.38 -3.65 -0.77
CA LYS A 59 -12.63 -4.78 -1.65
C LYS A 59 -12.66 -6.09 -0.87
N MET A 60 -11.91 -6.13 0.24
CA MET A 60 -11.97 -7.25 1.17
C MET A 60 -13.35 -7.31 1.83
N GLU A 61 -13.89 -6.14 2.16
CA GLU A 61 -15.20 -6.05 2.78
C GLU A 61 -16.30 -6.48 1.82
N ASN A 62 -16.05 -6.29 0.54
CA ASN A 62 -16.98 -6.75 -0.49
C ASN A 62 -16.76 -8.22 -0.74
N ARG A 63 -15.77 -8.77 -0.03
CA ARG A 63 -15.42 -10.17 -0.07
C ARG A 63 -15.09 -10.61 -1.49
N ASP A 64 -14.42 -9.72 -2.22
CA ASP A 64 -13.93 -10.03 -3.57
C ASP A 64 -12.72 -10.95 -3.50
N TYR A 65 -12.14 -11.03 -2.32
CA TYR A 65 -10.92 -11.80 -2.12
C TYR A 65 -11.28 -13.22 -1.71
N ARG A 66 -10.59 -14.18 -2.29
CA ARG A 66 -10.79 -15.57 -1.93
C ARG A 66 -9.76 -16.00 -0.89
N ASP A 67 -8.57 -15.43 -0.97
CA ASP A 67 -7.47 -15.83 -0.10
C ASP A 67 -6.60 -14.62 0.25
N ALA A 68 -5.75 -14.80 1.24
CA ALA A 68 -4.90 -13.74 1.72
C ALA A 68 -3.82 -13.42 0.70
N GLN A 69 -3.61 -14.34 -0.24
CA GLN A 69 -2.65 -14.11 -1.30
C GLN A 69 -3.20 -13.09 -2.28
N GLU A 70 -4.52 -13.04 -2.39
CA GLU A 70 -5.19 -12.03 -3.19
C GLU A 70 -5.10 -10.68 -2.49
N PHE A 71 -5.11 -10.73 -1.16
CA PHE A 71 -4.83 -9.54 -0.37
C PHE A 71 -3.39 -9.12 -0.57
N ALA A 72 -2.46 -10.07 -0.38
CA ALA A 72 -1.04 -9.82 -0.57
C ALA A 72 -0.77 -9.32 -1.98
N ALA A 73 -1.54 -9.83 -2.94
CA ALA A 73 -1.46 -9.39 -4.31
C ALA A 73 -1.67 -7.88 -4.41
N ASP A 74 -2.75 -7.42 -3.79
CA ASP A 74 -3.13 -6.02 -3.84
C ASP A 74 -2.17 -5.13 -3.05
N VAL A 75 -1.95 -5.49 -1.78
CA VAL A 75 -1.14 -4.67 -0.88
C VAL A 75 0.32 -4.57 -1.36
N ARG A 76 0.87 -5.68 -1.83
CA ARG A 76 2.28 -5.67 -2.26
C ARG A 76 2.41 -4.91 -3.58
N LEU A 77 1.35 -4.92 -4.38
CA LEU A 77 1.30 -4.14 -5.62
C LEU A 77 1.40 -2.66 -5.30
N MET A 78 0.72 -2.25 -4.23
CA MET A 78 0.75 -0.87 -3.79
C MET A 78 2.18 -0.43 -3.45
N PHE A 79 2.88 -1.25 -2.66
CA PHE A 79 4.29 -0.98 -2.35
C PHE A 79 5.14 -0.95 -3.63
N SER A 80 4.83 -1.84 -4.55
CA SER A 80 5.53 -1.91 -5.84
C SER A 80 5.37 -0.59 -6.59
N ASN A 81 4.15 -0.06 -6.57
CA ASN A 81 3.85 1.21 -7.22
C ASN A 81 4.70 2.34 -6.68
N CYS A 82 4.90 2.33 -5.37
CA CYS A 82 5.68 3.36 -4.70
C CYS A 82 7.11 3.37 -5.22
N TYR A 83 7.69 2.20 -5.44
CA TYR A 83 9.05 2.11 -5.97
C TYR A 83 9.10 2.52 -7.44
N LYS A 84 7.97 2.39 -8.13
CA LYS A 84 7.90 2.79 -9.53
C LYS A 84 8.00 4.31 -9.67
N TYR A 85 7.20 4.99 -8.88
CA TYR A 85 7.06 6.43 -9.00
C TYR A 85 8.25 7.17 -8.41
N ASN A 86 8.60 6.79 -7.19
CA ASN A 86 9.50 7.58 -6.38
C ASN A 86 10.94 7.09 -6.48
N PRO A 87 11.91 8.02 -6.51
CA PRO A 87 13.33 7.68 -6.54
C PRO A 87 13.82 7.15 -5.17
N PRO A 88 14.90 6.32 -5.19
CA PRO A 88 15.42 5.58 -4.02
C PRO A 88 15.59 6.37 -2.72
N ASP A 89 15.74 7.70 -2.81
CA ASP A 89 15.92 8.51 -1.59
C ASP A 89 14.56 8.89 -0.99
N HIS A 90 13.83 9.75 -1.72
CA HIS A 90 12.40 10.09 -1.48
C HIS A 90 11.73 9.23 -0.40
N ASP A 91 11.08 9.90 0.56
CA ASP A 91 10.53 9.26 1.76
C ASP A 91 9.56 8.11 1.47
N VAL A 92 8.82 8.19 0.37
CA VAL A 92 7.76 7.21 0.12
C VAL A 92 8.33 5.84 -0.24
N VAL A 93 9.58 5.79 -0.65
CA VAL A 93 10.22 4.50 -0.93
C VAL A 93 10.73 3.89 0.37
N ALA A 94 11.16 4.75 1.28
CA ALA A 94 11.65 4.33 2.58
C ALA A 94 10.50 3.85 3.45
N MET A 95 9.38 4.58 3.39
CA MET A 95 8.20 4.20 4.14
C MET A 95 7.60 2.92 3.58
N ALA A 96 7.68 2.75 2.25
CA ALA A 96 7.21 1.52 1.61
C ALA A 96 8.10 0.35 2.00
N ARG A 97 9.38 0.63 2.15
CA ARG A 97 10.38 -0.38 2.48
C ARG A 97 10.20 -0.86 3.92
N LYS A 98 9.97 0.07 4.83
CA LYS A 98 9.82 -0.25 6.24
C LYS A 98 8.47 -0.94 6.48
N LEU A 99 7.43 -0.43 5.86
CA LEU A 99 6.12 -1.09 5.90
C LEU A 99 6.16 -2.44 5.19
N GLN A 100 7.06 -2.59 4.22
CA GLN A 100 7.28 -3.89 3.60
C GLN A 100 7.73 -4.87 4.65
N ASP A 101 8.67 -4.43 5.48
CA ASP A 101 9.21 -5.24 6.56
C ASP A 101 8.10 -5.82 7.44
N VAL A 102 7.22 -4.96 7.93
CA VAL A 102 6.12 -5.40 8.79
C VAL A 102 5.15 -6.31 8.03
N PHE A 103 4.59 -5.82 6.94
CA PHE A 103 3.61 -6.58 6.17
C PHE A 103 4.15 -7.96 5.77
N GLU A 104 5.41 -8.02 5.35
CA GLU A 104 6.01 -9.23 4.88
C GLU A 104 6.27 -10.17 6.05
N PHE A 105 6.55 -9.59 7.21
CA PHE A 105 6.76 -10.35 8.43
C PHE A 105 5.44 -10.88 8.97
N ARG A 106 4.38 -10.09 8.78
CA ARG A 106 3.05 -10.47 9.24
C ARG A 106 2.52 -11.61 8.41
N TYR A 107 2.71 -11.55 7.09
CA TYR A 107 2.28 -12.62 6.21
C TYR A 107 3.15 -13.86 6.42
N ALA A 108 4.37 -13.65 6.90
CA ALA A 108 5.28 -14.75 7.20
C ALA A 108 4.75 -15.58 8.36
N LYS A 109 4.31 -14.91 9.42
CA LYS A 109 3.72 -15.58 10.57
C LYS A 109 2.34 -16.12 10.21
N MET A 110 1.73 -15.53 9.19
CA MET A 110 0.47 -16.01 8.66
C MET A 110 0.69 -17.31 7.90
N PRO A 111 0.04 -18.41 8.31
CA PRO A 111 0.13 -19.67 7.58
C PRO A 111 -0.88 -19.74 6.46
N ASP A 112 -0.48 -20.40 5.38
CA ASP A 112 -1.34 -20.56 4.22
C ASP A 112 -2.12 -21.86 4.34
N HIS B 1 17.06 15.82 -16.51
CA HIS B 1 17.32 14.93 -15.35
C HIS B 1 16.01 14.34 -14.82
N ASN B 2 15.47 13.37 -15.55
CA ASN B 2 14.22 12.69 -15.18
C ASN B 2 13.04 13.66 -15.26
N LEU B 3 12.22 13.49 -16.29
CA LEU B 3 11.10 14.39 -16.54
C LEU B 3 9.89 14.05 -15.66
N LEU B 4 10.03 13.04 -14.82
CA LEU B 4 8.95 12.65 -13.93
C LEU B 4 8.99 13.50 -12.66
N ARG B 5 7.81 13.83 -12.16
CA ARG B 5 7.70 14.65 -10.97
C ARG B 5 7.92 13.81 -9.72
N ILE B 6 8.31 14.46 -8.64
CA ILE B 6 8.44 13.79 -7.37
C ILE B 6 7.29 14.19 -6.45
OH ALY B 7 3.85 6.99 -4.86
CH ALY B 7 3.20 7.18 -3.84
CH3 ALY B 7 2.54 5.98 -3.14
NZ ALY B 7 3.03 8.38 -3.32
CE ALY B 7 3.59 9.59 -3.90
CD ALY B 7 3.47 10.77 -2.95
CG ALY B 7 3.80 12.09 -3.62
CB ALY B 7 5.22 12.11 -4.16
CA ALY B 7 5.58 13.41 -4.89
N ALY B 7 6.65 13.19 -5.85
C ALY B 7 6.01 14.44 -3.85
O ALY B 7 7.08 14.32 -3.26
HH31 ALY B 7 1.72 6.33 -2.54
HH32 ALY B 7 2.18 5.28 -3.87
HH33 ALY B 7 3.27 5.50 -2.50
HZ ALY B 7 2.50 8.47 -2.51
HE3 ALY B 7 3.07 9.83 -4.81
HE2 ALY B 7 4.64 9.43 -4.13
HD3 ALY B 7 4.15 10.62 -2.12
HD2 ALY B 7 2.46 10.81 -2.57
HG3 ALY B 7 3.70 12.89 -2.90
HG2 ALY B 7 3.12 12.26 -4.44
HB3 ALY B 7 5.35 11.29 -4.83
HB2 ALY B 7 5.90 12.00 -3.32
HA ALY B 7 4.71 13.77 -5.41
H ALY B 7 6.89 12.26 -6.08
N GLN B 8 5.18 15.44 -3.64
CA GLN B 8 5.51 16.50 -2.69
C GLN B 8 5.25 16.04 -1.26
N PHE B 9 6.03 15.05 -0.85
CA PHE B 9 6.01 14.57 0.52
C PHE B 9 7.19 15.14 1.28
N LEU B 10 7.71 16.26 0.78
CA LEU B 10 8.78 16.97 1.43
C LEU B 10 8.20 18.14 2.23
N GLN B 11 6.88 18.11 2.37
CA GLN B 11 6.15 19.13 3.12
C GLN B 11 6.55 19.10 4.58
N SER B 12 6.37 20.21 5.26
CA SER B 12 6.68 20.31 6.68
C SER B 12 5.65 21.17 7.39
N GLY A 1 -18.95 -14.80 0.09
CA GLY A 1 -17.52 -14.78 0.50
C GLY A 1 -17.37 -14.70 2.00
N LYS A 2 -17.01 -15.81 2.61
CA LYS A 2 -16.82 -15.86 4.06
C LYS A 2 -15.35 -15.65 4.40
N LEU A 3 -15.06 -14.78 5.36
CA LEU A 3 -13.67 -14.55 5.74
C LEU A 3 -13.10 -15.78 6.45
N SER A 4 -12.38 -16.59 5.70
CA SER A 4 -11.69 -17.74 6.28
C SER A 4 -10.48 -17.26 7.07
N GLU A 5 -9.74 -18.19 7.66
CA GLU A 5 -8.56 -17.84 8.46
C GLU A 5 -7.63 -16.91 7.67
N GLN A 6 -7.41 -17.24 6.41
CA GLN A 6 -6.54 -16.45 5.54
C GLN A 6 -7.09 -15.03 5.39
N LEU A 7 -8.38 -14.90 5.09
CA LEU A 7 -8.98 -13.59 4.86
C LEU A 7 -9.29 -12.87 6.18
N LYS A 8 -9.22 -13.59 7.28
CA LYS A 8 -9.36 -12.96 8.57
C LYS A 8 -8.00 -12.47 9.03
N HIS A 9 -6.96 -13.19 8.64
CA HIS A 9 -5.61 -12.79 8.93
C HIS A 9 -5.23 -11.60 8.06
N CYS A 10 -5.72 -11.57 6.83
CA CYS A 10 -5.47 -10.45 5.94
C CYS A 10 -6.16 -9.20 6.48
N ASN A 11 -7.37 -9.39 7.02
CA ASN A 11 -8.10 -8.31 7.67
C ASN A 11 -7.26 -7.74 8.82
N GLY A 12 -6.63 -8.64 9.57
CA GLY A 12 -5.85 -8.22 10.72
C GLY A 12 -4.56 -7.52 10.33
N ILE A 13 -3.90 -8.04 9.31
CA ILE A 13 -2.68 -7.42 8.79
C ILE A 13 -2.96 -6.01 8.27
N LEU A 14 -3.99 -5.91 7.43
CA LEU A 14 -4.43 -4.63 6.89
C LEU A 14 -4.72 -3.63 8.01
N LYS A 15 -5.49 -4.08 8.99
CA LYS A 15 -5.89 -3.27 10.10
C LYS A 15 -4.66 -2.73 10.84
N GLU A 16 -3.65 -3.56 10.95
CA GLU A 16 -2.43 -3.19 11.66
C GLU A 16 -1.67 -2.12 10.90
N LEU A 17 -1.53 -2.32 9.59
CA LEU A 17 -0.86 -1.34 8.74
C LEU A 17 -1.65 -0.02 8.74
N LEU A 18 -2.93 -0.11 9.07
CA LEU A 18 -3.81 1.05 9.16
C LEU A 18 -3.83 1.63 10.57
N SER A 19 -3.30 0.88 11.53
CA SER A 19 -3.28 1.31 12.92
C SER A 19 -2.32 2.48 13.13
N LYS A 20 -2.68 3.35 14.06
CA LYS A 20 -1.92 4.56 14.34
C LYS A 20 -0.50 4.25 14.81
N LYS A 21 -0.27 3.02 15.23
CA LYS A 21 1.06 2.53 15.54
C LYS A 21 1.99 2.68 14.33
N HIS A 22 1.45 2.43 13.14
CA HIS A 22 2.25 2.46 11.92
C HIS A 22 1.96 3.70 11.11
N ALA A 23 0.86 4.38 11.44
CA ALA A 23 0.38 5.54 10.70
C ALA A 23 1.46 6.58 10.45
N ALA A 24 2.37 6.72 11.40
CA ALA A 24 3.48 7.66 11.29
C ALA A 24 4.29 7.45 10.00
N TYR A 25 4.27 6.22 9.49
CA TYR A 25 4.97 5.88 8.26
C TYR A 25 4.10 5.00 7.36
N ALA A 26 2.80 5.00 7.62
CA ALA A 26 1.86 4.21 6.82
C ALA A 26 0.87 5.11 6.07
N TRP A 27 0.83 6.39 6.44
CA TRP A 27 -0.12 7.32 5.84
C TRP A 27 0.00 7.41 4.29
N PRO A 28 1.22 7.30 3.68
CA PRO A 28 1.35 7.33 2.22
C PRO A 28 0.49 6.28 1.51
N PHE A 29 0.09 5.25 2.24
CA PHE A 29 -0.58 4.11 1.63
C PHE A 29 -2.04 3.99 2.08
N TYR A 30 -2.44 4.81 3.05
CA TYR A 30 -3.83 4.83 3.48
C TYR A 30 -4.77 5.13 2.32
N LYS A 31 -4.54 6.25 1.65
CA LYS A 31 -5.41 6.70 0.58
C LYS A 31 -4.59 7.24 -0.60
N PRO A 32 -5.20 7.27 -1.81
CA PRO A 32 -4.52 7.72 -3.04
C PRO A 32 -3.84 9.08 -2.88
N VAL A 33 -2.63 9.17 -3.42
CA VAL A 33 -1.86 10.41 -3.35
C VAL A 33 -2.62 11.54 -4.02
N ASP A 34 -2.44 12.74 -3.54
CA ASP A 34 -3.14 13.90 -4.09
C ASP A 34 -2.37 14.42 -5.28
N ALA A 35 -2.24 13.56 -6.29
CA ALA A 35 -1.36 13.81 -7.43
C ALA A 35 -1.56 15.20 -8.03
N SER A 36 -2.81 15.60 -8.19
CA SER A 36 -3.13 16.91 -8.76
C SER A 36 -2.61 18.05 -7.86
N ALA A 37 -2.74 17.88 -6.55
CA ALA A 37 -2.26 18.88 -5.60
C ALA A 37 -0.74 18.73 -5.40
N LEU A 38 -0.22 17.59 -5.80
CA LEU A 38 1.20 17.30 -5.70
C LEU A 38 1.95 17.76 -6.94
N GLY A 39 1.21 18.28 -7.91
CA GLY A 39 1.81 18.74 -9.15
C GLY A 39 2.10 17.61 -10.11
N LEU A 40 1.65 16.42 -9.74
CA LEU A 40 1.89 15.22 -10.53
C LEU A 40 0.77 15.03 -11.55
N HIS A 41 1.03 15.44 -12.78
CA HIS A 41 0.04 15.32 -13.84
C HIS A 41 0.10 13.96 -14.51
N ASP A 42 1.21 13.25 -14.30
CA ASP A 42 1.44 11.98 -14.98
C ASP A 42 1.43 10.80 -14.01
N TYR A 43 0.71 10.95 -12.90
CA TYR A 43 0.68 9.91 -11.88
C TYR A 43 0.02 8.63 -12.41
N HIS A 44 -1.04 8.78 -13.17
CA HIS A 44 -1.77 7.63 -13.69
C HIS A 44 -1.10 7.06 -14.94
N ASP A 45 -0.05 7.73 -15.39
CA ASP A 45 0.73 7.27 -16.52
C ASP A 45 1.79 6.28 -16.05
N ILE A 46 2.39 6.59 -14.91
CA ILE A 46 3.40 5.73 -14.31
C ILE A 46 2.73 4.63 -13.50
N ILE A 47 1.80 5.03 -12.64
CA ILE A 47 1.10 4.09 -11.79
C ILE A 47 -0.08 3.48 -12.55
N LYS A 48 0.11 2.27 -13.05
CA LYS A 48 -0.93 1.58 -13.79
C LYS A 48 -1.84 0.79 -12.85
N HIS A 49 -1.29 0.34 -11.73
CA HIS A 49 -2.08 -0.37 -10.73
C HIS A 49 -2.06 0.38 -9.39
N PRO A 50 -2.73 1.56 -9.31
CA PRO A 50 -2.83 2.32 -8.07
C PRO A 50 -3.74 1.63 -7.05
N MET A 51 -3.15 1.20 -5.95
CA MET A 51 -3.91 0.55 -4.91
C MET A 51 -3.54 1.13 -3.55
N ASP A 52 -4.52 1.16 -2.66
CA ASP A 52 -4.36 1.78 -1.35
C ASP A 52 -4.90 0.83 -0.30
N LEU A 53 -4.35 0.84 0.91
CA LEU A 53 -4.81 -0.06 1.96
C LEU A 53 -6.30 0.13 2.27
N SER A 54 -6.75 1.38 2.20
CA SER A 54 -8.17 1.68 2.42
C SER A 54 -9.03 1.06 1.32
N THR A 55 -8.47 0.94 0.13
CA THR A 55 -9.17 0.35 -1.01
C THR A 55 -9.12 -1.17 -0.91
N VAL A 56 -8.00 -1.69 -0.44
CA VAL A 56 -7.85 -3.12 -0.21
C VAL A 56 -8.86 -3.57 0.82
N LYS A 57 -8.98 -2.80 1.89
CA LYS A 57 -9.92 -3.11 2.95
C LYS A 57 -11.33 -3.01 2.44
N ARG A 58 -11.56 -1.97 1.65
CA ARG A 58 -12.85 -1.75 1.01
C ARG A 58 -13.26 -2.98 0.21
N LYS A 59 -12.35 -3.44 -0.64
CA LYS A 59 -12.61 -4.57 -1.50
C LYS A 59 -12.65 -5.88 -0.71
N MET A 60 -11.97 -5.92 0.44
CA MET A 60 -12.05 -7.11 1.30
C MET A 60 -13.41 -7.14 1.97
N GLU A 61 -13.92 -5.95 2.32
CA GLU A 61 -15.24 -5.84 2.91
C GLU A 61 -16.30 -6.32 1.94
N ASN A 62 -16.02 -6.15 0.66
CA ASN A 62 -16.92 -6.63 -0.39
C ASN A 62 -16.63 -8.09 -0.69
N ARG A 63 -15.63 -8.62 0.00
CA ARG A 63 -15.26 -10.02 -0.07
C ARG A 63 -14.90 -10.42 -1.50
N ASP A 64 -14.28 -9.49 -2.21
CA ASP A 64 -13.80 -9.76 -3.58
C ASP A 64 -12.64 -10.74 -3.55
N TYR A 65 -12.01 -10.87 -2.39
CA TYR A 65 -10.81 -11.68 -2.24
C TYR A 65 -11.22 -13.10 -1.87
N ARG A 66 -10.51 -14.08 -2.44
CA ARG A 66 -10.79 -15.47 -2.14
C ARG A 66 -9.81 -15.99 -1.09
N ASP A 67 -8.59 -15.44 -1.09
CA ASP A 67 -7.56 -15.90 -0.16
C ASP A 67 -6.60 -14.76 0.15
N ALA A 68 -5.79 -14.96 1.20
CA ALA A 68 -4.90 -13.91 1.68
C ALA A 68 -3.79 -13.64 0.68
N GLN A 69 -3.58 -14.57 -0.24
CA GLN A 69 -2.59 -14.37 -1.28
C GLN A 69 -3.07 -13.31 -2.25
N GLU A 70 -4.38 -13.27 -2.47
CA GLU A 70 -4.98 -12.24 -3.30
C GLU A 70 -4.90 -10.90 -2.57
N PHE A 71 -4.97 -10.95 -1.26
CA PHE A 71 -4.74 -9.77 -0.44
C PHE A 71 -3.31 -9.32 -0.61
N ALA A 72 -2.38 -10.24 -0.36
CA ALA A 72 -0.96 -9.96 -0.49
C ALA A 72 -0.67 -9.37 -1.84
N ALA A 73 -1.26 -9.97 -2.87
CA ALA A 73 -1.13 -9.50 -4.24
C ALA A 73 -1.50 -8.02 -4.36
N ASP A 74 -2.59 -7.64 -3.71
CA ASP A 74 -3.12 -6.28 -3.82
C ASP A 74 -2.27 -5.30 -3.00
N VAL A 75 -1.99 -5.65 -1.75
CA VAL A 75 -1.23 -4.77 -0.86
C VAL A 75 0.22 -4.61 -1.33
N ARG A 76 0.81 -5.71 -1.81
CA ARG A 76 2.19 -5.65 -2.26
C ARG A 76 2.29 -4.91 -3.59
N LEU A 77 1.19 -4.90 -4.35
CA LEU A 77 1.11 -4.10 -5.57
C LEU A 77 1.18 -2.63 -5.22
N MET A 78 0.60 -2.27 -4.08
CA MET A 78 0.66 -0.91 -3.59
C MET A 78 2.10 -0.50 -3.29
N PHE A 79 2.82 -1.32 -2.53
CA PHE A 79 4.23 -1.06 -2.27
C PHE A 79 5.02 -1.01 -3.59
N SER A 80 4.63 -1.87 -4.52
CA SER A 80 5.30 -1.96 -5.82
C SER A 80 5.16 -0.67 -6.63
N ASN A 81 3.94 -0.12 -6.71
CA ASN A 81 3.73 1.08 -7.52
C ASN A 81 4.47 2.28 -6.93
N CYS A 82 4.65 2.29 -5.60
CA CYS A 82 5.44 3.35 -4.96
C CYS A 82 6.87 3.33 -5.49
N TYR A 83 7.46 2.14 -5.57
CA TYR A 83 8.85 2.02 -6.05
C TYR A 83 8.95 2.38 -7.53
N LYS A 84 7.84 2.25 -8.25
CA LYS A 84 7.81 2.61 -9.66
C LYS A 84 7.97 4.12 -9.83
N TYR A 85 7.25 4.84 -9.01
CA TYR A 85 7.17 6.28 -9.15
C TYR A 85 8.36 6.95 -8.49
N ASN A 86 8.51 6.74 -7.20
CA ASN A 86 9.49 7.43 -6.41
C ASN A 86 10.85 6.74 -6.52
N PRO A 87 11.90 7.52 -6.82
CA PRO A 87 13.27 6.99 -6.91
C PRO A 87 13.77 6.48 -5.56
N PRO A 88 14.80 5.60 -5.59
CA PRO A 88 15.28 4.83 -4.42
C PRO A 88 15.49 5.64 -3.15
N ASP A 89 15.78 6.93 -3.30
CA ASP A 89 15.95 7.80 -2.15
C ASP A 89 14.82 8.82 -2.08
N HIS A 90 13.75 8.43 -1.41
CA HIS A 90 12.60 9.29 -1.22
C HIS A 90 11.78 8.79 -0.04
N ASP A 91 11.10 9.68 0.67
CA ASP A 91 10.36 9.29 1.89
C ASP A 91 9.41 8.12 1.64
N VAL A 92 8.68 8.16 0.53
CA VAL A 92 7.63 7.18 0.27
C VAL A 92 8.20 5.79 0.03
N VAL A 93 9.43 5.71 -0.46
CA VAL A 93 10.05 4.40 -0.69
C VAL A 93 10.62 3.87 0.62
N ALA A 94 11.15 4.77 1.44
CA ALA A 94 11.65 4.40 2.76
C ALA A 94 10.51 3.90 3.63
N MET A 95 9.38 4.60 3.54
CA MET A 95 8.18 4.20 4.28
C MET A 95 7.61 2.91 3.69
N ALA A 96 7.73 2.73 2.37
CA ALA A 96 7.27 1.52 1.72
C ALA A 96 8.14 0.33 2.11
N ARG A 97 9.43 0.59 2.34
CA ARG A 97 10.36 -0.46 2.74
C ARG A 97 10.14 -0.88 4.19
N LYS A 98 9.93 0.10 5.06
CA LYS A 98 9.70 -0.18 6.48
C LYS A 98 8.34 -0.86 6.70
N LEU A 99 7.30 -0.31 6.08
CA LEU A 99 5.98 -0.95 6.08
C LEU A 99 6.04 -2.31 5.39
N GLN A 100 6.98 -2.47 4.47
CA GLN A 100 7.19 -3.78 3.84
C GLN A 100 7.64 -4.76 4.91
N ASP A 101 8.52 -4.31 5.79
CA ASP A 101 9.05 -5.15 6.85
C ASP A 101 7.94 -5.73 7.70
N VAL A 102 7.03 -4.87 8.16
CA VAL A 102 5.91 -5.35 8.97
C VAL A 102 5.02 -6.30 8.16
N PHE A 103 4.48 -5.82 7.04
CA PHE A 103 3.57 -6.62 6.21
C PHE A 103 4.20 -7.95 5.77
N GLU A 104 5.47 -7.92 5.38
CA GLU A 104 6.12 -9.08 4.82
C GLU A 104 6.30 -10.15 5.89
N PHE A 105 6.73 -9.74 7.07
CA PHE A 105 6.92 -10.66 8.17
C PHE A 105 5.58 -11.08 8.78
N ARG A 106 4.56 -10.25 8.60
CA ARG A 106 3.22 -10.60 9.03
C ARG A 106 2.68 -11.74 8.18
N TYR A 107 2.82 -11.59 6.87
CA TYR A 107 2.35 -12.63 5.95
C TYR A 107 3.20 -13.89 6.10
N ALA A 108 4.46 -13.70 6.47
CA ALA A 108 5.38 -14.82 6.65
C ALA A 108 4.99 -15.68 7.85
N LYS A 109 4.54 -15.03 8.92
CA LYS A 109 4.09 -15.76 10.10
C LYS A 109 2.62 -16.12 9.97
N MET A 110 2.00 -15.63 8.91
CA MET A 110 0.63 -16.00 8.57
C MET A 110 0.62 -17.42 8.01
N PRO A 111 -0.15 -18.34 8.64
CA PRO A 111 -0.23 -19.72 8.19
C PRO A 111 -1.26 -19.93 7.09
N ASP A 112 -1.03 -20.94 6.27
CA ASP A 112 -1.95 -21.31 5.20
C ASP A 112 -2.88 -22.41 5.70
N HIS B 1 16.93 13.09 -8.41
CA HIS B 1 16.59 12.75 -9.81
C HIS B 1 15.09 12.88 -10.03
N ASN B 2 14.69 13.82 -10.87
CA ASN B 2 13.27 14.03 -11.16
C ASN B 2 12.80 13.06 -12.23
N LEU B 3 12.74 11.79 -11.86
CA LEU B 3 12.32 10.73 -12.77
C LEU B 3 10.81 10.73 -12.91
N LEU B 4 10.31 11.52 -13.86
CA LEU B 4 8.86 11.64 -14.10
C LEU B 4 8.15 12.16 -12.86
N ARG B 5 8.77 13.17 -12.23
CA ARG B 5 8.31 13.73 -10.95
C ARG B 5 8.58 12.74 -9.82
N ILE B 6 8.79 13.26 -8.62
CA ILE B 6 9.18 12.40 -7.50
C ILE B 6 8.18 12.50 -6.36
OH ALY B 7 3.71 7.15 -5.69
CH ALY B 7 3.32 7.29 -4.54
CH3 ALY B 7 2.76 6.07 -3.80
NZ ALY B 7 3.35 8.46 -3.92
CE ALY B 7 3.84 9.69 -4.52
CD ALY B 7 3.99 10.80 -3.50
CG ALY B 7 4.34 12.14 -4.13
CB ALY B 7 5.62 12.05 -4.95
CA ALY B 7 6.02 13.38 -5.60
N ALY B 7 7.06 13.18 -6.61
C ALY B 7 6.48 14.37 -4.52
O ALY B 7 7.62 14.29 -4.04
HH31 ALY B 7 1.91 6.37 -3.19
HH32 ALY B 7 2.45 5.32 -4.50
HH33 ALY B 7 3.52 5.66 -3.15
HZ ALY B 7 3.01 8.51 -2.99
HE3 ALY B 7 3.15 10.01 -5.29
HE2 ALY B 7 4.81 9.49 -4.97
HD3 ALY B 7 4.76 10.53 -2.80
HD2 ALY B 7 3.05 10.92 -2.97
HG3 ALY B 7 4.47 12.87 -3.35
HG2 ALY B 7 3.53 12.44 -4.77
HB3 ALY B 7 5.48 11.31 -5.72
HB2 ALY B 7 6.42 11.74 -4.30
HA ALY B 7 5.15 13.80 -6.09
H ALY B 7 6.93 13.55 -7.50
N GLN B 8 5.61 15.29 -4.13
CA GLN B 8 5.96 16.28 -3.13
C GLN B 8 5.79 15.74 -1.72
N PHE B 9 6.40 14.59 -1.47
CA PHE B 9 6.41 13.98 -0.14
C PHE B 9 7.75 14.20 0.53
N LEU B 10 8.25 15.43 0.47
CA LEU B 10 9.55 15.76 1.04
C LEU B 10 9.39 16.10 2.51
N GLN B 11 8.73 15.19 3.25
CA GLN B 11 8.38 15.38 4.66
C GLN B 11 7.29 16.45 4.82
N SER B 12 7.54 17.62 4.26
CA SER B 12 6.58 18.71 4.27
C SER B 12 6.78 19.58 3.03
N GLY A 1 -19.30 -15.67 2.16
CA GLY A 1 -18.18 -15.98 3.07
C GLY A 1 -17.98 -14.90 4.12
N LYS A 2 -17.88 -15.32 5.37
CA LYS A 2 -17.71 -14.38 6.48
C LYS A 2 -16.24 -14.21 6.81
N LEU A 3 -15.41 -14.20 5.78
CA LEU A 3 -13.96 -14.10 5.92
C LEU A 3 -13.39 -15.34 6.60
N SER A 4 -12.90 -16.26 5.79
CA SER A 4 -12.26 -17.46 6.28
C SER A 4 -10.92 -17.12 6.94
N GLU A 5 -10.23 -18.14 7.46
CA GLU A 5 -9.00 -17.93 8.22
C GLU A 5 -8.01 -17.03 7.48
N GLN A 6 -7.76 -17.34 6.21
CA GLN A 6 -6.79 -16.59 5.42
C GLN A 6 -7.26 -15.13 5.24
N LEU A 7 -8.54 -14.94 4.92
CA LEU A 7 -9.07 -13.61 4.68
C LEU A 7 -9.30 -12.85 5.99
N LYS A 8 -9.44 -13.57 7.08
CA LYS A 8 -9.53 -12.94 8.38
C LYS A 8 -8.16 -12.48 8.81
N HIS A 9 -7.14 -13.26 8.46
CA HIS A 9 -5.77 -12.90 8.76
C HIS A 9 -5.37 -11.70 7.91
N CYS A 10 -5.88 -11.62 6.68
CA CYS A 10 -5.56 -10.50 5.81
C CYS A 10 -6.22 -9.23 6.33
N ASN A 11 -7.37 -9.40 6.99
CA ASN A 11 -8.07 -8.28 7.60
C ASN A 11 -7.25 -7.74 8.77
N GLY A 12 -6.67 -8.66 9.53
CA GLY A 12 -5.91 -8.29 10.71
C GLY A 12 -4.61 -7.59 10.36
N ILE A 13 -3.94 -8.06 9.33
CA ILE A 13 -2.70 -7.45 8.87
C ILE A 13 -2.96 -6.04 8.37
N LEU A 14 -3.99 -5.89 7.55
CA LEU A 14 -4.38 -4.59 7.01
C LEU A 14 -4.69 -3.62 8.14
N LYS A 15 -5.45 -4.09 9.12
CA LYS A 15 -5.82 -3.30 10.27
C LYS A 15 -4.57 -2.77 10.98
N GLU A 16 -3.54 -3.59 11.03
CA GLU A 16 -2.32 -3.24 11.74
C GLU A 16 -1.57 -2.14 11.00
N LEU A 17 -1.40 -2.33 9.69
CA LEU A 17 -0.75 -1.33 8.85
C LEU A 17 -1.53 -0.02 8.90
N LEU A 18 -2.81 -0.12 9.24
CA LEU A 18 -3.69 1.05 9.37
C LEU A 18 -3.71 1.60 10.80
N SER A 19 -3.21 0.82 11.74
CA SER A 19 -3.19 1.22 13.14
C SER A 19 -2.19 2.34 13.40
N LYS A 20 -2.46 3.12 14.46
CA LYS A 20 -1.68 4.30 14.81
C LYS A 20 -0.24 3.95 15.14
N LYS A 21 0.01 2.68 15.45
CA LYS A 21 1.36 2.19 15.70
C LYS A 21 2.25 2.35 14.46
N HIS A 22 1.64 2.28 13.29
CA HIS A 22 2.39 2.37 12.05
C HIS A 22 2.06 3.65 11.30
N ALA A 23 1.00 4.33 11.72
CA ALA A 23 0.49 5.52 11.04
C ALA A 23 1.58 6.54 10.70
N ALA A 24 2.55 6.66 11.60
CA ALA A 24 3.66 7.60 11.42
C ALA A 24 4.38 7.40 10.09
N TYR A 25 4.40 6.18 9.60
CA TYR A 25 5.08 5.84 8.36
C TYR A 25 4.19 4.98 7.47
N ALA A 26 2.89 5.00 7.76
CA ALA A 26 1.91 4.23 7.00
C ALA A 26 0.93 5.15 6.28
N TRP A 27 0.92 6.44 6.67
CA TRP A 27 -0.01 7.40 6.09
C TRP A 27 0.07 7.48 4.55
N PRO A 28 1.26 7.34 3.90
CA PRO A 28 1.35 7.37 2.43
C PRO A 28 0.47 6.32 1.76
N PHE A 29 0.08 5.29 2.50
CA PHE A 29 -0.63 4.16 1.91
C PHE A 29 -2.07 4.06 2.39
N TYR A 30 -2.43 4.86 3.38
CA TYR A 30 -3.80 4.88 3.89
C TYR A 30 -4.80 5.17 2.77
N LYS A 31 -4.56 6.23 2.02
CA LYS A 31 -5.47 6.65 0.98
C LYS A 31 -4.68 7.03 -0.27
N PRO A 32 -5.35 7.03 -1.44
CA PRO A 32 -4.70 7.38 -2.72
C PRO A 32 -4.04 8.75 -2.68
N VAL A 33 -2.89 8.86 -3.33
CA VAL A 33 -2.19 10.14 -3.40
C VAL A 33 -3.05 11.15 -4.13
N ASP A 34 -2.97 12.40 -3.71
CA ASP A 34 -3.77 13.45 -4.32
C ASP A 34 -2.98 14.07 -5.45
N ALA A 35 -2.77 13.26 -6.48
CA ALA A 35 -1.85 13.58 -7.56
C ALA A 35 -2.06 14.97 -8.14
N SER A 36 -3.31 15.33 -8.42
CA SER A 36 -3.61 16.63 -8.99
C SER A 36 -3.19 17.76 -8.04
N ALA A 37 -3.44 17.58 -6.75
CA ALA A 37 -3.05 18.56 -5.75
C ALA A 37 -1.54 18.54 -5.55
N LEU A 38 -0.95 17.39 -5.81
CA LEU A 38 0.49 17.19 -5.74
C LEU A 38 1.16 17.72 -7.01
N GLY A 39 0.31 18.09 -7.97
CA GLY A 39 0.77 18.61 -9.25
C GLY A 39 1.22 17.50 -10.20
N LEU A 40 0.94 16.27 -9.80
CA LEU A 40 1.33 15.09 -10.57
C LEU A 40 0.24 14.77 -11.61
N HIS A 41 0.37 15.36 -12.78
CA HIS A 41 -0.60 15.18 -13.87
C HIS A 41 -0.29 13.93 -14.69
N ASP A 42 0.68 13.14 -14.24
CA ASP A 42 1.08 11.94 -14.95
C ASP A 42 1.03 10.72 -14.05
N TYR A 43 0.24 10.79 -12.99
CA TYR A 43 0.23 9.74 -11.98
C TYR A 43 -0.46 8.48 -12.49
N HIS A 44 -1.58 8.66 -13.19
CA HIS A 44 -2.36 7.52 -13.67
C HIS A 44 -1.74 6.91 -14.92
N ASP A 45 -0.76 7.61 -15.49
CA ASP A 45 -0.07 7.11 -16.67
C ASP A 45 1.07 6.18 -16.28
N ILE A 46 1.83 6.58 -15.27
CA ILE A 46 2.94 5.75 -14.78
C ILE A 46 2.40 4.62 -13.93
N ILE A 47 1.49 4.94 -13.03
CA ILE A 47 0.92 3.97 -12.14
C ILE A 47 -0.35 3.37 -12.74
N LYS A 48 -0.19 2.23 -13.39
CA LYS A 48 -1.31 1.52 -14.00
C LYS A 48 -2.06 0.70 -12.95
N HIS A 49 -1.34 0.31 -11.90
CA HIS A 49 -1.92 -0.45 -10.81
C HIS A 49 -1.85 0.33 -9.48
N PRO A 50 -2.64 1.42 -9.35
CA PRO A 50 -2.74 2.17 -8.10
C PRO A 50 -3.63 1.47 -7.08
N MET A 51 -3.06 1.12 -5.94
CA MET A 51 -3.82 0.50 -4.86
C MET A 51 -3.47 1.14 -3.54
N ASP A 52 -4.43 1.16 -2.62
CA ASP A 52 -4.26 1.78 -1.32
C ASP A 52 -4.81 0.85 -0.25
N LEU A 53 -4.25 0.87 0.95
CA LEU A 53 -4.70 -0.04 2.02
C LEU A 53 -6.20 0.10 2.29
N SER A 54 -6.69 1.34 2.24
CA SER A 54 -8.11 1.60 2.43
C SER A 54 -8.93 0.87 1.36
N THR A 55 -8.44 0.90 0.13
CA THR A 55 -9.12 0.29 -0.99
C THR A 55 -9.01 -1.24 -0.92
N VAL A 56 -7.88 -1.73 -0.42
CA VAL A 56 -7.70 -3.16 -0.22
C VAL A 56 -8.75 -3.66 0.76
N LYS A 57 -8.89 -2.93 1.86
CA LYS A 57 -9.85 -3.27 2.89
C LYS A 57 -11.26 -3.15 2.34
N ARG A 58 -11.47 -2.10 1.56
CA ARG A 58 -12.74 -1.85 0.92
C ARG A 58 -13.17 -3.05 0.06
N LYS A 59 -12.26 -3.50 -0.79
CA LYS A 59 -12.53 -4.64 -1.66
C LYS A 59 -12.59 -5.94 -0.86
N MET A 60 -11.83 -6.01 0.23
CA MET A 60 -11.90 -7.15 1.15
C MET A 60 -13.27 -7.17 1.84
N GLU A 61 -13.78 -5.99 2.18
CA GLU A 61 -15.09 -5.87 2.82
C GLU A 61 -16.20 -6.30 1.87
N ASN A 62 -15.94 -6.14 0.59
CA ASN A 62 -16.87 -6.59 -0.44
C ASN A 62 -16.63 -8.06 -0.75
N ARG A 63 -15.65 -8.63 -0.03
CA ARG A 63 -15.30 -10.04 -0.12
C ARG A 63 -14.97 -10.44 -1.56
N ASP A 64 -14.35 -9.52 -2.28
CA ASP A 64 -13.89 -9.79 -3.64
C ASP A 64 -12.67 -10.69 -3.64
N TYR A 65 -12.09 -10.87 -2.46
CA TYR A 65 -10.89 -11.67 -2.30
C TYR A 65 -11.26 -13.11 -1.99
N ARG A 66 -10.51 -14.04 -2.56
CA ARG A 66 -10.73 -15.46 -2.29
C ARG A 66 -9.79 -15.94 -1.19
N ASP A 67 -8.58 -15.41 -1.16
CA ASP A 67 -7.58 -15.84 -0.20
C ASP A 67 -6.67 -14.69 0.17
N ALA A 68 -5.88 -14.88 1.21
CA ALA A 68 -4.96 -13.86 1.69
C ALA A 68 -3.87 -13.60 0.68
N GLN A 69 -3.66 -14.55 -0.22
CA GLN A 69 -2.68 -14.39 -1.29
C GLN A 69 -3.11 -13.25 -2.20
N GLU A 70 -4.41 -13.22 -2.49
CA GLU A 70 -4.97 -12.17 -3.32
C GLU A 70 -4.91 -10.84 -2.61
N PHE A 71 -4.99 -10.88 -1.28
CA PHE A 71 -4.75 -9.70 -0.48
C PHE A 71 -3.31 -9.27 -0.60
N ALA A 72 -2.39 -10.21 -0.37
CA ALA A 72 -0.96 -9.95 -0.46
C ALA A 72 -0.63 -9.36 -1.81
N ALA A 73 -1.25 -9.91 -2.84
CA ALA A 73 -1.10 -9.42 -4.20
C ALA A 73 -1.45 -7.94 -4.32
N ASP A 74 -2.57 -7.55 -3.72
CA ASP A 74 -3.06 -6.19 -3.80
C ASP A 74 -2.21 -5.23 -2.94
N VAL A 75 -1.92 -5.63 -1.71
CA VAL A 75 -1.15 -4.79 -0.80
C VAL A 75 0.28 -4.61 -1.29
N ARG A 76 0.88 -5.68 -1.79
CA ARG A 76 2.24 -5.62 -2.29
C ARG A 76 2.29 -4.78 -3.57
N LEU A 77 1.17 -4.77 -4.31
CA LEU A 77 1.06 -3.96 -5.52
C LEU A 77 1.14 -2.48 -5.17
N MET A 78 0.57 -2.14 -4.03
CA MET A 78 0.65 -0.78 -3.52
C MET A 78 2.10 -0.39 -3.25
N PHE A 79 2.82 -1.23 -2.51
CA PHE A 79 4.24 -0.99 -2.26
C PHE A 79 5.02 -0.94 -3.57
N SER A 80 4.64 -1.81 -4.51
CA SER A 80 5.29 -1.89 -5.80
C SER A 80 5.18 -0.58 -6.59
N ASN A 81 3.96 -0.05 -6.70
CA ASN A 81 3.75 1.13 -7.53
C ASN A 81 4.44 2.35 -6.92
N CYS A 82 4.62 2.36 -5.61
CA CYS A 82 5.36 3.45 -4.96
C CYS A 82 6.81 3.44 -5.42
N TYR A 83 7.42 2.26 -5.50
CA TYR A 83 8.80 2.14 -5.97
C TYR A 83 8.92 2.51 -7.43
N LYS A 84 7.82 2.38 -8.16
CA LYS A 84 7.82 2.67 -9.59
C LYS A 84 7.81 4.18 -9.83
N TYR A 85 6.93 4.88 -9.14
CA TYR A 85 6.78 6.32 -9.34
C TYR A 85 7.95 7.08 -8.74
N ASN A 86 8.17 6.88 -7.45
CA ASN A 86 9.11 7.68 -6.69
C ASN A 86 10.53 7.20 -6.92
N PRO A 87 11.43 8.12 -7.31
CA PRO A 87 12.85 7.81 -7.51
C PRO A 87 13.53 7.39 -6.22
N PRO A 88 14.67 6.68 -6.33
CA PRO A 88 15.43 6.11 -5.20
C PRO A 88 15.47 6.99 -3.96
N ASP A 89 15.75 8.28 -4.13
CA ASP A 89 15.85 9.18 -2.99
C ASP A 89 14.53 9.89 -2.75
N HIS A 90 13.64 9.23 -2.04
CA HIS A 90 12.37 9.82 -1.67
C HIS A 90 11.82 9.13 -0.42
N ASP A 91 10.99 9.83 0.33
CA ASP A 91 10.49 9.33 1.60
C ASP A 91 9.52 8.16 1.42
N VAL A 92 8.74 8.18 0.35
CA VAL A 92 7.68 7.18 0.18
C VAL A 92 8.26 5.81 -0.15
N VAL A 93 9.45 5.77 -0.73
CA VAL A 93 10.08 4.50 -1.00
C VAL A 93 10.64 3.91 0.29
N ALA A 94 11.11 4.79 1.18
CA ALA A 94 11.63 4.38 2.47
C ALA A 94 10.50 3.92 3.39
N MET A 95 9.40 4.67 3.39
CA MET A 95 8.23 4.28 4.18
C MET A 95 7.64 2.99 3.65
N ALA A 96 7.72 2.81 2.32
CA ALA A 96 7.23 1.58 1.69
C ALA A 96 8.14 0.41 2.07
N ARG A 97 9.41 0.69 2.34
CA ARG A 97 10.36 -0.35 2.73
C ARG A 97 10.10 -0.82 4.16
N LYS A 98 9.93 0.12 5.07
CA LYS A 98 9.74 -0.21 6.48
C LYS A 98 8.42 -0.92 6.71
N LEU A 99 7.36 -0.43 6.05
CA LEU A 99 6.06 -1.09 6.08
C LEU A 99 6.12 -2.43 5.36
N GLN A 100 7.03 -2.56 4.40
CA GLN A 100 7.23 -3.83 3.72
C GLN A 100 7.78 -4.85 4.71
N ASP A 101 8.57 -4.37 5.67
CA ASP A 101 9.13 -5.22 6.71
C ASP A 101 8.05 -5.82 7.58
N VAL A 102 7.19 -4.96 8.13
CA VAL A 102 6.11 -5.43 9.00
C VAL A 102 5.17 -6.38 8.26
N PHE A 103 4.64 -5.92 7.13
CA PHE A 103 3.74 -6.73 6.33
C PHE A 103 4.38 -8.07 5.91
N GLU A 104 5.68 -8.06 5.63
CA GLU A 104 6.41 -9.28 5.31
C GLU A 104 6.29 -10.30 6.43
N PHE A 105 6.73 -9.92 7.63
CA PHE A 105 6.72 -10.82 8.77
C PHE A 105 5.29 -11.21 9.17
N ARG A 106 4.35 -10.32 8.92
CA ARG A 106 2.95 -10.61 9.21
C ARG A 106 2.42 -11.69 8.29
N TYR A 107 2.71 -11.57 7.01
CA TYR A 107 2.28 -12.58 6.05
C TYR A 107 3.13 -13.84 6.20
N ALA A 108 4.36 -13.69 6.68
CA ALA A 108 5.24 -14.82 6.90
C ALA A 108 4.77 -15.66 8.09
N LYS A 109 4.32 -14.98 9.13
CA LYS A 109 3.76 -15.67 10.29
C LYS A 109 2.44 -16.32 9.94
N MET A 110 1.74 -15.68 9.01
CA MET A 110 0.47 -16.18 8.51
C MET A 110 0.65 -17.50 7.74
N PRO A 111 -0.05 -18.56 8.16
CA PRO A 111 -0.03 -19.82 7.44
C PRO A 111 -1.07 -19.86 6.32
N ASP A 112 -0.71 -20.50 5.23
CA ASP A 112 -1.55 -20.53 4.04
C ASP A 112 -1.70 -21.96 3.53
N HIS B 1 14.89 7.52 -19.90
CA HIS B 1 15.04 7.97 -18.49
C HIS B 1 13.68 8.34 -17.90
N ASN B 2 13.06 9.37 -18.47
CA ASN B 2 11.74 9.83 -18.04
C ASN B 2 11.79 10.37 -16.62
N LEU B 3 12.19 11.62 -16.48
CA LEU B 3 12.22 12.26 -15.18
C LEU B 3 10.80 12.50 -14.68
N LEU B 4 10.33 11.62 -13.80
CA LEU B 4 9.00 11.72 -13.26
C LEU B 4 8.94 12.86 -12.24
N ARG B 5 7.80 13.53 -12.21
CA ARG B 5 7.59 14.64 -11.30
C ARG B 5 7.54 14.13 -9.87
N ILE B 6 8.59 14.39 -9.11
CA ILE B 6 8.67 13.94 -7.73
C ILE B 6 7.42 14.32 -6.94
OH ALY B 7 3.53 7.10 -5.93
CH ALY B 7 3.04 7.21 -4.80
CH3 ALY B 7 2.49 5.97 -4.09
NZ ALY B 7 2.98 8.38 -4.17
CE ALY B 7 3.46 9.64 -4.74
CD ALY B 7 3.52 10.74 -3.70
CG ALY B 7 3.83 12.10 -4.30
CB ALY B 7 5.14 12.09 -5.08
CA ALY B 7 5.58 13.46 -5.58
N ALY B 7 6.72 13.29 -6.45
C ALY B 7 5.97 14.34 -4.39
O ALY B 7 7.04 14.16 -3.82
HH31 ALY B 7 1.79 6.28 -3.33
HH32 ALY B 7 2.00 5.33 -4.81
HH33 ALY B 7 3.31 5.42 -3.63
HZ ALY B 7 2.58 8.41 -3.28
HE3 ALY B 7 2.80 9.94 -5.54
HE2 ALY B 7 4.46 9.48 -5.14
HD3 ALY B 7 4.29 10.49 -2.98
HD2 ALY B 7 2.57 10.79 -3.19
HG3 ALY B 7 3.90 12.82 -3.50
HG2 ALY B 7 3.03 12.38 -4.96
HB3 ALY B 7 5.02 11.42 -5.91
HB2 ALY B 7 5.91 11.71 -4.42
HA ALY B 7 4.77 13.91 -6.13
H ALY B 7 7.00 12.38 -6.70
N GLN B 8 5.14 15.30 -4.02
CA GLN B 8 5.41 16.12 -2.84
C GLN B 8 5.07 15.32 -1.60
N PHE B 9 6.02 14.53 -1.13
CA PHE B 9 5.76 13.54 -0.08
C PHE B 9 6.98 13.31 0.79
N LEU B 10 7.00 13.96 1.94
CA LEU B 10 8.06 13.76 2.92
C LEU B 10 7.51 13.81 4.34
N GLN B 11 6.78 14.87 4.65
CA GLN B 11 6.14 15.03 5.95
C GLN B 11 4.80 15.71 5.79
N SER B 12 3.80 15.21 6.50
CA SER B 12 2.45 15.72 6.38
C SER B 12 1.78 15.72 7.76
N GLY A 1 -20.15 -13.61 1.04
CA GLY A 1 -18.88 -14.31 1.27
C GLY A 1 -18.31 -14.06 2.65
N LYS A 2 -17.96 -15.12 3.36
CA LYS A 2 -17.41 -15.00 4.70
C LYS A 2 -15.89 -14.94 4.66
N LEU A 3 -15.33 -14.28 5.66
CA LEU A 3 -13.88 -14.19 5.80
C LEU A 3 -13.33 -15.46 6.44
N SER A 4 -12.73 -16.31 5.62
CA SER A 4 -12.08 -17.51 6.11
C SER A 4 -10.78 -17.14 6.83
N GLU A 5 -10.07 -18.11 7.38
CA GLU A 5 -8.86 -17.83 8.17
C GLU A 5 -7.89 -16.92 7.42
N GLN A 6 -7.68 -17.21 6.15
CA GLN A 6 -6.76 -16.41 5.33
C GLN A 6 -7.26 -14.97 5.21
N LEU A 7 -8.54 -14.80 4.95
CA LEU A 7 -9.11 -13.47 4.75
C LEU A 7 -9.34 -12.75 6.08
N LYS A 8 -9.47 -13.52 7.15
CA LYS A 8 -9.56 -12.94 8.46
C LYS A 8 -8.18 -12.48 8.91
N HIS A 9 -7.17 -13.24 8.52
CA HIS A 9 -5.79 -12.87 8.80
C HIS A 9 -5.40 -11.66 7.97
N CYS A 10 -5.90 -11.57 6.74
CA CYS A 10 -5.60 -10.43 5.88
C CYS A 10 -6.27 -9.18 6.43
N ASN A 11 -7.39 -9.37 7.11
CA ASN A 11 -8.10 -8.28 7.76
C ASN A 11 -7.24 -7.71 8.89
N GLY A 12 -6.63 -8.62 9.65
CA GLY A 12 -5.82 -8.22 10.79
C GLY A 12 -4.53 -7.54 10.38
N ILE A 13 -3.89 -8.07 9.34
CA ILE A 13 -2.66 -7.47 8.81
C ILE A 13 -2.92 -6.05 8.34
N LEU A 14 -3.93 -5.91 7.48
CA LEU A 14 -4.33 -4.61 6.96
C LEU A 14 -4.63 -3.65 8.10
N LYS A 15 -5.42 -4.13 9.05
CA LYS A 15 -5.82 -3.36 10.21
C LYS A 15 -4.60 -2.82 10.95
N GLU A 16 -3.58 -3.65 11.05
CA GLU A 16 -2.38 -3.30 11.80
C GLU A 16 -1.60 -2.21 11.06
N LEU A 17 -1.45 -2.37 9.76
CA LEU A 17 -0.79 -1.36 8.94
C LEU A 17 -1.59 -0.06 8.96
N LEU A 18 -2.88 -0.18 9.27
CA LEU A 18 -3.77 0.99 9.41
C LEU A 18 -3.82 1.51 10.83
N SER A 19 -3.23 0.77 11.75
CA SER A 19 -3.20 1.18 13.15
C SER A 19 -2.17 2.29 13.37
N LYS A 20 -2.47 3.15 14.34
CA LYS A 20 -1.67 4.34 14.63
C LYS A 20 -0.23 3.99 14.99
N LYS A 21 -0.01 2.74 15.38
CA LYS A 21 1.34 2.24 15.63
C LYS A 21 2.23 2.40 14.40
N HIS A 22 1.65 2.21 13.22
CA HIS A 22 2.43 2.28 11.98
C HIS A 22 2.08 3.54 11.21
N ALA A 23 0.99 4.20 11.59
CA ALA A 23 0.48 5.39 10.89
C ALA A 23 1.56 6.42 10.63
N ALA A 24 2.49 6.56 11.58
CA ALA A 24 3.59 7.51 11.48
C ALA A 24 4.40 7.34 10.18
N TYR A 25 4.33 6.16 9.60
CA TYR A 25 5.01 5.88 8.35
C TYR A 25 4.15 4.99 7.45
N ALA A 26 2.84 4.96 7.72
CA ALA A 26 1.90 4.18 6.94
C ALA A 26 0.91 5.09 6.21
N TRP A 27 0.87 6.36 6.60
CA TRP A 27 -0.10 7.31 6.03
C TRP A 27 -0.01 7.42 4.48
N PRO A 28 1.20 7.31 3.83
CA PRO A 28 1.28 7.35 2.37
C PRO A 28 0.38 6.32 1.69
N PHE A 29 0.04 5.26 2.41
CA PHE A 29 -0.68 4.13 1.82
C PHE A 29 -2.11 4.04 2.33
N TYR A 30 -2.46 4.86 3.31
CA TYR A 30 -3.83 4.92 3.78
C TYR A 30 -4.78 5.28 2.65
N LYS A 31 -4.54 6.42 2.02
CA LYS A 31 -5.40 6.93 0.99
C LYS A 31 -4.59 7.28 -0.26
N PRO A 32 -5.23 7.31 -1.45
CA PRO A 32 -4.57 7.69 -2.71
C PRO A 32 -3.89 9.05 -2.61
N VAL A 33 -2.67 9.14 -3.14
CA VAL A 33 -1.93 10.39 -3.15
C VAL A 33 -2.73 11.45 -3.89
N ASP A 34 -2.63 12.69 -3.42
CA ASP A 34 -3.37 13.79 -4.03
C ASP A 34 -2.58 14.31 -5.21
N ALA A 35 -2.43 13.45 -6.21
CA ALA A 35 -1.52 13.67 -7.33
C ALA A 35 -1.67 15.06 -7.94
N SER A 36 -2.90 15.50 -8.13
CA SER A 36 -3.16 16.81 -8.70
C SER A 36 -2.61 17.91 -7.80
N ALA A 37 -2.73 17.72 -6.50
CA ALA A 37 -2.28 18.69 -5.52
C ALA A 37 -0.75 18.71 -5.40
N LEU A 38 -0.11 17.57 -5.64
CA LEU A 38 1.37 17.55 -5.56
C LEU A 38 1.99 17.82 -6.92
N GLY A 39 1.18 18.24 -7.88
CA GLY A 39 1.67 18.59 -9.20
C GLY A 39 2.01 17.38 -10.04
N LEU A 40 1.51 16.23 -9.62
CA LEU A 40 1.79 14.98 -10.30
C LEU A 40 0.72 14.70 -11.33
N HIS A 41 0.93 15.23 -12.53
CA HIS A 41 -0.05 15.09 -13.61
C HIS A 41 0.16 13.78 -14.35
N ASP A 42 1.21 13.06 -13.97
CA ASP A 42 1.62 11.85 -14.67
C ASP A 42 1.41 10.62 -13.81
N TYR A 43 0.65 10.77 -12.72
CA TYR A 43 0.56 9.71 -11.71
C TYR A 43 -0.10 8.44 -12.26
N HIS A 44 -1.14 8.59 -13.05
CA HIS A 44 -1.87 7.41 -13.54
C HIS A 44 -1.23 6.83 -14.79
N ASP A 45 -0.21 7.52 -15.30
CA ASP A 45 0.52 7.03 -16.46
C ASP A 45 1.70 6.16 -16.03
N ILE A 46 2.19 6.40 -14.83
CA ILE A 46 3.26 5.59 -14.26
C ILE A 46 2.67 4.49 -13.41
N ILE A 47 1.70 4.85 -12.58
CA ILE A 47 1.07 3.89 -11.71
C ILE A 47 -0.07 3.18 -12.45
N LYS A 48 0.16 1.93 -12.81
CA LYS A 48 -0.83 1.15 -13.55
C LYS A 48 -1.77 0.41 -12.60
N HIS A 49 -1.28 0.09 -11.42
CA HIS A 49 -2.11 -0.51 -10.39
C HIS A 49 -2.11 0.36 -9.13
N PRO A 50 -2.77 1.54 -9.17
CA PRO A 50 -2.91 2.40 -8.00
C PRO A 50 -3.81 1.76 -6.95
N MET A 51 -3.20 1.32 -5.86
CA MET A 51 -3.93 0.68 -4.79
C MET A 51 -3.51 1.25 -3.46
N ASP A 52 -4.45 1.30 -2.52
CA ASP A 52 -4.20 1.85 -1.19
C ASP A 52 -4.80 0.92 -0.15
N LEU A 53 -4.27 0.92 1.07
CA LEU A 53 -4.73 -0.01 2.10
C LEU A 53 -6.23 0.13 2.35
N SER A 54 -6.73 1.37 2.36
CA SER A 54 -8.15 1.61 2.56
C SER A 54 -8.98 0.96 1.43
N THR A 55 -8.42 0.91 0.23
CA THR A 55 -9.08 0.32 -0.92
C THR A 55 -9.00 -1.20 -0.85
N VAL A 56 -7.87 -1.71 -0.38
CA VAL A 56 -7.70 -3.14 -0.18
C VAL A 56 -8.77 -3.63 0.80
N LYS A 57 -8.93 -2.89 1.88
CA LYS A 57 -9.91 -3.20 2.89
C LYS A 57 -11.30 -3.08 2.33
N ARG A 58 -11.51 -2.03 1.54
CA ARG A 58 -12.79 -1.79 0.87
C ARG A 58 -13.20 -3.01 0.05
N LYS A 59 -12.30 -3.49 -0.79
CA LYS A 59 -12.56 -4.63 -1.65
C LYS A 59 -12.63 -5.91 -0.82
N MET A 60 -11.93 -5.94 0.31
CA MET A 60 -12.01 -7.06 1.24
C MET A 60 -13.38 -7.07 1.91
N GLU A 61 -13.92 -5.89 2.18
CA GLU A 61 -15.24 -5.76 2.78
C GLU A 61 -16.31 -6.25 1.82
N ASN A 62 -16.06 -6.06 0.53
CA ASN A 62 -16.98 -6.54 -0.50
C ASN A 62 -16.72 -8.02 -0.76
N ARG A 63 -15.73 -8.54 -0.04
CA ARG A 63 -15.38 -9.95 -0.05
C ARG A 63 -15.06 -10.42 -1.46
N ASP A 64 -14.40 -9.56 -2.22
CA ASP A 64 -13.93 -9.90 -3.56
C ASP A 64 -12.78 -10.90 -3.49
N TYR A 65 -12.13 -10.94 -2.34
CA TYR A 65 -10.95 -11.76 -2.14
C TYR A 65 -11.35 -13.20 -1.84
N ARG A 66 -10.55 -14.13 -2.31
CA ARG A 66 -10.77 -15.54 -2.04
C ARG A 66 -9.76 -16.07 -1.04
N ASP A 67 -8.56 -15.48 -1.04
CA ASP A 67 -7.50 -15.94 -0.15
C ASP A 67 -6.62 -14.77 0.23
N ALA A 68 -5.80 -14.97 1.25
CA ALA A 68 -4.91 -13.91 1.72
C ALA A 68 -3.80 -13.65 0.73
N GLN A 69 -3.61 -14.62 -0.17
CA GLN A 69 -2.63 -14.47 -1.23
C GLN A 69 -3.09 -13.38 -2.18
N GLU A 70 -4.39 -13.35 -2.43
CA GLU A 70 -4.98 -12.32 -3.28
C GLU A 70 -4.88 -10.97 -2.61
N PHE A 71 -5.01 -10.97 -1.29
CA PHE A 71 -4.79 -9.78 -0.50
C PHE A 71 -3.34 -9.34 -0.63
N ALA A 72 -2.43 -10.26 -0.35
CA ALA A 72 -1.01 -10.02 -0.44
C ALA A 72 -0.66 -9.45 -1.81
N ALA A 73 -1.23 -10.04 -2.84
CA ALA A 73 -1.05 -9.61 -4.20
C ALA A 73 -1.39 -8.13 -4.37
N ASP A 74 -2.51 -7.71 -3.80
CA ASP A 74 -3.01 -6.34 -3.97
C ASP A 74 -2.22 -5.36 -3.11
N VAL A 75 -1.96 -5.72 -1.85
CA VAL A 75 -1.23 -4.83 -0.93
C VAL A 75 0.22 -4.67 -1.36
N ARG A 76 0.85 -5.75 -1.79
CA ARG A 76 2.24 -5.69 -2.22
C ARG A 76 2.34 -4.88 -3.51
N LEU A 77 1.28 -4.91 -4.32
CA LEU A 77 1.21 -4.12 -5.53
C LEU A 77 1.21 -2.64 -5.20
N MET A 78 0.60 -2.29 -4.08
CA MET A 78 0.62 -0.91 -3.59
C MET A 78 2.05 -0.47 -3.28
N PHE A 79 2.77 -1.26 -2.49
CA PHE A 79 4.17 -0.95 -2.21
C PHE A 79 4.99 -0.92 -3.50
N SER A 80 4.65 -1.82 -4.42
CA SER A 80 5.34 -1.92 -5.70
C SER A 80 5.18 -0.66 -6.54
N ASN A 81 3.96 -0.12 -6.61
CA ASN A 81 3.72 1.05 -7.45
C ASN A 81 4.46 2.27 -6.88
N CYS A 82 4.62 2.31 -5.56
CA CYS A 82 5.40 3.41 -4.94
C CYS A 82 6.84 3.38 -5.44
N TYR A 83 7.44 2.19 -5.52
CA TYR A 83 8.82 2.07 -6.00
C TYR A 83 8.92 2.42 -7.47
N LYS A 84 7.82 2.26 -8.21
CA LYS A 84 7.80 2.60 -9.63
C LYS A 84 7.94 4.09 -9.81
N TYR A 85 7.16 4.83 -9.05
CA TYR A 85 7.05 6.26 -9.22
C TYR A 85 8.24 6.99 -8.63
N ASN A 86 8.43 6.81 -7.33
CA ASN A 86 9.43 7.57 -6.60
C ASN A 86 10.81 6.92 -6.73
N PRO A 87 11.83 7.72 -7.08
CA PRO A 87 13.20 7.24 -7.17
C PRO A 87 13.68 6.64 -5.84
N PRO A 88 14.67 5.71 -5.91
CA PRO A 88 15.12 4.88 -4.78
C PRO A 88 15.38 5.65 -3.48
N ASP A 89 15.69 6.93 -3.57
CA ASP A 89 15.88 7.75 -2.37
C ASP A 89 14.79 8.81 -2.29
N HIS A 90 13.64 8.43 -1.77
CA HIS A 90 12.56 9.36 -1.54
C HIS A 90 11.73 8.88 -0.35
N ASP A 91 11.18 9.81 0.42
CA ASP A 91 10.47 9.46 1.65
C ASP A 91 9.48 8.31 1.48
N VAL A 92 8.70 8.33 0.41
CA VAL A 92 7.64 7.34 0.21
C VAL A 92 8.19 5.94 -0.01
N VAL A 93 9.40 5.84 -0.56
CA VAL A 93 9.97 4.52 -0.82
C VAL A 93 10.55 3.93 0.47
N ALA A 94 11.09 4.80 1.31
CA ALA A 94 11.62 4.39 2.60
C ALA A 94 10.48 3.95 3.51
N MET A 95 9.38 4.70 3.47
CA MET A 95 8.19 4.35 4.25
C MET A 95 7.56 3.07 3.71
N ALA A 96 7.61 2.89 2.39
CA ALA A 96 7.07 1.68 1.76
C ALA A 96 7.90 0.46 2.12
N ARG A 97 9.20 0.68 2.27
CA ARG A 97 10.13 -0.41 2.54
C ARG A 97 10.04 -0.86 4.00
N LYS A 98 9.92 0.11 4.90
CA LYS A 98 9.79 -0.20 6.32
C LYS A 98 8.46 -0.92 6.58
N LEU A 99 7.39 -0.40 5.99
CA LEU A 99 6.09 -1.06 6.06
C LEU A 99 6.12 -2.42 5.38
N GLN A 100 7.04 -2.61 4.43
CA GLN A 100 7.24 -3.91 3.84
C GLN A 100 7.72 -4.89 4.91
N ASP A 101 8.69 -4.44 5.72
CA ASP A 101 9.25 -5.26 6.79
C ASP A 101 8.16 -5.81 7.71
N VAL A 102 7.22 -4.96 8.10
CA VAL A 102 6.12 -5.41 8.94
C VAL A 102 5.16 -6.32 8.16
N PHE A 103 4.58 -5.79 7.09
CA PHE A 103 3.61 -6.54 6.27
C PHE A 103 4.16 -7.90 5.84
N GLU A 104 5.43 -7.96 5.46
CA GLU A 104 6.02 -9.17 4.96
C GLU A 104 6.19 -10.18 6.08
N PHE A 105 6.66 -9.70 7.22
CA PHE A 105 6.83 -10.54 8.40
C PHE A 105 5.48 -11.07 8.89
N ARG A 106 4.44 -10.25 8.73
CA ARG A 106 3.10 -10.63 9.13
C ARG A 106 2.60 -11.76 8.24
N TYR A 107 2.79 -11.61 6.93
CA TYR A 107 2.35 -12.62 5.99
C TYR A 107 3.22 -13.88 6.13
N ALA A 108 4.47 -13.69 6.51
CA ALA A 108 5.38 -14.80 6.75
C ALA A 108 4.95 -15.61 7.97
N LYS A 109 4.46 -14.91 8.99
CA LYS A 109 3.96 -15.56 10.19
C LYS A 109 2.60 -16.19 9.93
N MET A 110 1.87 -15.58 8.99
CA MET A 110 0.56 -16.07 8.58
C MET A 110 0.67 -17.45 7.92
N PRO A 111 0.00 -18.47 8.49
CA PRO A 111 -0.06 -19.80 7.90
C PRO A 111 -1.26 -19.98 6.97
N ASP A 112 -1.21 -21.02 6.16
CA ASP A 112 -2.31 -21.34 5.27
C ASP A 112 -3.21 -22.38 5.93
N HIS B 1 18.85 11.88 -15.64
CA HIS B 1 18.47 10.50 -16.00
C HIS B 1 17.01 10.23 -15.63
N ASN B 2 16.55 10.81 -14.54
CA ASN B 2 15.17 10.64 -14.11
C ASN B 2 14.38 11.92 -14.38
N LEU B 3 13.57 11.90 -15.40
CA LEU B 3 12.78 13.06 -15.77
C LEU B 3 11.32 12.83 -15.42
N LEU B 4 11.11 12.30 -14.23
CA LEU B 4 9.77 12.05 -13.73
C LEU B 4 9.49 12.97 -12.55
N ARG B 5 8.31 13.55 -12.53
CA ARG B 5 7.88 14.41 -11.44
C ARG B 5 7.95 13.64 -10.12
N ILE B 6 8.60 14.21 -9.13
CA ILE B 6 8.74 13.55 -7.85
C ILE B 6 7.62 13.99 -6.90
OH ALY B 7 3.86 7.11 -5.33
CH ALY B 7 3.27 7.27 -4.26
CH3 ALY B 7 2.66 6.05 -3.56
NZ ALY B 7 3.14 8.46 -3.71
CE ALY B 7 3.66 9.70 -4.29
CD ALY B 7 3.70 10.83 -3.27
CG ALY B 7 4.14 12.14 -3.89
CB ALY B 7 5.43 12.00 -4.69
CA ALY B 7 5.89 13.30 -5.33
N ALY B 7 6.97 13.02 -6.27
C ALY B 7 6.35 14.26 -4.24
O ALY B 7 7.42 14.09 -3.68
HH31 ALY B 7 1.82 6.38 -2.95
HH32 ALY B 7 2.33 5.34 -4.28
HH33 ALY B 7 3.41 5.59 -2.92
HZ ALY B 7 2.66 8.53 -2.86
HE3 ALY B 7 3.04 9.99 -5.12
HE2 ALY B 7 4.67 9.52 -4.64
HD3 ALY B 7 4.38 10.56 -2.48
HD2 ALY B 7 2.70 10.96 -2.86
HG3 ALY B 7 4.30 12.86 -3.10
HG2 ALY B 7 3.36 12.50 -4.54
HB3 ALY B 7 5.27 11.27 -5.46
HB2 ALY B 7 6.21 11.65 -4.03
HA ALY B 7 5.06 13.73 -5.87
H ALY B 7 7.24 12.10 -6.43
N GLN B 8 5.54 15.28 -3.96
CA GLN B 8 5.87 16.25 -2.92
C GLN B 8 5.70 15.65 -1.53
N PHE B 9 6.56 14.70 -1.20
CA PHE B 9 6.57 14.07 0.12
C PHE B 9 7.91 14.28 0.78
N LEU B 10 8.01 15.33 1.58
CA LEU B 10 9.24 15.64 2.28
C LEU B 10 8.99 15.72 3.78
N GLN B 11 9.38 14.67 4.50
CA GLN B 11 9.18 14.62 5.95
C GLN B 11 10.15 15.54 6.67
N SER B 12 9.65 16.70 7.09
CA SER B 12 10.45 17.65 7.84
C SER B 12 9.63 18.19 9.00
N GLY A 1 -17.36 -16.83 2.76
CA GLY A 1 -17.81 -15.45 2.45
C GLY A 1 -17.62 -14.50 3.62
N LYS A 2 -17.80 -15.01 4.84
CA LYS A 2 -17.65 -14.20 6.04
C LYS A 2 -16.20 -14.18 6.52
N LEU A 3 -15.29 -14.09 5.56
CA LEU A 3 -13.85 -14.07 5.82
C LEU A 3 -13.37 -15.39 6.41
N SER A 4 -12.77 -16.20 5.57
CA SER A 4 -12.14 -17.44 6.02
C SER A 4 -10.84 -17.11 6.73
N GLU A 5 -10.16 -18.13 7.25
CA GLU A 5 -8.93 -17.94 8.04
C GLU A 5 -7.94 -17.00 7.34
N GLN A 6 -7.66 -17.29 6.07
CA GLN A 6 -6.69 -16.50 5.31
C GLN A 6 -7.18 -15.06 5.16
N LEU A 7 -8.48 -14.88 4.90
CA LEU A 7 -9.03 -13.54 4.70
C LEU A 7 -9.23 -12.81 6.02
N LYS A 8 -9.33 -13.55 7.10
CA LYS A 8 -9.37 -12.94 8.42
C LYS A 8 -7.97 -12.45 8.78
N HIS A 9 -6.96 -13.20 8.35
CA HIS A 9 -5.58 -12.82 8.61
C HIS A 9 -5.20 -11.64 7.72
N CYS A 10 -5.79 -11.56 6.53
CA CYS A 10 -5.54 -10.42 5.64
C CYS A 10 -6.21 -9.18 6.21
N ASN A 11 -7.29 -9.39 6.94
CA ASN A 11 -7.99 -8.29 7.60
C ASN A 11 -7.15 -7.78 8.77
N GLY A 12 -6.51 -8.72 9.47
CA GLY A 12 -5.72 -8.37 10.64
C GLY A 12 -4.46 -7.61 10.29
N ILE A 13 -3.72 -8.11 9.31
CA ILE A 13 -2.49 -7.45 8.87
C ILE A 13 -2.79 -6.06 8.32
N LEU A 14 -3.84 -5.96 7.53
CA LEU A 14 -4.29 -4.67 7.00
C LEU A 14 -4.59 -3.72 8.14
N LYS A 15 -5.34 -4.22 9.11
CA LYS A 15 -5.68 -3.49 10.31
C LYS A 15 -4.43 -2.98 11.01
N GLU A 16 -3.38 -3.77 10.98
CA GLU A 16 -2.13 -3.42 11.64
C GLU A 16 -1.43 -2.30 10.90
N LEU A 17 -1.34 -2.43 9.58
CA LEU A 17 -0.72 -1.40 8.75
C LEU A 17 -1.55 -0.10 8.84
N LEU A 18 -2.82 -0.26 9.16
CA LEU A 18 -3.73 0.88 9.32
C LEU A 18 -3.74 1.40 10.75
N SER A 19 -3.16 0.64 11.66
CA SER A 19 -3.07 1.03 13.06
C SER A 19 -2.19 2.26 13.23
N LYS A 20 -2.59 3.12 14.17
CA LYS A 20 -1.93 4.39 14.42
C LYS A 20 -0.47 4.18 14.82
N LYS A 21 -0.20 2.98 15.34
CA LYS A 21 1.15 2.57 15.68
C LYS A 21 2.09 2.69 14.47
N HIS A 22 1.57 2.38 13.29
CA HIS A 22 2.38 2.38 12.08
C HIS A 22 2.06 3.61 11.24
N ALA A 23 0.96 4.27 11.57
CA ALA A 23 0.46 5.42 10.81
C ALA A 23 1.55 6.46 10.54
N ALA A 24 2.46 6.61 11.48
CA ALA A 24 3.56 7.57 11.37
C ALA A 24 4.35 7.36 10.08
N TYR A 25 4.37 6.13 9.58
CA TYR A 25 5.06 5.80 8.34
C TYR A 25 4.19 4.91 7.46
N ALA A 26 2.89 4.91 7.75
CA ALA A 26 1.92 4.13 6.96
C ALA A 26 0.90 5.04 6.27
N TRP A 27 0.83 6.30 6.69
CA TRP A 27 -0.14 7.24 6.15
C TRP A 27 -0.07 7.40 4.62
N PRO A 28 1.14 7.36 3.97
CA PRO A 28 1.24 7.46 2.51
C PRO A 28 0.41 6.40 1.78
N PHE A 29 0.08 5.31 2.48
CA PHE A 29 -0.57 4.17 1.82
C PHE A 29 -2.02 4.03 2.26
N TYR A 30 -2.43 4.80 3.27
CA TYR A 30 -3.84 4.80 3.69
C TYR A 30 -4.73 5.13 2.49
N LYS A 31 -4.38 6.20 1.79
CA LYS A 31 -5.10 6.62 0.60
C LYS A 31 -4.11 7.06 -0.48
N PRO A 32 -4.52 7.00 -1.76
CA PRO A 32 -3.67 7.39 -2.90
C PRO A 32 -3.21 8.84 -2.81
N VAL A 33 -2.05 9.11 -3.40
CA VAL A 33 -1.42 10.43 -3.31
C VAL A 33 -2.26 11.50 -4.00
N ASP A 34 -2.20 12.72 -3.48
CA ASP A 34 -2.98 13.83 -4.02
C ASP A 34 -2.26 14.45 -5.21
N ALA A 35 -2.17 13.69 -6.29
CA ALA A 35 -1.41 14.10 -7.46
C ALA A 35 -1.84 15.47 -7.99
N SER A 36 -3.13 15.76 -7.90
CA SER A 36 -3.65 17.05 -8.36
C SER A 36 -3.05 18.20 -7.54
N ALA A 37 -2.93 17.98 -6.23
CA ALA A 37 -2.38 18.98 -5.34
C ALA A 37 -0.85 18.93 -5.35
N LEU A 38 -0.32 17.76 -5.63
CA LEU A 38 1.12 17.52 -5.63
C LEU A 38 1.77 17.99 -6.93
N GLY A 39 0.93 18.34 -7.91
CA GLY A 39 1.45 18.80 -9.20
C GLY A 39 1.82 17.64 -10.11
N LEU A 40 1.51 16.44 -9.64
CA LEU A 40 1.84 15.22 -10.35
C LEU A 40 0.77 14.89 -11.38
N HIS A 41 0.78 15.61 -12.50
CA HIS A 41 -0.28 15.48 -13.51
C HIS A 41 -0.25 14.12 -14.21
N ASP A 42 0.86 13.42 -14.09
CA ASP A 42 1.06 12.17 -14.83
C ASP A 42 1.11 10.96 -13.90
N TYR A 43 0.47 11.08 -12.74
CA TYR A 43 0.53 10.04 -11.73
C TYR A 43 -0.14 8.75 -12.22
N HIS A 44 -1.25 8.88 -12.94
CA HIS A 44 -1.97 7.71 -13.42
C HIS A 44 -1.31 7.12 -14.66
N ASP A 45 -0.35 7.84 -15.24
CA ASP A 45 0.35 7.37 -16.41
C ASP A 45 1.52 6.47 -16.01
N ILE A 46 2.12 6.77 -14.87
CA ILE A 46 3.19 5.95 -14.34
C ILE A 46 2.61 4.84 -13.48
N ILE A 47 1.66 5.21 -12.64
CA ILE A 47 1.01 4.25 -11.77
C ILE A 47 -0.17 3.60 -12.49
N LYS A 48 0.03 2.38 -12.93
CA LYS A 48 -1.00 1.66 -13.65
C LYS A 48 -1.94 0.94 -12.69
N HIS A 49 -1.43 0.58 -11.53
CA HIS A 49 -2.23 -0.06 -10.50
C HIS A 49 -2.18 0.72 -9.18
N PRO A 50 -2.80 1.93 -9.15
CA PRO A 50 -2.87 2.74 -7.93
C PRO A 50 -3.78 2.10 -6.88
N MET A 51 -3.19 1.57 -5.84
CA MET A 51 -3.95 0.93 -4.79
C MET A 51 -3.52 1.44 -3.42
N ASP A 52 -4.47 1.42 -2.49
CA ASP A 52 -4.25 1.90 -1.14
C ASP A 52 -4.89 0.93 -0.16
N LEU A 53 -4.41 0.93 1.08
CA LEU A 53 -4.84 -0.03 2.09
C LEU A 53 -6.30 0.13 2.45
N SER A 54 -6.84 1.32 2.27
CA SER A 54 -8.26 1.55 2.55
C SER A 54 -9.12 0.85 1.49
N THR A 55 -8.69 0.93 0.22
CA THR A 55 -9.39 0.28 -0.88
C THR A 55 -9.19 -1.23 -0.84
N VAL A 56 -8.02 -1.67 -0.40
CA VAL A 56 -7.77 -3.11 -0.24
C VAL A 56 -8.77 -3.67 0.75
N LYS A 57 -8.93 -2.97 1.86
CA LYS A 57 -9.86 -3.35 2.89
C LYS A 57 -11.28 -3.25 2.38
N ARG A 58 -11.53 -2.20 1.60
CA ARG A 58 -12.83 -1.98 0.97
C ARG A 58 -13.24 -3.19 0.13
N LYS A 59 -12.35 -3.61 -0.77
CA LYS A 59 -12.63 -4.74 -1.65
C LYS A 59 -12.65 -6.04 -0.84
N MET A 60 -11.95 -6.04 0.29
CA MET A 60 -11.99 -7.17 1.21
C MET A 60 -13.33 -7.22 1.93
N GLU A 61 -13.88 -6.05 2.26
CA GLU A 61 -15.19 -5.96 2.91
C GLU A 61 -16.28 -6.41 1.96
N ASN A 62 -16.04 -6.23 0.66
CA ASN A 62 -16.97 -6.68 -0.36
C ASN A 62 -16.76 -8.16 -0.62
N ARG A 63 -15.75 -8.70 0.07
CA ARG A 63 -15.43 -10.12 0.07
C ARG A 63 -15.15 -10.62 -1.33
N ASP A 64 -14.58 -9.76 -2.16
CA ASP A 64 -14.19 -10.15 -3.51
C ASP A 64 -12.93 -11.00 -3.47
N TYR A 65 -12.21 -10.92 -2.36
CA TYR A 65 -11.00 -11.70 -2.17
C TYR A 65 -11.34 -13.14 -1.81
N ARG A 66 -10.60 -14.07 -2.35
CA ARG A 66 -10.79 -15.48 -2.03
C ARG A 66 -9.72 -15.94 -1.05
N ASP A 67 -8.52 -15.39 -1.18
CA ASP A 67 -7.39 -15.86 -0.41
C ASP A 67 -6.58 -14.67 0.08
N ALA A 68 -5.77 -14.89 1.10
CA ALA A 68 -4.93 -13.84 1.65
C ALA A 68 -3.81 -13.52 0.66
N GLN A 69 -3.60 -14.43 -0.27
CA GLN A 69 -2.62 -14.25 -1.31
C GLN A 69 -3.11 -13.16 -2.25
N GLU A 70 -4.42 -13.17 -2.53
CA GLU A 70 -5.04 -12.14 -3.35
C GLU A 70 -4.95 -10.80 -2.64
N PHE A 71 -5.04 -10.84 -1.33
CA PHE A 71 -4.81 -9.66 -0.52
C PHE A 71 -3.38 -9.20 -0.67
N ALA A 72 -2.44 -10.12 -0.43
CA ALA A 72 -1.02 -9.82 -0.54
C ALA A 72 -0.73 -9.26 -1.92
N ALA A 73 -1.38 -9.81 -2.93
CA ALA A 73 -1.25 -9.34 -4.29
C ALA A 73 -1.61 -7.86 -4.40
N ASP A 74 -2.71 -7.47 -3.76
CA ASP A 74 -3.18 -6.09 -3.83
C ASP A 74 -2.29 -5.15 -3.04
N VAL A 75 -2.01 -5.51 -1.78
CA VAL A 75 -1.21 -4.68 -0.90
C VAL A 75 0.22 -4.52 -1.41
N ARG A 76 0.80 -5.62 -1.90
CA ARG A 76 2.17 -5.57 -2.38
C ARG A 76 2.25 -4.76 -3.68
N LEU A 77 1.16 -4.76 -4.43
CA LEU A 77 1.07 -3.95 -5.63
C LEU A 77 1.10 -2.47 -5.28
N MET A 78 0.58 -2.15 -4.10
CA MET A 78 0.64 -0.79 -3.59
C MET A 78 2.09 -0.39 -3.33
N PHE A 79 2.85 -1.24 -2.64
CA PHE A 79 4.27 -1.00 -2.42
C PHE A 79 5.02 -0.94 -3.75
N SER A 80 4.61 -1.79 -4.69
CA SER A 80 5.25 -1.87 -5.99
C SER A 80 5.10 -0.58 -6.79
N ASN A 81 3.88 -0.03 -6.85
CA ASN A 81 3.66 1.18 -7.63
C ASN A 81 4.41 2.37 -7.04
N CYS A 82 4.60 2.37 -5.72
CA CYS A 82 5.42 3.40 -5.07
C CYS A 82 6.84 3.40 -5.63
N TYR A 83 7.47 2.22 -5.69
CA TYR A 83 8.84 2.14 -6.18
C TYR A 83 8.92 2.52 -7.66
N LYS A 84 7.80 2.36 -8.37
CA LYS A 84 7.72 2.79 -9.77
C LYS A 84 7.92 4.28 -9.88
N TYR A 85 7.12 5.02 -9.13
CA TYR A 85 7.05 6.45 -9.28
C TYR A 85 8.22 7.14 -8.60
N ASN A 86 8.52 6.69 -7.39
CA ASN A 86 9.46 7.38 -6.54
C ASN A 86 10.87 6.83 -6.74
N PRO A 87 11.83 7.71 -7.01
CA PRO A 87 13.24 7.31 -7.11
C PRO A 87 13.77 6.84 -5.76
N PRO A 88 14.86 6.03 -5.79
CA PRO A 88 15.40 5.31 -4.62
C PRO A 88 15.64 6.20 -3.39
N ASP A 89 15.77 7.49 -3.62
CA ASP A 89 16.01 8.43 -2.52
C ASP A 89 14.80 9.32 -2.33
N HIS A 90 13.82 8.85 -1.58
CA HIS A 90 12.65 9.65 -1.22
C HIS A 90 11.96 9.04 -0.01
N ASP A 91 11.16 9.83 0.68
CA ASP A 91 10.41 9.35 1.86
C ASP A 91 9.60 8.10 1.56
N VAL A 92 8.80 8.14 0.52
CA VAL A 92 7.82 7.11 0.25
C VAL A 92 8.44 5.77 -0.10
N VAL A 93 9.69 5.75 -0.55
CA VAL A 93 10.36 4.49 -0.81
C VAL A 93 10.87 3.91 0.50
N ALA A 94 11.28 4.79 1.40
CA ALA A 94 11.74 4.38 2.72
C ALA A 94 10.58 3.86 3.56
N MET A 95 9.45 4.57 3.50
CA MET A 95 8.26 4.16 4.22
C MET A 95 7.70 2.86 3.62
N ALA A 96 7.81 2.71 2.29
CA ALA A 96 7.33 1.50 1.62
C ALA A 96 8.19 0.30 2.01
N ARG A 97 9.48 0.54 2.26
CA ARG A 97 10.39 -0.53 2.68
C ARG A 97 10.07 -0.98 4.09
N LYS A 98 9.93 -0.02 4.99
CA LYS A 98 9.71 -0.31 6.41
C LYS A 98 8.34 -0.99 6.61
N LEU A 99 7.32 -0.46 5.96
CA LEU A 99 6.00 -1.07 5.99
C LEU A 99 6.00 -2.43 5.28
N GLN A 100 6.94 -2.62 4.36
CA GLN A 100 7.10 -3.92 3.73
C GLN A 100 7.52 -4.94 4.77
N ASP A 101 8.47 -4.53 5.62
CA ASP A 101 8.99 -5.40 6.68
C ASP A 101 7.88 -5.90 7.58
N VAL A 102 7.04 -4.99 8.08
CA VAL A 102 5.94 -5.38 8.96
C VAL A 102 4.94 -6.30 8.23
N PHE A 103 4.43 -5.84 7.09
CA PHE A 103 3.50 -6.65 6.29
C PHE A 103 4.08 -8.02 5.95
N GLU A 104 5.37 -8.06 5.66
CA GLU A 104 6.02 -9.29 5.23
C GLU A 104 6.26 -10.21 6.44
N PHE A 105 6.59 -9.63 7.58
CA PHE A 105 6.77 -10.39 8.80
C PHE A 105 5.42 -10.91 9.30
N ARG A 106 4.39 -10.07 9.14
CA ARG A 106 3.05 -10.44 9.51
C ARG A 106 2.55 -11.59 8.64
N TYR A 107 2.78 -11.46 7.33
CA TYR A 107 2.39 -12.50 6.39
C TYR A 107 3.23 -13.75 6.59
N ALA A 108 4.44 -13.57 7.10
CA ALA A 108 5.33 -14.70 7.41
C ALA A 108 4.76 -15.54 8.54
N LYS A 109 4.13 -14.90 9.51
CA LYS A 109 3.51 -15.61 10.63
C LYS A 109 2.17 -16.18 10.19
N MET A 110 1.62 -15.61 9.14
CA MET A 110 0.37 -16.07 8.57
C MET A 110 0.54 -17.43 7.90
N PRO A 111 -0.24 -18.44 8.33
CA PRO A 111 -0.18 -19.76 7.73
C PRO A 111 -1.09 -19.88 6.51
N ASP A 112 -0.78 -20.83 5.63
CA ASP A 112 -1.52 -21.01 4.39
C ASP A 112 -2.60 -22.07 4.57
N HIS B 1 7.03 11.75 -19.93
CA HIS B 1 7.72 10.54 -19.42
C HIS B 1 9.23 10.69 -19.53
N ASN B 2 9.70 11.89 -19.86
CA ASN B 2 11.14 12.13 -19.97
C ASN B 2 11.74 12.40 -18.59
N LEU B 3 11.46 13.58 -18.05
CA LEU B 3 11.88 13.89 -16.69
C LEU B 3 10.68 13.80 -15.77
N LEU B 4 10.75 12.88 -14.81
CA LEU B 4 9.62 12.61 -13.94
C LEU B 4 9.57 13.59 -12.78
N ARG B 5 8.37 14.06 -12.49
CA ARG B 5 8.12 14.92 -11.35
C ARG B 5 8.21 14.11 -10.07
N ILE B 6 9.01 14.57 -9.12
CA ILE B 6 9.11 13.87 -7.86
C ILE B 6 7.98 14.30 -6.93
OH ALY B 7 4.00 7.44 -5.58
CH ALY B 7 3.71 7.49 -4.38
CH3 ALY B 7 3.23 6.22 -3.67
NZ ALY B 7 3.78 8.62 -3.70
CE ALY B 7 4.22 9.88 -4.28
CD ALY B 7 4.21 11.02 -3.27
CG ALY B 7 4.56 12.34 -3.92
CB ALY B 7 5.84 12.25 -4.71
CA ALY B 7 6.24 13.55 -5.40
N ALY B 7 7.37 13.31 -6.29
C ALY B 7 6.59 14.59 -4.34
O ALY B 7 7.56 14.42 -3.60
HH31 ALY B 7 2.33 6.45 -3.10
HH32 ALY B 7 3.01 5.45 -4.39
HH33 ALY B 7 4.00 5.87 -2.99
HZ ALY B 7 3.53 8.61 -2.75
HE3 ALY B 7 3.55 10.14 -5.10
HE2 ALY B 7 5.22 9.76 -4.65
HD3 ALY B 7 4.92 10.80 -2.50
HD2 ALY B 7 3.22 11.09 -2.84
HG3 ALY B 7 4.67 13.09 -3.15
HG2 ALY B 7 3.75 12.62 -4.59
HB3 ALY B 7 5.73 11.48 -5.47
HB2 ALY B 7 6.64 11.97 -4.04
HA ALY B 7 5.39 13.90 -5.98
H ALY B 7 7.67 12.40 -6.42
N GLN B 8 5.80 15.65 -4.27
CA GLN B 8 6.06 16.74 -3.33
C GLN B 8 5.58 16.39 -1.92
N PHE B 9 6.15 15.34 -1.35
CA PHE B 9 5.79 14.92 -0.01
C PHE B 9 6.66 15.62 1.02
N LEU B 10 6.07 16.59 1.69
CA LEU B 10 6.76 17.37 2.69
C LEU B 10 5.74 17.99 3.63
N GLN B 11 6.12 18.25 4.86
CA GLN B 11 5.21 18.83 5.84
C GLN B 11 5.23 20.35 5.72
N SER B 12 4.66 20.83 4.62
CA SER B 12 4.58 22.26 4.36
C SER B 12 3.30 22.56 3.59
N GLY A 1 -17.40 -19.45 4.93
CA GLY A 1 -17.45 -18.08 4.37
C GLY A 1 -17.34 -17.01 5.44
N LYS A 2 -17.72 -15.78 5.09
CA LYS A 2 -17.66 -14.65 6.01
C LYS A 2 -16.22 -14.42 6.48
N LEU A 3 -15.33 -14.24 5.52
CA LEU A 3 -13.90 -14.09 5.77
C LEU A 3 -13.33 -15.33 6.44
N SER A 4 -12.77 -16.20 5.62
CA SER A 4 -12.14 -17.42 6.10
C SER A 4 -10.81 -17.08 6.76
N GLU A 5 -10.10 -18.09 7.27
CA GLU A 5 -8.90 -17.89 8.07
C GLU A 5 -7.89 -16.96 7.40
N GLN A 6 -7.65 -17.18 6.10
CA GLN A 6 -6.69 -16.37 5.36
C GLN A 6 -7.18 -14.92 5.25
N LEU A 7 -8.46 -14.75 4.95
CA LEU A 7 -9.03 -13.42 4.75
C LEU A 7 -9.26 -12.71 6.08
N LYS A 8 -9.48 -13.47 7.13
CA LYS A 8 -9.60 -12.90 8.45
C LYS A 8 -8.23 -12.45 8.93
N HIS A 9 -7.21 -13.21 8.53
CA HIS A 9 -5.85 -12.86 8.85
C HIS A 9 -5.42 -11.64 8.04
N CYS A 10 -5.87 -11.56 6.78
CA CYS A 10 -5.55 -10.42 5.94
C CYS A 10 -6.23 -9.18 6.45
N ASN A 11 -7.38 -9.36 7.09
CA ASN A 11 -8.11 -8.26 7.68
C ASN A 11 -7.32 -7.68 8.86
N GLY A 12 -6.71 -8.58 9.63
CA GLY A 12 -5.93 -8.17 10.78
C GLY A 12 -4.63 -7.50 10.39
N ILE A 13 -3.96 -8.06 9.38
CA ILE A 13 -2.71 -7.48 8.88
C ILE A 13 -2.94 -6.06 8.38
N LEU A 14 -3.96 -5.90 7.54
CA LEU A 14 -4.35 -4.61 7.03
C LEU A 14 -4.64 -3.63 8.18
N LYS A 15 -5.41 -4.10 9.14
CA LYS A 15 -5.77 -3.31 10.31
C LYS A 15 -4.53 -2.79 11.03
N GLU A 16 -3.50 -3.61 11.08
CA GLU A 16 -2.29 -3.26 11.81
C GLU A 16 -1.50 -2.22 11.05
N LEU A 17 -1.40 -2.39 9.76
CA LEU A 17 -0.73 -1.40 8.90
C LEU A 17 -1.50 -0.08 8.94
N LEU A 18 -2.77 -0.17 9.30
CA LEU A 18 -3.63 1.00 9.44
C LEU A 18 -3.63 1.57 10.87
N SER A 19 -3.11 0.80 11.81
CA SER A 19 -3.09 1.23 13.21
C SER A 19 -2.12 2.41 13.41
N LYS A 20 -2.41 3.20 14.45
CA LYS A 20 -1.63 4.38 14.76
C LYS A 20 -0.20 4.02 15.14
N LYS A 21 0.03 2.75 15.46
CA LYS A 21 1.36 2.24 15.73
C LYS A 21 2.27 2.42 14.50
N HIS A 22 1.71 2.22 13.32
CA HIS A 22 2.49 2.30 12.08
C HIS A 22 2.15 3.56 11.31
N ALA A 23 1.08 4.24 11.71
CA ALA A 23 0.55 5.40 10.99
C ALA A 23 1.62 6.44 10.67
N ALA A 24 2.59 6.58 11.57
CA ALA A 24 3.69 7.53 11.42
C ALA A 24 4.41 7.34 10.08
N TYR A 25 4.42 6.12 9.58
CA TYR A 25 5.08 5.80 8.33
C TYR A 25 4.18 4.92 7.46
N ALA A 26 2.89 4.92 7.76
CA ALA A 26 1.91 4.15 6.99
C ALA A 26 0.92 5.07 6.27
N TRP A 27 0.92 6.36 6.66
CA TRP A 27 0.00 7.32 6.08
C TRP A 27 0.08 7.42 4.53
N PRO A 28 1.27 7.27 3.88
CA PRO A 28 1.37 7.30 2.42
C PRO A 28 0.44 6.28 1.74
N PHE A 29 0.06 5.25 2.47
CA PHE A 29 -0.67 4.13 1.88
C PHE A 29 -2.11 4.05 2.38
N TYR A 30 -2.45 4.87 3.36
CA TYR A 30 -3.83 4.91 3.86
C TYR A 30 -4.80 5.23 2.73
N LYS A 31 -4.56 6.32 2.03
CA LYS A 31 -5.44 6.78 0.96
C LYS A 31 -4.65 7.16 -0.27
N PRO A 32 -5.30 7.15 -1.45
CA PRO A 32 -4.65 7.50 -2.72
C PRO A 32 -4.01 8.87 -2.67
N VAL A 33 -2.79 8.98 -3.19
CA VAL A 33 -2.04 10.22 -3.14
C VAL A 33 -2.79 11.32 -3.87
N ASP A 34 -2.67 12.54 -3.39
CA ASP A 34 -3.39 13.67 -3.98
C ASP A 34 -2.58 14.25 -5.11
N ALA A 35 -2.43 13.47 -6.17
CA ALA A 35 -1.52 13.78 -7.28
C ALA A 35 -1.70 15.20 -7.78
N SER A 36 -2.93 15.63 -7.97
CA SER A 36 -3.21 16.98 -8.45
C SER A 36 -2.66 18.02 -7.46
N ALA A 37 -2.79 17.74 -6.18
CA ALA A 37 -2.33 18.65 -5.14
C ALA A 37 -0.82 18.59 -4.95
N LEU A 38 -0.18 17.54 -5.45
CA LEU A 38 1.29 17.44 -5.33
C LEU A 38 1.96 17.77 -6.66
N GLY A 39 1.17 18.22 -7.63
CA GLY A 39 1.71 18.63 -8.91
C GLY A 39 1.95 17.47 -9.86
N LEU A 40 1.52 16.29 -9.43
CA LEU A 40 1.73 15.08 -10.20
C LEU A 40 0.60 14.88 -11.20
N HIS A 41 0.76 15.42 -12.39
CA HIS A 41 -0.27 15.32 -13.42
C HIS A 41 -0.12 14.03 -14.21
N ASP A 42 0.83 13.20 -13.80
CA ASP A 42 1.17 12.00 -14.54
C ASP A 42 1.13 10.75 -13.67
N TYR A 43 0.40 10.81 -12.58
CA TYR A 43 0.42 9.74 -11.59
C TYR A 43 -0.30 8.49 -12.09
N HIS A 44 -1.42 8.68 -12.76
CA HIS A 44 -2.23 7.56 -13.22
C HIS A 44 -1.71 7.00 -14.54
N ASP A 45 -0.68 7.65 -15.09
CA ASP A 45 -0.02 7.16 -16.29
C ASP A 45 1.12 6.23 -15.93
N ILE A 46 1.93 6.65 -14.97
CA ILE A 46 3.07 5.84 -14.52
C ILE A 46 2.55 4.68 -13.68
N ILE A 47 1.62 4.98 -12.79
CA ILE A 47 1.08 3.97 -11.92
C ILE A 47 -0.18 3.36 -12.54
N LYS A 48 -0.02 2.20 -13.16
CA LYS A 48 -1.12 1.50 -13.79
C LYS A 48 -1.87 0.63 -12.78
N HIS A 49 -1.20 0.28 -11.69
CA HIS A 49 -1.85 -0.46 -10.61
C HIS A 49 -1.78 0.31 -9.28
N PRO A 50 -2.52 1.44 -9.16
CA PRO A 50 -2.61 2.20 -7.91
C PRO A 50 -3.53 1.52 -6.89
N MET A 51 -2.96 1.14 -5.75
CA MET A 51 -3.74 0.53 -4.70
C MET A 51 -3.40 1.17 -3.36
N ASP A 52 -4.39 1.20 -2.48
CA ASP A 52 -4.27 1.84 -1.17
C ASP A 52 -4.83 0.88 -0.12
N LEU A 53 -4.29 0.90 1.10
CA LEU A 53 -4.75 -0.03 2.14
C LEU A 53 -6.25 0.10 2.41
N SER A 54 -6.75 1.33 2.38
CA SER A 54 -8.18 1.55 2.57
C SER A 54 -8.99 0.92 1.42
N THR A 55 -8.39 0.85 0.25
CA THR A 55 -9.03 0.27 -0.93
C THR A 55 -8.94 -1.25 -0.88
N VAL A 56 -7.83 -1.75 -0.35
CA VAL A 56 -7.67 -3.19 -0.15
C VAL A 56 -8.74 -3.69 0.78
N LYS A 57 -8.92 -2.96 1.88
CA LYS A 57 -9.93 -3.30 2.87
C LYS A 57 -11.31 -3.19 2.25
N ARG A 58 -11.49 -2.14 1.45
CA ARG A 58 -12.73 -1.90 0.75
C ARG A 58 -13.14 -3.11 -0.08
N LYS A 59 -12.21 -3.61 -0.87
CA LYS A 59 -12.47 -4.75 -1.75
C LYS A 59 -12.53 -6.05 -0.95
N MET A 60 -11.80 -6.10 0.16
CA MET A 60 -11.91 -7.21 1.11
C MET A 60 -13.29 -7.22 1.75
N GLU A 61 -13.83 -6.03 2.03
CA GLU A 61 -15.17 -5.89 2.60
C GLU A 61 -16.23 -6.38 1.62
N ASN A 62 -15.94 -6.23 0.34
CA ASN A 62 -16.83 -6.71 -0.71
C ASN A 62 -16.57 -8.18 -0.98
N ARG A 63 -15.60 -8.71 -0.23
CA ARG A 63 -15.24 -10.12 -0.26
C ARG A 63 -14.86 -10.57 -1.67
N ASP A 64 -14.26 -9.66 -2.43
CA ASP A 64 -13.74 -9.97 -3.76
C ASP A 64 -12.58 -10.94 -3.66
N TYR A 65 -11.94 -10.95 -2.50
CA TYR A 65 -10.78 -11.77 -2.26
C TYR A 65 -11.20 -13.17 -1.86
N ARG A 66 -10.44 -14.16 -2.30
CA ARG A 66 -10.70 -15.54 -1.91
C ARG A 66 -9.67 -15.99 -0.88
N ASP A 67 -8.46 -15.44 -0.98
CA ASP A 67 -7.37 -15.87 -0.12
C ASP A 67 -6.53 -14.67 0.27
N ALA A 68 -5.68 -14.86 1.27
CA ALA A 68 -4.82 -13.79 1.75
C ALA A 68 -3.72 -13.51 0.76
N GLN A 69 -3.51 -14.45 -0.15
CA GLN A 69 -2.50 -14.29 -1.18
C GLN A 69 -3.01 -13.29 -2.23
N GLU A 70 -4.33 -13.21 -2.34
CA GLU A 70 -4.94 -12.21 -3.19
C GLU A 70 -4.88 -10.85 -2.50
N PHE A 71 -4.94 -10.87 -1.18
CA PHE A 71 -4.71 -9.68 -0.39
C PHE A 71 -3.28 -9.22 -0.57
N ALA A 72 -2.33 -10.14 -0.36
CA ALA A 72 -0.92 -9.86 -0.52
C ALA A 72 -0.64 -9.32 -1.92
N ALA A 73 -1.35 -9.86 -2.90
CA ALA A 73 -1.26 -9.38 -4.27
C ALA A 73 -1.58 -7.89 -4.36
N ASP A 74 -2.67 -7.49 -3.71
CA ASP A 74 -3.13 -6.10 -3.74
C ASP A 74 -2.22 -5.18 -2.93
N VAL A 75 -1.98 -5.54 -1.67
CA VAL A 75 -1.19 -4.69 -0.77
C VAL A 75 0.26 -4.57 -1.25
N ARG A 76 0.80 -5.65 -1.79
CA ARG A 76 2.19 -5.61 -2.27
C ARG A 76 2.28 -4.81 -3.57
N LEU A 77 1.19 -4.82 -4.34
CA LEU A 77 1.10 -3.99 -5.54
C LEU A 77 1.22 -2.52 -5.19
N MET A 78 0.66 -2.17 -4.05
CA MET A 78 0.75 -0.81 -3.52
C MET A 78 2.20 -0.44 -3.22
N PHE A 79 2.88 -1.26 -2.44
CA PHE A 79 4.30 -1.02 -2.15
C PHE A 79 5.11 -0.99 -3.45
N SER A 80 4.75 -1.90 -4.36
CA SER A 80 5.43 -2.02 -5.65
C SER A 80 5.33 -0.72 -6.46
N ASN A 81 4.11 -0.20 -6.62
CA ASN A 81 3.91 0.97 -7.47
C ASN A 81 4.61 2.20 -6.88
N CYS A 82 4.76 2.24 -5.56
CA CYS A 82 5.47 3.34 -4.91
C CYS A 82 6.94 3.35 -5.34
N TYR A 83 7.56 2.17 -5.39
CA TYR A 83 8.95 2.07 -5.83
C TYR A 83 9.08 2.44 -7.30
N LYS A 84 8.00 2.28 -8.04
CA LYS A 84 8.00 2.57 -9.46
C LYS A 84 7.99 4.06 -9.74
N TYR A 85 7.11 4.79 -9.04
CA TYR A 85 6.98 6.22 -9.26
C TYR A 85 8.13 6.98 -8.64
N ASN A 86 8.36 6.74 -7.36
CA ASN A 86 9.32 7.51 -6.60
C ASN A 86 10.71 6.91 -6.70
N PRO A 87 11.71 7.74 -7.05
CA PRO A 87 13.10 7.30 -7.05
C PRO A 87 13.57 6.94 -5.65
N PRO A 88 14.54 6.01 -5.55
CA PRO A 88 15.03 5.43 -4.28
C PRO A 88 15.43 6.48 -3.25
N ASP A 89 15.73 7.69 -3.73
CA ASP A 89 16.05 8.79 -2.85
C ASP A 89 14.80 9.60 -2.57
N HIS A 90 13.88 9.02 -1.80
CA HIS A 90 12.62 9.68 -1.48
C HIS A 90 12.03 9.11 -0.19
N ASP A 91 11.10 9.83 0.41
CA ASP A 91 10.46 9.38 1.65
C ASP A 91 9.57 8.16 1.44
N VAL A 92 8.74 8.21 0.40
CA VAL A 92 7.70 7.19 0.21
C VAL A 92 8.29 5.81 -0.03
N VAL A 93 9.49 5.76 -0.60
CA VAL A 93 10.14 4.48 -0.87
C VAL A 93 10.70 3.89 0.42
N ALA A 94 11.16 4.76 1.31
CA ALA A 94 11.67 4.33 2.61
C ALA A 94 10.53 3.85 3.49
N MET A 95 9.42 4.59 3.46
CA MET A 95 8.23 4.23 4.22
C MET A 95 7.63 2.94 3.66
N ALA A 96 7.65 2.79 2.34
CA ALA A 96 7.12 1.58 1.69
C ALA A 96 7.99 0.38 2.05
N ARG A 97 9.28 0.62 2.24
CA ARG A 97 10.22 -0.45 2.56
C ARG A 97 10.04 -0.91 4.00
N LYS A 98 9.88 0.04 4.91
CA LYS A 98 9.77 -0.25 6.33
C LYS A 98 8.43 -0.94 6.63
N LEU A 99 7.37 -0.45 6.00
CA LEU A 99 6.06 -1.09 6.08
C LEU A 99 6.09 -2.46 5.37
N GLN A 100 6.94 -2.60 4.36
CA GLN A 100 7.14 -3.88 3.71
C GLN A 100 7.67 -4.89 4.73
N ASP A 101 8.59 -4.42 5.57
CA ASP A 101 9.18 -5.26 6.61
C ASP A 101 8.10 -5.84 7.52
N VAL A 102 7.23 -4.99 8.03
CA VAL A 102 6.16 -5.45 8.92
C VAL A 102 5.16 -6.34 8.16
N PHE A 103 4.61 -5.83 7.07
CA PHE A 103 3.63 -6.58 6.28
C PHE A 103 4.18 -7.95 5.86
N GLU A 104 5.43 -8.01 5.41
CA GLU A 104 5.98 -9.26 4.91
C GLU A 104 6.21 -10.23 6.06
N PHE A 105 6.55 -9.69 7.22
CA PHE A 105 6.77 -10.49 8.41
C PHE A 105 5.44 -11.06 8.90
N ARG A 106 4.39 -10.27 8.80
CA ARG A 106 3.07 -10.70 9.21
C ARG A 106 2.58 -11.84 8.34
N TYR A 107 2.76 -11.69 7.04
CA TYR A 107 2.34 -12.72 6.10
C TYR A 107 3.22 -13.96 6.25
N ALA A 108 4.48 -13.74 6.64
CA ALA A 108 5.44 -14.84 6.80
C ALA A 108 5.08 -15.73 7.96
N LYS A 109 4.49 -15.15 9.00
CA LYS A 109 4.07 -15.93 10.17
C LYS A 109 2.62 -16.36 10.03
N MET A 110 1.95 -15.79 9.04
CA MET A 110 0.59 -16.16 8.70
C MET A 110 0.58 -17.53 8.01
N PRO A 111 -0.21 -18.50 8.52
CA PRO A 111 -0.34 -19.80 7.87
C PRO A 111 -1.33 -19.76 6.71
N ASP A 112 -1.03 -20.52 5.67
CA ASP A 112 -1.85 -20.53 4.46
C ASP A 112 -2.06 -21.96 3.98
N HIS B 1 16.16 9.84 -19.33
CA HIS B 1 15.11 10.46 -20.17
C HIS B 1 13.79 10.46 -19.43
N ASN B 2 12.88 11.34 -19.86
CA ASN B 2 11.57 11.50 -19.21
C ASN B 2 11.73 12.10 -17.82
N LEU B 3 11.48 13.39 -17.71
CA LEU B 3 11.60 14.09 -16.45
C LEU B 3 10.35 13.85 -15.60
N LEU B 4 10.30 12.70 -14.96
CA LEU B 4 9.19 12.35 -14.10
C LEU B 4 9.19 13.22 -12.85
N ARG B 5 8.02 13.70 -12.48
CA ARG B 5 7.88 14.55 -11.30
C ARG B 5 8.07 13.73 -10.03
N ILE B 6 8.57 14.37 -8.99
CA ILE B 6 8.72 13.70 -7.72
C ILE B 6 7.54 14.07 -6.81
OH ALY B 7 3.62 7.04 -5.36
CH ALY B 7 3.20 7.18 -4.21
CH3 ALY B 7 2.67 5.95 -3.45
NZ ALY B 7 3.19 8.36 -3.61
CE ALY B 7 3.65 9.60 -4.22
CD ALY B 7 3.72 10.73 -3.22
CG ALY B 7 4.10 12.05 -3.86
CB ALY B 7 5.42 11.96 -4.63
CA ALY B 7 5.84 13.27 -5.26
N ALY B 7 6.96 13.06 -6.16
C ALY B 7 6.21 14.28 -4.17
O ALY B 7 7.30 14.18 -3.58
HH31 ALY B 7 1.80 6.23 -2.87
HH32 ALY B 7 2.40 5.18 -4.16
HH33 ALY B 7 3.44 5.58 -2.80
HZ ALY B 7 2.83 8.42 -2.69
HE3 ALY B 7 2.97 9.87 -5.02
HE2 ALY B 7 4.63 9.43 -4.63
HD3 ALY B 7 4.46 10.49 -2.47
HD2 ALY B 7 2.76 10.85 -2.75
HG3 ALY B 7 4.20 12.80 -3.10
HG2 ALY B 7 3.32 12.35 -4.55
HB3 ALY B 7 5.30 11.21 -5.40
HB2 ALY B 7 6.19 11.64 -3.95
HA ALY B 7 5.01 13.67 -5.84
H ALY B 7 7.30 12.15 -6.30
N GLN B 8 5.33 15.23 -3.92
CA GLN B 8 5.59 16.29 -2.96
C GLN B 8 5.39 15.79 -1.52
N PHE B 9 6.24 14.85 -1.13
CA PHE B 9 6.20 14.28 0.22
C PHE B 9 7.47 14.70 0.99
N LEU B 10 8.07 15.79 0.58
CA LEU B 10 9.29 16.28 1.20
C LEU B 10 8.93 17.16 2.40
N GLN B 11 8.54 16.52 3.48
CA GLN B 11 8.10 17.25 4.67
C GLN B 11 9.26 17.52 5.61
N SER B 12 9.88 16.47 6.12
CA SER B 12 10.97 16.60 7.06
C SER B 12 12.09 15.61 6.73
N GLY A 1 -18.27 -18.48 3.93
CA GLY A 1 -18.11 -17.03 3.70
C GLY A 1 -17.75 -16.28 4.97
N LYS A 2 -18.07 -14.99 4.99
CA LYS A 2 -17.80 -14.12 6.13
C LYS A 2 -16.31 -14.08 6.45
N LEU A 3 -15.49 -13.97 5.40
CA LEU A 3 -14.03 -13.92 5.54
C LEU A 3 -13.48 -15.26 6.02
N SER A 4 -12.85 -15.99 5.11
CA SER A 4 -12.18 -17.23 5.48
C SER A 4 -10.99 -16.92 6.39
N GLU A 5 -10.37 -17.93 6.97
CA GLU A 5 -9.27 -17.71 7.92
C GLU A 5 -8.16 -16.89 7.28
N GLN A 6 -7.86 -17.17 6.01
CA GLN A 6 -6.87 -16.39 5.26
C GLN A 6 -7.29 -14.93 5.20
N LEU A 7 -8.56 -14.69 4.86
CA LEU A 7 -9.06 -13.33 4.67
C LEU A 7 -9.24 -12.61 6.01
N LYS A 8 -9.42 -13.36 7.07
CA LYS A 8 -9.47 -12.78 8.39
C LYS A 8 -8.06 -12.34 8.79
N HIS A 9 -7.08 -13.12 8.38
CA HIS A 9 -5.69 -12.79 8.66
C HIS A 9 -5.25 -11.61 7.79
N CYS A 10 -5.80 -11.52 6.57
CA CYS A 10 -5.51 -10.40 5.70
C CYS A 10 -6.17 -9.14 6.23
N ASN A 11 -7.27 -9.31 6.96
CA ASN A 11 -7.96 -8.20 7.58
C ASN A 11 -7.14 -7.69 8.77
N GLY A 12 -6.55 -8.64 9.49
CA GLY A 12 -5.76 -8.30 10.66
C GLY A 12 -4.49 -7.54 10.33
N ILE A 13 -3.72 -8.07 9.39
CA ILE A 13 -2.50 -7.42 8.95
C ILE A 13 -2.78 -6.03 8.39
N LEU A 14 -3.83 -5.93 7.58
CA LEU A 14 -4.26 -4.64 7.04
C LEU A 14 -4.54 -3.67 8.16
N LYS A 15 -5.28 -4.13 9.16
CA LYS A 15 -5.60 -3.34 10.33
C LYS A 15 -4.32 -2.83 11.00
N GLU A 16 -3.33 -3.69 11.06
CA GLU A 16 -2.05 -3.36 11.71
C GLU A 16 -1.34 -2.25 10.95
N LEU A 17 -1.28 -2.37 9.64
CA LEU A 17 -0.67 -1.34 8.80
C LEU A 17 -1.48 -0.05 8.89
N LEU A 18 -2.75 -0.17 9.25
CA LEU A 18 -3.66 0.97 9.39
C LEU A 18 -3.69 1.48 10.83
N SER A 19 -3.05 0.76 11.72
CA SER A 19 -3.00 1.15 13.12
C SER A 19 -2.07 2.34 13.33
N LYS A 20 -2.44 3.20 14.27
CA LYS A 20 -1.73 4.44 14.54
C LYS A 20 -0.29 4.17 14.95
N LYS A 21 -0.05 2.94 15.40
CA LYS A 21 1.29 2.47 15.72
C LYS A 21 2.23 2.64 14.51
N HIS A 22 1.69 2.42 13.32
CA HIS A 22 2.49 2.48 12.10
C HIS A 22 2.17 3.73 11.30
N ALA A 23 1.08 4.40 11.65
CA ALA A 23 0.57 5.56 10.91
C ALA A 23 1.65 6.61 10.67
N ALA A 24 2.57 6.74 11.61
CA ALA A 24 3.67 7.68 11.51
C ALA A 24 4.48 7.49 10.22
N TYR A 25 4.43 6.28 9.68
CA TYR A 25 5.12 5.96 8.44
C TYR A 25 4.25 5.07 7.54
N ALA A 26 2.94 5.09 7.81
CA ALA A 26 2.00 4.29 7.03
C ALA A 26 0.98 5.17 6.31
N TRP A 27 0.91 6.45 6.69
CA TRP A 27 -0.08 7.37 6.12
C TRP A 27 -0.03 7.46 4.58
N PRO A 28 1.16 7.36 3.91
CA PRO A 28 1.23 7.40 2.44
C PRO A 28 0.33 6.37 1.78
N PHE A 29 0.05 5.29 2.48
CA PHE A 29 -0.66 4.16 1.89
C PHE A 29 -2.09 4.04 2.42
N TYR A 30 -2.40 4.82 3.45
CA TYR A 30 -3.75 4.85 4.00
C TYR A 30 -4.79 5.13 2.92
N LYS A 31 -4.62 6.24 2.22
CA LYS A 31 -5.56 6.66 1.20
C LYS A 31 -4.81 7.09 -0.06
N PRO A 32 -5.48 7.02 -1.22
CA PRO A 32 -4.88 7.36 -2.51
C PRO A 32 -4.25 8.76 -2.50
N VAL A 33 -3.09 8.86 -3.14
CA VAL A 33 -2.38 10.13 -3.23
C VAL A 33 -3.25 11.17 -3.91
N ASP A 34 -3.10 12.41 -3.51
CA ASP A 34 -3.86 13.51 -4.11
C ASP A 34 -3.11 14.06 -5.28
N ALA A 35 -2.98 13.23 -6.31
CA ALA A 35 -2.10 13.49 -7.44
C ALA A 35 -2.33 14.86 -8.07
N SER A 36 -3.59 15.27 -8.21
CA SER A 36 -3.92 16.55 -8.80
C SER A 36 -3.40 17.70 -7.93
N ALA A 37 -3.55 17.56 -6.62
CA ALA A 37 -3.08 18.56 -5.68
C ALA A 37 -1.56 18.49 -5.53
N LEU A 38 -1.03 17.31 -5.80
CA LEU A 38 0.40 17.05 -5.71
C LEU A 38 1.12 17.54 -6.97
N GLY A 39 0.35 17.99 -7.95
CA GLY A 39 0.92 18.46 -9.19
C GLY A 39 1.30 17.33 -10.13
N LEU A 40 0.94 16.13 -9.73
CA LEU A 40 1.27 14.93 -10.48
C LEU A 40 0.25 14.73 -11.59
N HIS A 41 0.53 15.32 -12.75
CA HIS A 41 -0.44 15.40 -13.84
C HIS A 41 -0.61 14.06 -14.58
N ASP A 42 0.27 13.10 -14.32
CA ASP A 42 0.21 11.83 -15.05
C ASP A 42 0.43 10.65 -14.11
N TYR A 43 -0.22 10.72 -12.96
CA TYR A 43 -0.07 9.67 -11.95
C TYR A 43 -0.68 8.35 -12.45
N HIS A 44 -1.80 8.46 -13.14
CA HIS A 44 -2.51 7.26 -13.62
C HIS A 44 -1.89 6.73 -14.90
N ASP A 45 -0.86 7.39 -15.39
CA ASP A 45 -0.15 6.94 -16.58
C ASP A 45 1.05 6.09 -16.19
N ILE A 46 1.73 6.52 -15.14
CA ILE A 46 2.89 5.78 -14.63
C ILE A 46 2.44 4.58 -13.81
N ILE A 47 1.43 4.78 -12.98
CA ILE A 47 0.94 3.72 -12.11
C ILE A 47 -0.11 2.88 -12.83
N LYS A 48 0.16 1.58 -12.96
CA LYS A 48 -0.76 0.67 -13.65
C LYS A 48 -1.73 0.01 -12.67
N HIS A 49 -1.29 -0.17 -11.43
CA HIS A 49 -2.16 -0.73 -10.40
C HIS A 49 -2.20 0.18 -9.17
N PRO A 50 -2.89 1.33 -9.27
CA PRO A 50 -3.06 2.24 -8.13
C PRO A 50 -3.92 1.62 -7.04
N MET A 51 -3.29 1.22 -5.96
CA MET A 51 -3.98 0.58 -4.86
C MET A 51 -3.55 1.19 -3.54
N ASP A 52 -4.46 1.21 -2.58
CA ASP A 52 -4.21 1.79 -1.26
C ASP A 52 -4.80 0.87 -0.19
N LEU A 53 -4.26 0.89 1.01
CA LEU A 53 -4.71 -0.05 2.05
C LEU A 53 -6.21 0.09 2.33
N SER A 54 -6.71 1.32 2.32
CA SER A 54 -8.14 1.57 2.53
C SER A 54 -8.97 0.90 1.42
N THR A 55 -8.43 0.88 0.22
CA THR A 55 -9.10 0.27 -0.93
C THR A 55 -9.01 -1.25 -0.87
N VAL A 56 -7.87 -1.74 -0.38
CA VAL A 56 -7.69 -3.17 -0.19
C VAL A 56 -8.73 -3.68 0.80
N LYS A 57 -8.86 -2.95 1.89
CA LYS A 57 -9.82 -3.28 2.92
C LYS A 57 -11.24 -3.16 2.40
N ARG A 58 -11.46 -2.11 1.60
CA ARG A 58 -12.74 -1.89 0.96
C ARG A 58 -13.16 -3.11 0.15
N LYS A 59 -12.28 -3.54 -0.75
CA LYS A 59 -12.56 -4.66 -1.63
C LYS A 59 -12.61 -5.97 -0.84
N MET A 60 -11.85 -6.03 0.25
CA MET A 60 -11.92 -7.15 1.17
C MET A 60 -13.27 -7.19 1.87
N GLU A 61 -13.79 -6.02 2.24
CA GLU A 61 -15.09 -5.93 2.89
C GLU A 61 -16.20 -6.34 1.94
N ASN A 62 -15.99 -6.07 0.66
CA ASN A 62 -16.94 -6.46 -0.37
C ASN A 62 -16.74 -7.94 -0.72
N ARG A 63 -15.73 -8.51 -0.09
CA ARG A 63 -15.38 -9.92 -0.22
C ARG A 63 -15.06 -10.29 -1.66
N ASP A 64 -14.40 -9.38 -2.35
CA ASP A 64 -13.86 -9.65 -3.68
C ASP A 64 -12.71 -10.64 -3.60
N TYR A 65 -12.11 -10.71 -2.43
CA TYR A 65 -10.93 -11.55 -2.20
C TYR A 65 -11.35 -12.97 -1.85
N ARG A 66 -10.63 -13.93 -2.39
CA ARG A 66 -10.86 -15.33 -2.07
C ARG A 66 -9.83 -15.83 -1.06
N ASP A 67 -8.62 -15.31 -1.16
CA ASP A 67 -7.51 -15.80 -0.36
C ASP A 67 -6.66 -14.63 0.11
N ALA A 68 -5.88 -14.86 1.16
CA ALA A 68 -5.00 -13.82 1.69
C ALA A 68 -3.88 -13.54 0.71
N GLN A 69 -3.68 -14.46 -0.21
CA GLN A 69 -2.68 -14.29 -1.25
C GLN A 69 -3.15 -13.25 -2.26
N GLU A 70 -4.47 -13.18 -2.47
CA GLU A 70 -5.03 -12.14 -3.30
C GLU A 70 -4.87 -10.79 -2.62
N PHE A 71 -4.97 -10.81 -1.30
CA PHE A 71 -4.69 -9.64 -0.50
C PHE A 71 -3.22 -9.25 -0.65
N ALA A 72 -2.33 -10.21 -0.39
CA ALA A 72 -0.89 -10.00 -0.50
C ALA A 72 -0.53 -9.51 -1.89
N ALA A 73 -1.24 -10.05 -2.88
CA ALA A 73 -1.09 -9.63 -4.26
C ALA A 73 -1.34 -8.13 -4.41
N ASP A 74 -2.44 -7.67 -3.83
CA ASP A 74 -2.91 -6.30 -4.00
C ASP A 74 -2.10 -5.33 -3.14
N VAL A 75 -1.82 -5.71 -1.89
CA VAL A 75 -1.09 -4.84 -0.96
C VAL A 75 0.36 -4.65 -1.40
N ARG A 76 1.02 -5.73 -1.83
CA ARG A 76 2.42 -5.63 -2.25
C ARG A 76 2.49 -4.89 -3.59
N LEU A 77 1.42 -5.00 -4.38
CA LEU A 77 1.31 -4.26 -5.63
C LEU A 77 1.27 -2.76 -5.34
N MET A 78 0.70 -2.40 -4.20
CA MET A 78 0.66 -1.01 -3.77
C MET A 78 2.08 -0.52 -3.50
N PHE A 79 2.82 -1.25 -2.68
CA PHE A 79 4.22 -0.89 -2.41
C PHE A 79 5.04 -0.91 -3.69
N SER A 80 4.70 -1.82 -4.61
CA SER A 80 5.40 -1.96 -5.87
C SER A 80 5.22 -0.69 -6.73
N ASN A 81 4.00 -0.19 -6.85
CA ASN A 81 3.75 1.00 -7.67
C ASN A 81 4.38 2.24 -7.03
N CYS A 82 4.57 2.21 -5.72
CA CYS A 82 5.24 3.31 -5.02
C CYS A 82 6.68 3.42 -5.49
N TYR A 83 7.40 2.30 -5.55
CA TYR A 83 8.77 2.30 -6.05
C TYR A 83 8.78 2.60 -7.53
N LYS A 84 7.67 2.33 -8.19
CA LYS A 84 7.57 2.51 -9.63
C LYS A 84 7.46 3.98 -9.97
N TYR A 85 6.80 4.74 -9.11
CA TYR A 85 6.66 6.18 -9.33
C TYR A 85 7.77 6.96 -8.62
N ASN A 86 7.97 6.70 -7.33
CA ASN A 86 8.92 7.46 -6.53
C ASN A 86 10.33 6.96 -6.76
N PRO A 87 11.28 7.86 -7.05
CA PRO A 87 12.70 7.52 -7.21
C PRO A 87 13.30 6.95 -5.92
N PRO A 88 14.42 6.21 -6.06
CA PRO A 88 15.03 5.40 -4.98
C PRO A 88 15.23 6.14 -3.66
N ASP A 89 15.36 7.46 -3.73
CA ASP A 89 15.55 8.27 -2.53
C ASP A 89 14.39 9.24 -2.35
N HIS A 90 13.41 8.81 -1.58
CA HIS A 90 12.27 9.65 -1.24
C HIS A 90 11.57 9.08 -0.01
N ASP A 91 10.88 9.91 0.76
CA ASP A 91 10.21 9.44 1.97
C ASP A 91 9.30 8.24 1.72
N VAL A 92 8.52 8.30 0.64
CA VAL A 92 7.49 7.30 0.38
C VAL A 92 8.09 5.93 0.13
N VAL A 93 9.30 5.88 -0.41
CA VAL A 93 9.95 4.60 -0.69
C VAL A 93 10.57 4.03 0.59
N ALA A 94 11.07 4.91 1.44
CA ALA A 94 11.62 4.52 2.72
C ALA A 94 10.52 4.03 3.65
N MET A 95 9.38 4.73 3.61
CA MET A 95 8.21 4.30 4.37
C MET A 95 7.66 3.01 3.80
N ALA A 96 7.78 2.84 2.49
CA ALA A 96 7.32 1.63 1.81
C ALA A 96 8.14 0.42 2.27
N ARG A 97 9.46 0.59 2.28
CA ARG A 97 10.38 -0.48 2.68
C ARG A 97 10.10 -0.96 4.10
N LYS A 98 9.93 -0.01 5.01
CA LYS A 98 9.74 -0.33 6.42
C LYS A 98 8.36 -0.97 6.66
N LEU A 99 7.34 -0.43 6.03
CA LEU A 99 6.01 -1.02 6.08
C LEU A 99 5.96 -2.38 5.37
N GLN A 100 6.77 -2.54 4.33
CA GLN A 100 6.84 -3.82 3.65
C GLN A 100 7.46 -4.86 4.58
N ASP A 101 8.31 -4.39 5.49
CA ASP A 101 8.96 -5.24 6.47
C ASP A 101 7.94 -5.83 7.46
N VAL A 102 7.06 -4.97 8.00
CA VAL A 102 6.02 -5.44 8.91
C VAL A 102 5.05 -6.39 8.19
N PHE A 103 4.47 -5.91 7.09
CA PHE A 103 3.56 -6.72 6.27
C PHE A 103 4.17 -8.08 5.90
N GLU A 104 5.45 -8.11 5.54
CA GLU A 104 6.05 -9.35 5.03
C GLU A 104 6.20 -10.37 6.15
N PHE A 105 6.54 -9.90 7.35
CA PHE A 105 6.70 -10.80 8.48
C PHE A 105 5.36 -11.16 9.10
N ARG A 106 4.39 -10.26 8.95
CA ARG A 106 3.04 -10.54 9.37
C ARG A 106 2.46 -11.66 8.50
N TYR A 107 2.67 -11.54 7.19
CA TYR A 107 2.20 -12.55 6.24
C TYR A 107 3.05 -13.83 6.37
N ALA A 108 4.28 -13.66 6.82
CA ALA A 108 5.18 -14.80 7.05
C ALA A 108 4.68 -15.63 8.23
N LYS A 109 4.20 -14.95 9.26
CA LYS A 109 3.65 -15.61 10.43
C LYS A 109 2.30 -16.24 10.08
N MET A 110 1.66 -15.67 9.06
CA MET A 110 0.38 -16.16 8.56
C MET A 110 0.56 -17.51 7.85
N PRO A 111 -0.08 -18.56 8.36
CA PRO A 111 -0.09 -19.87 7.73
C PRO A 111 -1.28 -20.05 6.79
N ASP A 112 -1.18 -21.03 5.89
CA ASP A 112 -2.30 -21.37 5.02
C ASP A 112 -2.96 -22.65 5.52
N HIS B 1 9.08 10.84 -19.07
CA HIS B 1 9.45 9.41 -19.15
C HIS B 1 10.74 9.14 -18.39
N ASN B 2 11.86 9.64 -18.92
CA ASN B 2 13.14 9.52 -18.22
C ASN B 2 13.09 10.29 -16.91
N LEU B 3 12.71 11.55 -16.99
CA LEU B 3 12.48 12.34 -15.79
C LEU B 3 11.01 12.22 -15.36
N LEU B 4 10.74 12.49 -14.10
CA LEU B 4 9.40 12.31 -13.57
C LEU B 4 9.17 13.24 -12.38
N ARG B 5 8.01 13.87 -12.36
CA ARG B 5 7.62 14.76 -11.26
C ARG B 5 7.61 13.97 -9.95
N ILE B 6 8.42 14.40 -8.99
CA ILE B 6 8.46 13.70 -7.72
C ILE B 6 7.25 14.07 -6.87
OH ALY B 7 3.49 7.11 -5.79
CH ALY B 7 2.88 7.18 -4.73
CH3 ALY B 7 2.31 5.91 -4.09
NZ ALY B 7 2.71 8.32 -4.10
CE ALY B 7 3.20 9.60 -4.60
CD ALY B 7 3.37 10.62 -3.49
CG ALY B 7 3.75 11.97 -4.04
CB ALY B 7 5.02 11.91 -4.86
CA ALY B 7 5.42 13.24 -5.48
N ALY B 7 6.56 13.05 -6.35
C ALY B 7 5.74 14.24 -4.37
O ALY B 7 6.72 14.07 -3.65
HH31 ALY B 7 1.60 6.18 -3.32
HH32 ALY B 7 1.81 5.32 -4.85
HH33 ALY B 7 3.10 5.33 -3.66
HZ ALY B 7 2.22 8.33 -3.25
HE3 ALY B 7 2.50 9.98 -5.33
HE2 ALY B 7 4.16 9.44 -5.07
HD3 ALY B 7 4.13 10.27 -2.81
HD2 ALY B 7 2.43 10.71 -2.96
HG3 ALY B 7 3.91 12.66 -3.21
HG2 ALY B 7 2.95 12.35 -4.66
HB3 ALY B 7 4.88 11.19 -5.65
HB2 ALY B 7 5.83 11.59 -4.23
HA ALY B 7 4.59 13.62 -6.07
H ALY B 7 6.85 12.14 -6.57
N GLN B 8 4.91 15.27 -4.23
CA GLN B 8 5.15 16.32 -3.25
C GLN B 8 4.80 15.86 -1.84
N PHE B 9 5.55 14.88 -1.35
CA PHE B 9 5.47 14.45 0.03
C PHE B 9 6.69 14.99 0.78
N LEU B 10 7.16 16.14 0.31
CA LEU B 10 8.36 16.75 0.85
C LEU B 10 8.03 17.59 2.07
N GLN B 11 8.15 16.99 3.24
CA GLN B 11 7.93 17.70 4.48
C GLN B 11 9.15 18.54 4.82
N SER B 12 9.19 19.76 4.30
CA SER B 12 10.33 20.64 4.48
C SER B 12 10.05 21.65 5.59
N GLY A 1 -17.82 -17.75 3.32
CA GLY A 1 -18.73 -16.68 3.78
C GLY A 1 -18.23 -16.01 5.04
N LYS A 2 -18.44 -14.70 5.12
CA LYS A 2 -18.07 -13.91 6.30
C LYS A 2 -16.56 -13.99 6.55
N LEU A 3 -15.79 -13.97 5.45
CA LEU A 3 -14.32 -14.00 5.50
C LEU A 3 -13.80 -15.37 5.89
N SER A 4 -12.94 -15.94 5.04
CA SER A 4 -12.25 -17.17 5.34
C SER A 4 -11.09 -16.88 6.31
N GLU A 5 -10.46 -17.92 6.83
CA GLU A 5 -9.36 -17.73 7.80
C GLU A 5 -8.28 -16.85 7.21
N GLN A 6 -7.89 -17.15 5.98
CA GLN A 6 -6.87 -16.39 5.27
C GLN A 6 -7.28 -14.92 5.16
N LEU A 7 -8.57 -14.70 4.91
CA LEU A 7 -9.08 -13.35 4.73
C LEU A 7 -9.30 -12.65 6.07
N LYS A 8 -9.50 -13.43 7.11
CA LYS A 8 -9.57 -12.86 8.44
C LYS A 8 -8.19 -12.42 8.87
N HIS A 9 -7.19 -13.19 8.49
CA HIS A 9 -5.82 -12.84 8.79
C HIS A 9 -5.39 -11.64 7.96
N CYS A 10 -5.89 -11.56 6.72
CA CYS A 10 -5.57 -10.41 5.88
C CYS A 10 -6.26 -9.16 6.41
N ASN A 11 -7.39 -9.35 7.06
CA ASN A 11 -8.10 -8.24 7.68
C ASN A 11 -7.28 -7.71 8.87
N GLY A 12 -6.68 -8.64 9.61
CA GLY A 12 -5.89 -8.28 10.76
C GLY A 12 -4.57 -7.64 10.39
N ILE A 13 -3.91 -8.18 9.37
CA ILE A 13 -2.66 -7.62 8.88
C ILE A 13 -2.88 -6.20 8.36
N LEU A 14 -3.94 -6.03 7.58
CA LEU A 14 -4.32 -4.72 7.06
C LEU A 14 -4.55 -3.74 8.20
N LYS A 15 -5.27 -4.21 9.22
CA LYS A 15 -5.55 -3.44 10.41
C LYS A 15 -4.26 -2.96 11.06
N GLU A 16 -3.24 -3.80 11.01
CA GLU A 16 -1.95 -3.49 11.62
C GLU A 16 -1.30 -2.32 10.89
N LEU A 17 -1.29 -2.37 9.57
CA LEU A 17 -0.67 -1.33 8.77
C LEU A 17 -1.49 -0.03 8.87
N LEU A 18 -2.77 -0.19 9.18
CA LEU A 18 -3.68 0.94 9.33
C LEU A 18 -3.67 1.50 10.75
N SER A 19 -3.05 0.76 11.65
CA SER A 19 -2.97 1.18 13.04
C SER A 19 -2.07 2.40 13.19
N LYS A 20 -2.45 3.29 14.12
CA LYS A 20 -1.68 4.48 14.43
C LYS A 20 -0.27 4.13 14.88
N LYS A 21 -0.11 2.89 15.30
CA LYS A 21 1.20 2.32 15.64
C LYS A 21 2.16 2.45 14.46
N HIS A 22 1.64 2.30 13.24
CA HIS A 22 2.48 2.36 12.04
C HIS A 22 2.16 3.61 11.23
N ALA A 23 1.06 4.28 11.56
CA ALA A 23 0.60 5.46 10.82
C ALA A 23 1.70 6.48 10.60
N ALA A 24 2.60 6.58 11.56
CA ALA A 24 3.73 7.51 11.50
C ALA A 24 4.59 7.29 10.25
N TYR A 25 4.45 6.11 9.65
CA TYR A 25 5.16 5.80 8.41
C TYR A 25 4.29 4.91 7.51
N ALA A 26 2.99 4.95 7.74
CA ALA A 26 2.04 4.17 6.94
C ALA A 26 1.02 5.07 6.24
N TRP A 27 0.99 6.35 6.60
CA TRP A 27 0.00 7.27 6.05
C TRP A 27 0.03 7.38 4.52
N PRO A 28 1.21 7.32 3.83
CA PRO A 28 1.25 7.36 2.35
C PRO A 28 0.39 6.29 1.70
N PHE A 29 0.08 5.23 2.43
CA PHE A 29 -0.59 4.07 1.84
C PHE A 29 -2.03 3.95 2.31
N TYR A 30 -2.40 4.75 3.31
CA TYR A 30 -3.80 4.78 3.77
C TYR A 30 -4.76 5.06 2.61
N LYS A 31 -4.49 6.13 1.87
CA LYS A 31 -5.28 6.48 0.70
C LYS A 31 -4.37 6.85 -0.46
N PRO A 32 -4.88 6.80 -1.71
CA PRO A 32 -4.11 7.16 -2.89
C PRO A 32 -3.54 8.57 -2.78
N VAL A 33 -2.36 8.77 -3.35
CA VAL A 33 -1.68 10.06 -3.27
C VAL A 33 -2.52 11.13 -3.95
N ASP A 34 -2.50 12.32 -3.39
CA ASP A 34 -3.31 13.42 -3.91
C ASP A 34 -2.60 14.10 -5.06
N ALA A 35 -2.49 13.38 -6.16
CA ALA A 35 -1.77 13.85 -7.34
C ALA A 35 -2.28 15.22 -7.80
N SER A 36 -3.56 15.47 -7.61
CA SER A 36 -4.16 16.75 -7.97
C SER A 36 -3.52 17.89 -7.16
N ALA A 37 -3.26 17.63 -5.89
CA ALA A 37 -2.67 18.62 -5.00
C ALA A 37 -1.14 18.54 -5.02
N LEU A 38 -0.64 17.37 -5.37
CA LEU A 38 0.80 17.11 -5.41
C LEU A 38 1.42 17.60 -6.73
N GLY A 39 0.57 18.04 -7.65
CA GLY A 39 1.05 18.51 -8.94
C GLY A 39 1.40 17.36 -9.87
N LEU A 40 1.05 16.16 -9.44
CA LEU A 40 1.36 14.96 -10.18
C LEU A 40 0.28 14.67 -11.22
N HIS A 41 0.35 15.36 -12.35
CA HIS A 41 -0.65 15.26 -13.39
C HIS A 41 -0.58 13.91 -14.11
N ASP A 42 0.52 13.20 -13.91
CA ASP A 42 0.76 11.96 -14.65
C ASP A 42 0.74 10.74 -13.72
N TYR A 43 0.09 10.86 -12.58
CA TYR A 43 0.07 9.76 -11.62
C TYR A 43 -0.67 8.56 -12.19
N HIS A 44 -1.74 8.80 -12.93
CA HIS A 44 -2.52 7.72 -13.51
C HIS A 44 -1.94 7.28 -14.86
N ASP A 45 -0.85 7.92 -15.26
CA ASP A 45 -0.14 7.52 -16.47
C ASP A 45 0.96 6.53 -16.12
N ILE A 46 1.71 6.84 -15.08
CA ILE A 46 2.79 5.98 -14.62
C ILE A 46 2.22 4.78 -13.87
N ILE A 47 1.25 5.03 -13.03
CA ILE A 47 0.71 3.98 -12.17
C ILE A 47 -0.53 3.35 -12.79
N LYS A 48 -0.37 2.12 -13.25
CA LYS A 48 -1.43 1.41 -13.93
C LYS A 48 -2.31 0.61 -12.96
N HIS A 49 -1.76 0.31 -11.81
CA HIS A 49 -2.48 -0.45 -10.78
C HIS A 49 -2.52 0.31 -9.44
N PRO A 50 -3.10 1.53 -9.41
CA PRO A 50 -3.13 2.35 -8.19
C PRO A 50 -4.01 1.75 -7.10
N MET A 51 -3.37 1.32 -6.01
CA MET A 51 -4.08 0.69 -4.91
C MET A 51 -3.61 1.25 -3.58
N ASP A 52 -4.49 1.23 -2.60
CA ASP A 52 -4.18 1.69 -1.25
C ASP A 52 -4.78 0.74 -0.24
N LEU A 53 -4.33 0.80 1.01
CA LEU A 53 -4.79 -0.13 2.03
C LEU A 53 -6.27 0.00 2.33
N SER A 54 -6.79 1.22 2.26
CA SER A 54 -8.20 1.46 2.52
C SER A 54 -9.07 0.78 1.45
N THR A 55 -8.63 0.84 0.19
CA THR A 55 -9.34 0.19 -0.90
C THR A 55 -9.16 -1.33 -0.85
N VAL A 56 -8.00 -1.77 -0.38
CA VAL A 56 -7.77 -3.21 -0.20
C VAL A 56 -8.78 -3.75 0.79
N LYS A 57 -8.95 -3.03 1.89
CA LYS A 57 -9.90 -3.40 2.90
C LYS A 57 -11.31 -3.30 2.35
N ARG A 58 -11.55 -2.23 1.60
CA ARG A 58 -12.84 -2.00 0.95
C ARG A 58 -13.24 -3.20 0.09
N LYS A 59 -12.32 -3.63 -0.76
CA LYS A 59 -12.57 -4.75 -1.65
C LYS A 59 -12.62 -6.07 -0.88
N MET A 60 -11.83 -6.14 0.19
CA MET A 60 -11.91 -7.28 1.12
C MET A 60 -13.28 -7.35 1.77
N GLU A 61 -13.84 -6.18 2.11
CA GLU A 61 -15.17 -6.12 2.71
C GLU A 61 -16.24 -6.55 1.73
N ASN A 62 -16.00 -6.28 0.46
CA ASN A 62 -16.92 -6.69 -0.60
C ASN A 62 -16.69 -8.16 -0.92
N ARG A 63 -15.71 -8.73 -0.23
CA ARG A 63 -15.37 -10.14 -0.31
C ARG A 63 -15.03 -10.56 -1.73
N ASP A 64 -14.40 -9.65 -2.46
CA ASP A 64 -13.89 -9.97 -3.78
C ASP A 64 -12.67 -10.87 -3.68
N TYR A 65 -12.03 -10.82 -2.52
CA TYR A 65 -10.86 -11.63 -2.25
C TYR A 65 -11.29 -13.03 -1.86
N ARG A 66 -10.54 -14.03 -2.29
CA ARG A 66 -10.83 -15.40 -1.90
C ARG A 66 -9.78 -15.90 -0.91
N ASP A 67 -8.56 -15.36 -1.01
CA ASP A 67 -7.46 -15.80 -0.16
C ASP A 67 -6.59 -14.62 0.24
N ALA A 68 -5.75 -14.84 1.23
CA ALA A 68 -4.87 -13.80 1.72
C ALA A 68 -3.77 -13.52 0.71
N GLN A 69 -3.60 -14.45 -0.22
CA GLN A 69 -2.63 -14.28 -1.28
C GLN A 69 -3.11 -13.16 -2.21
N GLU A 70 -4.42 -13.14 -2.45
CA GLU A 70 -5.02 -12.10 -3.27
C GLU A 70 -4.92 -10.76 -2.54
N PHE A 71 -5.00 -10.81 -1.22
CA PHE A 71 -4.74 -9.63 -0.41
C PHE A 71 -3.30 -9.19 -0.57
N ALA A 72 -2.38 -10.13 -0.35
CA ALA A 72 -0.96 -9.86 -0.49
C ALA A 72 -0.67 -9.29 -1.86
N ALA A 73 -1.33 -9.84 -2.86
CA ALA A 73 -1.22 -9.37 -4.23
C ALA A 73 -1.58 -7.88 -4.33
N ASP A 74 -2.69 -7.50 -3.70
CA ASP A 74 -3.18 -6.13 -3.76
C ASP A 74 -2.27 -5.18 -2.99
N VAL A 75 -1.96 -5.53 -1.75
CA VAL A 75 -1.17 -4.66 -0.88
C VAL A 75 0.27 -4.51 -1.40
N ARG A 76 0.86 -5.60 -1.87
CA ARG A 76 2.23 -5.56 -2.37
C ARG A 76 2.29 -4.77 -3.67
N LEU A 77 1.19 -4.78 -4.42
CA LEU A 77 1.08 -4.00 -5.64
C LEU A 77 1.22 -2.52 -5.31
N MET A 78 0.57 -2.11 -4.23
CA MET A 78 0.65 -0.74 -3.76
C MET A 78 2.10 -0.34 -3.47
N PHE A 79 2.82 -1.18 -2.72
CA PHE A 79 4.24 -0.92 -2.45
C PHE A 79 5.03 -0.86 -3.75
N SER A 80 4.68 -1.74 -4.69
CA SER A 80 5.34 -1.79 -5.99
C SER A 80 5.14 -0.49 -6.75
N ASN A 81 3.95 0.09 -6.63
CA ASN A 81 3.63 1.36 -7.31
C ASN A 81 4.50 2.49 -6.78
N CYS A 82 4.81 2.43 -5.50
CA CYS A 82 5.68 3.47 -4.91
C CYS A 82 7.07 3.42 -5.52
N TYR A 83 7.64 2.23 -5.63
CA TYR A 83 8.95 2.09 -6.27
C TYR A 83 8.83 2.35 -7.77
N LYS A 84 7.63 2.20 -8.28
CA LYS A 84 7.36 2.37 -9.70
C LYS A 84 7.25 3.86 -10.06
N TYR A 85 6.77 4.65 -9.11
CA TYR A 85 6.65 6.09 -9.31
C TYR A 85 7.89 6.82 -8.79
N ASN A 86 8.17 6.64 -7.51
CA ASN A 86 9.21 7.39 -6.82
C ASN A 86 10.58 6.84 -7.17
N PRO A 87 11.57 7.73 -7.36
CA PRO A 87 12.95 7.32 -7.49
C PRO A 87 13.44 6.67 -6.21
N PRO A 88 14.45 5.78 -6.32
CA PRO A 88 14.93 4.90 -5.23
C PRO A 88 15.21 5.63 -3.93
N ASP A 89 15.43 6.93 -3.97
CA ASP A 89 15.65 7.71 -2.77
C ASP A 89 14.61 8.80 -2.63
N HIS A 90 13.57 8.49 -1.87
CA HIS A 90 12.50 9.44 -1.58
C HIS A 90 11.80 8.97 -0.31
N ASP A 91 11.12 9.85 0.40
CA ASP A 91 10.50 9.47 1.68
C ASP A 91 9.56 8.28 1.55
N VAL A 92 8.79 8.25 0.46
CA VAL A 92 7.75 7.22 0.29
C VAL A 92 8.36 5.84 0.09
N VAL A 93 9.52 5.76 -0.53
CA VAL A 93 10.15 4.47 -0.77
C VAL A 93 10.74 3.93 0.53
N ALA A 94 11.21 4.84 1.38
CA ALA A 94 11.74 4.46 2.69
C ALA A 94 10.60 3.97 3.58
N MET A 95 9.48 4.67 3.53
CA MET A 95 8.30 4.27 4.28
C MET A 95 7.74 2.96 3.73
N ALA A 96 7.86 2.77 2.41
CA ALA A 96 7.39 1.55 1.76
C ALA A 96 8.23 0.36 2.22
N ARG A 97 9.56 0.53 2.25
CA ARG A 97 10.47 -0.53 2.65
C ARG A 97 10.20 -0.98 4.09
N LYS A 98 10.02 -0.01 4.97
CA LYS A 98 9.85 -0.29 6.39
C LYS A 98 8.49 -0.96 6.65
N LEU A 99 7.45 -0.44 6.01
CA LEU A 99 6.14 -1.08 6.06
C LEU A 99 6.15 -2.44 5.38
N GLN A 100 7.04 -2.61 4.40
CA GLN A 100 7.24 -3.91 3.76
C GLN A 100 7.69 -4.92 4.81
N ASP A 101 8.56 -4.47 5.73
CA ASP A 101 9.04 -5.31 6.81
C ASP A 101 7.89 -5.83 7.66
N VAL A 102 7.09 -4.93 8.21
CA VAL A 102 5.96 -5.33 9.05
C VAL A 102 4.98 -6.22 8.29
N PHE A 103 4.57 -5.77 7.11
CA PHE A 103 3.63 -6.54 6.28
C PHE A 103 4.18 -7.93 5.95
N GLU A 104 5.46 -8.01 5.58
CA GLU A 104 6.03 -9.29 5.17
C GLU A 104 6.20 -10.21 6.38
N PHE A 105 6.47 -9.61 7.54
CA PHE A 105 6.57 -10.36 8.78
C PHE A 105 5.20 -10.89 9.18
N ARG A 106 4.18 -10.08 8.97
CA ARG A 106 2.81 -10.46 9.24
C ARG A 106 2.40 -11.63 8.36
N TYR A 107 2.71 -11.53 7.08
CA TYR A 107 2.37 -12.58 6.13
C TYR A 107 3.25 -13.81 6.33
N ALA A 108 4.48 -13.58 6.79
CA ALA A 108 5.43 -14.68 7.03
C ALA A 108 4.95 -15.63 8.11
N LYS A 109 4.28 -15.08 9.13
CA LYS A 109 3.78 -15.91 10.22
C LYS A 109 2.36 -16.39 9.93
N MET A 110 1.71 -15.74 8.97
CA MET A 110 0.38 -16.15 8.52
C MET A 110 0.43 -17.53 7.86
N PRO A 111 -0.34 -18.50 8.37
CA PRO A 111 -0.44 -19.82 7.77
C PRO A 111 -1.53 -19.92 6.70
N ASP A 112 -1.27 -20.76 5.71
CA ASP A 112 -2.23 -21.00 4.63
C ASP A 112 -3.04 -22.25 4.93
N HIS B 1 12.89 20.00 -13.73
CA HIS B 1 14.07 20.12 -12.83
C HIS B 1 14.31 18.82 -12.06
N ASN B 2 13.72 17.74 -12.54
CA ASN B 2 13.90 16.42 -11.94
C ASN B 2 13.92 15.38 -13.04
N LEU B 3 13.99 14.11 -12.67
CA LEU B 3 13.81 13.05 -13.65
C LEU B 3 12.37 13.05 -14.12
N LEU B 4 11.47 13.21 -13.16
CA LEU B 4 10.05 13.33 -13.40
C LEU B 4 9.44 13.95 -12.16
N ARG B 5 8.14 14.17 -12.14
CA ARG B 5 7.47 14.58 -10.92
C ARG B 5 7.67 13.51 -9.85
N ILE B 6 8.45 13.82 -8.83
CA ILE B 6 8.86 12.80 -7.85
C ILE B 6 7.97 12.79 -6.61
OH ALY B 7 4.11 7.32 -5.50
CH ALY B 7 3.70 7.40 -4.35
CH3 ALY B 7 3.30 6.13 -3.60
NZ ALY B 7 3.57 8.56 -3.73
CE ALY B 7 3.91 9.85 -4.34
CD ALY B 7 4.18 10.92 -3.30
CG ALY B 7 4.46 12.26 -3.93
CB ALY B 7 5.60 12.22 -4.92
CA ALY B 7 5.84 13.56 -5.61
N ALY B 7 6.81 13.46 -6.71
C ALY B 7 6.30 14.58 -4.57
O ALY B 7 7.42 14.52 -4.06
HH31 ALY B 7 2.37 6.30 -3.06
HH32 ALY B 7 3.15 5.32 -4.30
HH33 ALY B 7 4.08 5.86 -2.90
HZ ALY B 7 3.22 8.58 -2.81
HE3 ALY B 7 3.08 10.16 -4.96
HE2 ALY B 7 4.78 9.72 -4.95
HD3 ALY B 7 5.05 10.62 -2.71
HD2 ALY B 7 3.32 11.00 -2.65
HG3 ALY B 7 4.70 12.97 -3.15
HG2 ALY B 7 3.56 12.60 -4.44
HB3 ALY B 7 5.38 11.47 -5.67
HB2 ALY B 7 6.50 11.93 -4.39
HA ALY B 7 4.91 13.89 -6.03
H ALY B 7 6.61 13.91 -7.55
N GLN B 8 5.42 15.52 -4.25
CA GLN B 8 5.74 16.58 -3.31
C GLN B 8 5.55 16.12 -1.86
N PHE B 9 6.30 15.11 -1.46
CA PHE B 9 6.28 14.63 -0.08
C PHE B 9 7.52 15.12 0.66
N LEU B 10 8.11 16.19 0.17
CA LEU B 10 9.33 16.74 0.75
C LEU B 10 8.99 17.75 1.83
N GLN B 11 8.21 18.76 1.47
CA GLN B 11 7.80 19.81 2.42
C GLN B 11 9.02 20.58 2.94
N SER B 12 9.81 21.08 2.01
CA SER B 12 11.00 21.84 2.34
C SER B 12 10.77 23.32 2.00
N GLY A 1 -19.76 -14.71 0.56
CA GLY A 1 -18.36 -14.27 0.74
C GLY A 1 -17.97 -14.20 2.21
N LYS A 2 -17.42 -15.29 2.72
CA LYS A 2 -17.00 -15.35 4.12
C LYS A 2 -15.54 -14.94 4.24
N LEU A 3 -15.14 -14.54 5.45
CA LEU A 3 -13.73 -14.33 5.73
C LEU A 3 -13.17 -15.56 6.42
N SER A 4 -12.49 -16.40 5.66
CA SER A 4 -11.87 -17.59 6.20
C SER A 4 -10.58 -17.19 6.92
N GLU A 5 -9.86 -18.16 7.47
CA GLU A 5 -8.68 -17.88 8.29
C GLU A 5 -7.68 -16.98 7.57
N GLN A 6 -7.53 -17.16 6.27
CA GLN A 6 -6.58 -16.35 5.51
C GLN A 6 -7.11 -14.92 5.32
N LEU A 7 -8.39 -14.79 4.97
CA LEU A 7 -8.99 -13.48 4.76
C LEU A 7 -9.21 -12.76 6.08
N LYS A 8 -9.36 -13.53 7.16
CA LYS A 8 -9.43 -12.95 8.48
C LYS A 8 -8.05 -12.48 8.89
N HIS A 9 -7.03 -13.20 8.48
CA HIS A 9 -5.66 -12.80 8.75
C HIS A 9 -5.31 -11.57 7.92
N CYS A 10 -5.82 -11.52 6.69
CA CYS A 10 -5.56 -10.37 5.83
C CYS A 10 -6.26 -9.13 6.38
N ASN A 11 -7.39 -9.35 7.06
CA ASN A 11 -8.10 -8.27 7.72
C ASN A 11 -7.25 -7.71 8.86
N GLY A 12 -6.61 -8.62 9.60
CA GLY A 12 -5.81 -8.23 10.75
C GLY A 12 -4.50 -7.59 10.34
N ILE A 13 -3.87 -8.12 9.30
CA ILE A 13 -2.62 -7.57 8.80
C ILE A 13 -2.84 -6.15 8.27
N LEU A 14 -3.88 -5.98 7.47
CA LEU A 14 -4.26 -4.69 6.93
C LEU A 14 -4.54 -3.70 8.06
N LYS A 15 -5.32 -4.15 9.03
CA LYS A 15 -5.66 -3.34 10.19
C LYS A 15 -4.40 -2.87 10.90
N GLU A 16 -3.43 -3.76 10.97
CA GLU A 16 -2.17 -3.47 11.65
C GLU A 16 -1.45 -2.31 10.98
N LEU A 17 -1.36 -2.38 9.65
CA LEU A 17 -0.70 -1.34 8.87
C LEU A 17 -1.50 -0.02 8.97
N LEU A 18 -2.78 -0.15 9.28
CA LEU A 18 -3.68 1.00 9.42
C LEU A 18 -3.72 1.51 10.85
N SER A 19 -3.12 0.78 11.76
CA SER A 19 -3.10 1.15 13.17
C SER A 19 -2.10 2.29 13.42
N LYS A 20 -2.44 3.14 14.40
CA LYS A 20 -1.65 4.33 14.72
C LYS A 20 -0.21 3.98 15.05
N LYS A 21 0.01 2.75 15.48
CA LYS A 21 1.35 2.25 15.77
C LYS A 21 2.26 2.36 14.54
N HIS A 22 1.69 2.23 13.36
CA HIS A 22 2.47 2.30 12.13
C HIS A 22 2.12 3.54 11.32
N ALA A 23 1.03 4.21 11.70
CA ALA A 23 0.52 5.37 10.98
C ALA A 23 1.60 6.42 10.71
N ALA A 24 2.54 6.55 11.64
CA ALA A 24 3.63 7.51 11.52
C ALA A 24 4.43 7.32 10.23
N TYR A 25 4.40 6.11 9.69
CA TYR A 25 5.09 5.81 8.44
C TYR A 25 4.23 4.93 7.54
N ALA A 26 2.92 4.93 7.81
CA ALA A 26 1.97 4.17 7.01
C ALA A 26 0.98 5.07 6.28
N TRP A 27 0.92 6.34 6.69
CA TRP A 27 -0.05 7.27 6.12
C TRP A 27 0.05 7.40 4.58
N PRO A 28 1.25 7.31 3.93
CA PRO A 28 1.35 7.36 2.47
C PRO A 28 0.48 6.30 1.77
N PHE A 29 0.14 5.25 2.49
CA PHE A 29 -0.55 4.11 1.87
C PHE A 29 -1.99 4.00 2.35
N TYR A 30 -2.36 4.80 3.33
CA TYR A 30 -3.74 4.84 3.81
C TYR A 30 -4.69 5.18 2.65
N LYS A 31 -4.41 6.27 1.95
CA LYS A 31 -5.23 6.72 0.84
C LYS A 31 -4.35 7.18 -0.33
N PRO A 32 -4.92 7.21 -1.55
CA PRO A 32 -4.19 7.63 -2.76
C PRO A 32 -3.57 9.01 -2.62
N VAL A 33 -2.44 9.22 -3.29
CA VAL A 33 -1.72 10.48 -3.22
C VAL A 33 -2.50 11.57 -3.94
N ASP A 34 -2.41 12.78 -3.43
CA ASP A 34 -3.16 13.90 -4.00
C ASP A 34 -2.40 14.50 -5.16
N ALA A 35 -2.28 13.73 -6.24
CA ALA A 35 -1.47 14.09 -7.40
C ALA A 35 -1.76 15.50 -7.88
N SER A 36 -3.03 15.84 -8.00
CA SER A 36 -3.46 17.16 -8.44
C SER A 36 -2.87 18.24 -7.53
N ALA A 37 -2.79 17.93 -6.24
CA ALA A 37 -2.27 18.87 -5.26
C ALA A 37 -0.74 18.91 -5.24
N LEU A 38 -0.09 17.78 -5.51
CA LEU A 38 1.39 17.77 -5.49
C LEU A 38 1.95 18.11 -6.87
N GLY A 39 1.07 18.44 -7.79
CA GLY A 39 1.49 18.85 -9.12
C GLY A 39 1.82 17.66 -10.02
N LEU A 40 1.40 16.49 -9.59
CA LEU A 40 1.66 15.27 -10.34
C LEU A 40 0.56 15.04 -11.37
N HIS A 41 0.74 15.62 -12.55
CA HIS A 41 -0.26 15.52 -13.60
C HIS A 41 -0.09 14.23 -14.39
N ASP A 42 0.85 13.40 -13.94
CA ASP A 42 1.19 12.18 -14.65
C ASP A 42 1.06 10.94 -13.77
N TYR A 43 0.35 11.05 -12.66
CA TYR A 43 0.27 9.95 -11.69
C TYR A 43 -0.51 8.77 -12.25
N HIS A 44 -1.58 9.04 -12.96
CA HIS A 44 -2.42 7.98 -13.52
C HIS A 44 -1.87 7.48 -14.85
N ASP A 45 -0.73 8.02 -15.27
CA ASP A 45 -0.07 7.55 -16.47
C ASP A 45 1.00 6.54 -16.11
N ILE A 46 1.79 6.85 -15.09
CA ILE A 46 2.84 5.95 -14.62
C ILE A 46 2.23 4.77 -13.89
N ILE A 47 1.40 5.06 -12.91
CA ILE A 47 0.83 4.02 -12.05
C ILE A 47 -0.38 3.38 -12.72
N LYS A 48 -0.22 2.13 -13.17
CA LYS A 48 -1.30 1.40 -13.80
C LYS A 48 -2.14 0.64 -12.77
N HIS A 49 -1.53 0.33 -11.64
CA HIS A 49 -2.24 -0.31 -10.53
C HIS A 49 -2.21 0.56 -9.26
N PRO A 50 -2.90 1.72 -9.26
CA PRO A 50 -2.99 2.56 -8.07
C PRO A 50 -3.87 1.93 -6.99
N MET A 51 -3.23 1.40 -5.95
CA MET A 51 -3.94 0.75 -4.87
C MET A 51 -3.46 1.29 -3.53
N ASP A 52 -4.36 1.30 -2.56
CA ASP A 52 -4.06 1.76 -1.21
C ASP A 52 -4.71 0.82 -0.20
N LEU A 53 -4.28 0.88 1.05
CA LEU A 53 -4.75 -0.05 2.07
C LEU A 53 -6.25 0.10 2.33
N SER A 54 -6.74 1.33 2.27
CA SER A 54 -8.16 1.58 2.52
C SER A 54 -9.02 0.93 1.43
N THR A 55 -8.50 0.89 0.21
CA THR A 55 -9.21 0.25 -0.89
C THR A 55 -9.07 -1.27 -0.82
N VAL A 56 -7.91 -1.75 -0.38
CA VAL A 56 -7.70 -3.18 -0.20
C VAL A 56 -8.72 -3.70 0.81
N LYS A 57 -8.86 -2.99 1.92
CA LYS A 57 -9.82 -3.35 2.95
C LYS A 57 -11.23 -3.22 2.41
N ARG A 58 -11.44 -2.17 1.63
CA ARG A 58 -12.72 -1.91 0.98
C ARG A 58 -13.16 -3.10 0.14
N LYS A 59 -12.28 -3.55 -0.75
CA LYS A 59 -12.55 -4.67 -1.63
C LYS A 59 -12.60 -5.98 -0.84
N MET A 60 -11.83 -6.05 0.24
CA MET A 60 -11.91 -7.17 1.16
C MET A 60 -13.28 -7.20 1.84
N GLU A 61 -13.81 -6.02 2.17
CA GLU A 61 -15.12 -5.91 2.80
C GLU A 61 -16.22 -6.34 1.83
N ASN A 62 -15.98 -6.16 0.55
CA ASN A 62 -16.92 -6.62 -0.47
C ASN A 62 -16.73 -8.11 -0.68
N ARG A 63 -15.71 -8.64 -0.01
CA ARG A 63 -15.36 -10.05 -0.05
C ARG A 63 -15.04 -10.50 -1.47
N ASP A 64 -14.43 -9.59 -2.24
CA ASP A 64 -13.99 -9.91 -3.59
C ASP A 64 -12.71 -10.74 -3.54
N TYR A 65 -12.17 -10.88 -2.34
CA TYR A 65 -10.98 -11.67 -2.11
C TYR A 65 -11.39 -13.08 -1.72
N ARG A 66 -10.67 -14.06 -2.24
CA ARG A 66 -10.94 -15.44 -1.91
C ARG A 66 -9.84 -15.99 -1.00
N ASP A 67 -8.65 -15.41 -1.10
CA ASP A 67 -7.51 -15.90 -0.35
C ASP A 67 -6.65 -14.73 0.04
N ALA A 68 -5.85 -14.90 1.09
CA ALA A 68 -4.98 -13.84 1.56
C ALA A 68 -3.86 -13.61 0.56
N GLN A 69 -3.71 -14.54 -0.35
CA GLN A 69 -2.75 -14.40 -1.44
C GLN A 69 -3.24 -13.31 -2.39
N GLU A 70 -4.54 -13.22 -2.55
CA GLU A 70 -5.15 -12.17 -3.35
C GLU A 70 -5.02 -10.83 -2.64
N PHE A 71 -5.03 -10.89 -1.31
CA PHE A 71 -4.75 -9.71 -0.50
C PHE A 71 -3.29 -9.29 -0.69
N ALA A 72 -2.38 -10.26 -0.52
CA ALA A 72 -0.96 -10.02 -0.71
C ALA A 72 -0.69 -9.44 -2.09
N ALA A 73 -1.45 -9.92 -3.06
CA ALA A 73 -1.39 -9.42 -4.42
C ALA A 73 -1.68 -7.92 -4.46
N ASP A 74 -2.77 -7.51 -3.81
CA ASP A 74 -3.19 -6.12 -3.79
C ASP A 74 -2.23 -5.24 -2.99
N VAL A 75 -1.94 -5.64 -1.75
CA VAL A 75 -1.13 -4.82 -0.85
C VAL A 75 0.32 -4.68 -1.35
N ARG A 76 0.90 -5.76 -1.84
CA ARG A 76 2.28 -5.70 -2.33
C ARG A 76 2.34 -4.90 -3.62
N LEU A 77 1.24 -4.92 -4.38
CA LEU A 77 1.13 -4.11 -5.59
C LEU A 77 1.17 -2.63 -5.24
N MET A 78 0.60 -2.29 -4.08
CA MET A 78 0.63 -0.93 -3.60
C MET A 78 2.06 -0.47 -3.33
N PHE A 79 2.81 -1.25 -2.55
CA PHE A 79 4.22 -0.94 -2.31
C PHE A 79 5.00 -0.96 -3.62
N SER A 80 4.61 -1.84 -4.53
CA SER A 80 5.26 -1.95 -5.83
C SER A 80 5.11 -0.67 -6.63
N ASN A 81 3.90 -0.13 -6.71
CA ASN A 81 3.67 1.06 -7.51
C ASN A 81 4.39 2.27 -6.89
N CYS A 82 4.60 2.24 -5.57
CA CYS A 82 5.32 3.32 -4.89
C CYS A 82 6.77 3.39 -5.36
N TYR A 83 7.45 2.24 -5.43
CA TYR A 83 8.83 2.20 -5.92
C TYR A 83 8.89 2.54 -7.39
N LYS A 84 7.77 2.32 -8.08
CA LYS A 84 7.68 2.59 -9.51
C LYS A 84 7.72 4.09 -9.77
N TYR A 85 6.94 4.84 -8.99
CA TYR A 85 6.82 6.26 -9.20
C TYR A 85 8.03 7.01 -8.66
N ASN A 86 8.32 6.78 -7.38
CA ASN A 86 9.31 7.55 -6.67
C ASN A 86 10.70 6.95 -6.83
N PRO A 87 11.69 7.79 -7.16
CA PRO A 87 13.09 7.36 -7.23
C PRO A 87 13.61 6.93 -5.87
N PRO A 88 14.64 6.06 -5.86
CA PRO A 88 15.13 5.36 -4.66
C PRO A 88 15.45 6.26 -3.47
N ASP A 89 15.73 7.53 -3.74
CA ASP A 89 16.00 8.48 -2.67
C ASP A 89 14.81 9.41 -2.48
N HIS A 90 13.75 8.89 -1.89
CA HIS A 90 12.55 9.66 -1.66
C HIS A 90 11.77 9.07 -0.48
N ASP A 91 11.17 9.91 0.35
CA ASP A 91 10.53 9.45 1.60
C ASP A 91 9.60 8.26 1.40
N VAL A 92 8.77 8.30 0.36
CA VAL A 92 7.73 7.29 0.17
C VAL A 92 8.30 5.92 -0.14
N VAL A 93 9.53 5.85 -0.64
CA VAL A 93 10.13 4.55 -0.92
C VAL A 93 10.70 3.96 0.36
N ALA A 94 11.16 4.83 1.25
CA ALA A 94 11.68 4.41 2.54
C ALA A 94 10.54 3.96 3.45
N MET A 95 9.45 4.73 3.46
CA MET A 95 8.27 4.35 4.24
C MET A 95 7.68 3.05 3.69
N ALA A 96 7.79 2.86 2.38
CA ALA A 96 7.29 1.65 1.75
C ALA A 96 8.13 0.44 2.15
N ARG A 97 9.42 0.67 2.37
CA ARG A 97 10.33 -0.41 2.70
C ARG A 97 10.15 -0.86 4.15
N LYS A 98 10.00 0.10 5.04
CA LYS A 98 9.83 -0.19 6.46
C LYS A 98 8.47 -0.85 6.71
N LEU A 99 7.44 -0.36 6.04
CA LEU A 99 6.12 -0.99 6.08
C LEU A 99 6.17 -2.35 5.38
N GLN A 100 7.04 -2.50 4.40
CA GLN A 100 7.25 -3.79 3.76
C GLN A 100 7.73 -4.80 4.79
N ASP A 101 8.57 -4.34 5.71
CA ASP A 101 9.09 -5.15 6.79
C ASP A 101 7.94 -5.71 7.64
N VAL A 102 7.13 -4.83 8.20
CA VAL A 102 6.01 -5.26 9.06
C VAL A 102 5.07 -6.19 8.30
N PHE A 103 4.62 -5.75 7.14
CA PHE A 103 3.71 -6.54 6.31
C PHE A 103 4.30 -7.92 5.97
N GLU A 104 5.59 -7.96 5.65
CA GLU A 104 6.21 -9.21 5.23
C GLU A 104 6.26 -10.21 6.39
N PHE A 105 6.54 -9.72 7.59
CA PHE A 105 6.60 -10.58 8.75
C PHE A 105 5.21 -11.02 9.19
N ARG A 106 4.21 -10.20 8.91
CA ARG A 106 2.83 -10.54 9.20
C ARG A 106 2.37 -11.69 8.31
N TYR A 107 2.64 -11.54 7.01
CA TYR A 107 2.28 -12.58 6.04
C TYR A 107 3.10 -13.84 6.27
N ALA A 108 4.33 -13.66 6.76
CA ALA A 108 5.23 -14.78 7.03
C ALA A 108 4.72 -15.64 8.18
N LYS A 109 4.18 -15.01 9.21
CA LYS A 109 3.66 -15.73 10.36
C LYS A 109 2.26 -16.26 10.10
N MET A 110 1.64 -15.75 9.04
CA MET A 110 0.33 -16.24 8.62
C MET A 110 0.46 -17.65 8.03
N PRO A 111 -0.23 -18.64 8.62
CA PRO A 111 -0.22 -20.01 8.12
C PRO A 111 -1.32 -20.26 7.09
N ASP A 112 -1.14 -21.32 6.31
CA ASP A 112 -2.09 -21.68 5.28
C ASP A 112 -3.03 -22.77 5.78
N HIS B 1 10.97 7.62 -19.88
CA HIS B 1 10.83 8.90 -19.15
C HIS B 1 11.78 8.94 -17.96
N ASN B 2 12.72 9.86 -17.99
CA ASN B 2 13.73 9.96 -16.96
C ASN B 2 13.37 11.02 -15.93
N LEU B 3 12.76 12.11 -16.40
CA LEU B 3 12.40 13.22 -15.52
C LEU B 3 10.92 13.17 -15.18
N LEU B 4 10.59 12.44 -14.14
CA LEU B 4 9.21 12.37 -13.65
C LEU B 4 8.99 13.42 -12.58
N ARG B 5 7.74 13.83 -12.43
CA ARG B 5 7.39 14.87 -11.47
C ARG B 5 7.39 14.27 -10.06
N ILE B 6 8.55 14.29 -9.42
CA ILE B 6 8.70 13.70 -8.08
C ILE B 6 7.61 14.20 -7.13
OH ALY B 7 3.75 7.36 -5.40
CH ALY B 7 3.37 7.49 -4.24
CH3 ALY B 7 2.88 6.26 -3.46
NZ ALY B 7 3.38 8.67 -3.64
CE ALY B 7 3.80 9.91 -4.29
CD ALY B 7 3.85 11.06 -3.31
CG ALY B 7 4.21 12.37 -4.00
CB ALY B 7 5.48 12.24 -4.83
CA ALY B 7 5.92 13.53 -5.48
N ALY B 7 6.98 13.25 -6.45
C ALY B 7 6.41 14.51 -4.42
O ALY B 7 7.51 14.36 -3.89
HH31 ALY B 7 2.10 6.56 -2.79
HH32 ALY B 7 2.51 5.53 -4.15
HH33 ALY B 7 3.71 5.85 -2.90
HZ ALY B 7 3.07 8.73 -2.71
HE3 ALY B 7 3.12 10.15 -5.07
HE2 ALY B 7 4.79 9.76 -4.70
HD3 ALY B 7 4.59 10.85 -2.55
HD2 ALY B 7 2.88 11.18 -2.85
HG3 ALY B 7 4.36 13.13 -3.24
HG2 ALY B 7 3.40 12.66 -4.64
HB3 ALY B 7 5.30 11.50 -5.59
HB2 ALY B 7 6.27 11.90 -4.18
HA ALY B 7 5.08 13.96 -6.00
H ALY B 7 7.23 12.32 -6.60
N GLN B 8 5.60 15.52 -4.11
CA GLN B 8 6.00 16.52 -3.14
C GLN B 8 5.71 16.04 -1.71
N PHE B 9 6.44 15.02 -1.30
CA PHE B 9 6.39 14.54 0.08
C PHE B 9 7.59 15.04 0.86
N LEU B 10 8.14 16.15 0.40
CA LEU B 10 9.28 16.77 1.03
C LEU B 10 8.87 17.39 2.36
N GLN B 11 9.63 17.09 3.40
CA GLN B 11 9.37 17.61 4.74
C GLN B 11 7.96 17.25 5.18
N SER B 12 7.68 15.96 5.19
CA SER B 12 6.37 15.46 5.58
C SER B 12 6.40 14.98 7.04
#